data_9OEE
#
_entry.id   9OEE
#
_cell.length_a   1.00
_cell.length_b   1.00
_cell.length_c   1.00
_cell.angle_alpha   90.00
_cell.angle_beta   90.00
_cell.angle_gamma   90.00
#
_symmetry.space_group_name_H-M   'P 1'
#
loop_
_entity.id
_entity.type
_entity.pdbx_description
1 polymer 'Secreted esterase'
2 non-polymer 2-acetamido-2-deoxy-alpha-D-galactopyranose
3 non-polymer '2,3-diacetamido-2,3-dideoxy-beta-D-mannopyranuronic acid'
4 non-polymer '2,3-diacetamido-4-O-acetyl-2,3-dideoxy-beta-D-mannopyranuronic acid'
#
_entity_poly.entity_id   1
_entity_poly.type   'polypeptide(L)'
_entity_poly.pdbx_seq_one_letter_code
;ATGPAVTEGGHASTARLRIGDDQRACSGVLVAAQWLATAASCFADDLGAGPVAAGKPQWRTTAVLGPAAGTTVEVVELVP
RTDRDLVLARLASPVAGTTPVPFATTAPAPGEELTVVGFGRTKEEWAPLTRHTAAFTVQSVSGTTLALDGRTDDDAICAG
DAGGPLLRQKDGGFELVALASQSWQGGCWGTDPAETRNDAVSPRLDNIAGGNTLTPGAVLRAEDSLVSNAARLTLRADGD
LVVVSNAGKTLWSTGTAGHLGATARFTDSGNLTVVDADGTTVLWESATTAPGGSAVLQDRGDLVVRDAQGASQWAAGTEV
RHDYNGDGRSDMAAWYNYTDGRDAIHTFLGGTDGTLTKPLKSYDVADGVWDTRAMKYLTGDFNGDGRGDTAVLKGYSDTS
VKLWVALGRADGGFDAPYTAWSTPAGGFHISYMTPHAGDFNGDGRDDVAVWYAYADGSTKLWTFTSTDRGTFNAPFSSWS
APSGSWLRSRVKSVVGDFDGDGRDDLSVFYGQGDDTVKTYVFPAAPDGGFTTPAVWWQSASLDWNRTTPHAGDFNGDGRD
DTLVWYDYPDGSDKTSTMLSERVSGKDRFGSAKVTLSSPPGNLDVTRMQFLTGDYDGDGRDDLATLNHQADGTVKMWTWT
ARPDAMFNGGIAGWSAPASSWVFGSAQFFTTYPKSGGGGSGGGGSKKKHHHHHHHH
;
_entity_poly.pdbx_strand_id   A,B,D,F,H
#
# COMPACT_ATOMS: atom_id res chain seq x y z
N PRO A 4 9.04 -57.69 -58.83
CA PRO A 4 8.59 -56.41 -59.35
C PRO A 4 8.93 -55.27 -58.40
N ALA A 5 9.22 -54.10 -58.97
CA ALA A 5 9.57 -52.92 -58.18
C ALA A 5 8.33 -52.32 -57.54
N VAL A 6 8.53 -51.67 -56.40
CA VAL A 6 7.46 -50.97 -55.71
C VAL A 6 7.33 -49.53 -56.20
N THR A 7 6.11 -49.10 -56.47
CA THR A 7 5.84 -47.74 -56.91
C THR A 7 6.30 -46.72 -55.88
N GLU A 8 6.98 -45.68 -56.35
CA GLU A 8 7.52 -44.66 -55.45
C GLU A 8 6.44 -44.09 -54.55
N GLY A 9 6.75 -44.00 -53.26
CA GLY A 9 5.80 -43.51 -52.27
C GLY A 9 5.12 -44.66 -51.54
N GLY A 10 5.20 -45.86 -52.13
CA GLY A 10 4.62 -47.04 -51.51
C GLY A 10 5.55 -47.63 -50.46
N HIS A 11 4.96 -48.22 -49.43
CA HIS A 11 5.74 -48.90 -48.40
C HIS A 11 6.88 -48.02 -47.89
N ALA A 12 6.57 -46.76 -47.61
CA ALA A 12 7.57 -45.81 -47.09
C ALA A 12 8.09 -46.27 -45.74
N SER A 13 7.28 -47.08 -45.06
CA SER A 13 7.63 -47.59 -43.73
C SER A 13 8.72 -48.65 -43.81
N THR A 14 8.99 -49.15 -45.01
CA THR A 14 10.02 -50.16 -45.19
C THR A 14 11.39 -49.51 -45.30
N ALA A 15 12.30 -49.95 -44.43
CA ALA A 15 13.62 -49.32 -44.33
C ALA A 15 14.73 -50.23 -44.80
N ARG A 16 15.78 -49.63 -45.33
CA ARG A 16 17.02 -50.34 -45.61
C ARG A 16 18.02 -50.09 -44.51
N LEU A 17 18.72 -51.14 -44.08
CA LEU A 17 19.71 -50.98 -43.04
C LEU A 17 21.11 -51.26 -43.55
N ARG A 18 22.07 -50.45 -43.12
CA ARG A 18 23.47 -50.63 -43.49
C ARG A 18 24.31 -50.83 -42.25
N ILE A 19 24.89 -52.02 -42.11
CA ILE A 19 25.61 -52.38 -40.91
C ILE A 19 27.11 -52.30 -41.11
N GLY A 20 27.77 -51.46 -40.32
CA GLY A 20 29.21 -51.27 -40.41
C GLY A 20 29.59 -50.56 -41.69
N ASP A 21 30.82 -50.74 -42.13
CA ASP A 21 31.28 -50.13 -43.36
C ASP A 21 30.88 -51.00 -44.54
N ASP A 22 29.59 -50.99 -44.85
CA ASP A 22 29.02 -51.84 -45.89
C ASP A 22 29.43 -53.30 -45.69
N GLN A 23 29.33 -53.77 -44.44
CA GLN A 23 29.74 -55.13 -44.12
C GLN A 23 28.59 -56.10 -44.25
N ARG A 24 27.39 -55.65 -43.88
CA ARG A 24 26.19 -56.47 -43.98
C ARG A 24 25.00 -55.66 -44.48
N ALA A 25 24.10 -56.32 -45.20
CA ALA A 25 22.85 -55.71 -45.61
C ALA A 25 21.68 -56.33 -44.86
N CYS A 26 20.72 -55.48 -44.47
CA CYS A 26 19.54 -55.94 -43.74
C CYS A 26 18.35 -55.02 -44.01
N SER A 27 17.14 -55.54 -43.82
CA SER A 27 15.93 -54.75 -44.00
C SER A 27 15.14 -54.67 -42.71
N GLY A 28 14.19 -53.73 -42.66
CA GLY A 28 13.35 -53.59 -41.48
C GLY A 28 12.13 -52.73 -41.76
N VAL A 29 11.28 -52.58 -40.77
CA VAL A 29 10.04 -51.81 -40.91
C VAL A 29 9.87 -50.84 -39.75
N LEU A 30 9.30 -49.67 -40.05
CA LEU A 30 9.00 -48.70 -39.02
C LEU A 30 7.80 -49.15 -38.20
N VAL A 31 8.00 -49.27 -36.89
CA VAL A 31 6.95 -49.72 -35.98
C VAL A 31 6.45 -48.56 -35.14
N ALA A 32 7.35 -47.68 -34.78
CA ALA A 32 7.03 -46.50 -34.02
C ALA A 32 7.92 -45.37 -34.48
N ALA A 33 7.57 -44.15 -34.11
CA ALA A 33 8.27 -43.00 -34.65
C ALA A 33 9.77 -43.14 -34.48
N GLN A 34 10.20 -43.73 -33.36
CA GLN A 34 11.62 -43.81 -33.06
C GLN A 34 12.10 -45.26 -32.95
N TRP A 35 11.34 -46.22 -33.52
CA TRP A 35 11.73 -47.63 -33.45
C TRP A 35 11.57 -48.36 -34.79
N LEU A 36 12.56 -49.20 -35.11
CA LEU A 36 12.47 -50.10 -36.26
C LEU A 36 12.45 -51.56 -35.82
N ALA A 37 11.74 -52.40 -36.55
CA ALA A 37 11.80 -53.84 -36.33
C ALA A 37 12.58 -54.52 -37.43
N THR A 38 13.61 -55.27 -37.06
CA THR A 38 14.50 -55.90 -38.03
C THR A 38 14.74 -57.36 -37.65
N ALA A 39 15.35 -58.10 -38.57
CA ALA A 39 15.78 -59.47 -38.27
C ALA A 39 16.90 -59.44 -37.26
N ALA A 40 16.91 -60.42 -36.36
CA ALA A 40 17.97 -60.53 -35.36
C ALA A 40 19.20 -61.20 -35.96
N SER A 41 18.97 -62.03 -36.96
CA SER A 41 20.04 -62.82 -37.56
C SER A 41 21.13 -61.96 -38.23
N CYS A 42 20.76 -60.73 -38.65
CA CYS A 42 21.70 -59.85 -39.34
C CYS A 42 22.53 -59.04 -38.36
N PHE A 43 22.16 -59.08 -37.09
CA PHE A 43 22.91 -58.39 -36.04
C PHE A 43 23.63 -59.38 -35.13
N ALA A 44 23.55 -60.65 -35.48
CA ALA A 44 24.22 -61.70 -34.70
C ALA A 44 25.70 -61.72 -34.99
N ASP A 45 26.51 -62.12 -34.01
CA ASP A 45 27.94 -62.20 -34.21
C ASP A 45 28.25 -63.13 -35.38
N ASP A 46 27.54 -64.25 -35.44
CA ASP A 46 27.62 -65.16 -36.57
C ASP A 46 26.45 -64.95 -37.50
N LEU A 47 26.71 -64.40 -38.68
CA LEU A 47 25.62 -63.98 -39.56
C LEU A 47 24.72 -65.16 -39.89
N GLY A 48 23.41 -64.96 -39.68
CA GLY A 48 22.40 -65.94 -40.06
C GLY A 48 21.97 -66.83 -38.88
N ALA A 49 22.73 -66.80 -37.78
CA ALA A 49 22.41 -67.64 -36.63
C ALA A 49 23.05 -67.12 -35.34
N GLY A 50 22.51 -67.54 -34.21
CA GLY A 50 23.14 -67.28 -32.92
C GLY A 50 22.55 -66.03 -32.26
N PRO A 51 23.02 -65.75 -31.04
CA PRO A 51 22.49 -64.69 -30.22
C PRO A 51 22.88 -63.31 -30.73
N VAL A 52 22.11 -62.31 -30.33
CA VAL A 52 22.44 -60.92 -30.62
C VAL A 52 22.73 -60.17 -29.33
N ALA A 53 23.83 -59.43 -29.31
CA ALA A 53 24.20 -58.66 -28.12
C ALA A 53 23.16 -57.59 -27.84
N ALA A 54 22.84 -57.41 -26.56
CA ALA A 54 21.94 -56.34 -26.14
C ALA A 54 22.68 -55.02 -26.05
N GLY A 55 21.96 -53.92 -26.23
CA GLY A 55 22.55 -52.60 -26.13
C GLY A 55 23.05 -52.15 -27.50
N LYS A 56 24.11 -51.34 -27.50
CA LYS A 56 24.63 -50.80 -28.75
C LYS A 56 25.07 -51.93 -29.68
N PRO A 57 24.87 -51.76 -30.98
CA PRO A 57 25.24 -52.76 -31.96
C PRO A 57 26.76 -52.89 -32.05
N GLN A 58 27.22 -54.04 -32.51
CA GLN A 58 28.65 -54.31 -32.63
C GLN A 58 29.28 -53.46 -33.72
N TRP A 59 28.45 -52.98 -34.64
CA TRP A 59 28.93 -52.13 -35.72
C TRP A 59 28.04 -50.91 -35.87
N ARG A 60 28.64 -49.78 -36.23
CA ARG A 60 27.85 -48.59 -36.48
C ARG A 60 26.84 -48.90 -37.55
N THR A 61 25.58 -48.60 -37.29
CA THR A 61 24.51 -48.98 -38.18
C THR A 61 23.54 -47.84 -38.41
N THR A 62 23.12 -47.66 -39.65
CA THR A 62 22.13 -46.65 -39.99
C THR A 62 21.01 -47.25 -40.82
N ALA A 63 19.93 -46.50 -40.98
CA ALA A 63 18.79 -46.96 -41.75
C ALA A 63 18.24 -45.85 -42.63
N VAL A 64 17.74 -46.22 -43.81
CA VAL A 64 17.16 -45.27 -44.74
C VAL A 64 15.74 -45.64 -45.09
N LEU A 65 14.83 -44.68 -44.97
CA LEU A 65 13.41 -44.93 -45.21
C LEU A 65 12.68 -43.69 -45.68
N GLY A 66 11.38 -43.83 -45.93
CA GLY A 66 10.57 -42.74 -46.47
C GLY A 66 10.17 -43.03 -47.92
N PRO A 67 9.26 -42.21 -48.46
CA PRO A 67 8.63 -42.50 -49.73
C PRO A 67 9.65 -42.57 -50.87
N ALA A 68 10.76 -41.87 -50.71
CA ALA A 68 11.82 -41.90 -51.71
C ALA A 68 13.15 -42.26 -51.08
N ALA A 69 13.09 -42.92 -49.92
CA ALA A 69 14.30 -43.30 -49.19
C ALA A 69 15.23 -42.10 -49.02
N GLY A 70 14.65 -40.96 -48.64
CA GLY A 70 15.41 -39.73 -48.52
C GLY A 70 15.76 -39.39 -47.07
N THR A 71 15.32 -40.24 -46.14
CA THR A 71 15.57 -40.00 -44.72
C THR A 71 16.54 -41.01 -44.15
N THR A 72 17.61 -40.53 -43.54
CA THR A 72 18.62 -41.39 -42.93
C THR A 72 18.70 -41.18 -41.44
N VAL A 73 18.60 -42.28 -40.69
CA VAL A 73 18.68 -42.23 -39.23
C VAL A 73 19.64 -43.27 -38.69
N GLU A 74 20.19 -43.01 -37.51
CA GLU A 74 21.11 -43.93 -36.86
C GLU A 74 20.40 -44.79 -35.82
N VAL A 75 20.74 -46.07 -35.76
CA VAL A 75 20.21 -46.94 -34.72
C VAL A 75 21.17 -47.00 -33.55
N VAL A 76 20.66 -46.80 -32.35
CA VAL A 76 21.50 -46.65 -31.18
C VAL A 76 21.50 -47.90 -30.30
N GLU A 77 20.32 -48.46 -30.07
CA GLU A 77 20.18 -49.55 -29.09
C GLU A 77 19.37 -50.70 -29.63
N LEU A 78 19.84 -51.93 -29.38
CA LEU A 78 19.09 -53.12 -29.76
C LEU A 78 18.56 -53.84 -28.54
N VAL A 79 17.33 -54.33 -28.64
CA VAL A 79 16.76 -55.22 -27.64
C VAL A 79 16.17 -56.47 -28.29
N PRO A 80 17.01 -57.49 -28.50
CA PRO A 80 16.64 -58.67 -29.24
C PRO A 80 15.70 -59.57 -28.45
N ARG A 81 14.86 -60.32 -29.16
CA ARG A 81 14.02 -61.34 -28.55
C ARG A 81 14.62 -62.73 -28.74
N THR A 82 14.33 -63.64 -27.83
CA THR A 82 15.05 -64.92 -27.76
C THR A 82 14.31 -66.08 -28.45
N ASP A 83 13.00 -65.95 -28.61
CA ASP A 83 12.21 -67.03 -29.22
C ASP A 83 11.83 -66.72 -30.67
N ARG A 84 12.41 -65.66 -31.21
CA ARG A 84 12.12 -65.22 -32.57
C ARG A 84 13.35 -64.61 -33.23
N ASP A 85 13.37 -64.62 -34.54
CA ASP A 85 14.36 -63.83 -35.27
C ASP A 85 13.88 -62.39 -35.38
N LEU A 86 13.82 -61.72 -34.24
CA LEU A 86 13.26 -60.38 -34.16
C LEU A 86 14.02 -59.53 -33.16
N VAL A 87 14.44 -58.36 -33.60
CA VAL A 87 15.06 -57.38 -32.72
C VAL A 87 14.48 -56.00 -32.94
N LEU A 88 14.22 -55.29 -31.85
CA LEU A 88 13.73 -53.92 -31.95
C LEU A 88 14.89 -52.94 -31.78
N ALA A 89 15.04 -52.06 -32.75
CA ALA A 89 16.14 -51.10 -32.75
C ALA A 89 15.64 -49.69 -32.45
N ARG A 90 16.21 -49.07 -31.43
CA ARG A 90 15.87 -47.70 -31.09
C ARG A 90 16.69 -46.73 -31.92
N LEU A 91 16.02 -45.75 -32.49
CA LEU A 91 16.67 -44.75 -33.31
C LEU A 91 17.16 -43.57 -32.48
N ALA A 92 18.20 -42.90 -32.96
CA ALA A 92 18.70 -41.70 -32.32
C ALA A 92 17.65 -40.60 -32.34
N SER A 93 16.83 -40.58 -33.38
CA SER A 93 15.79 -39.58 -33.54
C SER A 93 14.57 -40.18 -34.21
N PRO A 94 13.37 -39.66 -33.91
CA PRO A 94 12.14 -40.10 -34.52
C PRO A 94 12.08 -39.72 -35.99
N VAL A 95 11.38 -40.53 -36.77
CA VAL A 95 11.22 -40.27 -38.20
C VAL A 95 9.92 -39.52 -38.47
N ALA A 96 10.05 -38.32 -39.01
CA ALA A 96 8.88 -37.52 -39.37
C ALA A 96 8.48 -37.76 -40.81
N GLY A 97 7.17 -37.70 -41.07
CA GLY A 97 6.66 -37.78 -42.43
C GLY A 97 6.39 -39.22 -42.87
N THR A 98 6.76 -40.17 -42.02
CA THR A 98 6.55 -41.58 -42.34
C THR A 98 5.65 -42.24 -41.30
N THR A 99 4.62 -42.91 -41.77
CA THR A 99 3.65 -43.56 -40.88
C THR A 99 4.09 -44.99 -40.54
N PRO A 100 4.18 -45.31 -39.24
CA PRO A 100 4.55 -46.63 -38.80
C PRO A 100 3.46 -47.65 -39.10
N VAL A 101 3.85 -48.91 -39.25
CA VAL A 101 2.90 -49.98 -39.53
C VAL A 101 2.42 -50.64 -38.24
N PRO A 102 1.10 -50.65 -38.01
CA PRO A 102 0.53 -51.26 -36.83
C PRO A 102 0.66 -52.77 -36.88
N PHE A 103 0.67 -53.39 -35.71
CA PHE A 103 0.71 -54.84 -35.63
C PHE A 103 -0.67 -55.44 -35.90
N ALA A 104 -0.68 -56.58 -36.57
CA ALA A 104 -1.93 -57.31 -36.78
C ALA A 104 -2.51 -57.75 -35.45
N THR A 105 -3.83 -57.68 -35.33
CA THR A 105 -4.50 -58.03 -34.08
C THR A 105 -5.12 -59.42 -34.15
N THR A 106 -4.99 -60.06 -35.30
CA THR A 106 -5.53 -61.40 -35.49
C THR A 106 -4.46 -62.34 -36.04
N ALA A 107 -4.64 -63.63 -35.80
CA ALA A 107 -3.69 -64.62 -36.25
C ALA A 107 -3.73 -64.80 -37.76
N PRO A 108 -2.59 -65.11 -38.37
CA PRO A 108 -2.53 -65.53 -39.75
C PRO A 108 -3.10 -66.93 -39.91
N ALA A 109 -3.51 -67.27 -41.12
CA ALA A 109 -4.11 -68.57 -41.38
C ALA A 109 -3.70 -69.09 -42.76
N PRO A 110 -3.73 -70.42 -42.95
CA PRO A 110 -3.41 -71.02 -44.22
C PRO A 110 -4.28 -70.46 -45.33
N GLY A 111 -3.66 -70.18 -46.47
CA GLY A 111 -4.36 -69.67 -47.63
C GLY A 111 -4.31 -68.14 -47.69
N GLU A 112 -3.87 -67.52 -46.60
CA GLU A 112 -3.77 -66.07 -46.53
C GLU A 112 -2.61 -65.56 -47.36
N GLU A 113 -2.84 -64.47 -48.10
CA GLU A 113 -1.80 -63.87 -48.93
C GLU A 113 -1.13 -62.70 -48.21
N LEU A 114 0.19 -62.77 -48.10
CA LEU A 114 0.97 -61.71 -47.48
C LEU A 114 1.84 -60.99 -48.51
N THR A 115 2.01 -59.69 -48.31
CA THR A 115 2.86 -58.89 -49.19
C THR A 115 4.26 -58.75 -48.62
N VAL A 116 5.25 -59.16 -49.39
CA VAL A 116 6.63 -59.12 -48.95
C VAL A 116 7.37 -57.99 -49.62
N VAL A 117 7.90 -57.06 -48.83
CA VAL A 117 8.65 -55.94 -49.39
C VAL A 117 9.96 -55.71 -48.65
N GLY A 118 11.02 -55.38 -49.38
CA GLY A 118 12.32 -55.11 -48.77
C GLY A 118 13.35 -54.63 -49.80
N PHE A 119 14.59 -54.49 -49.35
CA PHE A 119 15.67 -53.96 -50.18
C PHE A 119 16.72 -55.02 -50.51
N GLY A 120 16.34 -56.28 -50.41
CA GLY A 120 17.27 -57.36 -50.69
C GLY A 120 17.46 -57.55 -52.18
N ARG A 121 18.34 -58.47 -52.55
CA ARG A 121 18.66 -58.69 -53.95
C ARG A 121 17.47 -59.23 -54.71
N THR A 122 17.41 -58.92 -55.99
CA THR A 122 16.30 -59.36 -56.84
C THR A 122 16.75 -60.49 -57.74
N LYS A 123 15.89 -60.87 -58.67
CA LYS A 123 16.21 -61.91 -59.62
C LYS A 123 17.40 -61.51 -60.50
N GLU A 124 17.50 -60.21 -60.81
CA GLU A 124 18.53 -59.71 -61.72
C GLU A 124 19.54 -58.80 -61.01
N GLU A 125 19.10 -58.12 -59.97
CA GLU A 125 19.92 -57.07 -59.35
C GLU A 125 20.53 -57.52 -58.03
N TRP A 126 21.86 -57.48 -57.95
CA TRP A 126 22.57 -57.82 -56.73
C TRP A 126 22.22 -56.87 -55.60
N ALA A 127 22.15 -55.58 -55.90
CA ALA A 127 21.90 -54.56 -54.88
C ALA A 127 21.03 -53.42 -55.43
N PRO A 128 19.71 -53.63 -55.46
CA PRO A 128 18.80 -52.73 -56.12
C PRO A 128 18.74 -51.39 -55.41
N LEU A 129 18.43 -50.34 -56.16
CA LEU A 129 18.37 -48.99 -55.60
C LEU A 129 16.95 -48.64 -55.13
N THR A 130 16.03 -49.55 -55.36
CA THR A 130 14.64 -49.33 -54.96
C THR A 130 14.06 -50.54 -54.24
N ARG A 131 12.83 -50.39 -53.75
CA ARG A 131 12.14 -51.49 -53.09
C ARG A 131 11.56 -52.48 -54.10
N HIS A 132 11.65 -53.76 -53.77
CA HIS A 132 11.03 -54.81 -54.58
C HIS A 132 10.15 -55.68 -53.71
N THR A 133 9.12 -56.28 -54.32
CA THR A 133 8.15 -57.03 -53.54
C THR A 133 7.93 -58.45 -54.07
N ALA A 134 7.20 -59.25 -53.28
CA ALA A 134 6.84 -60.63 -53.65
C ALA A 134 5.52 -61.03 -53.00
N ALA A 135 4.82 -61.98 -53.61
CA ALA A 135 3.54 -62.45 -53.07
C ALA A 135 3.67 -63.82 -52.44
N PHE A 136 3.49 -63.89 -51.12
CA PHE A 136 3.61 -65.15 -50.38
C PHE A 136 2.26 -65.63 -49.87
N THR A 137 2.11 -66.94 -49.75
CA THR A 137 0.90 -67.54 -49.20
C THR A 137 1.23 -68.38 -47.96
N VAL A 138 0.43 -68.22 -46.92
CA VAL A 138 0.64 -68.97 -45.68
C VAL A 138 0.23 -70.42 -45.84
N GLN A 139 1.13 -71.33 -45.46
CA GLN A 139 0.83 -72.76 -45.56
C GLN A 139 0.39 -73.31 -44.21
N SER A 140 1.04 -72.85 -43.14
CA SER A 140 0.66 -73.22 -41.79
C SER A 140 1.22 -72.22 -40.78
N VAL A 141 0.63 -72.21 -39.59
CA VAL A 141 1.13 -71.37 -38.51
C VAL A 141 1.29 -72.18 -37.23
N SER A 142 2.48 -72.11 -36.64
CA SER A 142 2.73 -72.83 -35.39
C SER A 142 3.85 -72.18 -34.59
N GLY A 143 3.85 -72.40 -33.29
CA GLY A 143 4.93 -71.91 -32.44
C GLY A 143 5.05 -70.41 -32.55
N THR A 144 6.26 -69.94 -32.83
CA THR A 144 6.53 -68.53 -32.96
C THR A 144 6.83 -68.14 -34.40
N THR A 145 6.61 -69.08 -35.33
CA THR A 145 6.96 -68.85 -36.73
C THR A 145 5.82 -69.21 -37.69
N LEU A 146 5.97 -68.79 -38.95
CA LEU A 146 5.03 -69.15 -40.00
C LEU A 146 5.71 -70.02 -41.04
N ALA A 147 4.96 -70.96 -41.61
CA ALA A 147 5.41 -71.68 -42.79
C ALA A 147 4.87 -71.02 -44.04
N LEU A 148 5.75 -70.38 -44.79
CA LEU A 148 5.34 -69.60 -45.94
C LEU A 148 5.86 -70.20 -47.23
N ASP A 149 5.12 -69.99 -48.31
CA ASP A 149 5.59 -70.33 -49.64
C ASP A 149 5.18 -69.24 -50.62
N GLY A 150 5.60 -69.38 -51.86
CA GLY A 150 5.26 -68.40 -52.88
C GLY A 150 3.84 -68.61 -53.39
N ARG A 151 3.17 -67.51 -53.73
CA ARG A 151 1.91 -67.59 -54.46
C ARG A 151 2.15 -68.17 -55.84
N THR A 152 3.29 -67.80 -56.41
CA THR A 152 3.73 -68.32 -57.69
C THR A 152 5.18 -68.78 -57.58
N ASP A 153 5.70 -69.38 -58.63
CA ASP A 153 7.07 -69.85 -58.65
C ASP A 153 8.00 -68.81 -59.26
N ASP A 154 7.47 -67.61 -59.51
CA ASP A 154 8.21 -66.58 -60.21
C ASP A 154 9.06 -65.73 -59.27
N ASP A 155 8.55 -65.46 -58.07
CA ASP A 155 9.28 -64.60 -57.13
C ASP A 155 9.78 -65.39 -55.92
N ALA A 156 10.54 -64.73 -55.05
CA ALA A 156 11.12 -65.36 -53.88
C ALA A 156 11.62 -64.33 -52.89
N ILE A 157 11.86 -64.77 -51.66
CA ILE A 157 12.57 -63.96 -50.68
C ILE A 157 14.07 -64.25 -50.77
N CYS A 158 14.88 -63.19 -50.97
CA CYS A 158 16.29 -63.34 -51.28
C CYS A 158 17.18 -62.75 -50.18
N ALA A 159 18.44 -63.17 -50.15
CA ALA A 159 19.38 -62.66 -49.16
C ALA A 159 19.47 -61.15 -49.21
N GLY A 160 19.54 -60.54 -48.04
CA GLY A 160 19.60 -59.08 -47.92
C GLY A 160 18.21 -58.50 -47.68
N ASP A 161 17.19 -59.33 -47.89
CA ASP A 161 15.81 -58.90 -47.68
C ASP A 161 15.33 -59.29 -46.29
N ALA A 162 16.20 -59.93 -45.53
CA ALA A 162 15.85 -60.38 -44.20
C ALA A 162 15.50 -59.20 -43.32
N GLY A 163 14.45 -59.35 -42.53
CA GLY A 163 13.99 -58.29 -41.64
C GLY A 163 12.90 -57.46 -42.31
N GLY A 164 12.72 -57.65 -43.60
CA GLY A 164 11.69 -56.92 -44.33
C GLY A 164 10.30 -57.35 -43.86
N PRO A 165 9.36 -56.42 -43.83
CA PRO A 165 8.03 -56.70 -43.35
C PRO A 165 7.24 -57.58 -44.29
N LEU A 166 6.38 -58.40 -43.71
CA LEU A 166 5.35 -59.10 -44.45
C LEU A 166 4.00 -58.54 -44.05
N LEU A 167 3.36 -57.86 -44.99
CA LEU A 167 2.18 -57.06 -44.68
C LEU A 167 0.90 -57.74 -45.11
N ARG A 168 -0.17 -57.48 -44.38
CA ARG A 168 -1.49 -57.90 -44.77
C ARG A 168 -2.36 -56.70 -45.06
N GLN A 169 -2.98 -56.68 -46.24
CA GLN A 169 -3.78 -55.54 -46.65
C GLN A 169 -5.16 -55.58 -46.00
N LYS A 170 -5.56 -54.47 -45.40
CA LYS A 170 -6.88 -54.37 -44.79
C LYS A 170 -7.42 -52.94 -44.83
N ASP A 171 -8.63 -52.79 -45.37
CA ASP A 171 -9.32 -51.49 -45.39
C ASP A 171 -8.47 -50.39 -46.02
N GLY A 172 -7.72 -50.76 -47.06
CA GLY A 172 -6.93 -49.79 -47.80
C GLY A 172 -5.54 -49.60 -47.19
N GLY A 173 -5.32 -50.18 -46.01
CA GLY A 173 -4.05 -50.04 -45.31
C GLY A 173 -3.35 -51.38 -45.17
N PHE A 174 -2.32 -51.43 -44.35
CA PHE A 174 -1.56 -52.65 -44.13
C PHE A 174 -1.28 -52.91 -42.66
N GLU A 175 -1.22 -54.18 -42.28
CA GLU A 175 -0.83 -54.58 -40.95
C GLU A 175 0.42 -55.45 -40.99
N LEU A 176 1.24 -55.37 -39.95
CA LEU A 176 2.47 -56.15 -39.90
C LEU A 176 2.23 -57.53 -39.30
N VAL A 177 2.56 -58.56 -40.07
CA VAL A 177 2.32 -59.94 -39.65
C VAL A 177 3.62 -60.65 -39.27
N ALA A 178 4.66 -60.46 -40.08
CA ALA A 178 5.93 -61.16 -39.89
C ALA A 178 7.08 -60.41 -40.54
N LEU A 179 8.31 -60.73 -40.12
CA LEU A 179 9.50 -60.26 -40.82
C LEU A 179 10.19 -61.40 -41.55
N ALA A 180 10.75 -61.12 -42.71
CA ALA A 180 11.47 -62.13 -43.46
C ALA A 180 12.69 -62.62 -42.69
N SER A 181 12.97 -63.92 -42.76
CA SER A 181 14.12 -64.49 -42.05
C SER A 181 14.95 -65.39 -42.95
N GLN A 182 14.52 -66.65 -43.13
CA GLN A 182 15.31 -67.64 -43.85
C GLN A 182 14.51 -68.31 -44.96
N SER A 183 15.20 -68.68 -46.04
CA SER A 183 14.58 -69.36 -47.17
C SER A 183 15.61 -70.08 -48.02
N TRP A 184 15.13 -70.90 -48.95
CA TRP A 184 16.01 -71.55 -49.92
C TRP A 184 16.49 -70.55 -50.96
N GLN A 185 15.74 -69.47 -51.14
CA GLN A 185 16.11 -68.40 -52.08
C GLN A 185 16.26 -68.91 -53.51
N GLY A 186 15.40 -69.82 -53.92
CA GLY A 186 15.44 -70.31 -55.28
C GLY A 186 15.04 -69.23 -56.26
N GLY A 187 15.75 -69.15 -57.38
CA GLY A 187 15.43 -68.17 -58.42
C GLY A 187 16.05 -66.78 -58.15
N CYS A 188 16.78 -66.65 -57.02
CA CYS A 188 17.39 -65.38 -56.62
C CYS A 188 18.74 -65.18 -57.31
N TRP A 189 19.13 -63.92 -57.49
CA TRP A 189 20.42 -63.60 -58.07
C TRP A 189 21.55 -64.07 -57.17
N GLY A 190 22.56 -64.68 -57.78
CA GLY A 190 23.72 -65.14 -57.03
C GLY A 190 23.51 -66.53 -56.42
N THR A 191 22.33 -67.08 -56.64
CA THR A 191 21.99 -68.40 -56.09
C THR A 191 21.94 -69.44 -57.19
N ASP A 192 22.52 -70.60 -56.92
CA ASP A 192 22.56 -71.69 -57.89
C ASP A 192 21.16 -71.94 -58.46
N PRO A 193 21.03 -71.87 -59.81
CA PRO A 193 19.76 -72.09 -60.47
C PRO A 193 19.17 -73.47 -60.16
N ALA A 194 20.02 -74.37 -59.68
CA ALA A 194 19.58 -75.72 -59.34
C ALA A 194 18.51 -75.68 -58.25
N GLU A 195 18.55 -74.62 -57.44
CA GLU A 195 17.56 -74.45 -56.38
C GLU A 195 16.38 -73.63 -56.86
N THR A 196 15.21 -74.27 -56.91
CA THR A 196 14.01 -73.62 -57.44
C THR A 196 12.96 -73.38 -56.36
N ARG A 197 13.25 -73.82 -55.13
CA ARG A 197 12.30 -73.68 -54.04
C ARG A 197 12.32 -72.27 -53.47
N ASN A 198 11.14 -71.75 -53.18
CA ASN A 198 11.02 -70.45 -52.53
C ASN A 198 10.29 -70.56 -51.19
N ASP A 199 10.32 -71.76 -50.60
CA ASP A 199 9.78 -71.99 -49.27
C ASP A 199 10.55 -71.16 -48.25
N ALA A 200 9.83 -70.57 -47.29
CA ALA A 200 10.45 -69.65 -46.34
C ALA A 200 9.84 -69.79 -44.94
N VAL A 201 10.64 -69.43 -43.93
CA VAL A 201 10.18 -69.41 -42.55
C VAL A 201 10.41 -68.05 -41.92
N SER A 202 9.39 -67.54 -41.24
CA SER A 202 9.47 -66.23 -40.60
C SER A 202 8.87 -66.25 -39.20
N PRO A 203 9.40 -65.41 -38.29
CA PRO A 203 8.80 -65.21 -36.99
C PRO A 203 7.46 -64.51 -37.09
N ARG A 204 6.52 -64.91 -36.24
CA ARG A 204 5.22 -64.28 -36.20
C ARG A 204 5.23 -63.09 -35.25
N LEU A 205 4.68 -61.97 -35.71
CA LEU A 205 4.64 -60.75 -34.91
C LEU A 205 3.22 -60.43 -34.45
N ASP A 206 2.31 -61.38 -34.61
CA ASP A 206 0.91 -61.20 -34.21
C ASP A 206 0.68 -61.63 -32.77
N ASN A 207 1.60 -62.44 -32.25
CA ASN A 207 1.44 -63.02 -30.93
C ASN A 207 2.37 -62.37 -29.93
N ILE A 208 2.77 -61.14 -30.22
CA ILE A 208 3.63 -60.38 -29.32
C ILE A 208 3.02 -59.03 -29.03
N ALA A 209 3.43 -58.42 -27.93
CA ALA A 209 3.01 -57.08 -27.60
C ALA A 209 3.62 -56.09 -28.58
N GLY A 210 2.87 -55.05 -28.90
CA GLY A 210 3.38 -54.01 -29.78
C GLY A 210 2.56 -52.75 -29.62
N GLY A 211 2.99 -51.68 -30.27
CA GLY A 211 2.38 -50.39 -30.05
C GLY A 211 2.74 -49.87 -28.68
N ASN A 212 1.89 -49.04 -28.11
CA ASN A 212 2.15 -48.50 -26.80
C ASN A 212 0.96 -48.65 -25.86
N THR A 213 0.02 -49.52 -26.21
CA THR A 213 -1.19 -49.66 -25.41
C THR A 213 -1.51 -51.12 -25.08
N LEU A 214 -2.15 -51.31 -23.92
CA LEU A 214 -2.77 -52.58 -23.58
C LEU A 214 -4.27 -52.43 -23.42
N THR A 215 -5.02 -53.18 -24.21
CA THR A 215 -6.47 -53.22 -24.07
C THR A 215 -6.85 -54.13 -22.90
N PRO A 216 -8.08 -54.03 -22.41
CA PRO A 216 -8.59 -54.95 -21.43
C PRO A 216 -8.49 -56.38 -21.94
N GLY A 217 -7.96 -57.26 -21.10
CA GLY A 217 -7.80 -58.66 -21.46
C GLY A 217 -6.44 -58.92 -22.12
N ALA A 218 -5.70 -57.85 -22.39
CA ALA A 218 -4.38 -57.97 -23.02
C ALA A 218 -3.39 -58.61 -22.08
N VAL A 219 -2.51 -59.44 -22.64
CA VAL A 219 -1.48 -60.10 -21.85
C VAL A 219 -0.09 -59.80 -22.39
N LEU A 220 0.78 -59.33 -21.51
CA LEU A 220 2.17 -59.04 -21.86
C LEU A 220 3.09 -60.16 -21.39
N ARG A 221 3.60 -60.94 -22.33
CA ARG A 221 4.41 -62.11 -22.02
C ARG A 221 5.83 -61.72 -21.66
N ALA A 222 6.53 -62.62 -20.98
CA ALA A 222 7.92 -62.38 -20.62
C ALA A 222 8.78 -62.27 -21.86
N GLU A 223 9.85 -61.49 -21.77
CA GLU A 223 10.70 -61.21 -22.92
C GLU A 223 9.90 -60.50 -24.01
N ASP A 224 9.07 -59.55 -23.58
CA ASP A 224 8.25 -58.76 -24.50
C ASP A 224 8.13 -57.33 -23.98
N SER A 225 7.75 -56.40 -24.88
CA SER A 225 7.75 -54.99 -24.50
C SER A 225 6.85 -54.11 -25.36
N LEU A 226 6.46 -52.97 -24.78
CA LEU A 226 5.87 -51.86 -25.53
C LEU A 226 6.86 -50.71 -25.61
N VAL A 227 6.77 -49.90 -26.67
CA VAL A 227 7.77 -48.86 -26.88
C VAL A 227 7.16 -47.50 -27.16
N SER A 228 7.85 -46.45 -26.71
CA SER A 228 7.50 -45.07 -27.04
C SER A 228 8.78 -44.23 -27.16
N ASN A 229 8.63 -42.98 -27.58
CA ASN A 229 9.80 -42.17 -27.94
C ASN A 229 10.80 -42.03 -26.79
N ALA A 230 10.31 -41.94 -25.56
CA ALA A 230 11.17 -41.63 -24.44
C ALA A 230 11.15 -42.70 -23.35
N ALA A 231 10.66 -43.90 -23.69
CA ALA A 231 10.60 -44.96 -22.70
C ALA A 231 10.37 -46.32 -23.34
N ARG A 232 10.72 -47.37 -22.62
CA ARG A 232 10.33 -48.73 -23.00
C ARG A 232 9.79 -49.50 -21.80
N LEU A 233 8.68 -50.19 -22.01
CA LEU A 233 8.07 -51.03 -20.97
C LEU A 233 8.23 -52.49 -21.31
N THR A 234 8.98 -53.20 -20.48
CA THR A 234 9.29 -54.59 -20.79
C THR A 234 9.11 -55.49 -19.60
N LEU A 235 8.70 -56.72 -19.87
CA LEU A 235 8.67 -57.75 -18.85
C LEU A 235 9.83 -58.71 -19.04
N ARG A 236 10.71 -58.76 -18.05
CA ARG A 236 11.92 -59.55 -18.14
C ARG A 236 11.64 -61.02 -17.94
N ALA A 237 12.56 -61.86 -18.40
CA ALA A 237 12.42 -63.31 -18.27
C ALA A 237 12.34 -63.73 -16.82
N ASP A 238 12.89 -62.90 -15.93
CA ASP A 238 12.93 -63.21 -14.51
C ASP A 238 11.64 -62.79 -13.80
N GLY A 239 10.67 -62.29 -14.57
CA GLY A 239 9.35 -61.98 -14.04
C GLY A 239 9.22 -60.52 -13.57
N ASP A 240 10.33 -59.79 -13.61
CA ASP A 240 10.33 -58.40 -13.16
C ASP A 240 9.86 -57.46 -14.26
N LEU A 241 8.73 -56.79 -14.03
CA LEU A 241 8.20 -55.82 -14.98
C LEU A 241 8.84 -54.46 -14.75
N VAL A 242 9.52 -53.95 -15.76
CA VAL A 242 10.30 -52.73 -15.59
C VAL A 242 10.05 -51.70 -16.69
N VAL A 243 10.35 -50.45 -16.39
CA VAL A 243 10.41 -49.41 -17.40
C VAL A 243 11.78 -48.78 -17.44
N VAL A 244 12.35 -48.69 -18.63
CA VAL A 244 13.70 -48.16 -18.80
C VAL A 244 13.70 -46.93 -19.68
N SER A 245 14.70 -46.08 -19.50
CA SER A 245 14.83 -44.85 -20.25
C SER A 245 15.76 -45.01 -21.43
N ASN A 246 15.94 -43.95 -22.19
CA ASN A 246 16.83 -43.97 -23.35
C ASN A 246 18.29 -44.02 -22.91
N ALA A 247 18.53 -43.81 -21.62
CA ALA A 247 19.88 -43.89 -21.07
C ALA A 247 20.24 -45.34 -20.75
N GLY A 248 19.27 -46.24 -20.87
CA GLY A 248 19.49 -47.66 -20.61
C GLY A 248 19.26 -48.00 -19.14
N LYS A 249 18.94 -47.00 -18.33
CA LYS A 249 18.73 -47.21 -16.90
C LYS A 249 17.27 -47.50 -16.59
N THR A 250 17.03 -48.22 -15.51
CA THR A 250 15.67 -48.54 -15.08
C THR A 250 15.10 -47.45 -14.20
N LEU A 251 13.92 -46.95 -14.57
CA LEU A 251 13.28 -45.88 -13.82
C LEU A 251 12.30 -46.42 -12.81
N TRP A 252 11.68 -47.55 -13.13
CA TRP A 252 10.65 -48.13 -12.27
C TRP A 252 10.57 -49.63 -12.45
N SER A 253 10.26 -50.33 -11.37
CA SER A 253 10.07 -51.76 -11.43
C SER A 253 9.09 -52.23 -10.39
N THR A 254 8.49 -53.39 -10.62
CA THR A 254 7.60 -53.99 -9.64
C THR A 254 8.39 -54.77 -8.60
N GLY A 255 9.60 -55.18 -8.97
CA GLY A 255 10.48 -55.89 -8.05
C GLY A 255 10.16 -57.37 -8.01
N THR A 256 9.28 -57.81 -8.90
CA THR A 256 8.85 -59.20 -8.94
C THR A 256 9.87 -60.07 -9.67
N ALA A 257 11.11 -60.02 -9.22
CA ALA A 257 12.19 -60.78 -9.83
C ALA A 257 12.31 -62.16 -9.20
N GLY A 258 12.64 -63.15 -10.02
CA GLY A 258 12.84 -64.51 -9.54
C GLY A 258 11.61 -65.36 -9.77
N HIS A 259 10.50 -64.70 -10.06
CA HIS A 259 9.26 -65.38 -10.37
C HIS A 259 9.19 -65.74 -11.83
N LEU A 260 10.02 -66.69 -12.24
CA LEU A 260 10.13 -67.04 -13.64
C LEU A 260 8.83 -67.61 -14.16
N GLY A 261 8.43 -67.16 -15.34
CA GLY A 261 7.16 -67.58 -15.93
C GLY A 261 6.04 -66.61 -15.59
N ALA A 262 6.34 -65.62 -14.75
CA ALA A 262 5.36 -64.61 -14.38
C ALA A 262 4.95 -63.79 -15.60
N THR A 263 3.70 -63.36 -15.61
CA THR A 263 3.15 -62.63 -16.74
C THR A 263 2.46 -61.34 -16.28
N ALA A 264 2.52 -60.30 -17.10
CA ALA A 264 1.83 -59.06 -16.81
C ALA A 264 0.59 -58.93 -17.66
N ARG A 265 -0.51 -58.53 -17.06
CA ARG A 265 -1.77 -58.43 -17.79
C ARG A 265 -2.58 -57.21 -17.38
N PHE A 266 -3.41 -56.73 -18.31
CA PHE A 266 -4.35 -55.67 -18.02
C PHE A 266 -5.76 -56.22 -17.98
N THR A 267 -6.37 -56.19 -16.80
CA THR A 267 -7.61 -56.91 -16.57
C THR A 267 -8.82 -56.13 -17.04
N ASP A 268 -9.96 -56.80 -17.10
CA ASP A 268 -11.20 -56.15 -17.52
C ASP A 268 -11.69 -55.18 -16.46
N SER A 269 -11.18 -55.32 -15.24
CA SER A 269 -11.53 -54.42 -14.15
C SER A 269 -10.83 -53.06 -14.32
N GLY A 270 -9.85 -53.01 -15.23
CA GLY A 270 -9.18 -51.77 -15.55
C GLY A 270 -7.84 -51.62 -14.84
N ASN A 271 -7.45 -52.61 -14.05
CA ASN A 271 -6.18 -52.54 -13.35
C ASN A 271 -5.06 -53.23 -14.11
N LEU A 272 -3.82 -52.90 -13.76
CA LEU A 272 -2.67 -53.56 -14.32
C LEU A 272 -1.97 -54.37 -13.25
N THR A 273 -1.80 -55.66 -13.49
CA THR A 273 -1.26 -56.54 -12.48
C THR A 273 -0.19 -57.46 -13.03
N VAL A 274 0.61 -58.01 -12.12
CA VAL A 274 1.56 -59.05 -12.47
C VAL A 274 1.19 -60.34 -11.75
N VAL A 275 1.04 -61.40 -12.51
CA VAL A 275 0.60 -62.69 -11.97
C VAL A 275 1.70 -63.72 -12.08
N ASP A 276 1.70 -64.68 -11.18
CA ASP A 276 2.74 -65.69 -11.12
C ASP A 276 2.53 -66.73 -12.22
N ALA A 277 3.42 -67.70 -12.29
CA ALA A 277 3.40 -68.71 -13.33
C ALA A 277 2.13 -69.56 -13.28
N ASP A 278 1.49 -69.59 -12.11
CA ASP A 278 0.30 -70.41 -11.92
C ASP A 278 -0.94 -69.74 -12.49
N GLY A 279 -0.82 -68.47 -12.88
CA GLY A 279 -1.90 -67.74 -13.50
C GLY A 279 -2.96 -67.33 -12.49
N THR A 280 -2.67 -67.53 -11.22
CA THR A 280 -3.63 -67.27 -10.15
C THR A 280 -3.12 -66.24 -9.15
N THR A 281 -1.87 -66.39 -8.74
CA THR A 281 -1.33 -65.58 -7.66
C THR A 281 -0.83 -64.23 -8.18
N VAL A 282 -1.28 -63.15 -7.54
CA VAL A 282 -0.86 -61.81 -7.93
C VAL A 282 0.39 -61.39 -7.16
N LEU A 283 1.38 -60.92 -7.88
CA LEU A 283 2.66 -60.52 -7.29
C LEU A 283 2.72 -59.01 -7.12
N TRP A 284 2.01 -58.29 -7.99
CA TRP A 284 1.97 -56.84 -7.94
C TRP A 284 0.71 -56.32 -8.62
N GLU A 285 0.17 -55.22 -8.11
CA GLU A 285 -0.99 -54.58 -8.72
C GLU A 285 -0.96 -53.08 -8.58
N SER A 286 -1.52 -52.38 -9.56
CA SER A 286 -1.73 -50.94 -9.47
C SER A 286 -2.91 -50.63 -8.56
N ALA A 287 -3.76 -51.64 -8.34
CA ALA A 287 -4.91 -51.51 -7.45
C ALA A 287 -5.83 -50.38 -7.88
N THR A 288 -6.08 -50.27 -9.18
CA THR A 288 -7.00 -49.27 -9.71
C THR A 288 -8.31 -49.90 -10.15
N THR A 289 -9.31 -49.07 -10.36
CA THR A 289 -10.57 -49.51 -10.95
C THR A 289 -10.94 -48.63 -12.13
N ALA A 290 -11.10 -49.25 -13.30
CA ALA A 290 -11.46 -48.49 -14.49
C ALA A 290 -11.87 -49.40 -15.64
N PRO A 291 -13.06 -50.00 -15.56
CA PRO A 291 -13.57 -50.84 -16.61
C PRO A 291 -13.68 -50.06 -17.90
N GLY A 292 -13.29 -50.69 -19.01
CA GLY A 292 -13.36 -50.05 -20.32
C GLY A 292 -12.16 -49.13 -20.56
N GLY A 293 -11.23 -49.12 -19.60
CA GLY A 293 -10.05 -48.26 -19.69
C GLY A 293 -8.92 -48.96 -20.43
N SER A 294 -7.74 -48.35 -20.39
CA SER A 294 -6.57 -48.89 -21.08
C SER A 294 -5.28 -48.42 -20.42
N ALA A 295 -4.21 -49.18 -20.63
CA ALA A 295 -2.88 -48.77 -20.15
C ALA A 295 -2.03 -48.32 -21.32
N VAL A 296 -1.56 -47.09 -21.27
CA VAL A 296 -0.80 -46.52 -22.38
C VAL A 296 0.56 -46.02 -21.95
N LEU A 297 1.57 -46.39 -22.71
CA LEU A 297 2.90 -45.85 -22.53
C LEU A 297 3.08 -44.64 -23.43
N GLN A 298 3.26 -43.48 -22.82
CA GLN A 298 3.24 -42.24 -23.57
C GLN A 298 4.61 -41.90 -24.14
N ASP A 299 4.62 -41.05 -25.15
CA ASP A 299 5.87 -40.57 -25.73
C ASP A 299 6.52 -39.58 -24.81
N ARG A 300 5.70 -38.92 -24.00
CA ARG A 300 6.20 -37.97 -23.02
C ARG A 300 7.17 -38.63 -22.07
N GLY A 301 6.92 -39.89 -21.74
CA GLY A 301 7.86 -40.67 -20.94
C GLY A 301 7.19 -41.80 -20.18
N ASP A 302 6.20 -41.47 -19.35
CA ASP A 302 5.76 -42.41 -18.33
C ASP A 302 4.64 -43.33 -18.79
N LEU A 303 4.29 -44.27 -17.91
CA LEU A 303 3.20 -45.21 -18.14
C LEU A 303 1.99 -44.82 -17.31
N VAL A 304 0.88 -44.58 -17.98
CA VAL A 304 -0.33 -44.14 -17.29
C VAL A 304 -1.52 -45.02 -17.62
N VAL A 305 -2.29 -45.37 -16.59
CA VAL A 305 -3.52 -46.12 -16.77
C VAL A 305 -4.71 -45.17 -16.80
N ARG A 306 -5.49 -45.26 -17.87
CA ARG A 306 -6.59 -44.34 -18.10
C ARG A 306 -7.92 -45.07 -18.10
N ASP A 307 -8.97 -44.40 -17.65
CA ASP A 307 -10.30 -45.00 -17.64
C ASP A 307 -11.03 -44.75 -18.95
N ALA A 308 -12.27 -45.19 -19.03
CA ALA A 308 -13.04 -45.15 -20.26
C ALA A 308 -13.33 -43.70 -20.67
N GLN A 309 -13.22 -42.78 -19.73
CA GLN A 309 -13.50 -41.38 -19.99
C GLN A 309 -12.25 -40.61 -20.39
N GLY A 310 -11.12 -41.32 -20.42
CA GLY A 310 -9.86 -40.72 -20.81
C GLY A 310 -9.15 -40.05 -19.64
N ALA A 311 -9.66 -40.28 -18.42
CA ALA A 311 -9.05 -39.68 -17.24
C ALA A 311 -8.03 -40.63 -16.63
N SER A 312 -6.87 -40.09 -16.26
CA SER A 312 -5.82 -40.88 -15.63
C SER A 312 -6.25 -41.37 -14.25
N GLN A 313 -5.94 -42.62 -13.94
CA GLN A 313 -6.21 -43.17 -12.62
C GLN A 313 -4.93 -43.45 -11.86
N TRP A 314 -3.87 -43.78 -12.59
CA TRP A 314 -2.59 -44.15 -11.98
C TRP A 314 -1.44 -43.95 -12.95
N ALA A 315 -0.30 -43.53 -12.43
CA ALA A 315 0.90 -43.40 -13.27
C ALA A 315 2.14 -43.83 -12.52
N ALA A 316 3.06 -44.46 -13.24
CA ALA A 316 4.32 -44.94 -12.65
C ALA A 316 5.26 -43.78 -12.33
N GLY A 317 5.12 -42.68 -13.06
CA GLY A 317 5.95 -41.50 -12.84
C GLY A 317 7.33 -41.64 -13.48
N THR A 318 7.47 -42.58 -14.41
CA THR A 318 8.75 -42.84 -15.07
C THR A 318 9.02 -41.81 -16.14
N GLU A 319 9.35 -40.61 -15.72
CA GLU A 319 9.64 -39.53 -16.66
C GLU A 319 10.87 -38.77 -16.23
N VAL A 320 11.50 -38.11 -17.18
CA VAL A 320 12.59 -37.20 -16.88
C VAL A 320 12.21 -35.77 -17.18
N ARG A 321 12.18 -34.95 -16.13
CA ARG A 321 11.72 -33.57 -16.25
C ARG A 321 12.70 -32.74 -17.08
N HIS A 322 12.15 -31.89 -17.95
CA HIS A 322 12.97 -31.03 -18.81
C HIS A 322 14.22 -31.73 -19.33
N ASP A 323 14.03 -32.89 -19.93
CA ASP A 323 15.07 -33.55 -20.71
C ASP A 323 15.04 -33.03 -22.14
N TYR A 324 15.98 -32.15 -22.49
CA TYR A 324 15.87 -31.36 -23.72
C TYR A 324 16.31 -32.12 -24.96
N ASN A 325 17.24 -33.05 -24.81
CA ASN A 325 17.73 -33.80 -25.97
C ASN A 325 17.15 -35.21 -26.03
N GLY A 326 16.47 -35.61 -24.96
CA GLY A 326 15.80 -36.90 -24.93
C GLY A 326 16.76 -38.07 -24.72
N ASP A 327 17.90 -37.79 -24.08
CA ASP A 327 18.91 -38.83 -23.87
C ASP A 327 18.69 -39.58 -22.54
N GLY A 328 17.63 -39.22 -21.82
CA GLY A 328 17.26 -39.94 -20.60
C GLY A 328 17.76 -39.26 -19.33
N ARG A 329 18.33 -38.07 -19.47
CA ARG A 329 18.78 -37.30 -18.31
C ARG A 329 18.28 -35.87 -18.36
N SER A 330 17.87 -35.34 -17.22
CA SER A 330 17.37 -33.98 -17.15
C SER A 330 18.45 -32.96 -17.46
N ASP A 331 18.05 -31.87 -18.09
CA ASP A 331 18.95 -30.78 -18.41
C ASP A 331 18.43 -29.47 -17.84
N MET A 332 19.15 -28.40 -18.06
CA MET A 332 18.65 -27.09 -17.71
C MET A 332 19.11 -26.02 -18.68
N ALA A 333 18.33 -24.96 -18.82
CA ALA A 333 18.62 -23.92 -19.78
C ALA A 333 18.27 -22.56 -19.23
N ALA A 334 18.89 -21.52 -19.78
CA ALA A 334 18.67 -20.17 -19.28
C ALA A 334 18.59 -19.15 -20.40
N TRP A 335 17.84 -18.10 -20.15
CA TRP A 335 17.77 -16.96 -21.06
C TRP A 335 18.74 -15.88 -20.64
N TYR A 336 19.76 -15.65 -21.46
CA TYR A 336 20.85 -14.77 -21.09
C TYR A 336 20.72 -13.42 -21.78
N ASN A 337 20.58 -12.37 -20.99
CA ASN A 337 20.46 -11.02 -21.52
C ASN A 337 21.80 -10.32 -21.52
N TYR A 338 22.30 -10.01 -22.71
CA TYR A 338 23.58 -9.34 -22.84
C TYR A 338 23.41 -7.85 -22.62
N THR A 339 24.47 -7.19 -22.20
CA THR A 339 24.42 -5.77 -21.88
C THR A 339 24.29 -4.92 -23.14
N ASP A 340 24.53 -5.54 -24.31
CA ASP A 340 24.43 -4.83 -25.57
C ASP A 340 23.02 -4.93 -26.16
N GLY A 341 22.10 -5.55 -25.41
CA GLY A 341 20.69 -5.56 -25.77
C GLY A 341 20.26 -6.86 -26.45
N ARG A 342 21.21 -7.65 -26.92
CA ARG A 342 20.90 -8.93 -27.56
C ARG A 342 20.78 -10.04 -26.53
N ASP A 343 20.16 -11.15 -26.91
CA ASP A 343 19.95 -12.26 -25.99
C ASP A 343 19.99 -13.63 -26.68
N ALA A 344 20.19 -14.68 -25.89
CA ALA A 344 20.26 -16.04 -26.42
C ALA A 344 19.91 -17.06 -25.33
N ILE A 345 19.57 -18.29 -25.75
CA ILE A 345 19.25 -19.35 -24.80
C ILE A 345 20.39 -20.37 -24.70
N HIS A 346 20.86 -20.61 -23.47
CA HIS A 346 21.98 -21.50 -23.24
C HIS A 346 21.53 -22.78 -22.55
N THR A 347 22.02 -23.93 -23.02
CA THR A 347 21.59 -25.21 -22.47
C THR A 347 22.74 -25.99 -21.84
N PHE A 348 22.54 -26.43 -20.60
CA PHE A 348 23.51 -27.24 -19.89
C PHE A 348 23.04 -28.68 -19.81
N LEU A 349 23.69 -29.56 -20.57
CA LEU A 349 23.24 -30.95 -20.63
C LEU A 349 23.73 -31.76 -19.43
N GLY A 350 22.90 -32.68 -18.96
CA GLY A 350 23.28 -33.55 -17.84
C GLY A 350 24.26 -34.61 -18.29
N GLY A 351 25.24 -34.91 -17.43
CA GLY A 351 26.22 -35.95 -17.71
C GLY A 351 25.83 -37.26 -17.05
N THR A 352 26.66 -38.28 -17.24
CA THR A 352 26.36 -39.61 -16.72
C THR A 352 26.61 -39.69 -15.22
N ASP A 353 27.37 -38.75 -14.69
CA ASP A 353 27.67 -38.72 -13.27
C ASP A 353 26.78 -37.73 -12.53
N GLY A 354 25.80 -37.17 -13.24
CA GLY A 354 24.85 -36.24 -12.63
C GLY A 354 25.31 -34.79 -12.70
N THR A 355 26.51 -34.57 -13.24
CA THR A 355 27.02 -33.21 -13.35
C THR A 355 26.49 -32.53 -14.59
N LEU A 356 26.69 -31.22 -14.66
CA LEU A 356 26.22 -30.44 -15.79
C LEU A 356 27.37 -29.93 -16.64
N THR A 357 27.31 -30.20 -17.93
CA THR A 357 28.39 -29.88 -18.86
C THR A 357 28.34 -28.43 -19.28
N LYS A 358 29.38 -27.98 -19.96
CA LYS A 358 29.45 -26.61 -20.45
C LYS A 358 28.29 -26.31 -21.37
N PRO A 359 27.72 -25.10 -21.26
CA PRO A 359 26.55 -24.73 -22.00
C PRO A 359 26.83 -24.57 -23.48
N LEU A 360 25.83 -24.86 -24.30
CA LEU A 360 25.84 -24.47 -25.69
C LEU A 360 24.73 -23.47 -25.93
N LYS A 361 24.92 -22.57 -26.89
CA LYS A 361 23.91 -21.56 -27.15
C LYS A 361 23.11 -21.88 -28.40
N SER A 362 21.88 -21.42 -28.42
CA SER A 362 21.04 -21.49 -29.60
C SER A 362 20.06 -20.33 -29.63
N TYR A 363 19.47 -20.09 -30.78
CA TYR A 363 18.54 -18.98 -30.93
C TYR A 363 19.16 -17.66 -30.47
N ASP A 364 20.34 -17.36 -30.99
CA ASP A 364 21.00 -16.10 -30.70
C ASP A 364 20.48 -15.00 -31.64
N VAL A 365 19.83 -13.98 -31.08
CA VAL A 365 19.18 -12.96 -31.89
C VAL A 365 19.75 -11.58 -31.65
N ALA A 366 19.52 -10.68 -32.60
CA ALA A 366 20.07 -9.33 -32.56
C ALA A 366 19.35 -8.45 -31.54
N ASP A 367 20.03 -7.39 -31.13
CA ASP A 367 19.42 -6.40 -30.25
C ASP A 367 18.20 -5.77 -30.89
N GLY A 368 17.15 -5.61 -30.10
CA GLY A 368 15.93 -4.94 -30.57
C GLY A 368 14.86 -5.94 -30.96
N VAL A 369 15.21 -7.22 -31.02
CA VAL A 369 14.23 -8.25 -31.36
C VAL A 369 13.29 -8.53 -30.19
N TRP A 370 13.85 -8.59 -28.98
CA TRP A 370 13.06 -8.78 -27.77
C TRP A 370 13.20 -7.62 -26.81
N ASP A 371 12.07 -7.16 -26.28
CA ASP A 371 12.07 -6.15 -25.23
C ASP A 371 11.99 -6.81 -23.86
N THR A 372 13.13 -7.22 -23.33
CA THR A 372 13.17 -8.13 -22.20
C THR A 372 13.04 -7.40 -20.87
N ARG A 373 11.87 -6.80 -20.63
CA ARG A 373 11.64 -6.08 -19.37
C ARG A 373 10.58 -6.75 -18.50
N ALA A 374 9.64 -7.45 -19.13
CA ALA A 374 8.50 -8.01 -18.41
C ALA A 374 8.10 -9.36 -18.95
N MET A 375 8.89 -10.38 -18.67
CA MET A 375 8.66 -11.70 -19.21
C MET A 375 8.94 -12.78 -18.17
N LYS A 376 8.22 -13.90 -18.27
CA LYS A 376 8.38 -15.01 -17.35
C LYS A 376 8.68 -16.30 -18.10
N TYR A 377 9.56 -17.12 -17.55
CA TYR A 377 10.07 -18.27 -18.28
C TYR A 377 9.50 -19.59 -17.75
N LEU A 378 9.09 -20.45 -18.67
CA LEU A 378 8.54 -21.76 -18.33
C LEU A 378 9.24 -22.87 -19.08
N THR A 379 9.30 -24.06 -18.49
CA THR A 379 9.79 -25.24 -19.21
C THR A 379 8.77 -26.35 -19.20
N GLY A 380 9.01 -27.37 -20.01
CA GLY A 380 8.13 -28.54 -20.07
C GLY A 380 7.97 -29.04 -21.49
N ASP A 381 7.41 -30.24 -21.63
CA ASP A 381 7.18 -30.83 -22.95
C ASP A 381 5.81 -30.46 -23.47
N PHE A 382 5.75 -29.47 -24.35
CA PHE A 382 4.48 -28.87 -24.73
C PHE A 382 3.98 -29.42 -26.04
N ASN A 383 4.68 -30.42 -26.57
CA ASN A 383 4.31 -30.99 -27.86
C ASN A 383 4.04 -32.49 -27.76
N GLY A 384 4.48 -33.11 -26.66
CA GLY A 384 4.38 -34.55 -26.51
C GLY A 384 5.45 -35.24 -27.35
N ASP A 385 6.60 -34.59 -27.48
CA ASP A 385 7.70 -35.10 -28.31
C ASP A 385 8.45 -36.22 -27.64
N GLY A 386 8.57 -36.15 -26.32
CA GLY A 386 9.46 -37.03 -25.58
C GLY A 386 10.73 -36.28 -25.20
N ARG A 387 10.83 -35.03 -25.63
CA ARG A 387 11.90 -34.15 -25.24
C ARG A 387 11.35 -32.79 -24.82
N GLY A 388 11.99 -32.16 -23.86
CA GLY A 388 11.47 -30.96 -23.25
C GLY A 388 11.48 -29.77 -24.18
N ASP A 389 10.53 -28.88 -23.99
CA ASP A 389 10.47 -27.63 -24.72
C ASP A 389 10.55 -26.47 -23.74
N THR A 390 10.49 -25.25 -24.26
CA THR A 390 10.46 -24.08 -23.41
C THR A 390 9.37 -23.13 -23.84
N ALA A 391 9.01 -22.21 -22.95
CA ALA A 391 8.01 -21.22 -23.27
C ALA A 391 8.27 -19.93 -22.52
N VAL A 392 7.82 -18.83 -23.10
CA VAL A 392 7.96 -17.53 -22.47
C VAL A 392 6.64 -16.77 -22.46
N LEU A 393 6.24 -16.33 -21.28
CA LEU A 393 5.05 -15.50 -21.15
C LEU A 393 5.46 -14.05 -21.02
N LYS A 394 5.10 -13.24 -22.00
CA LYS A 394 5.59 -11.87 -22.04
C LYS A 394 4.48 -10.85 -22.17
N GLY A 395 4.63 -9.73 -21.46
CA GLY A 395 3.76 -8.59 -21.63
C GLY A 395 4.34 -7.62 -22.64
N TYR A 396 3.48 -6.80 -23.23
CA TYR A 396 3.90 -5.81 -24.22
C TYR A 396 3.49 -4.41 -23.80
N SER A 397 4.12 -3.41 -24.39
CA SER A 397 3.92 -2.02 -24.00
C SER A 397 2.49 -1.57 -24.23
N ASP A 398 1.76 -2.29 -25.07
CA ASP A 398 0.37 -1.96 -25.33
C ASP A 398 -0.57 -2.69 -24.38
N THR A 399 0.03 -3.36 -23.38
CA THR A 399 -0.72 -4.09 -22.35
C THR A 399 -1.26 -5.43 -22.86
N SER A 400 -0.95 -5.76 -24.10
CA SER A 400 -1.30 -7.07 -24.65
C SER A 400 -0.37 -8.13 -24.11
N VAL A 401 -0.76 -9.40 -24.27
CA VAL A 401 0.06 -10.52 -23.80
C VAL A 401 0.20 -11.59 -24.87
N LYS A 402 1.40 -12.17 -24.96
CA LYS A 402 1.63 -13.32 -25.84
C LYS A 402 2.40 -14.40 -25.12
N LEU A 403 2.11 -15.65 -25.45
CA LEU A 403 2.83 -16.78 -24.90
C LEU A 403 3.62 -17.48 -26.01
N TRP A 404 4.94 -17.42 -25.90
CA TRP A 404 5.83 -17.98 -26.91
C TRP A 404 6.29 -19.38 -26.55
N VAL A 405 6.39 -20.25 -27.55
CA VAL A 405 6.89 -21.60 -27.33
C VAL A 405 8.01 -21.95 -28.29
N ALA A 406 9.07 -22.56 -27.76
CA ALA A 406 10.20 -22.99 -28.58
C ALA A 406 10.46 -24.47 -28.37
N LEU A 407 10.44 -25.24 -29.45
CA LEU A 407 10.58 -26.68 -29.35
C LEU A 407 12.03 -27.08 -29.13
N GLY A 408 12.22 -28.15 -28.37
CA GLY A 408 13.56 -28.68 -28.12
C GLY A 408 14.10 -29.38 -29.36
N ARG A 409 15.41 -29.30 -29.55
CA ARG A 409 16.08 -29.96 -30.67
C ARG A 409 16.83 -31.19 -30.18
N ALA A 410 17.07 -32.12 -31.09
CA ALA A 410 17.79 -33.35 -30.75
C ALA A 410 19.21 -33.06 -30.30
N ASP A 411 19.74 -31.91 -30.71
CA ASP A 411 21.11 -31.56 -30.41
C ASP A 411 21.24 -30.82 -29.07
N GLY A 412 20.12 -30.67 -28.36
CA GLY A 412 20.12 -30.04 -27.05
C GLY A 412 19.78 -28.55 -27.11
N GLY A 413 19.71 -28.01 -28.32
CA GLY A 413 19.39 -26.61 -28.51
C GLY A 413 17.89 -26.41 -28.70
N PHE A 414 17.49 -25.19 -29.03
CA PHE A 414 16.09 -24.87 -29.24
C PHE A 414 15.87 -24.18 -30.58
N ASP A 415 14.69 -24.36 -31.13
CA ASP A 415 14.30 -23.67 -32.36
C ASP A 415 13.76 -22.28 -32.03
N ALA A 416 13.39 -21.53 -33.06
CA ALA A 416 12.82 -20.21 -32.86
C ALA A 416 11.49 -20.32 -32.11
N PRO A 417 11.25 -19.43 -31.15
CA PRO A 417 9.97 -19.32 -30.51
C PRO A 417 8.88 -18.92 -31.49
N TYR A 418 7.69 -19.46 -31.29
CA TYR A 418 6.51 -19.06 -32.04
C TYR A 418 5.37 -18.78 -31.09
N THR A 419 4.43 -17.95 -31.50
CA THR A 419 3.30 -17.64 -30.64
C THR A 419 2.36 -18.83 -30.53
N ALA A 420 2.12 -19.27 -29.31
CA ALA A 420 1.21 -20.39 -29.06
C ALA A 420 -0.13 -19.88 -28.61
N TRP A 421 -0.14 -18.70 -28.01
CA TRP A 421 -1.36 -18.05 -27.58
C TRP A 421 -1.16 -16.54 -27.45
N SER A 422 -2.22 -15.78 -27.67
CA SER A 422 -2.16 -14.33 -27.51
C SER A 422 -3.51 -13.75 -27.16
N THR A 423 -3.49 -12.58 -26.53
CA THR A 423 -4.73 -11.87 -26.19
C THR A 423 -4.59 -10.37 -26.43
N PRO A 424 -5.68 -9.72 -26.86
CA PRO A 424 -5.73 -8.28 -26.94
C PRO A 424 -5.55 -7.64 -25.57
N ALA A 425 -5.02 -6.42 -25.57
CA ALA A 425 -4.81 -5.67 -24.34
C ALA A 425 -6.12 -5.48 -23.59
N GLY A 426 -6.05 -5.55 -22.27
CA GLY A 426 -7.22 -5.38 -21.43
C GLY A 426 -7.74 -6.72 -20.92
N GLY A 427 -7.19 -7.81 -21.47
CA GLY A 427 -7.56 -9.15 -21.03
C GLY A 427 -6.73 -9.58 -19.83
N PHE A 428 -5.51 -10.04 -20.10
CA PHE A 428 -4.59 -10.45 -19.04
C PHE A 428 -3.46 -9.45 -18.89
N HIS A 429 -2.91 -9.36 -17.68
CA HIS A 429 -1.80 -8.45 -17.42
C HIS A 429 -0.62 -9.20 -16.83
N ILE A 430 0.57 -8.90 -17.34
CA ILE A 430 1.76 -9.65 -16.97
C ILE A 430 2.12 -9.50 -15.50
N SER A 431 1.68 -8.40 -14.89
CA SER A 431 2.00 -8.12 -13.49
C SER A 431 1.19 -8.98 -12.54
N TYR A 432 0.10 -9.57 -13.03
CA TYR A 432 -0.80 -10.32 -12.17
C TYR A 432 -0.66 -11.82 -12.37
N MET A 433 -0.21 -12.23 -13.55
CA MET A 433 -0.09 -13.64 -13.87
C MET A 433 1.10 -14.28 -13.18
N THR A 434 0.91 -15.50 -12.70
CA THR A 434 1.99 -16.28 -12.09
C THR A 434 1.98 -17.72 -12.61
N PRO A 435 2.53 -17.91 -13.82
CA PRO A 435 2.34 -19.13 -14.56
C PRO A 435 3.09 -20.30 -13.96
N HIS A 436 2.53 -21.51 -14.12
CA HIS A 436 3.19 -22.74 -13.73
C HIS A 436 3.12 -23.75 -14.86
N ALA A 437 4.20 -24.48 -15.08
CA ALA A 437 4.21 -25.50 -16.12
C ALA A 437 4.03 -26.88 -15.53
N GLY A 438 3.43 -27.76 -16.31
CA GLY A 438 3.25 -29.16 -15.90
C GLY A 438 2.09 -29.77 -16.66
N ASP A 439 1.91 -31.06 -16.52
CA ASP A 439 0.79 -31.72 -17.18
C ASP A 439 -0.42 -31.79 -16.28
N PHE A 440 -1.28 -30.77 -16.35
CA PHE A 440 -2.41 -30.67 -15.45
C PHE A 440 -3.62 -31.42 -15.99
N ASN A 441 -3.70 -31.54 -17.32
CA ASN A 441 -4.82 -32.23 -17.96
C ASN A 441 -4.64 -33.74 -17.94
N GLY A 442 -3.38 -34.19 -17.96
CA GLY A 442 -3.07 -35.62 -17.98
C GLY A 442 -3.23 -36.20 -19.37
N ASP A 443 -3.10 -35.35 -20.40
CA ASP A 443 -3.29 -35.77 -21.78
C ASP A 443 -1.98 -36.16 -22.45
N GLY A 444 -0.88 -36.12 -21.71
CA GLY A 444 0.41 -36.54 -22.24
C GLY A 444 1.20 -35.36 -22.79
N ARG A 445 0.69 -34.15 -22.59
CA ARG A 445 1.40 -32.95 -23.00
C ARG A 445 1.36 -31.92 -21.90
N ASP A 446 2.48 -31.27 -21.64
CA ASP A 446 2.54 -30.26 -20.61
C ASP A 446 1.70 -29.07 -20.98
N ASP A 447 1.17 -28.40 -19.99
CA ASP A 447 0.36 -27.22 -20.19
C ASP A 447 0.60 -26.19 -19.10
N VAL A 448 -0.08 -25.06 -19.17
CA VAL A 448 0.25 -23.93 -18.30
C VAL A 448 -0.92 -23.54 -17.42
N ALA A 449 -0.67 -23.42 -16.13
CA ALA A 449 -1.67 -22.93 -15.18
C ALA A 449 -1.22 -21.59 -14.62
N VAL A 450 -2.17 -20.69 -14.41
CA VAL A 450 -1.84 -19.35 -13.93
C VAL A 450 -2.58 -19.00 -12.66
N TRP A 451 -1.84 -18.59 -11.65
CA TRP A 451 -2.43 -18.06 -10.42
C TRP A 451 -2.61 -16.57 -10.55
N TYR A 452 -3.80 -16.14 -10.97
CA TYR A 452 -4.02 -14.75 -11.33
C TYR A 452 -4.54 -13.95 -10.17
N ALA A 453 -3.78 -12.96 -9.74
CA ALA A 453 -4.20 -12.09 -8.65
C ALA A 453 -4.83 -10.81 -9.19
N TYR A 454 -6.10 -10.61 -8.87
CA TYR A 454 -6.84 -9.47 -9.37
C TYR A 454 -6.60 -8.24 -8.52
N ALA A 455 -6.74 -7.07 -9.12
CA ALA A 455 -6.51 -5.81 -8.42
C ALA A 455 -7.50 -5.63 -7.27
N ASP A 456 -8.66 -6.28 -7.37
CA ASP A 456 -9.70 -6.13 -6.37
C ASP A 456 -9.53 -7.12 -5.23
N GLY A 457 -8.45 -7.91 -5.28
CA GLY A 457 -8.11 -8.81 -4.19
C GLY A 457 -8.56 -10.25 -4.43
N SER A 458 -9.39 -10.46 -5.45
CA SER A 458 -9.87 -11.80 -5.76
C SER A 458 -8.81 -12.62 -6.49
N THR A 459 -8.97 -13.93 -6.48
CA THR A 459 -8.03 -14.84 -7.14
C THR A 459 -8.73 -15.89 -7.98
N LYS A 460 -8.15 -16.20 -9.14
CA LYS A 460 -8.63 -17.32 -9.95
C LYS A 460 -7.47 -18.12 -10.54
N LEU A 461 -7.64 -19.43 -10.63
CA LEU A 461 -6.70 -20.27 -11.34
C LEU A 461 -7.15 -20.54 -12.77
N TRP A 462 -6.32 -20.13 -13.73
CA TRP A 462 -6.62 -20.33 -15.15
C TRP A 462 -5.76 -21.43 -15.73
N THR A 463 -6.33 -22.23 -16.63
CA THR A 463 -5.56 -23.30 -17.26
C THR A 463 -5.56 -23.16 -18.78
N PHE A 464 -4.36 -23.24 -19.36
CA PHE A 464 -4.18 -23.23 -20.80
C PHE A 464 -3.77 -24.62 -21.28
N THR A 465 -4.71 -25.39 -21.78
CA THR A 465 -4.41 -26.76 -22.19
C THR A 465 -3.69 -26.76 -23.52
N SER A 466 -2.98 -27.84 -23.80
CA SER A 466 -2.18 -27.93 -25.02
C SER A 466 -2.87 -28.73 -26.09
N THR A 467 -2.66 -28.34 -27.34
CA THR A 467 -3.16 -29.06 -28.48
C THR A 467 -2.05 -29.85 -29.15
N ASP A 468 -2.40 -30.68 -30.11
CA ASP A 468 -1.41 -31.51 -30.79
C ASP A 468 -0.67 -30.71 -31.86
N ARG A 469 -0.99 -29.42 -31.96
CA ARG A 469 -0.30 -28.53 -32.87
C ARG A 469 0.83 -27.81 -32.16
N GLY A 470 0.93 -28.02 -30.85
CA GLY A 470 1.93 -27.34 -30.02
C GLY A 470 1.42 -26.01 -29.52
N THR A 471 0.18 -25.68 -29.89
CA THR A 471 -0.43 -24.42 -29.50
C THR A 471 -1.27 -24.59 -28.24
N PHE A 472 -1.69 -23.47 -27.66
CA PHE A 472 -2.51 -23.52 -26.45
C PHE A 472 -3.94 -23.11 -26.74
N ASN A 473 -4.87 -23.68 -25.99
CA ASN A 473 -6.27 -23.31 -26.10
C ASN A 473 -6.56 -22.07 -25.29
N ALA A 474 -7.79 -21.59 -25.36
CA ALA A 474 -8.20 -20.47 -24.53
C ALA A 474 -8.18 -20.88 -23.07
N PRO A 475 -7.79 -19.97 -22.19
CA PRO A 475 -7.77 -20.23 -20.78
C PRO A 475 -9.17 -20.35 -20.22
N PHE A 476 -9.34 -21.22 -19.24
CA PHE A 476 -10.57 -21.28 -18.48
C PHE A 476 -10.28 -21.32 -17.00
N SER A 477 -11.17 -20.75 -16.21
CA SER A 477 -10.99 -20.72 -14.77
C SER A 477 -11.60 -21.95 -14.12
N SER A 478 -11.15 -22.25 -12.91
CA SER A 478 -11.75 -23.31 -12.12
C SER A 478 -11.90 -22.88 -10.66
N TRP A 479 -10.88 -23.15 -9.86
CA TRP A 479 -10.88 -22.73 -8.47
C TRP A 479 -10.72 -21.23 -8.36
N SER A 480 -11.43 -20.64 -7.40
CA SER A 480 -11.36 -19.21 -7.17
C SER A 480 -11.56 -18.89 -5.71
N ALA A 481 -11.19 -17.68 -5.32
CA ALA A 481 -11.37 -17.22 -3.95
C ALA A 481 -11.82 -15.77 -3.90
N PRO A 482 -12.65 -15.42 -2.90
CA PRO A 482 -13.08 -14.07 -2.70
C PRO A 482 -11.96 -13.21 -2.17
N SER A 483 -12.08 -11.90 -2.37
CA SER A 483 -11.08 -10.97 -1.85
C SER A 483 -11.05 -11.00 -0.34
N GLY A 484 -9.86 -10.88 0.21
CA GLY A 484 -9.69 -10.87 1.66
C GLY A 484 -9.32 -12.25 2.19
N SER A 485 -9.34 -13.24 1.30
CA SER A 485 -8.98 -14.60 1.69
C SER A 485 -7.52 -14.88 1.40
N TRP A 486 -7.22 -15.37 0.21
CA TRP A 486 -5.84 -15.66 -0.17
C TRP A 486 -5.11 -14.40 -0.58
N LEU A 487 -3.97 -14.15 0.03
CA LEU A 487 -3.15 -12.99 -0.31
C LEU A 487 -1.97 -13.40 -1.17
N ARG A 488 -1.85 -12.79 -2.33
CA ARG A 488 -0.82 -13.18 -3.29
C ARG A 488 0.58 -13.02 -2.73
N SER A 489 0.77 -12.04 -1.85
CA SER A 489 2.08 -11.74 -1.32
C SER A 489 2.58 -12.81 -0.35
N ARG A 490 1.67 -13.68 0.09
CA ARG A 490 2.01 -14.71 1.07
C ARG A 490 2.06 -16.10 0.46
N VAL A 491 2.00 -16.16 -0.87
CA VAL A 491 1.95 -17.43 -1.59
C VAL A 491 3.28 -17.81 -2.24
N LYS A 492 3.86 -18.92 -1.79
CA LYS A 492 4.99 -19.53 -2.47
C LYS A 492 4.58 -20.88 -3.06
N SER A 493 4.50 -20.95 -4.38
CA SER A 493 3.87 -22.11 -5.02
C SER A 493 4.88 -23.01 -5.70
N VAL A 494 4.61 -24.31 -5.66
CA VAL A 494 5.33 -25.31 -6.45
C VAL A 494 4.33 -26.22 -7.14
N VAL A 495 4.78 -26.96 -8.14
CA VAL A 495 3.89 -27.92 -8.79
C VAL A 495 4.53 -29.29 -8.93
N GLY A 496 3.68 -30.31 -9.07
CA GLY A 496 4.13 -31.68 -9.27
C GLY A 496 2.96 -32.64 -9.07
N ASP A 497 3.20 -33.91 -9.29
CA ASP A 497 2.17 -34.93 -9.09
C ASP A 497 2.29 -35.56 -7.71
N PHE A 498 1.55 -35.04 -6.74
CA PHE A 498 1.82 -35.34 -5.34
C PHE A 498 1.08 -36.59 -4.83
N ASP A 499 0.14 -37.10 -5.63
CA ASP A 499 -0.58 -38.30 -5.23
C ASP A 499 -0.50 -39.41 -6.29
N GLY A 500 0.24 -39.17 -7.36
CA GLY A 500 0.56 -40.21 -8.34
C GLY A 500 -0.64 -40.61 -9.18
N ASP A 501 -1.58 -39.68 -9.39
CA ASP A 501 -2.79 -39.98 -10.14
C ASP A 501 -2.61 -39.69 -11.64
N GLY A 502 -1.42 -39.28 -12.02
CA GLY A 502 -1.11 -39.07 -13.43
C GLY A 502 -1.36 -37.63 -13.88
N ARG A 503 -1.75 -36.77 -12.95
CA ARG A 503 -1.94 -35.36 -13.25
C ARG A 503 -1.16 -34.48 -12.28
N ASP A 504 -0.41 -33.54 -12.82
CA ASP A 504 0.31 -32.58 -12.01
C ASP A 504 -0.65 -31.63 -11.35
N ASP A 505 -0.28 -31.11 -10.19
CA ASP A 505 -1.13 -30.17 -9.49
C ASP A 505 -0.32 -29.18 -8.67
N LEU A 506 -1.02 -28.26 -8.00
CA LEU A 506 -0.35 -27.18 -7.29
C LEU A 506 -0.25 -27.44 -5.82
N SER A 507 0.75 -26.87 -5.18
CA SER A 507 0.78 -26.78 -3.74
C SER A 507 1.31 -25.44 -3.31
N VAL A 508 0.79 -24.93 -2.20
CA VAL A 508 1.14 -23.61 -1.74
C VAL A 508 1.66 -23.60 -0.33
N PHE A 509 2.81 -23.00 -0.14
CA PHE A 509 3.34 -22.78 1.19
C PHE A 509 2.96 -21.39 1.67
N TYR A 510 1.90 -21.32 2.46
CA TYR A 510 1.28 -20.05 2.82
C TYR A 510 1.84 -19.51 4.12
N GLY A 511 2.12 -18.21 4.15
CA GLY A 511 2.61 -17.56 5.36
C GLY A 511 1.46 -17.20 6.29
N GLN A 512 1.31 -17.97 7.36
CA GLN A 512 0.13 -17.87 8.21
C GLN A 512 0.27 -16.82 9.30
N GLY A 513 0.25 -15.54 8.90
CA GLY A 513 0.11 -14.43 9.86
C GLY A 513 1.37 -14.22 10.69
N ASP A 514 1.74 -15.24 11.46
CA ASP A 514 2.89 -15.17 12.35
C ASP A 514 4.13 -15.74 11.67
N ASP A 515 4.06 -15.86 10.36
CA ASP A 515 5.15 -16.38 9.55
C ASP A 515 5.40 -17.86 9.82
N THR A 516 4.36 -18.58 10.21
CA THR A 516 4.43 -20.02 10.22
C THR A 516 4.03 -20.55 8.85
N VAL A 517 4.31 -21.82 8.59
CA VAL A 517 4.12 -22.37 7.26
C VAL A 517 3.00 -23.39 7.21
N LYS A 518 2.04 -23.18 6.32
CA LYS A 518 0.98 -24.16 6.09
C LYS A 518 0.89 -24.51 4.62
N THR A 519 1.01 -25.80 4.32
CA THR A 519 1.09 -26.26 2.94
C THR A 519 -0.25 -26.79 2.45
N TYR A 520 -0.76 -26.18 1.39
CA TYR A 520 -1.99 -26.63 0.76
C TYR A 520 -1.70 -27.33 -0.54
N VAL A 521 -2.54 -28.28 -0.90
CA VAL A 521 -2.45 -28.92 -2.22
C VAL A 521 -3.75 -28.78 -2.98
N PHE A 522 -3.64 -28.53 -4.28
CA PHE A 522 -4.80 -28.28 -5.14
C PHE A 522 -4.88 -29.33 -6.24
N PRO A 523 -5.48 -30.49 -5.96
CA PRO A 523 -5.49 -31.60 -6.88
C PRO A 523 -6.09 -31.19 -8.21
N ALA A 524 -5.57 -31.74 -9.30
CA ALA A 524 -6.04 -31.40 -10.62
C ALA A 524 -7.26 -32.21 -11.00
N ALA A 525 -8.27 -31.54 -11.54
CA ALA A 525 -9.45 -32.20 -12.04
C ALA A 525 -9.14 -32.92 -13.35
N PRO A 526 -9.96 -33.92 -13.70
CA PRO A 526 -9.82 -34.61 -14.96
C PRO A 526 -9.91 -33.66 -16.16
N ASP A 527 -10.54 -32.51 -15.96
CA ASP A 527 -10.72 -31.56 -17.06
C ASP A 527 -9.59 -30.52 -17.12
N GLY A 528 -8.59 -30.69 -16.26
CA GLY A 528 -7.42 -29.81 -16.26
C GLY A 528 -7.54 -28.68 -15.24
N GLY A 529 -8.73 -28.52 -14.67
CA GLY A 529 -8.94 -27.48 -13.67
C GLY A 529 -8.46 -27.94 -12.30
N PHE A 530 -8.70 -27.13 -11.28
CA PHE A 530 -8.23 -27.45 -9.94
C PHE A 530 -9.38 -27.51 -8.95
N THR A 531 -9.23 -28.37 -7.94
CA THR A 531 -10.27 -28.57 -6.93
C THR A 531 -9.95 -27.84 -5.64
N THR A 532 -10.88 -27.87 -4.70
CA THR A 532 -10.71 -27.24 -3.40
C THR A 532 -9.45 -27.78 -2.70
N PRO A 533 -8.59 -26.88 -2.21
CA PRO A 533 -7.34 -27.25 -1.59
C PRO A 533 -7.53 -27.90 -0.24
N ALA A 534 -6.53 -28.67 0.17
CA ALA A 534 -6.49 -29.24 1.53
C ALA A 534 -5.08 -29.19 2.08
N VAL A 535 -4.96 -29.12 3.39
CA VAL A 535 -3.65 -29.00 4.03
C VAL A 535 -2.96 -30.34 4.15
N TRP A 536 -1.74 -30.43 3.64
CA TRP A 536 -0.96 -31.66 3.68
C TRP A 536 0.14 -31.60 4.72
N TRP A 537 0.54 -30.40 5.12
CA TRP A 537 1.64 -30.24 6.05
C TRP A 537 1.62 -28.86 6.67
N GLN A 538 1.95 -28.79 7.95
CA GLN A 538 2.09 -27.51 8.62
C GLN A 538 3.11 -27.58 9.74
N SER A 539 3.84 -26.49 9.95
CA SER A 539 4.79 -26.41 11.04
C SER A 539 4.98 -24.99 11.52
N ALA A 540 5.13 -24.82 12.82
CA ALA A 540 5.39 -23.52 13.41
C ALA A 540 6.84 -23.41 13.87
N SER A 541 7.64 -24.41 13.51
CA SER A 541 9.03 -24.47 13.96
C SER A 541 9.96 -23.73 13.02
N LEU A 542 9.44 -23.32 11.86
CA LEU A 542 10.27 -22.67 10.85
C LEU A 542 9.63 -21.38 10.33
N ASP A 543 10.46 -20.39 10.05
CA ASP A 543 10.00 -19.08 9.61
C ASP A 543 9.73 -19.04 8.11
N TRP A 544 8.49 -18.72 7.75
CA TRP A 544 8.05 -18.72 6.36
C TRP A 544 8.93 -17.84 5.48
N ASN A 545 9.45 -16.76 6.05
CA ASN A 545 10.22 -15.80 5.27
C ASN A 545 11.57 -16.36 4.86
N ARG A 546 11.95 -17.49 5.46
CA ARG A 546 13.24 -18.08 5.21
C ARG A 546 13.13 -19.41 4.45
N THR A 547 11.92 -19.74 3.99
CA THR A 547 11.69 -20.99 3.29
C THR A 547 11.57 -20.80 1.79
N THR A 548 12.27 -21.65 1.03
CA THR A 548 12.11 -21.70 -0.42
C THR A 548 11.82 -23.12 -0.89
N PRO A 549 10.53 -23.45 -1.07
CA PRO A 549 10.09 -24.79 -1.34
C PRO A 549 10.47 -25.24 -2.74
N HIS A 550 10.74 -26.54 -2.90
CA HIS A 550 10.95 -27.15 -4.21
C HIS A 550 10.23 -28.50 -4.30
N ALA A 551 9.82 -28.87 -5.50
CA ALA A 551 9.06 -30.11 -5.67
C ALA A 551 9.75 -31.10 -6.60
N GLY A 552 9.60 -32.39 -6.30
CA GLY A 552 10.12 -33.46 -7.14
C GLY A 552 10.00 -34.80 -6.43
N ASP A 553 10.27 -35.88 -7.15
CA ASP A 553 10.20 -37.23 -6.56
C ASP A 553 11.57 -37.65 -6.05
N PHE A 554 11.79 -37.48 -4.76
CA PHE A 554 13.15 -37.58 -4.22
C PHE A 554 13.46 -38.94 -3.64
N ASN A 555 12.56 -39.91 -3.84
CA ASN A 555 12.85 -41.27 -3.40
C ASN A 555 12.37 -42.32 -4.40
N GLY A 556 11.89 -41.87 -5.55
CA GLY A 556 11.52 -42.79 -6.64
C GLY A 556 10.21 -43.52 -6.36
N ASP A 557 9.31 -42.87 -5.64
CA ASP A 557 8.02 -43.48 -5.29
C ASP A 557 7.06 -43.54 -6.46
N GLY A 558 7.24 -42.62 -7.41
CA GLY A 558 6.29 -42.47 -8.50
C GLY A 558 5.33 -41.33 -8.22
N ARG A 559 5.40 -40.80 -7.00
CA ARG A 559 4.61 -39.63 -6.62
C ARG A 559 5.52 -38.57 -6.02
N ASP A 560 5.34 -37.34 -6.48
CA ASP A 560 6.23 -36.25 -6.12
C ASP A 560 6.07 -35.83 -4.68
N ASP A 561 7.09 -35.20 -4.14
CA ASP A 561 7.07 -34.64 -2.80
C ASP A 561 7.91 -33.38 -2.76
N THR A 562 8.02 -32.76 -1.60
CA THR A 562 8.66 -31.45 -1.54
C THR A 562 9.77 -31.38 -0.53
N LEU A 563 10.71 -30.48 -0.76
CA LEU A 563 11.71 -30.12 0.22
C LEU A 563 11.74 -28.63 0.41
N VAL A 564 12.16 -28.18 1.57
CA VAL A 564 12.28 -26.77 1.84
C VAL A 564 13.71 -26.38 2.13
N TRP A 565 14.26 -25.46 1.33
CA TRP A 565 15.56 -24.91 1.61
C TRP A 565 15.41 -23.80 2.63
N TYR A 566 16.13 -23.91 3.74
CA TYR A 566 15.95 -22.98 4.84
C TYR A 566 17.21 -22.19 5.12
N ASP A 567 17.08 -20.87 5.15
CA ASP A 567 18.19 -19.97 5.43
C ASP A 567 18.20 -19.54 6.89
N TYR A 568 19.10 -20.14 7.68
CA TYR A 568 19.11 -19.90 9.13
C TYR A 568 19.72 -18.55 9.48
N PRO A 569 19.34 -17.99 10.63
CA PRO A 569 19.96 -16.78 11.15
C PRO A 569 21.44 -16.98 11.42
N ASP A 570 21.86 -18.23 11.52
CA ASP A 570 23.25 -18.55 11.86
C ASP A 570 24.19 -18.41 10.67
N GLY A 571 23.60 -18.20 9.49
CA GLY A 571 24.40 -18.06 8.27
C GLY A 571 24.52 -19.39 7.54
N SER A 572 24.05 -20.45 8.18
CA SER A 572 24.04 -21.77 7.56
C SER A 572 22.70 -22.04 6.93
N ASP A 573 22.61 -23.08 6.13
CA ASP A 573 21.34 -23.48 5.56
C ASP A 573 21.23 -24.98 5.43
N LYS A 574 20.01 -25.45 5.23
CA LYS A 574 19.72 -26.88 5.16
C LYS A 574 18.53 -27.12 4.26
N THR A 575 18.37 -28.36 3.81
CA THR A 575 17.15 -28.76 3.14
C THR A 575 16.42 -29.81 3.93
N SER A 576 15.15 -29.59 4.16
CA SER A 576 14.31 -30.56 4.83
C SER A 576 13.35 -31.19 3.84
N THR A 577 13.36 -32.52 3.78
CA THR A 577 12.53 -33.24 2.82
C THR A 577 11.32 -33.86 3.47
N MET A 578 10.14 -33.60 2.90
CA MET A 578 8.92 -34.20 3.39
C MET A 578 8.32 -35.11 2.34
N LEU A 579 8.49 -36.41 2.53
CA LEU A 579 8.08 -37.38 1.52
C LEU A 579 6.57 -37.58 1.53
N SER A 580 6.00 -37.76 0.35
CA SER A 580 4.56 -37.96 0.22
C SER A 580 4.18 -39.38 0.61
N GLU A 581 3.11 -39.51 1.39
CA GLU A 581 2.63 -40.81 1.79
C GLU A 581 1.13 -40.79 2.03
N ARG A 582 0.50 -41.97 1.97
CA ARG A 582 -0.91 -42.10 2.29
C ARG A 582 -1.09 -42.96 3.51
N VAL A 583 -1.68 -42.39 4.55
CA VAL A 583 -1.89 -43.12 5.79
C VAL A 583 -3.36 -43.10 6.19
N SER A 584 -3.92 -44.28 6.41
CA SER A 584 -5.33 -44.42 6.75
C SER A 584 -6.22 -43.77 5.70
N GLY A 585 -5.79 -43.84 4.44
CA GLY A 585 -6.58 -43.34 3.33
C GLY A 585 -6.39 -41.83 3.13
N LYS A 586 -5.63 -41.20 4.01
CA LYS A 586 -5.42 -39.76 3.95
C LYS A 586 -4.06 -39.41 3.35
N ASP A 587 -4.09 -38.57 2.32
CA ASP A 587 -2.85 -38.10 1.70
C ASP A 587 -2.26 -36.94 2.47
N ARG A 588 -0.98 -37.03 2.76
CA ARG A 588 -0.26 -35.95 3.43
C ARG A 588 1.24 -36.09 3.24
N PHE A 589 1.98 -35.06 3.59
CA PHE A 589 3.43 -35.14 3.59
C PHE A 589 3.91 -35.65 4.94
N GLY A 590 4.94 -36.47 4.93
CA GLY A 590 5.45 -37.09 6.14
C GLY A 590 6.32 -36.13 6.93
N SER A 591 6.87 -36.61 8.04
CA SER A 591 7.70 -35.79 8.89
C SER A 591 8.94 -35.31 8.16
N ALA A 592 9.31 -34.06 8.38
CA ALA A 592 10.48 -33.48 7.73
C ALA A 592 11.76 -34.01 8.34
N LYS A 593 12.75 -34.26 7.48
CA LYS A 593 14.09 -34.61 7.94
C LYS A 593 15.14 -33.84 7.16
N VAL A 594 16.27 -33.58 7.80
CA VAL A 594 17.35 -32.86 7.11
C VAL A 594 18.12 -33.80 6.21
N THR A 595 18.15 -33.45 4.92
CA THR A 595 18.81 -34.28 3.94
C THR A 595 20.07 -33.62 3.41
N LEU A 596 20.16 -32.30 3.57
CA LEU A 596 21.34 -31.55 3.17
C LEU A 596 21.65 -30.46 4.19
N SER A 597 22.93 -30.26 4.47
CA SER A 597 23.34 -29.15 5.34
C SER A 597 24.70 -28.63 4.94
N SER A 598 24.95 -27.36 5.25
CA SER A 598 26.25 -26.74 4.98
C SER A 598 26.73 -25.94 6.18
N PRO A 599 28.05 -25.69 6.26
CA PRO A 599 28.60 -24.80 7.25
C PRO A 599 28.07 -23.38 7.07
N PRO A 600 28.09 -22.57 8.13
CA PRO A 600 27.75 -21.19 8.06
C PRO A 600 28.63 -20.45 7.06
N GLY A 601 28.01 -19.64 6.21
CA GLY A 601 28.76 -18.80 5.29
C GLY A 601 29.21 -19.56 4.05
N ASN A 602 28.86 -20.84 3.97
CA ASN A 602 29.31 -21.67 2.85
C ASN A 602 28.48 -21.38 1.60
N LEU A 603 27.19 -21.12 1.79
CA LEU A 603 26.30 -20.77 0.69
C LEU A 603 25.38 -19.62 1.06
N ASP A 604 25.17 -18.72 0.11
CA ASP A 604 24.21 -17.63 0.29
C ASP A 604 22.98 -17.86 -0.59
N VAL A 605 21.84 -18.04 0.05
CA VAL A 605 20.63 -18.46 -0.66
C VAL A 605 20.14 -17.42 -1.67
N THR A 606 20.59 -16.18 -1.50
CA THR A 606 20.14 -15.10 -2.39
C THR A 606 21.13 -14.88 -3.54
N ARG A 607 22.19 -15.66 -3.57
CA ARG A 607 23.22 -15.52 -4.60
C ARG A 607 23.26 -16.73 -5.53
N MET A 608 22.26 -17.59 -5.45
CA MET A 608 22.22 -18.78 -6.30
C MET A 608 20.84 -19.08 -6.85
N GLN A 609 20.81 -19.65 -8.05
CA GLN A 609 19.56 -20.04 -8.68
C GLN A 609 19.38 -21.56 -8.64
N PHE A 610 18.17 -22.00 -8.31
CA PHE A 610 17.89 -23.42 -8.12
C PHE A 610 17.07 -24.00 -9.25
N LEU A 611 17.35 -25.26 -9.60
CA LEU A 611 16.50 -26.01 -10.51
C LEU A 611 16.58 -27.51 -10.20
N THR A 612 15.43 -28.16 -10.11
CA THR A 612 15.38 -29.59 -9.80
C THR A 612 15.21 -30.44 -11.05
N GLY A 613 15.48 -31.73 -10.94
CA GLY A 613 15.29 -32.66 -12.04
C GLY A 613 16.07 -33.95 -11.79
N ASP A 614 15.96 -34.90 -12.71
CA ASP A 614 16.70 -36.15 -12.59
C ASP A 614 17.95 -36.12 -13.45
N TYR A 615 19.07 -35.70 -12.87
CA TYR A 615 20.24 -35.35 -13.67
C TYR A 615 21.07 -36.55 -14.09
N ASP A 616 21.08 -37.60 -13.28
CA ASP A 616 21.85 -38.79 -13.65
C ASP A 616 20.96 -39.91 -14.19
N GLY A 617 19.65 -39.67 -14.21
CA GLY A 617 18.71 -40.58 -14.86
C GLY A 617 18.50 -41.87 -14.07
N ASP A 618 18.65 -41.81 -12.75
CA ASP A 618 18.52 -43.01 -11.93
C ASP A 618 17.10 -43.21 -11.40
N GLY A 619 16.20 -42.32 -11.80
CA GLY A 619 14.78 -42.46 -11.45
C GLY A 619 14.40 -41.62 -10.23
N ARG A 620 15.39 -41.06 -9.56
CA ARG A 620 15.14 -40.21 -8.39
C ARG A 620 15.53 -38.78 -8.66
N ASP A 621 14.61 -37.86 -8.40
CA ASP A 621 14.86 -36.45 -8.63
C ASP A 621 15.90 -35.90 -7.68
N ASP A 622 16.65 -34.93 -8.15
CA ASP A 622 17.66 -34.26 -7.35
C ASP A 622 17.77 -32.81 -7.78
N LEU A 623 18.65 -32.05 -7.14
CA LEU A 623 18.69 -30.62 -7.40
C LEU A 623 20.08 -30.13 -7.72
N ALA A 624 20.15 -29.11 -8.56
CA ALA A 624 21.41 -28.49 -8.92
C ALA A 624 21.26 -26.99 -8.94
N THR A 625 22.37 -26.29 -8.71
CA THR A 625 22.33 -24.84 -8.63
C THR A 625 23.44 -24.19 -9.43
N LEU A 626 23.23 -22.93 -9.76
CA LEU A 626 24.29 -22.06 -10.23
C LEU A 626 24.53 -20.95 -9.22
N ASN A 627 25.62 -21.02 -8.48
CA ASN A 627 25.83 -20.08 -7.39
C ASN A 627 26.86 -19.03 -7.74
N HIS A 628 26.62 -17.81 -7.28
CA HIS A 628 27.52 -16.70 -7.52
C HIS A 628 28.48 -16.54 -6.35
N GLN A 629 29.75 -16.76 -6.60
CA GLN A 629 30.76 -16.78 -5.56
C GLN A 629 31.25 -15.39 -5.24
N ALA A 630 31.93 -15.24 -4.11
CA ALA A 630 32.36 -13.94 -3.64
C ALA A 630 33.27 -13.25 -4.65
N ASP A 631 34.02 -14.04 -5.41
CA ASP A 631 34.97 -13.49 -6.38
C ASP A 631 34.33 -13.31 -7.75
N GLY A 632 33.02 -13.54 -7.84
CA GLY A 632 32.27 -13.30 -9.07
C GLY A 632 32.15 -14.55 -9.93
N THR A 633 32.84 -15.61 -9.54
CA THR A 633 32.79 -16.87 -10.28
C THR A 633 31.43 -17.55 -10.14
N VAL A 634 30.94 -18.13 -11.23
CA VAL A 634 29.72 -18.92 -11.18
C VAL A 634 30.02 -20.40 -11.34
N LYS A 635 29.49 -21.20 -10.43
CA LYS A 635 29.82 -22.62 -10.39
C LYS A 635 28.57 -23.47 -10.27
N MET A 636 28.53 -24.57 -11.03
CA MET A 636 27.40 -25.51 -10.93
C MET A 636 27.67 -26.59 -9.90
N TRP A 637 26.66 -26.86 -9.08
CA TRP A 637 26.73 -27.98 -8.14
C TRP A 637 25.49 -28.86 -8.28
N THR A 638 25.69 -30.16 -8.17
CA THR A 638 24.55 -31.09 -8.15
C THR A 638 24.59 -32.01 -6.95
N TRP A 639 23.47 -32.09 -6.23
CA TRP A 639 23.34 -33.03 -5.12
C TRP A 639 22.38 -34.14 -5.48
N THR A 640 22.91 -35.33 -5.74
CA THR A 640 22.08 -36.45 -6.17
C THR A 640 21.34 -37.04 -4.98
N ALA A 641 20.27 -37.80 -5.27
CA ALA A 641 19.42 -38.33 -4.20
C ALA A 641 19.67 -39.81 -3.96
N ARG A 642 19.85 -40.16 -2.70
CA ARG A 642 19.99 -41.54 -2.27
C ARG A 642 18.61 -42.20 -2.18
N PRO A 643 18.55 -43.54 -2.12
CA PRO A 643 17.29 -44.26 -2.07
C PRO A 643 16.41 -43.84 -0.90
N ASP A 644 17.02 -43.29 0.15
CA ASP A 644 16.28 -42.88 1.35
C ASP A 644 16.00 -41.39 1.36
N ALA A 645 16.19 -40.75 0.21
CA ALA A 645 15.94 -39.31 0.04
C ALA A 645 16.97 -38.44 0.74
N MET A 646 18.03 -39.07 1.24
CA MET A 646 19.20 -38.32 1.68
C MET A 646 20.00 -37.87 0.49
N PHE A 647 20.60 -36.70 0.57
CA PHE A 647 21.40 -36.20 -0.54
C PHE A 647 22.84 -36.58 -0.40
N ASN A 648 23.51 -36.75 -1.53
CA ASN A 648 24.95 -36.96 -1.52
C ASN A 648 25.68 -35.64 -1.48
N GLY A 649 27.00 -35.69 -1.43
CA GLY A 649 27.78 -34.48 -1.47
C GLY A 649 27.66 -33.83 -2.85
N GLY A 650 27.82 -32.52 -2.90
CA GLY A 650 27.69 -31.80 -4.16
C GLY A 650 28.82 -32.17 -5.11
N ILE A 651 28.48 -32.33 -6.38
CA ILE A 651 29.48 -32.61 -7.39
C ILE A 651 29.66 -31.42 -8.31
N ALA A 652 30.88 -30.91 -8.38
CA ALA A 652 31.15 -29.73 -9.19
C ALA A 652 31.02 -30.02 -10.68
N GLY A 653 30.44 -29.08 -11.40
CA GLY A 653 30.31 -29.18 -12.85
C GLY A 653 31.00 -28.01 -13.56
N TRP A 654 30.33 -27.48 -14.57
CA TRP A 654 30.85 -26.35 -15.34
C TRP A 654 30.95 -25.10 -14.48
N SER A 655 31.98 -24.30 -14.72
CA SER A 655 32.14 -23.02 -14.05
C SER A 655 32.77 -21.99 -14.97
N ALA A 656 32.60 -20.72 -14.64
CA ALA A 656 33.16 -19.65 -15.43
C ALA A 656 33.35 -18.38 -14.61
N PRO A 657 34.30 -17.52 -15.02
CA PRO A 657 34.44 -16.21 -14.45
C PRO A 657 33.32 -15.27 -14.88
N ALA A 658 33.13 -14.20 -14.13
CA ALA A 658 32.06 -13.23 -14.41
C ALA A 658 32.26 -12.56 -15.77
N SER A 659 33.48 -12.61 -16.27
CA SER A 659 33.79 -12.01 -17.56
C SER A 659 33.12 -12.76 -18.70
N SER A 660 32.68 -13.98 -18.42
CA SER A 660 32.00 -14.79 -19.42
C SER A 660 30.50 -14.89 -19.15
N TRP A 661 30.17 -15.35 -17.94
CA TRP A 661 28.77 -15.51 -17.55
C TRP A 661 28.42 -14.61 -16.38
N VAL A 662 27.54 -13.64 -16.62
CA VAL A 662 27.11 -12.73 -15.57
C VAL A 662 25.88 -13.28 -14.87
N PHE A 663 26.01 -13.52 -13.56
CA PHE A 663 24.97 -14.20 -12.80
C PHE A 663 23.65 -13.45 -12.83
N GLY A 664 23.70 -12.16 -12.61
CA GLY A 664 22.49 -11.38 -12.42
C GLY A 664 21.81 -11.02 -13.73
N SER A 665 22.40 -11.47 -14.84
CA SER A 665 21.88 -11.13 -16.15
C SER A 665 21.25 -12.35 -16.84
N ALA A 666 21.15 -13.46 -16.13
CA ALA A 666 20.59 -14.67 -16.72
C ALA A 666 19.49 -15.27 -15.84
N GLN A 667 18.44 -15.76 -16.48
CA GLN A 667 17.35 -16.43 -15.77
C GLN A 667 17.12 -17.83 -16.31
N PHE A 668 16.96 -18.79 -15.42
CA PHE A 668 16.77 -20.17 -15.82
C PHE A 668 15.33 -20.48 -16.11
N PHE A 669 15.10 -21.39 -17.05
CA PHE A 669 13.76 -21.87 -17.35
C PHE A 669 13.32 -22.85 -16.29
N THR A 670 12.21 -22.54 -15.63
CA THR A 670 11.77 -23.32 -14.49
C THR A 670 10.35 -23.83 -14.68
N THR A 671 9.90 -24.60 -13.72
CA THR A 671 8.56 -25.17 -13.77
C THR A 671 7.62 -24.38 -12.86
N TYR A 672 8.21 -23.63 -11.95
CA TYR A 672 7.46 -22.77 -11.03
C TYR A 672 8.33 -21.58 -10.59
N PRO A 673 7.71 -20.42 -10.41
CA PRO A 673 8.44 -19.19 -10.21
C PRO A 673 9.27 -19.21 -8.94
N LYS A 674 10.45 -18.56 -8.98
CA LYS A 674 11.33 -18.43 -7.83
C LYS A 674 11.72 -19.81 -7.28
N PRO B 4 38.84 23.56 51.97
CA PRO B 4 38.19 24.85 51.86
C PRO B 4 36.86 24.75 51.12
N ALA B 5 35.90 25.59 51.52
CA ALA B 5 34.59 25.61 50.90
C ALA B 5 34.64 26.28 49.53
N VAL B 6 33.73 25.87 48.66
CA VAL B 6 33.59 26.48 47.34
C VAL B 6 32.64 27.67 47.38
N THR B 7 33.04 28.77 46.76
CA THR B 7 32.21 29.97 46.70
C THR B 7 30.89 29.68 45.99
N GLU B 8 29.79 30.17 46.57
CA GLU B 8 28.47 29.92 46.01
C GLU B 8 28.40 30.34 44.54
N GLY B 9 27.84 29.45 43.72
CA GLY B 9 27.74 29.70 42.29
C GLY B 9 28.86 29.00 41.53
N GLY B 10 29.91 28.61 42.25
CA GLY B 10 31.03 27.90 41.64
C GLY B 10 30.73 26.42 41.51
N HIS B 11 31.27 25.80 40.46
CA HIS B 11 31.13 24.37 40.26
C HIS B 11 29.68 23.92 40.40
N ALA B 12 28.77 24.65 39.75
CA ALA B 12 27.35 24.33 39.78
C ALA B 12 27.10 22.98 39.13
N SER B 13 28.02 22.57 38.28
CA SER B 13 27.92 21.31 37.56
C SER B 13 28.17 20.12 38.47
N THR B 14 28.72 20.38 39.65
CA THR B 14 28.99 19.31 40.62
C THR B 14 27.75 18.97 41.39
N ALA B 15 27.37 17.69 41.37
CA ALA B 15 26.13 17.24 41.96
C ALA B 15 26.36 16.36 43.17
N ARG B 16 25.43 16.41 44.12
CA ARG B 16 25.37 15.46 45.21
C ARG B 16 24.35 14.39 44.92
N LEU B 17 24.69 13.14 45.20
CA LEU B 17 23.76 12.04 44.97
C LEU B 17 23.34 11.39 46.28
N ARG B 18 22.06 11.06 46.37
CA ARG B 18 21.51 10.37 47.52
C ARG B 18 20.91 9.04 47.12
N ILE B 19 21.51 7.95 47.59
CA ILE B 19 21.10 6.62 47.16
C ILE B 19 20.25 5.93 48.22
N GLY B 20 19.03 5.57 47.85
CA GLY B 20 18.10 4.91 48.74
C GLY B 20 17.64 5.86 49.83
N ASP B 21 17.20 5.30 50.95
CA ASP B 21 16.77 6.11 52.07
C ASP B 21 17.96 6.54 52.90
N ASP B 22 18.74 7.46 52.36
CA ASP B 22 19.99 7.91 52.98
C ASP B 22 20.87 6.71 53.34
N GLN B 23 20.99 5.77 52.41
CA GLN B 23 21.78 4.56 52.66
C GLN B 23 23.23 4.74 52.24
N ARG B 24 23.44 5.47 51.13
CA ARG B 24 24.78 5.75 50.65
C ARG B 24 24.91 7.18 50.16
N ALA B 25 26.11 7.74 50.30
CA ALA B 25 26.42 9.05 49.75
C ALA B 25 27.38 8.92 48.57
N CYS B 26 27.15 9.73 47.53
CA CYS B 26 27.99 9.70 46.33
C CYS B 26 27.97 11.08 45.66
N SER B 27 29.01 11.36 44.87
CA SER B 27 29.09 12.61 44.14
C SER B 27 29.15 12.35 42.64
N GLY B 28 28.93 13.40 41.85
CA GLY B 28 28.98 13.28 40.40
C GLY B 28 29.04 14.63 39.72
N VAL B 29 29.16 14.62 38.40
CA VAL B 29 29.26 15.84 37.62
C VAL B 29 28.30 15.83 36.44
N LEU B 30 27.76 17.00 36.11
CA LEU B 30 26.90 17.13 34.95
C LEU B 30 27.73 17.08 33.66
N VAL B 31 27.40 16.12 32.80
CA VAL B 31 28.12 15.93 31.55
C VAL B 31 27.28 16.39 30.37
N ALA B 32 25.98 16.16 30.48
CA ALA B 32 25.03 16.58 29.48
C ALA B 32 23.75 16.99 30.16
N ALA B 33 22.89 17.68 29.44
CA ALA B 33 21.71 18.26 30.07
C ALA B 33 20.95 17.21 30.87
N GLN B 34 20.91 15.98 30.37
CA GLN B 34 20.12 14.94 31.01
C GLN B 34 20.98 13.76 31.50
N TRP B 35 22.29 13.98 31.65
CA TRP B 35 23.19 12.91 32.10
C TRP B 35 24.19 13.37 33.17
N LEU B 36 24.39 12.52 34.17
CA LEU B 36 25.44 12.72 35.18
C LEU B 36 26.50 11.63 35.09
N ALA B 37 27.74 11.98 35.39
CA ALA B 37 28.80 11.00 35.51
C ALA B 37 29.19 10.81 36.98
N THR B 38 29.11 9.56 37.45
CA THR B 38 29.37 9.27 38.85
C THR B 38 30.31 8.07 38.99
N ALA B 39 30.78 7.83 40.21
CA ALA B 39 31.55 6.62 40.48
C ALA B 39 30.66 5.40 40.38
N ALA B 40 31.22 4.31 39.87
CA ALA B 40 30.48 3.06 39.76
C ALA B 40 30.49 2.32 41.09
N SER B 41 31.51 2.57 41.89
CA SER B 41 31.70 1.85 43.14
C SER B 41 30.58 2.11 44.16
N CYS B 42 29.91 3.27 44.03
CA CYS B 42 28.84 3.65 44.97
C CYS B 42 27.50 3.07 44.56
N PHE B 43 27.43 2.51 43.36
CA PHE B 43 26.22 1.86 42.87
C PHE B 43 26.38 0.35 42.80
N ALA B 44 27.53 -0.14 43.25
CA ALA B 44 27.81 -1.57 43.24
C ALA B 44 27.06 -2.26 44.38
N ASP B 45 26.71 -3.53 44.17
CA ASP B 45 26.03 -4.28 45.23
C ASP B 45 26.87 -4.30 46.49
N ASP B 46 28.17 -4.50 46.31
CA ASP B 46 29.13 -4.40 47.40
C ASP B 46 29.83 -3.07 47.38
N LEU B 47 29.53 -2.21 48.33
CA LEU B 47 30.02 -0.84 48.28
C LEU B 47 31.54 -0.80 48.21
N GLY B 48 32.05 -0.06 47.22
CA GLY B 48 33.48 0.17 47.09
C GLY B 48 34.15 -0.79 46.07
N ALA B 49 33.43 -1.84 45.68
CA ALA B 49 34.00 -2.82 44.75
C ALA B 49 32.93 -3.64 44.06
N GLY B 50 33.29 -4.24 42.93
CA GLY B 50 32.42 -5.20 42.26
C GLY B 50 31.58 -4.55 41.16
N PRO B 51 30.81 -5.36 40.45
CA PRO B 51 30.07 -4.93 39.30
C PRO B 51 28.87 -4.06 39.68
N VAL B 52 28.40 -3.28 38.72
CA VAL B 52 27.17 -2.50 38.87
C VAL B 52 26.11 -2.99 37.91
N ALA B 53 24.91 -3.20 38.42
CA ALA B 53 23.80 -3.67 37.59
C ALA B 53 23.45 -2.63 36.54
N ALA B 54 23.18 -3.09 35.33
CA ALA B 54 22.72 -2.21 34.26
C ALA B 54 21.24 -1.92 34.39
N GLY B 55 20.80 -0.78 33.87
CA GLY B 55 19.39 -0.42 33.92
C GLY B 55 19.09 0.35 35.19
N LYS B 56 17.86 0.22 35.69
CA LYS B 56 17.45 0.96 36.86
C LYS B 56 18.33 0.60 38.06
N PRO B 57 18.63 1.58 38.91
CA PRO B 57 19.44 1.37 40.08
C PRO B 57 18.73 0.49 41.09
N GLN B 58 19.51 -0.16 41.96
CA GLN B 58 18.95 -1.08 42.96
C GLN B 58 18.19 -0.31 44.02
N TRP B 59 18.48 0.98 44.15
CA TRP B 59 17.82 1.83 45.12
C TRP B 59 17.37 3.13 44.46
N ARG B 60 16.22 3.64 44.89
CA ARG B 60 15.78 4.93 44.39
C ARG B 60 16.84 5.96 44.67
N THR B 61 17.23 6.69 43.63
CA THR B 61 18.35 7.61 43.75
C THR B 61 18.03 8.95 43.12
N THR B 62 18.41 10.02 43.80
CA THR B 62 18.24 11.36 43.27
C THR B 62 19.54 12.14 43.35
N ALA B 63 19.57 13.29 42.68
CA ALA B 63 20.76 14.13 42.67
C ALA B 63 20.39 15.60 42.81
N VAL B 64 21.24 16.35 43.49
CA VAL B 64 21.03 17.78 43.68
C VAL B 64 22.21 18.59 43.16
N LEU B 65 21.91 19.59 42.34
CA LEU B 65 22.96 20.40 41.70
C LEU B 65 22.49 21.81 41.40
N GLY B 66 23.37 22.62 40.83
CA GLY B 66 23.09 24.02 40.56
C GLY B 66 23.89 24.92 41.47
N PRO B 67 23.87 26.23 41.19
CA PRO B 67 24.75 27.17 41.85
C PRO B 67 24.53 27.22 43.36
N ALA B 68 23.31 26.90 43.79
CA ALA B 68 22.98 26.85 45.21
C ALA B 68 22.39 25.52 45.58
N ALA B 69 22.66 24.50 44.78
CA ALA B 69 22.13 23.16 45.02
C ALA B 69 20.62 23.22 45.22
N GLY B 70 19.94 23.98 44.37
CA GLY B 70 18.50 24.18 44.51
C GLY B 70 17.69 23.32 43.53
N THR B 71 18.38 22.54 42.71
CA THR B 71 17.71 21.71 41.71
C THR B 71 17.84 20.24 42.06
N THR B 72 16.71 19.54 42.13
CA THR B 72 16.71 18.12 42.44
C THR B 72 16.13 17.31 41.29
N VAL B 73 16.88 16.30 40.85
CA VAL B 73 16.44 15.44 39.77
C VAL B 73 16.60 13.96 40.13
N GLU B 74 15.81 13.11 39.49
CA GLU B 74 15.89 11.68 39.73
C GLU B 74 16.70 10.98 38.65
N VAL B 75 17.53 10.02 39.05
CA VAL B 75 18.27 9.21 38.09
C VAL B 75 17.49 7.93 37.77
N VAL B 76 17.34 7.64 36.49
CA VAL B 76 16.47 6.55 36.07
C VAL B 76 17.24 5.33 35.62
N GLU B 77 18.28 5.54 34.83
CA GLU B 77 18.99 4.43 34.20
C GLU B 77 20.49 4.55 34.35
N LEU B 78 21.15 3.43 34.67
CA LEU B 78 22.60 3.39 34.72
C LEU B 78 23.18 2.57 33.59
N VAL B 79 24.28 3.05 33.01
CA VAL B 79 25.06 2.27 32.07
C VAL B 79 26.54 2.27 32.44
N PRO B 80 26.94 1.33 33.30
CA PRO B 80 28.26 1.30 33.86
C PRO B 80 29.31 0.86 32.85
N ARG B 81 30.54 1.32 33.05
CA ARG B 81 31.67 0.86 32.25
C ARG B 81 32.50 -0.17 33.03
N THR B 82 33.16 -1.06 32.30
CA THR B 82 33.77 -2.25 32.92
C THR B 82 35.26 -2.09 33.23
N ASP B 83 35.94 -1.17 32.55
CA ASP B 83 37.37 -0.99 32.73
C ASP B 83 37.69 0.26 33.56
N ARG B 84 36.65 0.85 34.14
CA ARG B 84 36.79 2.07 34.93
C ARG B 84 35.78 2.11 36.07
N ASP B 85 36.09 2.86 37.11
CA ASP B 85 35.09 3.17 38.12
C ASP B 85 34.24 4.34 37.65
N LEU B 86 33.47 4.09 36.60
CA LEU B 86 32.68 5.13 35.95
C LEU B 86 31.35 4.60 35.48
N VAL B 87 30.28 5.29 35.86
CA VAL B 87 28.95 4.98 35.38
C VAL B 87 28.23 6.23 34.92
N LEU B 88 27.55 6.16 33.79
CA LEU B 88 26.73 7.27 33.32
C LEU B 88 25.29 7.08 33.71
N ALA B 89 24.72 8.07 34.39
CA ALA B 89 23.35 7.99 34.87
C ALA B 89 22.44 8.91 34.08
N ARG B 90 21.38 8.34 33.52
CA ARG B 90 20.39 9.12 32.79
C ARG B 90 19.37 9.70 33.74
N LEU B 91 19.10 10.98 33.59
CA LEU B 91 18.13 11.66 34.44
C LEU B 91 16.72 11.57 33.88
N ALA B 92 15.73 11.65 34.76
CA ALA B 92 14.33 11.67 34.33
C ALA B 92 14.03 12.92 33.51
N SER B 93 14.74 14.01 33.82
CA SER B 93 14.56 15.27 33.12
C SER B 93 15.88 16.02 33.01
N PRO B 94 16.05 16.82 31.95
CA PRO B 94 17.23 17.63 31.77
C PRO B 94 17.31 18.74 32.80
N VAL B 95 18.53 19.14 33.13
CA VAL B 95 18.76 20.22 34.09
C VAL B 95 18.94 21.55 33.37
N ALA B 96 18.05 22.48 33.64
CA ALA B 96 18.13 23.81 33.06
C ALA B 96 18.91 24.75 33.98
N GLY B 97 19.64 25.69 33.37
CA GLY B 97 20.32 26.73 34.13
C GLY B 97 21.72 26.32 34.58
N THR B 98 22.07 25.06 34.32
CA THR B 98 23.38 24.55 34.70
C THR B 98 24.16 24.08 33.49
N THR B 99 25.38 24.57 33.34
CA THR B 99 26.22 24.23 32.20
C THR B 99 27.04 22.95 32.46
N PRO B 100 26.92 21.96 31.57
CA PRO B 100 27.67 20.73 31.70
C PRO B 100 29.15 20.94 31.46
N VAL B 101 29.98 20.08 32.05
CA VAL B 101 31.42 20.17 31.88
C VAL B 101 31.90 19.31 30.72
N PRO B 102 32.59 19.92 29.74
CA PRO B 102 33.10 19.21 28.60
C PRO B 102 34.25 18.30 29.00
N PHE B 103 34.46 17.25 28.22
CA PHE B 103 35.57 16.35 28.45
C PHE B 103 36.87 16.95 27.94
N ALA B 104 37.95 16.69 28.66
CA ALA B 104 39.27 17.11 28.20
C ALA B 104 39.63 16.41 26.90
N THR B 105 40.27 17.13 25.99
CA THR B 105 40.62 16.59 24.69
C THR B 105 42.09 16.18 24.62
N THR B 106 42.80 16.41 25.72
CA THR B 106 44.22 16.06 25.78
C THR B 106 44.51 15.23 27.03
N ALA B 107 45.58 14.45 26.97
CA ALA B 107 45.95 13.60 28.08
C ALA B 107 46.48 14.42 29.27
N PRO B 108 46.24 13.93 30.49
CA PRO B 108 46.88 14.47 31.66
C PRO B 108 48.35 14.08 31.70
N ALA B 109 49.14 14.84 32.46
CA ALA B 109 50.57 14.58 32.54
C ALA B 109 51.10 14.86 33.95
N PRO B 110 52.21 14.23 34.33
CA PRO B 110 52.82 14.45 35.61
C PRO B 110 53.12 15.91 35.84
N GLY B 111 52.84 16.38 37.05
CA GLY B 111 53.09 17.76 37.42
C GLY B 111 51.87 18.64 37.22
N GLU B 112 50.86 18.11 36.52
CA GLU B 112 49.64 18.85 36.26
C GLU B 112 48.79 18.97 37.52
N GLU B 113 48.23 20.16 37.73
CA GLU B 113 47.36 20.39 38.90
C GLU B 113 45.89 20.26 38.53
N LEU B 114 45.18 19.40 39.26
CA LEU B 114 43.76 19.20 39.06
C LEU B 114 42.96 19.72 40.24
N THR B 115 41.78 20.25 39.95
CA THR B 115 40.89 20.74 41.00
C THR B 115 39.86 19.69 41.38
N VAL B 116 39.83 19.34 42.65
CA VAL B 116 38.92 18.31 43.13
C VAL B 116 37.77 18.94 43.90
N VAL B 117 36.55 18.70 43.43
CA VAL B 117 35.37 19.25 44.11
C VAL B 117 34.28 18.19 44.28
N GLY B 118 33.62 18.21 45.44
CA GLY B 118 32.54 17.26 45.69
C GLY B 118 31.84 17.55 47.02
N PHE B 119 30.92 16.65 47.41
CA PHE B 119 30.11 16.84 48.60
C PHE B 119 30.44 15.82 49.69
N GLY B 120 31.64 15.25 49.62
CA GLY B 120 32.05 14.26 50.60
C GLY B 120 32.45 14.92 51.91
N ARG B 121 32.79 14.10 52.89
CA ARG B 121 33.13 14.61 54.21
C ARG B 121 34.40 15.43 54.18
N THR B 122 34.49 16.41 55.07
CA THR B 122 35.66 17.28 55.14
C THR B 122 36.53 16.90 56.32
N LYS B 123 37.54 17.71 56.59
CA LYS B 123 38.42 17.49 57.72
C LYS B 123 37.65 17.56 59.04
N GLU B 124 36.64 18.42 59.10
CA GLU B 124 35.88 18.66 60.33
C GLU B 124 34.43 18.19 60.24
N GLU B 125 33.87 18.22 59.03
CA GLU B 125 32.44 17.98 58.84
C GLU B 125 32.15 16.61 58.27
N TRP B 126 31.36 15.84 59.02
CA TRP B 126 30.94 14.51 58.57
C TRP B 126 30.10 14.59 57.30
N ALA B 127 29.19 15.56 57.25
CA ALA B 127 28.26 15.68 56.13
C ALA B 127 27.97 17.16 55.81
N PRO B 128 28.87 17.81 55.07
CA PRO B 128 28.83 19.23 54.86
C PRO B 128 27.61 19.62 54.03
N LEU B 129 27.12 20.84 54.23
CA LEU B 129 25.96 21.32 53.50
C LEU B 129 26.35 22.05 52.22
N THR B 130 27.64 22.19 51.99
CA THR B 130 28.13 22.88 50.81
C THR B 130 29.25 22.10 50.13
N ARG B 131 29.69 22.59 48.98
CA ARG B 131 30.80 21.97 48.25
C ARG B 131 32.14 22.32 48.87
N HIS B 132 33.04 21.35 48.91
CA HIS B 132 34.41 21.58 49.35
C HIS B 132 35.39 21.07 48.31
N THR B 133 36.58 21.66 48.26
CA THR B 133 37.53 21.33 47.22
C THR B 133 38.91 20.96 47.76
N ALA B 134 39.76 20.45 46.85
CA ALA B 134 41.14 20.08 47.19
C ALA B 134 42.04 20.22 45.95
N ALA B 135 43.33 20.44 46.18
CA ALA B 135 44.28 20.58 45.08
C ALA B 135 45.16 19.35 44.92
N PHE B 136 44.98 18.64 43.80
CA PHE B 136 45.74 17.41 43.54
C PHE B 136 46.75 17.61 42.41
N THR B 137 47.85 16.87 42.48
CA THR B 137 48.86 16.89 41.43
C THR B 137 49.05 15.50 40.83
N VAL B 138 49.11 15.44 39.50
CA VAL B 138 49.29 14.16 38.81
C VAL B 138 50.72 13.66 38.97
N GLN B 139 50.86 12.40 39.38
CA GLN B 139 52.18 11.80 39.54
C GLN B 139 52.54 10.95 38.33
N SER B 140 51.55 10.22 37.82
CA SER B 140 51.73 9.42 36.61
C SER B 140 50.39 9.09 35.98
N VAL B 141 50.41 8.73 34.70
CA VAL B 141 49.20 8.30 34.01
C VAL B 141 49.45 6.99 33.27
N SER B 142 48.60 6.01 33.52
CA SER B 142 48.73 4.72 32.84
C SER B 142 47.40 3.98 32.79
N GLY B 143 47.27 3.09 31.81
CA GLY B 143 46.08 2.27 31.72
C GLY B 143 44.83 3.12 31.60
N THR B 144 43.85 2.86 32.46
CA THR B 144 42.61 3.60 32.47
C THR B 144 42.49 4.50 33.69
N THR B 145 43.58 4.62 34.44
CA THR B 145 43.55 5.38 35.70
C THR B 145 44.69 6.38 35.81
N LEU B 146 44.58 7.27 36.80
CA LEU B 146 45.65 8.22 37.11
C LEU B 146 46.21 7.94 38.49
N ALA B 147 47.51 8.17 38.66
CA ALA B 147 48.13 8.18 39.97
C ALA B 147 48.20 9.61 40.49
N LEU B 148 47.38 9.91 41.49
CA LEU B 148 47.25 11.26 41.98
C LEU B 148 47.75 11.38 43.41
N ASP B 149 48.26 12.55 43.76
CA ASP B 149 48.60 12.87 45.13
C ASP B 149 48.19 14.31 45.43
N GLY B 150 48.37 14.72 46.68
CA GLY B 150 48.03 16.07 47.07
C GLY B 150 49.10 17.06 46.65
N ARG B 151 48.68 18.27 46.31
CA ARG B 151 49.61 19.37 46.11
C ARG B 151 50.28 19.72 47.43
N THR B 152 49.49 19.60 48.50
CA THR B 152 49.97 19.81 49.85
C THR B 152 49.51 18.65 50.73
N ASP B 153 49.95 18.63 51.98
CA ASP B 153 49.57 17.58 52.90
C ASP B 153 48.37 18.01 53.74
N ASP B 154 47.78 19.15 53.39
CA ASP B 154 46.71 19.73 54.19
C ASP B 154 45.33 19.18 53.83
N ASP B 155 45.10 18.92 52.54
CA ASP B 155 43.80 18.45 52.09
C ASP B 155 43.87 16.99 51.60
N ALA B 156 42.70 16.44 51.28
CA ALA B 156 42.60 15.06 50.83
C ALA B 156 41.27 14.77 50.18
N ILE B 157 41.18 13.67 49.46
CA ILE B 157 39.91 13.15 48.98
C ILE B 157 39.33 12.18 50.00
N CYS B 158 38.09 12.45 50.45
CA CYS B 158 37.50 11.73 51.59
C CYS B 158 36.27 10.93 51.15
N ALA B 159 35.90 9.95 51.97
CA ALA B 159 34.73 9.11 51.68
C ALA B 159 33.49 9.96 51.50
N GLY B 160 32.68 9.59 50.52
CA GLY B 160 31.47 10.32 50.19
C GLY B 160 31.71 11.30 49.07
N ASP B 161 32.99 11.54 48.75
CA ASP B 161 33.36 12.45 47.68
C ASP B 161 33.60 11.68 46.38
N ALA B 162 33.44 10.37 46.43
CA ALA B 162 33.68 9.54 45.28
C ALA B 162 32.72 9.90 44.16
N GLY B 163 33.23 9.94 42.95
CA GLY B 163 32.42 10.30 41.79
C GLY B 163 32.52 11.78 41.48
N GLY B 164 33.08 12.54 42.42
CA GLY B 164 33.25 13.98 42.21
C GLY B 164 34.25 14.24 41.09
N PRO B 165 34.01 15.30 40.32
CA PRO B 165 34.86 15.62 39.20
C PRO B 165 36.23 16.11 39.62
N LEU B 166 37.22 15.80 38.80
CA LEU B 166 38.53 16.42 38.87
C LEU B 166 38.74 17.28 37.64
N LEU B 167 38.77 18.58 37.85
CA LEU B 167 38.71 19.54 36.76
C LEU B 167 40.07 20.13 36.45
N ARG B 168 40.27 20.46 35.18
CA ARG B 168 41.44 21.20 34.76
C ARG B 168 41.02 22.56 34.23
N GLN B 169 41.64 23.61 34.75
CA GLN B 169 41.27 24.97 34.38
C GLN B 169 41.91 25.36 33.05
N LYS B 170 41.11 25.87 32.14
CA LYS B 170 41.60 26.32 30.84
C LYS B 170 40.78 27.48 30.29
N ASP B 171 41.45 28.57 29.93
CA ASP B 171 40.81 29.72 29.30
C ASP B 171 39.62 30.24 30.10
N GLY B 172 39.75 30.21 31.42
CA GLY B 172 38.71 30.75 32.30
C GLY B 172 37.63 29.70 32.62
N GLY B 173 37.71 28.56 31.96
CA GLY B 173 36.72 27.50 32.16
C GLY B 173 37.37 26.25 32.72
N PHE B 174 36.63 25.14 32.72
CA PHE B 174 37.14 23.89 33.25
C PHE B 174 36.83 22.72 32.32
N GLU B 175 37.73 21.73 32.30
CA GLU B 175 37.50 20.49 31.58
C GLU B 175 37.52 19.31 32.54
N LEU B 176 36.75 18.28 32.22
CA LEU B 176 36.67 17.09 33.06
C LEU B 176 37.76 16.09 32.71
N VAL B 177 38.59 15.75 33.70
CA VAL B 177 39.72 14.85 33.48
C VAL B 177 39.47 13.48 34.11
N ALA B 178 38.94 13.48 35.34
CA ALA B 178 38.74 12.23 36.08
C ALA B 178 37.67 12.38 37.15
N LEU B 179 37.15 11.25 37.62
CA LEU B 179 36.28 11.26 38.80
C LEU B 179 36.98 10.63 39.99
N ALA B 180 36.72 11.16 41.18
CA ALA B 180 37.31 10.60 42.39
C ALA B 180 36.84 9.16 42.63
N SER B 181 37.74 8.30 43.08
CA SER B 181 37.39 6.91 43.33
C SER B 181 37.87 6.44 44.71
N GLN B 182 39.15 6.07 44.81
CA GLN B 182 39.67 5.47 46.04
C GLN B 182 40.92 6.19 46.53
N SER B 183 41.09 6.21 47.85
CA SER B 183 42.25 6.84 48.48
C SER B 183 42.46 6.34 49.90
N TRP B 184 43.60 6.69 50.48
CA TRP B 184 43.87 6.38 51.88
C TRP B 184 43.06 7.29 52.80
N GLN B 185 42.65 8.45 52.29
CA GLN B 185 41.83 9.40 53.02
C GLN B 185 42.49 9.86 54.32
N GLY B 186 43.80 10.07 54.29
CA GLY B 186 44.50 10.56 55.46
C GLY B 186 44.09 11.99 55.77
N GLY B 187 43.90 12.29 57.05
CA GLY B 187 43.55 13.64 57.49
C GLY B 187 42.03 13.92 57.38
N CYS B 188 41.26 12.92 56.92
CA CYS B 188 39.81 13.06 56.76
C CYS B 188 39.06 12.81 58.07
N TRP B 189 37.90 13.42 58.21
CA TRP B 189 37.06 13.20 59.38
C TRP B 189 36.59 11.76 59.45
N GLY B 190 36.67 11.19 60.65
CA GLY B 190 36.21 9.82 60.87
C GLY B 190 37.29 8.80 60.53
N THR B 191 38.44 9.28 60.07
CA THR B 191 39.54 8.39 59.69
C THR B 191 40.67 8.47 60.71
N ASP B 192 41.20 7.31 61.07
CA ASP B 192 42.28 7.23 62.04
C ASP B 192 43.40 8.22 61.69
N PRO B 193 43.73 9.12 62.64
CA PRO B 193 44.77 10.11 62.42
C PRO B 193 46.12 9.48 62.08
N ALA B 194 46.26 8.20 62.40
CA ALA B 194 47.49 7.47 62.11
C ALA B 194 47.79 7.46 60.62
N GLU B 195 46.73 7.58 59.81
CA GLU B 195 46.88 7.62 58.36
C GLU B 195 47.00 9.04 57.87
N THR B 196 48.16 9.37 57.31
CA THR B 196 48.44 10.74 56.88
C THR B 196 48.57 10.84 55.37
N ARG B 197 48.46 9.71 54.68
CA ARG B 197 48.62 9.70 53.23
C ARG B 197 47.35 10.15 52.53
N ASN B 198 47.51 10.96 51.50
CA ASN B 198 46.38 11.40 50.67
C ASN B 198 46.55 10.96 49.22
N ASP B 199 47.35 9.92 49.02
CA ASP B 199 47.52 9.32 47.69
C ASP B 199 46.18 8.75 47.21
N ALA B 200 45.88 8.94 45.93
CA ALA B 200 44.57 8.55 45.39
C ALA B 200 44.68 8.00 43.97
N VAL B 201 43.71 7.16 43.61
CA VAL B 201 43.62 6.62 42.26
C VAL B 201 42.25 6.91 41.65
N SER B 202 42.24 7.38 40.41
CA SER B 202 40.99 7.71 39.73
C SER B 202 41.01 7.22 38.28
N PRO B 203 39.83 6.87 37.74
CA PRO B 203 39.68 6.57 36.34
C PRO B 203 39.90 7.79 35.47
N ARG B 204 40.52 7.60 34.33
CA ARG B 204 40.74 8.69 33.37
C ARG B 204 39.55 8.81 32.43
N LEU B 205 39.07 10.03 32.25
CA LEU B 205 37.93 10.29 31.37
C LEU B 205 38.35 11.01 30.10
N ASP B 206 39.65 11.08 29.85
CA ASP B 206 40.18 11.75 28.66
C ASP B 206 40.31 10.78 27.49
N ASN B 207 40.32 9.50 27.80
CA ASN B 207 40.55 8.48 26.79
C ASN B 207 39.28 7.73 26.45
N ILE B 208 38.15 8.38 26.69
CA ILE B 208 36.85 7.80 26.37
C ILE B 208 36.03 8.75 25.52
N ALA B 209 35.06 8.22 24.81
CA ALA B 209 34.13 9.04 24.05
C ALA B 209 33.25 9.83 24.99
N GLY B 210 32.92 11.04 24.59
CA GLY B 210 32.03 11.88 25.38
C GLY B 210 31.43 12.97 24.53
N GLY B 211 30.49 13.71 25.10
CA GLY B 211 29.75 14.68 24.32
C GLY B 211 28.81 13.97 23.38
N ASN B 212 28.48 14.59 22.26
CA ASN B 212 27.59 13.99 21.30
C ASN B 212 28.15 14.03 19.89
N THR B 213 29.44 14.28 19.76
CA THR B 213 30.03 14.41 18.42
C THR B 213 31.28 13.57 18.25
N LEU B 214 31.52 13.15 17.01
CA LEU B 214 32.79 12.57 16.60
C LEU B 214 33.46 13.42 15.54
N THR B 215 34.66 13.87 15.83
CA THR B 215 35.46 14.60 14.86
C THR B 215 36.12 13.62 13.90
N PRO B 216 36.60 14.09 12.75
CA PRO B 216 37.38 13.28 11.86
C PRO B 216 38.58 12.69 12.57
N GLY B 217 38.79 11.40 12.42
CA GLY B 217 39.90 10.72 13.05
C GLY B 217 39.52 10.18 14.43
N ALA B 218 38.32 10.51 14.89
CA ALA B 218 37.85 10.07 16.19
C ALA B 218 37.58 8.58 16.19
N VAL B 219 37.88 7.93 17.31
CA VAL B 219 37.65 6.50 17.44
C VAL B 219 36.77 6.19 18.65
N LEU B 220 35.69 5.45 18.41
CA LEU B 220 34.79 5.03 19.47
C LEU B 220 35.05 3.58 19.88
N ARG B 221 35.61 3.40 21.05
CA ARG B 221 36.03 2.08 21.52
C ARG B 221 34.85 1.28 22.03
N ALA B 222 35.01 -0.03 22.10
CA ALA B 222 33.96 -0.90 22.61
C ALA B 222 33.71 -0.60 24.07
N GLU B 223 32.47 -0.82 24.51
CA GLU B 223 32.06 -0.47 25.86
C GLU B 223 32.19 1.03 26.09
N ASP B 224 31.79 1.80 25.07
CA ASP B 224 31.84 3.26 25.13
C ASP B 224 30.63 3.85 24.41
N SER B 225 30.32 5.12 24.68
CA SER B 225 29.10 5.71 24.14
C SER B 225 29.11 7.23 24.08
N LEU B 226 28.28 7.78 23.20
CA LEU B 226 27.90 9.19 23.20
C LEU B 226 26.45 9.33 23.65
N VAL B 227 26.11 10.46 24.27
CA VAL B 227 24.78 10.61 24.85
C VAL B 227 24.10 11.91 24.44
N SER B 228 22.78 11.86 24.31
CA SER B 228 21.95 13.04 24.10
C SER B 228 20.61 12.87 24.81
N ASN B 229 19.79 13.92 24.82
CA ASN B 229 18.59 13.92 25.64
C ASN B 229 17.65 12.76 25.33
N ALA B 230 17.54 12.37 24.07
CA ALA B 230 16.55 11.39 23.67
C ALA B 230 17.16 10.16 23.01
N ALA B 231 18.45 9.95 23.20
CA ALA B 231 19.10 8.79 22.60
C ALA B 231 20.47 8.52 23.21
N ARG B 232 20.94 7.29 23.05
CA ARG B 232 22.31 6.95 23.37
C ARG B 232 22.95 6.12 22.26
N LEU B 233 24.16 6.48 21.87
CA LEU B 233 24.92 5.74 20.87
C LEU B 233 26.08 5.01 21.49
N THR B 234 26.03 3.69 21.44
CA THR B 234 27.04 2.89 22.13
C THR B 234 27.57 1.78 21.26
N LEU B 235 28.84 1.46 21.46
CA LEU B 235 29.44 0.29 20.84
C LEU B 235 29.61 -0.81 21.87
N ARG B 236 28.92 -1.92 21.64
CA ARG B 236 28.90 -3.01 22.59
C ARG B 236 30.18 -3.82 22.54
N ALA B 237 30.45 -4.55 23.61
CA ALA B 237 31.65 -5.39 23.70
C ALA B 237 31.67 -6.43 22.60
N ASP B 238 30.50 -6.79 22.09
CA ASP B 238 30.38 -7.82 21.08
C ASP B 238 30.58 -7.26 19.67
N GLY B 239 30.91 -5.97 19.59
CA GLY B 239 31.27 -5.34 18.31
C GLY B 239 30.06 -4.71 17.60
N ASP B 240 28.88 -4.90 18.17
CA ASP B 240 27.66 -4.37 17.55
C ASP B 240 27.43 -2.91 17.96
N LEU B 241 27.47 -2.02 16.96
CA LEU B 241 27.21 -0.60 17.20
C LEU B 241 25.72 -0.33 17.15
N VAL B 242 25.17 0.18 18.25
CA VAL B 242 23.73 0.33 18.37
C VAL B 242 23.34 1.71 18.88
N VAL B 243 22.09 2.08 18.59
CA VAL B 243 21.48 3.24 19.21
C VAL B 243 20.22 2.84 19.96
N VAL B 244 20.13 3.27 21.22
CA VAL B 244 19.00 2.90 22.06
C VAL B 244 18.22 4.12 22.50
N SER B 245 16.95 3.92 22.83
CA SER B 245 16.07 5.00 23.24
C SER B 245 15.97 5.07 24.75
N ASN B 246 15.22 6.03 25.25
CA ASN B 246 15.02 6.18 26.69
C ASN B 246 14.14 5.06 27.25
N ALA B 247 13.53 4.29 26.36
CA ALA B 247 12.72 3.15 26.76
C ALA B 247 13.59 1.92 27.01
N GLY B 248 14.87 2.03 26.68
CA GLY B 248 15.82 0.93 26.87
C GLY B 248 15.87 0.01 25.66
N LYS B 249 15.05 0.29 24.66
CA LYS B 249 15.00 -0.55 23.46
C LYS B 249 15.96 -0.06 22.39
N THR B 250 16.40 -0.98 21.54
CA THR B 250 17.31 -0.63 20.45
C THR B 250 16.54 -0.20 19.21
N LEU B 251 16.89 0.98 18.69
CA LEU B 251 16.19 1.52 17.52
C LEU B 251 16.94 1.19 16.24
N TRP B 252 18.25 1.07 16.33
CA TRP B 252 19.07 0.83 15.16
C TRP B 252 20.36 0.12 15.52
N SER B 253 20.83 -0.74 14.64
CA SER B 253 22.09 -1.42 14.84
C SER B 253 22.76 -1.74 13.51
N THR B 254 24.07 -1.92 13.55
CA THR B 254 24.80 -2.33 12.36
C THR B 254 24.73 -3.85 12.19
N GLY B 255 24.49 -4.56 13.28
CA GLY B 255 24.34 -6.00 13.24
C GLY B 255 25.69 -6.70 13.28
N THR B 256 26.74 -5.92 13.52
CA THR B 256 28.10 -6.46 13.55
C THR B 256 28.40 -7.10 14.89
N ALA B 257 27.56 -8.06 15.28
CA ALA B 257 27.72 -8.74 16.55
C ALA B 257 28.60 -9.98 16.40
N GLY B 258 29.40 -10.26 17.42
CA GLY B 258 30.26 -11.43 17.43
C GLY B 258 31.68 -11.08 17.02
N HIS B 259 31.84 -9.89 16.44
CA HIS B 259 33.14 -9.41 16.05
C HIS B 259 33.81 -8.71 17.22
N LEU B 260 34.22 -9.48 18.20
CA LEU B 260 34.77 -8.93 19.43
C LEU B 260 36.07 -8.21 19.15
N GLY B 261 36.22 -7.03 19.72
CA GLY B 261 37.40 -6.21 19.49
C GLY B 261 37.17 -5.20 18.38
N ALA B 262 36.01 -5.30 17.72
CA ALA B 262 35.65 -4.38 16.65
C ALA B 262 35.52 -2.96 17.19
N THR B 263 35.87 -2.00 16.36
CA THR B 263 35.87 -0.59 16.77
C THR B 263 35.11 0.27 15.76
N ALA B 264 34.45 1.31 16.24
CA ALA B 264 33.77 2.25 15.36
C ALA B 264 34.56 3.54 15.25
N ARG B 265 34.71 4.05 14.03
CA ARG B 265 35.50 5.25 13.81
C ARG B 265 34.87 6.17 12.78
N PHE B 266 35.17 7.46 12.91
CA PHE B 266 34.78 8.44 11.92
C PHE B 266 35.99 8.90 11.13
N THR B 267 36.02 8.58 9.86
CA THR B 267 37.23 8.74 9.05
C THR B 267 37.38 10.16 8.55
N ASP B 268 38.56 10.46 8.02
CA ASP B 268 38.84 11.79 7.47
C ASP B 268 38.08 12.00 6.17
N SER B 269 37.61 10.92 5.57
CA SER B 269 36.82 10.99 4.35
C SER B 269 35.40 11.47 4.65
N GLY B 270 35.04 11.47 5.93
CA GLY B 270 33.75 11.99 6.36
C GLY B 270 32.71 10.89 6.59
N ASN B 271 33.10 9.64 6.40
CA ASN B 271 32.17 8.55 6.61
C ASN B 271 32.29 7.96 8.01
N LEU B 272 31.26 7.24 8.42
CA LEU B 272 31.28 6.53 9.69
C LEU B 272 31.28 5.03 9.43
N THR B 273 32.27 4.34 9.96
CA THR B 273 32.43 2.92 9.66
C THR B 273 32.69 2.10 10.92
N VAL B 274 32.48 0.80 10.80
CA VAL B 274 32.87 -0.14 11.83
C VAL B 274 33.91 -1.08 11.30
N VAL B 275 35.04 -1.16 11.99
CA VAL B 275 36.17 -1.96 11.55
C VAL B 275 36.41 -3.13 12.50
N ASP B 276 36.96 -4.21 11.97
CA ASP B 276 37.19 -5.41 12.75
C ASP B 276 38.39 -5.24 13.66
N ALA B 277 38.68 -6.28 14.43
CA ALA B 277 39.75 -6.23 15.42
C ALA B 277 41.11 -6.02 14.77
N ASP B 278 41.21 -6.36 13.48
CA ASP B 278 42.49 -6.26 12.77
C ASP B 278 42.77 -4.83 12.33
N GLY B 279 41.78 -3.95 12.47
CA GLY B 279 41.95 -2.54 12.16
C GLY B 279 41.97 -2.29 10.65
N THR B 280 41.66 -3.32 9.88
CA THR B 280 41.73 -3.24 8.43
C THR B 280 40.38 -3.53 7.78
N THR B 281 39.71 -4.58 8.24
CA THR B 281 38.50 -5.05 7.58
C THR B 281 37.28 -4.25 8.03
N VAL B 282 36.52 -3.74 7.07
CA VAL B 282 35.30 -3.00 7.37
C VAL B 282 34.10 -3.92 7.45
N LEU B 283 33.34 -3.80 8.53
CA LEU B 283 32.18 -4.63 8.77
C LEU B 283 30.90 -3.91 8.39
N TRP B 284 30.92 -2.58 8.51
CA TRP B 284 29.78 -1.75 8.18
C TRP B 284 30.23 -0.33 7.84
N GLU B 285 29.52 0.30 6.90
CA GLU B 285 29.81 1.69 6.56
C GLU B 285 28.55 2.45 6.19
N SER B 286 28.55 3.76 6.48
CA SER B 286 27.50 4.64 6.00
C SER B 286 27.69 4.97 4.53
N ALA B 287 28.90 4.74 4.03
CA ALA B 287 29.23 4.96 2.63
C ALA B 287 28.94 6.38 2.19
N THR B 288 29.31 7.35 3.03
CA THR B 288 29.13 8.76 2.70
C THR B 288 30.47 9.40 2.35
N THR B 289 30.42 10.58 1.75
CA THR B 289 31.61 11.39 1.53
C THR B 289 31.40 12.79 2.05
N ALA B 290 32.26 13.22 2.97
CA ALA B 290 32.14 14.55 3.54
C ALA B 290 33.37 14.94 4.36
N PRO B 291 34.48 15.23 3.68
CA PRO B 291 35.69 15.66 4.34
C PRO B 291 35.45 16.92 5.13
N GLY B 292 35.99 16.99 6.34
CA GLY B 292 35.84 18.16 7.20
C GLY B 292 34.50 18.14 7.93
N GLY B 293 33.75 17.06 7.76
CA GLY B 293 32.44 16.94 8.37
C GLY B 293 32.54 16.32 9.76
N SER B 294 31.39 15.98 10.34
CA SER B 294 31.34 15.39 11.67
C SER B 294 30.10 14.54 11.85
N ALA B 295 30.15 13.61 12.81
CA ALA B 295 28.98 12.82 13.17
C ALA B 295 28.43 13.27 14.50
N VAL B 296 27.18 13.68 14.52
CA VAL B 296 26.59 14.22 15.73
C VAL B 296 25.33 13.49 16.14
N LEU B 297 25.24 13.13 17.40
CA LEU B 297 24.02 12.57 17.97
C LEU B 297 23.19 13.70 18.54
N GLN B 298 22.02 13.91 17.97
CA GLN B 298 21.22 15.07 18.31
C GLN B 298 20.34 14.81 19.51
N ASP B 299 19.89 15.89 20.14
CA ASP B 299 18.96 15.79 21.26
C ASP B 299 17.58 15.45 20.75
N ARG B 300 17.30 15.82 19.51
CA ARG B 300 16.04 15.51 18.88
C ARG B 300 15.79 14.02 18.86
N GLY B 301 16.87 13.25 18.68
CA GLY B 301 16.77 11.80 18.78
C GLY B 301 17.86 11.07 17.99
N ASP B 302 17.95 11.35 16.70
CA ASP B 302 18.69 10.46 15.81
C ASP B 302 20.16 10.84 15.66
N LEU B 303 20.89 9.98 14.95
CA LEU B 303 22.30 10.20 14.63
C LEU B 303 22.46 10.63 13.19
N VAL B 304 23.05 11.80 12.99
CA VAL B 304 23.19 12.34 11.65
C VAL B 304 24.63 12.70 11.34
N VAL B 305 25.08 12.34 10.15
CA VAL B 305 26.40 12.73 9.68
C VAL B 305 26.32 13.96 8.80
N ARG B 306 27.07 14.98 9.17
CA ARG B 306 27.00 16.27 8.50
C ARG B 306 28.32 16.62 7.85
N ASP B 307 28.26 17.34 6.73
CA ASP B 307 29.48 17.75 6.03
C ASP B 307 30.00 19.08 6.56
N ALA B 308 31.06 19.57 5.94
CA ALA B 308 31.75 20.76 6.43
C ALA B 308 30.86 22.00 6.29
N GLN B 309 29.82 21.91 5.47
CA GLN B 309 28.94 23.03 5.23
C GLN B 309 27.73 23.00 6.16
N GLY B 310 27.67 21.96 7.00
CA GLY B 310 26.59 21.81 7.95
C GLY B 310 25.38 21.10 7.35
N ALA B 311 25.54 20.55 6.14
CA ALA B 311 24.45 19.85 5.49
C ALA B 311 24.49 18.36 5.81
N SER B 312 23.34 17.80 6.13
CA SER B 312 23.24 16.38 6.42
C SER B 312 23.53 15.53 5.18
N GLN B 313 24.27 14.45 5.36
CA GLN B 313 24.55 13.52 4.28
C GLN B 313 23.87 12.18 4.52
N TRP B 314 23.73 11.81 5.79
CA TRP B 314 23.17 10.52 6.16
C TRP B 314 22.61 10.53 7.57
N ALA B 315 21.52 9.82 7.79
CA ALA B 315 20.95 9.71 9.13
C ALA B 315 20.42 8.30 9.39
N ALA B 316 20.59 7.84 10.62
CA ALA B 316 20.13 6.50 11.02
C ALA B 316 18.61 6.44 11.13
N GLY B 317 17.99 7.58 11.40
CA GLY B 317 16.54 7.66 11.51
C GLY B 317 16.04 7.15 12.86
N THR B 318 16.94 7.09 13.85
CA THR B 318 16.59 6.60 15.17
C THR B 318 15.88 7.66 15.98
N GLU B 319 14.63 7.91 15.64
CA GLU B 319 13.84 8.92 16.32
C GLU B 319 12.45 8.40 16.60
N VAL B 320 11.81 8.98 17.60
CA VAL B 320 10.40 8.69 17.86
C VAL B 320 9.55 9.91 17.58
N ARG B 321 8.65 9.79 16.62
CA ARG B 321 7.85 10.90 16.17
C ARG B 321 6.84 11.32 17.24
N HIS B 322 6.67 12.63 17.43
CA HIS B 322 5.75 13.17 18.44
C HIS B 322 5.74 12.34 19.72
N ASP B 323 6.92 12.13 20.28
CA ASP B 323 7.05 11.63 21.64
C ASP B 323 7.00 12.78 22.62
N TYR B 324 5.86 12.95 23.31
CA TYR B 324 5.58 14.18 24.04
C TYR B 324 6.24 14.23 25.41
N ASN B 325 6.43 13.07 26.03
CA ASN B 325 7.04 13.04 27.37
C ASN B 325 8.50 12.61 27.32
N GLY B 326 8.94 12.12 26.16
CA GLY B 326 10.34 11.76 25.96
C GLY B 326 10.68 10.41 26.60
N ASP B 327 9.67 9.55 26.76
CA ASP B 327 9.90 8.25 27.39
C ASP B 327 10.29 7.17 26.38
N GLY B 328 10.41 7.56 25.11
CA GLY B 328 10.91 6.64 24.08
C GLY B 328 9.78 5.99 23.27
N ARG B 329 8.55 6.43 23.50
CA ARG B 329 7.41 5.94 22.74
C ARG B 329 6.56 7.08 22.21
N SER B 330 6.09 6.95 20.97
CA SER B 330 5.26 7.98 20.36
C SER B 330 3.93 8.13 21.06
N ASP B 331 3.43 9.35 21.11
CA ASP B 331 2.14 9.65 21.70
C ASP B 331 1.25 10.36 20.70
N MET B 332 0.04 10.70 21.11
CA MET B 332 -0.81 11.53 20.27
C MET B 332 -1.68 12.45 21.11
N ALA B 333 -2.06 13.59 20.55
CA ALA B 333 -2.81 14.59 21.29
C ALA B 333 -3.83 15.24 20.38
N ALA B 334 -4.88 15.80 20.99
CA ALA B 334 -5.96 16.41 20.22
C ALA B 334 -6.45 17.70 20.85
N TRP B 335 -6.95 18.58 20.01
CA TRP B 335 -7.58 19.81 20.45
C TRP B 335 -9.08 19.63 20.51
N TYR B 336 -9.63 19.66 21.72
CA TYR B 336 -11.03 19.33 21.93
C TYR B 336 -11.86 20.59 22.14
N ASN B 337 -12.81 20.81 21.24
CA ASN B 337 -13.69 21.96 21.33
C ASN B 337 -15.00 21.60 22.01
N TYR B 338 -15.23 22.18 23.17
CA TYR B 338 -16.45 21.91 23.92
C TYR B 338 -17.59 22.74 23.38
N THR B 339 -18.81 22.26 23.57
CA THR B 339 -19.99 22.93 23.03
C THR B 339 -20.29 24.22 23.78
N ASP B 340 -19.65 24.41 24.93
CA ASP B 340 -19.85 25.62 25.71
C ASP B 340 -18.85 26.71 25.33
N GLY B 341 -18.03 26.44 24.31
CA GLY B 341 -17.15 27.46 23.74
C GLY B 341 -15.70 27.35 24.24
N ARG B 342 -15.50 26.62 25.34
CA ARG B 342 -14.15 26.45 25.88
C ARG B 342 -13.45 25.27 25.22
N ASP B 343 -12.12 25.22 25.34
CA ASP B 343 -11.35 24.15 24.71
C ASP B 343 -10.11 23.76 25.53
N ALA B 344 -9.57 22.57 25.23
CA ALA B 344 -8.39 22.05 25.94
C ALA B 344 -7.65 21.03 25.07
N ILE B 345 -6.39 20.76 25.42
CA ILE B 345 -5.59 19.79 24.68
C ILE B 345 -5.43 18.49 25.48
N HIS B 346 -5.80 17.37 24.88
CA HIS B 346 -5.77 16.07 25.54
C HIS B 346 -4.66 15.19 24.97
N THR B 347 -3.91 14.53 25.84
CA THR B 347 -2.78 13.72 25.40
C THR B 347 -2.95 12.24 25.76
N PHE B 348 -2.79 11.38 24.75
CA PHE B 348 -2.85 9.94 24.94
C PHE B 348 -1.46 9.34 24.87
N LEU B 349 -0.93 8.91 26.00
CA LEU B 349 0.44 8.40 26.04
C LEU B 349 0.51 6.95 25.56
N GLY B 350 1.60 6.62 24.87
CA GLY B 350 1.81 5.26 24.39
C GLY B 350 2.23 4.34 25.53
N GLY B 351 1.72 3.11 25.51
CA GLY B 351 2.07 2.12 26.53
C GLY B 351 3.17 1.20 26.02
N THR B 352 3.57 0.24 26.85
CA THR B 352 4.66 -0.65 26.52
C THR B 352 4.23 -1.72 25.53
N ASP B 353 2.93 -1.92 25.40
CA ASP B 353 2.40 -2.91 24.48
C ASP B 353 1.92 -2.26 23.19
N GLY B 354 2.19 -0.97 23.04
CA GLY B 354 1.84 -0.24 21.81
C GLY B 354 0.44 0.36 21.88
N THR B 355 -0.27 0.12 22.98
CA THR B 355 -1.62 0.67 23.12
C THR B 355 -1.57 2.09 23.63
N LEU B 356 -2.70 2.77 23.57
CA LEU B 356 -2.79 4.15 24.01
C LEU B 356 -3.63 4.28 25.28
N THR B 357 -3.06 4.93 26.28
CA THR B 357 -3.70 5.03 27.59
C THR B 357 -4.72 6.15 27.62
N LYS B 358 -5.49 6.21 28.69
CA LYS B 358 -6.51 7.23 28.85
C LYS B 358 -5.88 8.61 28.80
N PRO B 359 -6.55 9.57 28.16
CA PRO B 359 -6.02 10.89 27.95
C PRO B 359 -5.95 11.68 29.24
N LEU B 360 -4.97 12.57 29.31
CA LEU B 360 -4.95 13.60 30.32
C LEU B 360 -5.07 14.95 29.65
N LYS B 361 -5.66 15.92 30.33
CA LYS B 361 -5.85 17.24 29.74
C LYS B 361 -4.85 18.24 30.28
N SER B 362 -4.53 19.22 29.46
CA SER B 362 -3.72 20.35 29.89
C SER B 362 -4.09 21.59 29.10
N TYR B 363 -3.68 22.74 29.58
CA TYR B 363 -4.02 23.99 28.93
C TYR B 363 -5.52 24.13 28.70
N ASP B 364 -6.29 23.93 29.76
CA ASP B 364 -7.73 24.11 29.71
C ASP B 364 -8.09 25.59 29.92
N VAL B 365 -8.69 26.21 28.89
CA VAL B 365 -8.93 27.65 28.93
C VAL B 365 -10.41 27.98 28.84
N ALA B 366 -10.77 29.18 29.26
CA ALA B 366 -12.16 29.62 29.32
C ALA B 366 -12.71 29.94 27.94
N ASP B 367 -14.03 29.91 27.81
CA ASP B 367 -14.70 30.33 26.59
C ASP B 367 -14.37 31.76 26.23
N GLY B 368 -14.10 31.99 24.95
CA GLY B 368 -13.85 33.34 24.45
C GLY B 368 -12.36 33.61 24.28
N VAL B 369 -11.52 32.71 24.79
CA VAL B 369 -10.08 32.88 24.66
C VAL B 369 -9.63 32.56 23.23
N TRP B 370 -10.17 31.49 22.65
CA TRP B 370 -9.88 31.14 21.26
C TRP B 370 -11.12 31.16 20.39
N ASP B 371 -10.99 31.76 19.21
CA ASP B 371 -12.04 31.72 18.20
C ASP B 371 -11.80 30.59 17.22
N THR B 372 -12.23 29.39 17.59
CA THR B 372 -11.80 28.18 16.89
C THR B 372 -12.64 27.90 15.65
N ARG B 373 -12.52 28.77 14.65
CA ARG B 373 -13.27 28.58 13.40
C ARG B 373 -12.36 28.28 12.21
N ALA B 374 -11.12 28.79 12.26
CA ALA B 374 -10.23 28.70 11.11
C ALA B 374 -8.79 28.47 11.55
N MET B 375 -8.49 27.27 12.00
CA MET B 375 -7.18 26.95 12.52
C MET B 375 -6.72 25.56 12.09
N LYS B 376 -5.41 25.39 11.94
CA LYS B 376 -4.84 24.12 11.53
C LYS B 376 -3.80 23.65 12.53
N TYR B 377 -3.75 22.35 12.79
CA TYR B 377 -2.94 21.83 13.88
C TYR B 377 -1.72 21.08 13.38
N LEU B 378 -0.57 21.37 14.00
CA LEU B 378 0.69 20.73 13.64
C LEU B 378 1.37 20.13 14.86
N THR B 379 2.14 19.07 14.66
CA THR B 379 2.98 18.53 15.73
C THR B 379 4.44 18.47 15.31
N GLY B 380 5.31 18.23 16.28
CA GLY B 380 6.74 18.09 16.00
C GLY B 380 7.58 18.72 17.10
N ASP B 381 8.87 18.45 17.10
CA ASP B 381 9.79 19.01 18.09
C ASP B 381 10.38 20.31 17.59
N PHE B 382 9.83 21.42 18.04
CA PHE B 382 10.15 22.72 17.46
C PHE B 382 11.19 23.46 18.28
N ASN B 383 11.72 22.80 19.30
CA ASN B 383 12.69 23.43 20.18
C ASN B 383 14.01 22.67 20.22
N GLY B 384 13.99 21.42 19.74
CA GLY B 384 15.17 20.56 19.84
C GLY B 384 15.32 20.04 21.26
N ASP B 385 14.20 19.84 21.94
CA ASP B 385 14.20 19.40 23.34
C ASP B 385 14.51 17.93 23.49
N GLY B 386 14.07 17.13 22.53
CA GLY B 386 14.11 15.69 22.67
C GLY B 386 12.72 15.16 22.99
N ARG B 387 11.77 16.08 23.15
CA ARG B 387 10.37 15.74 23.33
C ARG B 387 9.50 16.60 22.43
N GLY B 388 8.40 16.03 21.95
CA GLY B 388 7.60 16.66 20.93
C GLY B 388 6.86 17.88 21.45
N ASP B 389 6.62 18.82 20.56
CA ASP B 389 5.84 20.00 20.84
C ASP B 389 4.64 20.05 19.93
N THR B 390 3.83 21.09 20.06
CA THR B 390 2.70 21.27 19.17
C THR B 390 2.65 22.70 18.66
N ALA B 391 1.91 22.91 17.59
CA ALA B 391 1.75 24.24 17.04
C ALA B 391 0.40 24.39 16.38
N VAL B 392 -0.09 25.62 16.35
CA VAL B 392 -1.36 25.92 15.71
C VAL B 392 -1.24 27.10 14.76
N LEU B 393 -1.64 26.89 13.51
CA LEU B 393 -1.68 27.97 12.54
C LEU B 393 -3.10 28.50 12.42
N LYS B 394 -3.31 29.74 12.81
CA LYS B 394 -4.66 30.28 12.88
C LYS B 394 -4.83 31.57 12.12
N GLY B 395 -5.98 31.71 11.46
CA GLY B 395 -6.37 32.96 10.84
C GLY B 395 -7.22 33.78 11.80
N TYR B 396 -7.25 35.09 11.58
CA TYR B 396 -8.03 35.98 12.41
C TYR B 396 -9.02 36.79 11.57
N SER B 397 -10.03 37.35 12.23
CA SER B 397 -11.11 38.03 11.54
C SER B 397 -10.62 39.25 10.77
N ASP B 398 -9.44 39.74 11.12
CA ASP B 398 -8.87 40.88 10.41
C ASP B 398 -8.01 40.43 9.25
N THR B 399 -8.04 39.12 8.96
CA THR B 399 -7.31 38.52 7.84
C THR B 399 -5.81 38.37 8.16
N SER B 400 -5.42 38.73 9.38
CA SER B 400 -4.05 38.49 9.82
C SER B 400 -3.84 37.02 10.17
N VAL B 401 -2.58 36.63 10.30
CA VAL B 401 -2.25 35.24 10.64
C VAL B 401 -1.22 35.17 11.76
N LYS B 402 -1.40 34.21 12.66
CA LYS B 402 -0.40 33.93 13.69
C LYS B 402 -0.14 32.45 13.79
N LEU B 403 1.10 32.09 14.11
CA LEU B 403 1.47 30.71 14.34
C LEU B 403 1.86 30.50 15.81
N TRP B 404 1.05 29.71 16.51
CA TRP B 404 1.25 29.48 17.94
C TRP B 404 2.03 28.20 18.20
N VAL B 405 2.90 28.23 19.19
CA VAL B 405 3.66 27.04 19.58
C VAL B 405 3.53 26.76 21.06
N ALA B 406 3.31 25.50 21.41
CA ALA B 406 3.23 25.09 22.81
C ALA B 406 4.21 23.96 23.08
N LEU B 407 5.10 24.17 24.04
CA LEU B 407 6.15 23.20 24.32
C LEU B 407 5.62 22.02 25.10
N GLY B 408 6.17 20.85 24.84
CA GLY B 408 5.79 19.63 25.56
C GLY B 408 6.35 19.65 26.97
N ARG B 409 5.60 19.05 27.90
CA ARG B 409 6.03 18.94 29.28
C ARG B 409 6.48 17.53 29.59
N ALA B 410 7.31 17.38 30.61
CA ALA B 410 7.82 16.08 31.01
C ALA B 410 6.69 15.16 31.47
N ASP B 411 5.58 15.76 31.88
CA ASP B 411 4.45 15.00 32.43
C ASP B 411 3.47 14.56 31.34
N GLY B 412 3.81 14.88 30.09
CA GLY B 412 2.98 14.47 28.94
C GLY B 412 2.00 15.55 28.51
N GLY B 413 1.91 16.61 29.31
CA GLY B 413 1.01 17.71 28.99
C GLY B 413 1.73 18.79 28.20
N PHE B 414 1.06 19.92 27.99
CA PHE B 414 1.63 21.03 27.24
C PHE B 414 1.52 22.33 28.01
N ASP B 415 2.46 23.24 27.75
CA ASP B 415 2.41 24.57 28.34
C ASP B 415 1.53 25.48 27.50
N ALA B 416 1.38 26.72 27.93
CA ALA B 416 0.59 27.69 27.18
C ALA B 416 1.24 27.95 25.82
N PRO B 417 0.43 28.04 24.77
CA PRO B 417 0.90 28.46 23.47
C PRO B 417 1.41 29.88 23.51
N TYR B 418 2.45 30.13 22.72
CA TYR B 418 2.97 31.48 22.51
C TYR B 418 3.15 31.73 21.03
N THR B 419 3.12 32.99 20.63
CA THR B 419 3.28 33.31 19.22
C THR B 419 4.72 33.10 18.79
N ALA B 420 4.91 32.26 17.78
CA ALA B 420 6.24 31.99 17.25
C ALA B 420 6.48 32.79 15.98
N TRP B 421 5.39 33.12 15.30
CA TRP B 421 5.45 33.94 14.10
C TRP B 421 4.10 34.62 13.85
N SER B 422 4.13 35.79 13.23
CA SER B 422 2.91 36.49 12.88
C SER B 422 3.12 37.40 11.68
N THR B 423 2.02 37.68 10.98
CA THR B 423 2.06 38.61 9.84
C THR B 423 0.84 39.53 9.84
N PRO B 424 1.02 40.77 9.39
CA PRO B 424 -0.08 41.68 9.14
C PRO B 424 -1.01 41.14 8.07
N ALA B 425 -2.28 41.53 8.16
CA ALA B 425 -3.28 41.12 7.20
C ALA B 425 -2.90 41.55 5.80
N GLY B 426 -3.21 40.69 4.83
CA GLY B 426 -2.89 40.97 3.44
C GLY B 426 -1.65 40.19 2.98
N GLY B 427 -0.96 39.58 3.94
CA GLY B 427 0.20 38.76 3.62
C GLY B 427 -0.20 37.33 3.28
N PHE B 428 -0.45 36.53 4.32
CA PHE B 428 -0.88 35.15 4.13
C PHE B 428 -2.35 34.98 4.51
N HIS B 429 -3.00 34.02 3.89
CA HIS B 429 -4.41 33.75 4.19
C HIS B 429 -4.61 32.30 4.59
N ILE B 430 -5.38 32.09 5.65
CA ILE B 430 -5.54 30.76 6.23
C ILE B 430 -6.21 29.78 5.27
N SER B 431 -6.99 30.31 4.34
CA SER B 431 -7.72 29.47 3.40
C SER B 431 -6.82 28.88 2.32
N TYR B 432 -5.63 29.45 2.16
CA TYR B 432 -4.73 29.03 1.09
C TYR B 432 -3.57 28.20 1.60
N MET B 433 -3.21 28.41 2.87
CA MET B 433 -2.08 27.72 3.45
C MET B 433 -2.40 26.26 3.76
N THR B 434 -1.43 25.39 3.50
CA THR B 434 -1.56 23.97 3.83
C THR B 434 -0.28 23.45 4.50
N PRO B 435 -0.14 23.73 5.80
CA PRO B 435 1.12 23.58 6.48
C PRO B 435 1.50 22.12 6.68
N HIS B 436 2.80 21.84 6.70
CA HIS B 436 3.33 20.53 7.03
C HIS B 436 4.44 20.65 8.04
N ALA B 437 4.47 19.74 9.00
CA ALA B 437 5.53 19.76 10.01
C ALA B 437 6.60 18.72 9.70
N GLY B 438 7.82 19.02 10.10
CA GLY B 438 8.93 18.08 9.94
C GLY B 438 10.23 18.83 9.94
N ASP B 439 11.34 18.12 9.95
CA ASP B 439 12.64 18.77 9.92
C ASP B 439 13.15 18.89 8.50
N PHE B 440 12.83 20.01 7.84
CA PHE B 440 13.16 20.19 6.44
C PHE B 440 14.56 20.76 6.27
N ASN B 441 15.02 21.51 7.27
CA ASN B 441 16.34 22.13 7.22
C ASN B 441 17.44 21.15 7.59
N GLY B 442 17.11 20.19 8.45
CA GLY B 442 18.09 19.21 8.92
C GLY B 442 18.97 19.78 10.01
N ASP B 443 18.47 20.79 10.72
CA ASP B 443 19.24 21.47 11.75
C ASP B 443 18.99 20.89 13.15
N GLY B 444 18.17 19.84 13.22
CA GLY B 444 17.92 19.18 14.50
C GLY B 444 16.67 19.73 15.19
N ARG B 445 15.94 20.60 14.50
CA ARG B 445 14.70 21.13 15.02
C ARG B 445 13.63 21.09 13.94
N ASP B 446 12.42 20.67 14.31
CA ASP B 446 11.34 20.61 13.36
C ASP B 446 10.95 22.00 12.92
N ASP B 447 10.46 22.10 11.70
CA ASP B 447 10.03 23.36 11.15
C ASP B 447 8.80 23.18 10.26
N VAL B 448 8.29 24.25 9.69
CA VAL B 448 7.01 24.20 9.00
C VAL B 448 7.13 24.59 7.53
N ALA B 449 6.58 23.75 6.66
CA ALA B 449 6.51 24.05 5.25
C ALA B 449 5.07 24.23 4.83
N VAL B 450 4.82 25.17 3.93
CA VAL B 450 3.45 25.46 3.50
C VAL B 450 3.29 25.35 2.00
N TRP B 451 2.30 24.57 1.59
CA TRP B 451 1.91 24.49 0.19
C TRP B 451 0.84 25.52 -0.10
N TYR B 452 1.26 26.69 -0.57
CA TYR B 452 0.37 27.83 -0.67
C TYR B 452 -0.26 27.91 -2.06
N ALA B 453 -1.58 27.79 -2.10
CA ALA B 453 -2.31 27.89 -3.37
C ALA B 453 -2.83 29.30 -3.57
N TYR B 454 -2.38 29.96 -4.62
CA TYR B 454 -2.76 31.33 -4.88
C TYR B 454 -4.08 31.39 -5.64
N ALA B 455 -4.79 32.50 -5.47
CA ALA B 455 -6.08 32.69 -6.11
C ALA B 455 -5.96 32.67 -7.63
N ASP B 456 -4.77 33.03 -8.14
CA ASP B 456 -4.55 33.12 -9.58
C ASP B 456 -4.13 31.79 -10.18
N GLY B 457 -4.09 30.75 -9.33
CA GLY B 457 -3.83 29.39 -9.80
C GLY B 457 -2.37 28.97 -9.61
N SER B 458 -1.50 29.92 -9.29
CA SER B 458 -0.09 29.61 -9.09
C SER B 458 0.15 28.95 -7.73
N THR B 459 1.29 28.28 -7.60
CA THR B 459 1.64 27.61 -6.34
C THR B 459 3.07 27.90 -5.93
N LYS B 460 3.29 28.08 -4.62
CA LYS B 460 4.64 28.18 -4.07
C LYS B 460 4.78 27.41 -2.76
N LEU B 461 5.93 26.80 -2.56
CA LEU B 461 6.25 26.20 -1.26
C LEU B 461 7.06 27.14 -0.38
N TRP B 462 6.51 27.46 0.78
CA TRP B 462 7.17 28.35 1.73
C TRP B 462 7.72 27.56 2.90
N THR B 463 8.88 27.96 3.40
CA THR B 463 9.47 27.29 4.55
C THR B 463 9.72 28.25 5.72
N PHE B 464 9.26 27.85 6.90
CA PHE B 464 9.50 28.60 8.13
C PHE B 464 10.50 27.85 9.00
N THR B 465 11.76 28.24 8.96
CA THR B 465 12.77 27.52 9.71
C THR B 465 12.70 27.89 11.19
N SER B 466 13.24 27.03 12.04
CA SER B 466 13.16 27.23 13.48
C SER B 466 14.44 27.80 14.04
N THR B 467 14.30 28.63 15.06
CA THR B 467 15.45 29.18 15.77
C THR B 467 15.61 28.47 17.10
N ASP B 468 16.71 28.76 17.79
CA ASP B 468 16.98 28.12 19.07
C ASP B 468 16.19 28.78 20.19
N ARG B 469 15.37 29.77 19.84
CA ARG B 469 14.49 30.42 20.80
C ARG B 469 13.12 29.77 20.80
N GLY B 470 12.91 28.82 19.88
CA GLY B 470 11.62 28.15 19.73
C GLY B 470 10.72 28.92 18.78
N THR B 471 11.23 30.03 18.25
CA THR B 471 10.47 30.87 17.34
C THR B 471 10.77 30.52 15.89
N PHE B 472 9.98 31.07 14.98
CA PHE B 472 10.17 30.80 13.57
C PHE B 472 10.70 32.02 12.84
N ASN B 473 11.50 31.78 11.80
CA ASN B 473 12.00 32.86 10.97
C ASN B 473 10.98 33.26 9.94
N ALA B 474 11.30 34.28 9.16
CA ALA B 474 10.43 34.68 8.06
C ALA B 474 10.40 33.58 7.02
N PRO B 475 9.23 33.35 6.40
CA PRO B 475 9.09 32.36 5.37
C PRO B 475 9.83 32.77 4.12
N PHE B 476 10.38 31.79 3.42
CA PHE B 476 10.92 32.02 2.09
C PHE B 476 10.44 30.96 1.12
N SER B 477 10.28 31.33 -0.13
CA SER B 477 9.82 30.40 -1.14
C SER B 477 10.98 29.66 -1.78
N SER B 478 10.68 28.53 -2.39
CA SER B 478 11.66 27.79 -3.17
C SER B 478 11.05 27.27 -4.47
N TRP B 479 10.51 26.07 -4.41
CA TRP B 479 9.84 25.49 -5.56
C TRP B 479 8.53 26.20 -5.84
N SER B 480 8.22 26.38 -7.12
CA SER B 480 6.98 27.02 -7.51
C SER B 480 6.48 26.47 -8.83
N ALA B 481 5.22 26.73 -9.13
CA ALA B 481 4.63 26.29 -10.40
C ALA B 481 3.70 27.35 -10.97
N PRO B 482 3.65 27.43 -12.30
CA PRO B 482 2.76 28.34 -12.98
C PRO B 482 1.31 27.88 -12.87
N SER B 483 0.39 28.81 -13.04
CA SER B 483 -1.02 28.49 -13.01
C SER B 483 -1.39 27.57 -14.14
N GLY B 484 -2.28 26.62 -13.87
CA GLY B 484 -2.73 25.69 -14.89
C GLY B 484 -1.95 24.38 -14.82
N SER B 485 -0.94 24.34 -13.96
CA SER B 485 -0.15 23.13 -13.79
C SER B 485 -0.67 22.29 -12.63
N TRP B 486 -0.15 22.55 -11.43
CA TRP B 486 -0.60 21.81 -10.25
C TRP B 486 -1.90 22.36 -9.72
N LEU B 487 -2.89 21.49 -9.55
CA LEU B 487 -4.18 21.89 -9.00
C LEU B 487 -4.30 21.48 -7.55
N ARG B 488 -4.57 22.44 -6.69
CA ARG B 488 -4.61 22.19 -5.26
C ARG B 488 -5.63 21.15 -4.88
N SER B 489 -6.73 21.09 -5.62
CA SER B 489 -7.83 20.21 -5.30
C SER B 489 -7.48 18.74 -5.54
N ARG B 490 -6.39 18.50 -6.27
CA ARG B 490 -6.00 17.14 -6.64
C ARG B 490 -4.76 16.68 -5.87
N VAL B 491 -4.37 17.45 -4.86
CA VAL B 491 -3.15 17.17 -4.11
C VAL B 491 -3.43 16.57 -2.73
N LYS B 492 -2.98 15.34 -2.52
CA LYS B 492 -2.95 14.75 -1.18
C LYS B 492 -1.51 14.54 -0.74
N SER B 493 -1.08 15.33 0.25
CA SER B 493 0.34 15.39 0.59
C SER B 493 0.66 14.70 1.89
N VAL B 494 1.84 14.08 1.94
CA VAL B 494 2.43 13.56 3.18
C VAL B 494 3.87 14.01 3.27
N VAL B 495 4.46 13.92 4.46
CA VAL B 495 5.87 14.26 4.60
C VAL B 495 6.64 13.19 5.35
N GLY B 496 7.95 13.17 5.14
CA GLY B 496 8.85 12.25 5.81
C GLY B 496 10.21 12.24 5.14
N ASP B 497 11.15 11.50 5.68
CA ASP B 497 12.49 11.39 5.09
C ASP B 497 12.59 10.15 4.23
N PHE B 498 12.35 10.31 2.92
CA PHE B 498 12.10 9.15 2.07
C PHE B 498 13.38 8.57 1.45
N ASP B 499 14.50 9.27 1.60
CA ASP B 499 15.76 8.76 1.07
C ASP B 499 16.86 8.70 2.14
N GLY B 500 16.51 9.05 3.38
CA GLY B 500 17.40 8.84 4.52
C GLY B 500 18.59 9.79 4.51
N ASP B 501 18.42 10.98 3.94
CA ASP B 501 19.51 11.94 3.85
C ASP B 501 19.55 12.88 5.05
N GLY B 502 18.64 12.66 6.01
CA GLY B 502 18.65 13.44 7.24
C GLY B 502 17.74 14.66 7.16
N ARG B 503 17.05 14.83 6.05
CA ARG B 503 16.10 15.93 5.90
C ARG B 503 14.74 15.42 5.46
N ASP B 504 13.71 15.86 6.16
CA ASP B 504 12.34 15.52 5.79
C ASP B 504 11.95 16.22 4.52
N ASP B 505 11.06 15.63 3.75
CA ASP B 505 10.62 16.25 2.51
C ASP B 505 9.18 15.87 2.18
N LEU B 506 8.67 16.40 1.08
CA LEU B 506 7.27 16.23 0.73
C LEU B 506 7.07 15.16 -0.30
N SER B 507 5.90 14.54 -0.29
CA SER B 507 5.47 13.73 -1.41
C SER B 507 4.00 13.95 -1.67
N VAL B 508 3.62 13.89 -2.93
CA VAL B 508 2.26 14.18 -3.32
C VAL B 508 1.63 13.06 -4.10
N PHE B 509 0.46 12.63 -3.66
CA PHE B 509 -0.34 11.67 -4.41
C PHE B 509 -1.35 12.41 -5.28
N TYR B 510 -1.00 12.59 -6.55
CA TYR B 510 -1.75 13.46 -7.43
C TYR B 510 -2.81 12.69 -8.20
N GLY B 511 -4.01 13.26 -8.29
CA GLY B 511 -5.10 12.65 -9.06
C GLY B 511 -4.97 12.96 -10.54
N GLN B 512 -4.53 11.98 -11.31
CA GLN B 512 -4.16 12.21 -12.70
C GLN B 512 -5.34 12.10 -13.66
N GLY B 513 -6.24 13.08 -13.60
CA GLY B 513 -7.27 13.23 -14.62
C GLY B 513 -8.35 12.15 -14.54
N ASP B 514 -7.93 10.90 -14.73
CA ASP B 514 -8.84 9.76 -14.73
C ASP B 514 -8.90 9.13 -13.36
N ASP B 515 -8.45 9.87 -12.36
CA ASP B 515 -8.45 9.42 -10.97
C ASP B 515 -7.47 8.27 -10.75
N THR B 516 -6.42 8.22 -11.55
CA THR B 516 -5.31 7.35 -11.25
C THR B 516 -4.34 8.07 -10.33
N VAL B 517 -3.41 7.34 -9.73
CA VAL B 517 -2.55 7.91 -8.71
C VAL B 517 -1.10 7.99 -9.16
N LYS B 518 -0.53 9.19 -9.10
CA LYS B 518 0.89 9.36 -9.38
C LYS B 518 1.58 10.07 -8.23
N THR B 519 2.61 9.44 -7.68
CA THR B 519 3.26 9.95 -6.49
C THR B 519 4.55 10.69 -6.81
N TYR B 520 4.61 11.95 -6.41
CA TYR B 520 5.80 12.77 -6.59
C TYR B 520 6.51 12.95 -5.27
N VAL B 521 7.82 13.10 -5.33
CA VAL B 521 8.59 13.45 -4.14
C VAL B 521 9.38 14.72 -4.36
N PHE B 522 9.44 15.57 -3.34
CA PHE B 522 10.09 16.88 -3.42
C PHE B 522 11.24 16.97 -2.42
N PRO B 523 12.42 16.48 -2.78
CA PRO B 523 13.53 16.39 -1.87
C PRO B 523 13.86 17.75 -1.29
N ALA B 524 14.28 17.77 -0.03
CA ALA B 524 14.58 19.01 0.65
C ALA B 524 16.00 19.46 0.35
N ALA B 525 16.14 20.73 0.03
CA ALA B 525 17.45 21.33 -0.18
C ALA B 525 18.18 21.51 1.16
N PRO B 526 19.50 21.61 1.12
CA PRO B 526 20.29 21.87 2.31
C PRO B 526 19.87 23.17 3.00
N ASP B 527 19.24 24.08 2.26
CA ASP B 527 18.86 25.37 2.82
C ASP B 527 17.42 25.35 3.35
N GLY B 528 16.79 24.18 3.33
CA GLY B 528 15.44 24.02 3.87
C GLY B 528 14.37 24.13 2.80
N GLY B 529 14.75 24.56 1.61
CA GLY B 529 13.81 24.71 0.51
C GLY B 529 13.57 23.37 -0.16
N PHE B 530 12.81 23.37 -1.25
CA PHE B 530 12.48 22.13 -1.95
C PHE B 530 12.93 22.17 -3.40
N THR B 531 13.28 21.00 -3.93
CA THR B 531 13.78 20.89 -5.30
C THR B 531 12.71 20.36 -6.24
N THR B 532 13.03 20.33 -7.53
CA THR B 532 12.12 19.83 -8.55
C THR B 532 11.68 18.39 -8.22
N PRO B 533 10.36 18.13 -8.24
CA PRO B 533 9.82 16.84 -7.90
C PRO B 533 10.11 15.78 -8.94
N ALA B 534 10.07 14.52 -8.51
CA ALA B 534 10.18 13.39 -9.42
C ALA B 534 9.23 12.29 -9.01
N VAL B 535 8.79 11.48 -9.96
CA VAL B 535 7.82 10.43 -9.68
C VAL B 535 8.48 9.20 -9.11
N TRP B 536 7.98 8.75 -7.95
CA TRP B 536 8.53 7.57 -7.29
C TRP B 536 7.62 6.36 -7.43
N TRP B 537 6.36 6.60 -7.73
CA TRP B 537 5.38 5.51 -7.81
C TRP B 537 4.14 5.95 -8.56
N GLN B 538 3.60 5.05 -9.37
CA GLN B 538 2.34 5.31 -10.05
C GLN B 538 1.56 4.03 -10.27
N SER B 539 0.24 4.13 -10.19
CA SER B 539 -0.62 2.99 -10.47
C SER B 539 -1.97 3.42 -10.99
N ALA B 540 -2.50 2.66 -11.95
CA ALA B 540 -3.83 2.92 -12.49
C ALA B 540 -4.82 1.88 -11.97
N SER B 541 -4.39 1.06 -11.03
CA SER B 541 -5.21 -0.03 -10.52
C SER B 541 -6.09 0.42 -9.37
N LEU B 542 -5.86 1.62 -8.88
CA LEU B 542 -6.58 2.12 -7.71
C LEU B 542 -7.13 3.53 -7.93
N ASP B 543 -8.31 3.78 -7.39
CA ASP B 543 -9.00 5.06 -7.58
C ASP B 543 -8.51 6.12 -6.60
N TRP B 544 -8.00 7.22 -7.12
CA TRP B 544 -7.42 8.29 -6.31
C TRP B 544 -8.39 8.81 -5.27
N ASN B 545 -9.68 8.79 -5.59
CA ASN B 545 -10.69 9.36 -4.71
C ASN B 545 -10.89 8.50 -3.47
N ARG B 546 -10.34 7.29 -3.49
CA ARG B 546 -10.52 6.36 -2.40
C ARG B 546 -9.23 6.10 -1.63
N THR B 547 -8.19 6.88 -1.94
CA THR B 547 -6.88 6.70 -1.31
C THR B 547 -6.61 7.76 -0.25
N THR B 548 -6.14 7.32 0.91
CA THR B 548 -5.67 8.23 1.95
C THR B 548 -4.24 7.85 2.39
N PRO B 549 -3.24 8.50 1.81
CA PRO B 549 -1.85 8.14 2.01
C PRO B 549 -1.37 8.49 3.41
N HIS B 550 -0.43 7.68 3.93
CA HIS B 550 0.24 7.97 5.19
C HIS B 550 1.73 7.67 5.07
N ALA B 551 2.56 8.39 5.82
CA ALA B 551 4.00 8.22 5.72
C ALA B 551 4.63 7.80 7.05
N GLY B 552 5.68 6.97 6.96
CA GLY B 552 6.44 6.55 8.13
C GLY B 552 7.41 5.43 7.75
N ASP B 553 8.30 5.07 8.67
CA ASP B 553 9.26 3.99 8.43
C ASP B 553 8.72 2.68 8.94
N PHE B 554 8.15 1.89 8.06
CA PHE B 554 7.35 0.75 8.48
C PHE B 554 8.12 -0.56 8.46
N ASN B 555 9.43 -0.49 8.26
CA ASN B 555 10.25 -1.69 8.34
C ASN B 555 11.60 -1.43 9.03
N GLY B 556 11.79 -0.22 9.54
CA GLY B 556 12.98 0.10 10.33
C GLY B 556 14.21 0.26 9.45
N ASP B 557 14.04 0.73 8.24
CA ASP B 557 15.14 0.90 7.30
C ASP B 557 16.01 2.11 7.63
N GLY B 558 15.41 3.09 8.29
CA GLY B 558 16.08 4.36 8.54
C GLY B 558 15.62 5.40 7.53
N ARG B 559 14.87 4.95 6.53
CA ARG B 559 14.28 5.84 5.54
C ARG B 559 12.79 5.59 5.43
N ASP B 560 12.02 6.66 5.44
CA ASP B 560 10.57 6.57 5.50
C ASP B 560 9.98 6.06 4.21
N ASP B 561 8.78 5.52 4.30
CA ASP B 561 8.03 5.08 3.15
C ASP B 561 6.55 5.30 3.39
N THR B 562 5.70 4.90 2.43
CA THR B 562 4.30 5.26 2.53
C THR B 562 3.38 4.06 2.42
N LEU B 563 2.20 4.19 3.00
CA LEU B 563 1.12 3.24 2.78
C LEU B 563 -0.13 3.98 2.36
N VAL B 564 -1.00 3.31 1.65
CA VAL B 564 -2.25 3.89 1.25
C VAL B 564 -3.43 3.12 1.81
N TRP B 565 -4.27 3.81 2.59
CA TRP B 565 -5.51 3.22 3.07
C TRP B 565 -6.55 3.35 1.98
N TYR B 566 -7.12 2.22 1.58
CA TYR B 566 -8.03 2.22 0.44
C TYR B 566 -9.43 1.79 0.85
N ASP B 567 -10.41 2.61 0.49
CA ASP B 567 -11.81 2.32 0.79
C ASP B 567 -12.51 1.70 -0.43
N TYR B 568 -12.73 0.38 -0.38
CA TYR B 568 -13.26 -0.33 -1.53
C TYR B 568 -14.77 -0.11 -1.69
N PRO B 569 -15.28 -0.24 -2.91
CA PRO B 569 -16.71 -0.21 -3.17
C PRO B 569 -17.44 -1.33 -2.44
N ASP B 570 -16.70 -2.36 -2.03
CA ASP B 570 -17.29 -3.53 -1.39
C ASP B 570 -17.64 -3.28 0.07
N GLY B 571 -17.20 -2.14 0.59
CA GLY B 571 -17.45 -1.79 1.99
C GLY B 571 -16.29 -2.20 2.88
N SER B 572 -15.34 -2.92 2.30
CA SER B 572 -14.13 -3.31 3.01
C SER B 572 -13.01 -2.32 2.73
N ASP B 573 -11.95 -2.40 3.50
CA ASP B 573 -10.79 -1.57 3.24
C ASP B 573 -9.49 -2.31 3.55
N LYS B 574 -8.40 -1.75 3.06
CA LYS B 574 -7.09 -2.37 3.21
C LYS B 574 -6.01 -1.30 3.23
N THR B 575 -4.84 -1.66 3.71
CA THR B 575 -3.68 -0.80 3.55
C THR B 575 -2.63 -1.44 2.70
N SER B 576 -2.15 -0.72 1.71
CA SER B 576 -1.07 -1.19 0.87
C SER B 576 0.20 -0.43 1.17
N THR B 577 1.27 -1.17 1.46
CA THR B 577 2.53 -0.54 1.85
C THR B 577 3.54 -0.59 0.72
N MET B 578 4.11 0.56 0.40
CA MET B 578 5.15 0.64 -0.61
C MET B 578 6.47 1.07 0.02
N LEU B 579 7.36 0.11 0.22
CA LEU B 579 8.61 0.39 0.92
C LEU B 579 9.59 1.13 0.05
N SER B 580 10.35 2.04 0.64
CA SER B 580 11.33 2.81 -0.09
C SER B 580 12.57 2.00 -0.36
N GLU B 581 13.08 2.08 -1.58
CA GLU B 581 14.29 1.38 -1.94
C GLU B 581 15.05 2.10 -3.05
N ARG B 582 16.34 1.82 -3.15
CA ARG B 582 17.15 2.37 -4.23
C ARG B 582 17.66 1.26 -5.13
N VAL B 583 17.27 1.31 -6.40
CA VAL B 583 17.66 0.29 -7.35
C VAL B 583 18.37 0.90 -8.55
N SER B 584 19.56 0.41 -8.84
CA SER B 584 20.37 0.94 -9.94
C SER B 584 20.61 2.44 -9.78
N GLY B 585 20.73 2.89 -8.54
CA GLY B 585 21.03 4.28 -8.25
C GLY B 585 19.77 5.16 -8.25
N LYS B 586 18.63 4.56 -8.58
CA LYS B 586 17.39 5.31 -8.69
C LYS B 586 16.50 5.10 -7.47
N ASP B 587 16.09 6.19 -6.84
CA ASP B 587 15.19 6.12 -5.70
C ASP B 587 13.75 5.99 -6.16
N ARG B 588 13.04 5.03 -5.59
CA ARG B 588 11.62 4.86 -5.88
C ARG B 588 10.95 4.03 -4.80
N PHE B 589 9.63 4.00 -4.81
CA PHE B 589 8.89 3.11 -3.91
C PHE B 589 8.71 1.76 -4.57
N GLY B 590 8.79 0.70 -3.78
CA GLY B 590 8.72 -0.65 -4.30
C GLY B 590 7.28 -1.06 -4.56
N SER B 591 7.08 -2.30 -4.99
CA SER B 591 5.76 -2.81 -5.30
C SER B 591 4.87 -2.81 -4.07
N ALA B 592 3.62 -2.43 -4.26
CA ALA B 592 2.67 -2.38 -3.15
C ALA B 592 2.23 -3.78 -2.74
N LYS B 593 2.09 -3.99 -1.44
CA LYS B 593 1.52 -5.22 -0.92
C LYS B 593 0.52 -4.92 0.18
N VAL B 594 -0.48 -5.78 0.32
CA VAL B 594 -1.48 -5.59 1.37
C VAL B 594 -0.94 -6.04 2.71
N THR B 595 -0.93 -5.11 3.66
CA THR B 595 -0.39 -5.38 4.98
C THR B 595 -1.50 -5.42 6.03
N LEU B 596 -2.63 -4.79 5.71
CA LEU B 596 -3.79 -4.81 6.59
C LEU B 596 -5.07 -4.96 5.79
N SER B 597 -6.01 -5.73 6.31
CA SER B 597 -7.32 -5.84 5.69
C SER B 597 -8.40 -6.09 6.72
N SER B 598 -9.62 -5.68 6.40
CA SER B 598 -10.76 -5.90 7.28
C SER B 598 -11.97 -6.44 6.48
N PRO B 599 -12.92 -7.09 7.18
CA PRO B 599 -14.17 -7.47 6.58
C PRO B 599 -14.96 -6.25 6.13
N PRO B 600 -15.88 -6.42 5.18
CA PRO B 600 -16.76 -5.38 4.77
C PRO B 600 -17.60 -4.89 5.93
N GLY B 601 -17.70 -3.57 6.06
CA GLY B 601 -18.55 -2.96 7.07
C GLY B 601 -17.91 -2.94 8.45
N ASN B 602 -16.67 -3.42 8.54
CA ASN B 602 -15.99 -3.49 9.83
C ASN B 602 -15.45 -2.12 10.24
N LEU B 603 -15.00 -1.35 9.26
CA LEU B 603 -14.53 0.00 9.52
C LEU B 603 -15.02 0.98 8.46
N ASP B 604 -15.39 2.16 8.88
CA ASP B 604 -15.76 3.23 7.96
C ASP B 604 -14.70 4.32 7.95
N VAL B 605 -14.06 4.50 6.80
CA VAL B 605 -12.89 5.36 6.68
C VAL B 605 -13.22 6.82 6.98
N THR B 606 -14.48 7.19 6.89
CA THR B 606 -14.89 8.58 7.10
C THR B 606 -15.33 8.82 8.55
N ARG B 607 -15.29 7.77 9.36
CA ARG B 607 -15.72 7.87 10.75
C ARG B 607 -14.55 7.71 11.73
N MET B 608 -13.33 7.74 11.22
CA MET B 608 -12.17 7.57 12.08
C MET B 608 -11.03 8.51 11.71
N GLN B 609 -10.26 8.90 12.73
CA GLN B 609 -9.10 9.77 12.54
C GLN B 609 -7.81 8.97 12.68
N PHE B 610 -6.86 9.22 11.78
CA PHE B 610 -5.62 8.45 11.72
C PHE B 610 -4.43 9.26 12.21
N LEU B 611 -3.50 8.58 12.88
CA LEU B 611 -2.21 9.16 13.21
C LEU B 611 -1.14 8.07 13.30
N THR B 612 -0.01 8.30 12.65
CA THR B 612 1.09 7.31 12.65
C THR B 612 2.16 7.67 13.68
N GLY B 613 3.01 6.71 13.99
CA GLY B 613 4.13 6.92 14.91
C GLY B 613 4.66 5.60 15.42
N ASP B 614 5.70 5.64 16.25
CA ASP B 614 6.26 4.44 16.83
C ASP B 614 5.75 4.25 18.25
N TYR B 615 4.65 3.50 18.40
CA TYR B 615 3.92 3.51 19.66
C TYR B 615 4.52 2.60 20.72
N ASP B 616 5.16 1.51 20.29
CA ASP B 616 5.77 0.60 21.26
C ASP B 616 7.29 0.78 21.35
N GLY B 617 7.82 1.68 20.53
CA GLY B 617 9.23 2.08 20.63
C GLY B 617 10.19 1.00 20.14
N ASP B 618 9.73 0.16 19.19
CA ASP B 618 10.56 -0.93 18.70
C ASP B 618 11.37 -0.54 17.48
N GLY B 619 11.27 0.72 17.06
CA GLY B 619 12.08 1.24 15.96
C GLY B 619 11.32 1.23 14.63
N ARG B 620 10.16 0.59 14.61
CA ARG B 620 9.35 0.53 13.39
C ARG B 620 8.05 1.29 13.57
N ASP B 621 7.77 2.19 12.65
CA ASP B 621 6.56 2.99 12.72
C ASP B 621 5.32 2.16 12.51
N ASP B 622 4.24 2.56 13.15
CA ASP B 622 2.96 1.91 13.01
C ASP B 622 1.84 2.93 13.13
N LEU B 623 0.60 2.49 13.03
CA LEU B 623 -0.50 3.44 12.99
C LEU B 623 -1.58 3.11 13.99
N ALA B 624 -2.23 4.15 14.49
CA ALA B 624 -3.33 4.00 15.42
C ALA B 624 -4.46 4.95 15.06
N THR B 625 -5.67 4.59 15.42
CA THR B 625 -6.83 5.40 15.07
C THR B 625 -7.77 5.60 16.23
N LEU B 626 -8.57 6.64 16.14
CA LEU B 626 -9.75 6.81 16.99
C LEU B 626 -11.00 6.72 16.14
N ASN B 627 -11.73 5.62 16.24
CA ASN B 627 -12.86 5.41 15.34
C ASN B 627 -14.18 5.62 16.05
N HIS B 628 -15.13 6.20 15.32
CA HIS B 628 -16.46 6.46 15.83
C HIS B 628 -17.39 5.32 15.48
N GLN B 629 -17.86 4.61 16.49
CA GLN B 629 -18.65 3.41 16.30
C GLN B 629 -20.12 3.74 16.09
N ALA B 630 -20.87 2.78 15.60
CA ALA B 630 -22.28 3.00 15.25
C ALA B 630 -23.08 3.47 16.46
N ASP B 631 -22.68 3.03 17.65
CA ASP B 631 -23.41 3.37 18.87
C ASP B 631 -22.87 4.65 19.51
N GLY B 632 -21.95 5.31 18.83
CA GLY B 632 -21.43 6.60 19.28
C GLY B 632 -20.15 6.46 20.11
N THR B 633 -19.78 5.22 20.41
CA THR B 633 -18.57 4.97 21.20
C THR B 633 -17.32 5.26 20.40
N VAL B 634 -16.32 5.85 21.05
CA VAL B 634 -15.02 6.07 20.42
C VAL B 634 -13.97 5.14 21.01
N LYS B 635 -13.26 4.44 20.12
CA LYS B 635 -12.32 3.43 20.56
C LYS B 635 -10.97 3.58 19.87
N MET B 636 -9.89 3.42 20.63
CA MET B 636 -8.55 3.46 20.05
C MET B 636 -8.08 2.09 19.62
N TRP B 637 -7.51 2.02 18.42
CA TRP B 637 -6.87 0.79 17.94
C TRP B 637 -5.47 1.07 17.46
N THR B 638 -4.55 0.15 17.74
CA THR B 638 -3.19 0.26 17.22
C THR B 638 -2.77 -1.00 16.48
N TRP B 639 -2.26 -0.83 15.27
CA TRP B 639 -1.71 -1.94 14.50
C TRP B 639 -0.20 -1.83 14.40
N THR B 640 0.51 -2.66 15.14
CA THR B 640 1.97 -2.57 15.18
C THR B 640 2.57 -3.18 13.92
N ALA B 641 3.83 -2.85 13.64
CA ALA B 641 4.46 -3.28 12.41
C ALA B 641 5.45 -4.42 12.64
N ARG B 642 5.32 -5.46 11.84
CA ARG B 642 6.25 -6.58 11.86
C ARG B 642 7.52 -6.23 11.06
N PRO B 643 8.60 -7.00 11.23
CA PRO B 643 9.85 -6.72 10.58
C PRO B 643 9.72 -6.67 9.04
N ASP B 644 8.70 -7.32 8.50
CA ASP B 644 8.50 -7.36 7.05
C ASP B 644 7.45 -6.35 6.59
N ALA B 645 7.12 -5.41 7.48
CA ALA B 645 6.16 -4.34 7.18
C ALA B 645 4.72 -4.85 7.11
N MET B 646 4.51 -6.11 7.49
CA MET B 646 3.16 -6.60 7.72
C MET B 646 2.65 -6.10 9.04
N PHE B 647 1.37 -5.81 9.12
CA PHE B 647 0.80 -5.33 10.37
C PHE B 647 0.26 -6.46 11.21
N ASN B 648 0.29 -6.28 12.51
CA ASN B 648 -0.32 -7.23 13.42
C ASN B 648 -1.80 -6.92 13.58
N GLY B 649 -2.49 -7.72 14.35
CA GLY B 649 -3.89 -7.45 14.64
C GLY B 649 -4.01 -6.20 15.51
N GLY B 650 -5.13 -5.51 15.40
CA GLY B 650 -5.33 -4.29 16.16
C GLY B 650 -5.42 -4.58 17.65
N ILE B 651 -4.82 -3.74 18.46
CA ILE B 651 -4.90 -3.89 19.89
C ILE B 651 -5.72 -2.76 20.49
N ALA B 652 -6.78 -3.12 21.19
CA ALA B 652 -7.68 -2.13 21.76
C ALA B 652 -7.01 -1.35 22.88
N GLY B 653 -7.27 -0.05 22.92
CA GLY B 653 -6.76 0.81 23.98
C GLY B 653 -7.90 1.51 24.73
N TRP B 654 -7.71 2.79 25.01
CA TRP B 654 -8.72 3.59 25.70
C TRP B 654 -9.98 3.75 24.86
N SER B 655 -11.13 3.76 25.53
CA SER B 655 -12.40 4.01 24.86
C SER B 655 -13.35 4.78 25.77
N ALA B 656 -14.34 5.42 25.17
CA ALA B 656 -15.33 6.18 25.94
C ALA B 656 -16.64 6.31 25.17
N PRO B 657 -17.74 6.51 25.89
CA PRO B 657 -19.01 6.84 25.30
C PRO B 657 -19.02 8.28 24.78
N ALA B 658 -19.95 8.57 23.88
CA ALA B 658 -20.07 9.89 23.26
C ALA B 658 -20.38 10.96 24.31
N SER B 659 -20.90 10.53 25.46
CA SER B 659 -21.24 11.45 26.53
C SER B 659 -20.00 12.07 27.14
N SER B 660 -18.85 11.46 26.89
CA SER B 660 -17.58 11.97 27.41
C SER B 660 -16.75 12.60 26.30
N TRP B 661 -16.47 11.83 25.25
CA TRP B 661 -15.68 12.31 24.14
C TRP B 661 -16.48 12.34 22.85
N VAL B 662 -16.71 13.54 22.32
CA VAL B 662 -17.44 13.69 21.08
C VAL B 662 -16.50 13.66 19.89
N PHE B 663 -16.69 12.68 19.01
CA PHE B 663 -15.77 12.44 17.91
C PHE B 663 -15.62 13.64 17.00
N GLY B 664 -16.74 14.23 16.61
CA GLY B 664 -16.74 15.25 15.58
C GLY B 664 -16.32 16.62 16.12
N SER B 665 -16.03 16.67 17.42
CA SER B 665 -15.69 17.93 18.06
C SER B 665 -14.21 18.00 18.44
N ALA B 666 -13.44 17.00 18.04
CA ALA B 666 -12.01 16.98 18.37
C ALA B 666 -11.15 16.74 17.14
N GLN B 667 -10.02 17.44 17.08
CA GLN B 667 -9.05 17.26 16.00
C GLN B 667 -7.68 16.91 16.54
N PHE B 668 -7.05 15.92 15.94
CA PHE B 668 -5.74 15.47 16.40
C PHE B 668 -4.62 16.29 15.79
N PHE B 669 -3.54 16.44 16.56
CA PHE B 669 -2.36 17.11 16.06
C PHE B 669 -1.57 16.18 15.16
N THR B 670 -1.37 16.60 13.94
CA THR B 670 -0.77 15.74 12.92
C THR B 670 0.46 16.36 12.31
N THR B 671 1.10 15.63 11.43
CA THR B 671 2.30 16.09 10.76
C THR B 671 1.96 16.55 9.35
N TYR B 672 0.81 16.10 8.85
CA TYR B 672 0.32 16.48 7.53
C TYR B 672 -1.20 16.42 7.50
N PRO B 673 -1.83 17.33 6.76
CA PRO B 673 -3.26 17.51 6.82
C PRO B 673 -4.02 16.27 6.35
N LYS B 674 -5.17 16.01 6.97
CA LYS B 674 -6.04 14.89 6.60
C LYS B 674 -5.30 13.55 6.66
N PRO C 4 -69.16 -11.76 -30.83
CA PRO C 4 -69.81 -10.58 -31.37
C PRO C 4 -68.82 -9.44 -31.58
N ALA C 5 -69.05 -8.65 -32.63
CA ALA C 5 -68.20 -7.52 -32.95
C ALA C 5 -68.43 -6.36 -31.99
N VAL C 6 -67.39 -5.57 -31.79
CA VAL C 6 -67.49 -4.37 -30.96
C VAL C 6 -67.91 -3.17 -31.80
N THR C 7 -68.86 -2.40 -31.27
CA THR C 7 -69.34 -1.20 -31.96
C THR C 7 -68.21 -0.19 -32.15
N GLU C 8 -68.13 0.38 -33.35
CA GLU C 8 -67.07 1.31 -33.68
C GLU C 8 -67.01 2.45 -32.67
N GLY C 9 -65.79 2.75 -32.20
CA GLY C 9 -65.58 3.79 -31.20
C GLY C 9 -65.46 3.19 -29.80
N GLY C 10 -65.91 1.94 -29.65
CA GLY C 10 -65.82 1.25 -28.38
C GLY C 10 -64.43 0.65 -28.18
N HIS C 11 -63.99 0.60 -26.92
CA HIS C 11 -62.73 -0.03 -26.59
C HIS C 11 -61.60 0.47 -27.49
N ALA C 12 -61.53 1.78 -27.67
CA ALA C 12 -60.49 2.39 -28.50
C ALA C 12 -59.11 2.14 -27.90
N SER C 13 -59.09 1.89 -26.60
CA SER C 13 -57.86 1.64 -25.87
C SER C 13 -57.27 0.27 -26.20
N THR C 14 -58.06 -0.58 -26.84
CA THR C 14 -57.60 -1.92 -27.20
C THR C 14 -56.81 -1.86 -28.51
N ALA C 15 -55.60 -2.36 -28.47
CA ALA C 15 -54.68 -2.26 -29.61
C ALA C 15 -54.40 -3.60 -30.24
N ARG C 16 -54.15 -3.59 -31.54
CA ARG C 16 -53.64 -4.75 -32.24
C ARG C 16 -52.14 -4.61 -32.44
N LEU C 17 -51.40 -5.69 -32.21
CA LEU C 17 -49.96 -5.65 -32.40
C LEU C 17 -49.52 -6.55 -33.53
N ARG C 18 -48.56 -6.06 -34.32
CA ARG C 18 -48.00 -6.83 -35.42
C ARG C 18 -46.50 -7.01 -35.22
N ILE C 19 -46.08 -8.25 -35.01
CA ILE C 19 -44.69 -8.53 -34.69
C ILE C 19 -43.93 -9.06 -35.89
N GLY C 20 -42.88 -8.35 -36.28
CA GLY C 20 -42.05 -8.74 -37.42
C GLY C 20 -42.80 -8.56 -38.71
N ASP C 21 -42.40 -9.28 -39.73
CA ASP C 21 -43.07 -9.23 -41.02
C ASP C 21 -44.28 -10.15 -41.02
N ASP C 22 -45.31 -9.75 -40.29
CA ASP C 22 -46.50 -10.57 -40.11
C ASP C 22 -46.14 -11.97 -39.62
N GLN C 23 -45.23 -12.04 -38.65
CA GLN C 23 -44.76 -13.33 -38.15
C GLN C 23 -45.60 -13.80 -36.97
N ARG C 24 -46.03 -12.86 -36.13
CA ARG C 24 -46.88 -13.18 -35.00
C ARG C 24 -47.98 -12.15 -34.80
N ALA C 25 -49.11 -12.59 -34.29
CA ALA C 25 -50.20 -11.70 -33.92
C ALA C 25 -50.34 -11.63 -32.41
N CYS C 26 -50.60 -10.41 -31.89
CA CYS C 26 -50.76 -10.21 -30.45
C CYS C 26 -51.68 -9.02 -30.19
N SER C 27 -52.30 -8.99 -29.01
CA SER C 27 -53.16 -7.89 -28.62
C SER C 27 -52.63 -7.19 -27.38
N GLY C 28 -53.14 -6.00 -27.10
CA GLY C 28 -52.73 -5.26 -25.92
C GLY C 28 -53.68 -4.11 -25.62
N VAL C 29 -53.41 -3.41 -24.53
CA VAL C 29 -54.26 -2.31 -24.09
C VAL C 29 -53.43 -1.08 -23.75
N LEU C 30 -53.98 0.10 -24.04
CA LEU C 30 -53.33 1.34 -23.69
C LEU C 30 -53.44 1.60 -22.19
N VAL C 31 -52.29 1.74 -21.54
CA VAL C 31 -52.22 1.96 -20.10
C VAL C 31 -51.84 3.39 -19.79
N ALA C 32 -50.98 3.93 -20.61
CA ALA C 32 -50.54 5.31 -20.49
C ALA C 32 -50.32 5.88 -21.87
N ALA C 33 -50.21 7.18 -21.97
CA ALA C 33 -50.18 7.82 -23.27
C ALA C 33 -49.12 7.19 -24.16
N GLN C 34 -47.99 6.79 -23.56
CA GLN C 34 -46.88 6.27 -24.35
C GLN C 34 -46.54 4.82 -23.98
N TRP C 35 -47.48 4.11 -23.33
CA TRP C 35 -47.23 2.71 -22.95
C TRP C 35 -48.40 1.78 -23.26
N LEU C 36 -48.08 0.58 -23.75
CA LEU C 36 -49.06 -0.49 -23.93
C LEU C 36 -48.76 -1.67 -23.02
N ALA C 37 -49.81 -2.35 -22.56
CA ALA C 37 -49.63 -3.59 -21.83
C ALA C 37 -50.04 -4.78 -22.69
N THR C 38 -49.13 -5.73 -22.87
CA THR C 38 -49.37 -6.87 -23.75
C THR C 38 -48.97 -8.17 -23.06
N ALA C 39 -49.33 -9.29 -23.67
CA ALA C 39 -48.87 -10.59 -23.19
C ALA C 39 -47.37 -10.72 -23.42
N ALA C 40 -46.70 -11.37 -22.49
CA ALA C 40 -45.26 -11.60 -22.61
C ALA C 40 -45.00 -12.80 -23.51
N SER C 41 -45.95 -13.72 -23.54
CA SER C 41 -45.79 -14.98 -24.27
C SER C 41 -45.63 -14.77 -25.79
N CYS C 42 -46.14 -13.65 -26.31
CA CYS C 42 -46.08 -13.38 -27.75
C CYS C 42 -44.77 -12.71 -28.15
N PHE C 43 -44.00 -12.28 -27.14
CA PHE C 43 -42.69 -11.67 -27.38
C PHE C 43 -41.56 -12.60 -26.96
N ALA C 44 -41.92 -13.80 -26.51
CA ALA C 44 -40.93 -14.78 -26.07
C ALA C 44 -40.24 -15.41 -27.27
N ASP C 45 -38.99 -15.82 -27.09
CA ASP C 45 -38.27 -16.47 -28.18
C ASP C 45 -39.03 -17.71 -28.63
N ASP C 46 -39.55 -18.46 -27.67
CA ASP C 46 -40.40 -19.60 -27.96
C ASP C 46 -41.86 -19.21 -27.76
N LEU C 47 -42.60 -19.12 -28.85
CA LEU C 47 -43.95 -18.57 -28.77
C LEU C 47 -44.81 -19.38 -27.80
N GLY C 48 -45.44 -18.66 -26.85
CA GLY C 48 -46.38 -19.27 -25.92
C GLY C 48 -45.75 -19.61 -24.57
N ALA C 49 -44.42 -19.58 -24.50
CA ALA C 49 -43.73 -19.92 -23.25
C ALA C 49 -42.31 -19.36 -23.21
N GLY C 50 -41.76 -19.25 -22.01
CA GLY C 50 -40.35 -18.92 -21.85
C GLY C 50 -40.15 -17.42 -21.62
N PRO C 51 -38.90 -17.03 -21.38
CA PRO C 51 -38.56 -15.67 -21.02
C PRO C 51 -38.67 -14.72 -22.20
N VAL C 52 -38.81 -13.44 -21.89
CA VAL C 52 -38.78 -12.39 -22.90
C VAL C 52 -37.57 -11.49 -22.71
N ALA C 53 -36.85 -11.22 -23.79
CA ALA C 53 -35.67 -10.38 -23.72
C ALA C 53 -36.05 -8.96 -23.33
N ALA C 54 -35.24 -8.36 -22.47
CA ALA C 54 -35.43 -6.96 -22.08
C ALA C 54 -34.87 -6.03 -23.14
N GLY C 55 -35.42 -4.83 -23.22
CA GLY C 55 -34.94 -3.84 -24.17
C GLY C 55 -35.70 -3.97 -25.48
N LYS C 56 -35.03 -3.64 -26.58
CA LYS C 56 -35.68 -3.66 -27.88
C LYS C 56 -36.16 -5.07 -28.21
N PRO C 57 -37.32 -5.18 -28.86
CA PRO C 57 -37.88 -6.45 -29.24
C PRO C 57 -37.03 -7.15 -30.29
N GLN C 58 -37.15 -8.47 -30.36
CA GLN C 58 -36.36 -9.26 -31.30
C GLN C 58 -36.81 -9.01 -32.74
N TRP C 59 -38.02 -8.51 -32.89
CA TRP C 59 -38.57 -8.21 -34.20
C TRP C 59 -39.18 -6.82 -34.21
N ARG C 60 -39.07 -6.12 -35.33
CA ARG C 60 -39.73 -4.84 -35.45
C ARG C 60 -41.20 -5.02 -35.22
N THR C 61 -41.76 -4.22 -34.31
CA THR C 61 -43.13 -4.39 -33.90
C THR C 61 -43.87 -3.07 -33.86
N THR C 62 -45.10 -3.07 -34.34
CA THR C 62 -45.95 -1.89 -34.30
C THR C 62 -47.31 -2.23 -33.72
N ALA C 63 -48.07 -1.20 -33.39
CA ALA C 63 -49.40 -1.39 -32.82
C ALA C 63 -50.40 -0.42 -33.43
N VAL C 64 -51.64 -0.87 -33.58
CA VAL C 64 -52.71 -0.04 -34.12
C VAL C 64 -53.87 0.06 -33.15
N LEU C 65 -54.32 1.28 -32.89
CA LEU C 65 -55.38 1.52 -31.91
C LEU C 65 -56.17 2.78 -32.23
N GLY C 66 -57.17 3.07 -31.40
CA GLY C 66 -58.06 4.20 -31.62
C GLY C 66 -59.45 3.72 -32.02
N PRO C 67 -60.42 4.64 -32.05
CA PRO C 67 -61.82 4.30 -32.20
C PRO C 67 -62.09 3.57 -33.52
N ALA C 68 -61.26 3.83 -34.52
CA ALA C 68 -61.39 3.16 -35.81
C ALA C 68 -60.09 2.51 -36.22
N ALA C 69 -59.23 2.24 -35.23
CA ALA C 69 -57.93 1.63 -35.49
C ALA C 69 -57.19 2.41 -36.58
N GLY C 70 -57.21 3.74 -36.48
CA GLY C 70 -56.61 4.59 -37.49
C GLY C 70 -55.24 5.14 -37.06
N THR C 71 -54.81 4.77 -35.86
CA THR C 71 -53.53 5.26 -35.35
C THR C 71 -52.51 4.14 -35.26
N THR C 72 -51.35 4.34 -35.87
CA THR C 72 -50.29 3.35 -35.84
C THR C 72 -49.05 3.89 -35.15
N VAL C 73 -48.54 3.14 -34.18
CA VAL C 73 -47.35 3.52 -33.44
C VAL C 73 -46.36 2.38 -33.34
N GLU C 74 -45.09 2.71 -33.17
CA GLU C 74 -44.04 1.71 -33.04
C GLU C 74 -43.68 1.48 -31.58
N VAL C 75 -43.47 0.21 -31.22
CA VAL C 75 -43.00 -0.11 -29.87
C VAL C 75 -41.48 -0.22 -29.87
N VAL C 76 -40.85 0.46 -28.92
CA VAL C 76 -39.40 0.59 -28.91
C VAL C 76 -38.74 -0.31 -27.86
N GLU C 77 -39.30 -0.32 -26.67
CA GLU C 77 -38.65 -0.99 -25.53
C GLU C 77 -39.61 -1.87 -24.75
N LEU C 78 -39.16 -3.07 -24.40
CA LEU C 78 -39.95 -3.96 -23.56
C LEU C 78 -39.34 -4.10 -22.18
N VAL C 79 -40.19 -4.10 -21.16
CA VAL C 79 -39.77 -4.44 -19.80
C VAL C 79 -40.69 -5.52 -19.19
N PRO C 80 -40.36 -6.79 -19.45
CA PRO C 80 -41.20 -7.89 -19.07
C PRO C 80 -41.19 -8.15 -17.58
N ARG C 81 -42.28 -8.70 -17.07
CA ARG C 81 -42.35 -9.14 -15.68
C ARG C 81 -42.17 -10.66 -15.58
N THR C 82 -41.65 -11.13 -14.46
CA THR C 82 -41.19 -12.52 -14.35
C THR C 82 -42.23 -13.46 -13.71
N ASP C 83 -43.16 -12.92 -12.95
CA ASP C 83 -44.15 -13.74 -12.25
C ASP C 83 -45.52 -13.70 -12.94
N ARG C 84 -45.56 -13.10 -14.12
CA ARG C 84 -46.80 -12.94 -14.88
C ARG C 84 -46.54 -13.01 -16.37
N ASP C 85 -47.57 -13.37 -17.13
CA ASP C 85 -47.51 -13.21 -18.58
C ASP C 85 -47.85 -11.78 -18.95
N LEU C 86 -46.97 -10.86 -18.56
CA LEU C 86 -47.21 -9.44 -18.72
C LEU C 86 -45.93 -8.70 -19.06
N VAL C 87 -45.99 -7.92 -20.14
CA VAL C 87 -44.88 -7.05 -20.51
C VAL C 87 -45.37 -5.66 -20.84
N LEU C 88 -44.66 -4.65 -20.36
CA LEU C 88 -44.99 -3.26 -20.69
C LEU C 88 -44.12 -2.77 -21.83
N ALA C 89 -44.77 -2.29 -22.88
CA ALA C 89 -44.06 -1.82 -24.08
C ALA C 89 -44.10 -0.32 -24.20
N ARG C 90 -42.92 0.29 -24.28
CA ARG C 90 -42.82 1.73 -24.47
C ARG C 90 -42.94 2.09 -25.93
N LEU C 91 -43.78 3.08 -26.23
CA LEU C 91 -43.99 3.51 -27.59
C LEU C 91 -43.01 4.60 -27.99
N ALA C 92 -42.73 4.69 -29.28
CA ALA C 92 -41.88 5.75 -29.81
C ALA C 92 -42.52 7.11 -29.59
N SER C 93 -43.84 7.16 -29.60
CA SER C 93 -44.57 8.41 -29.41
C SER C 93 -45.88 8.14 -28.66
N PRO C 94 -46.36 9.13 -27.89
CA PRO C 94 -47.60 9.02 -27.19
C PRO C 94 -48.79 9.01 -28.14
N VAL C 95 -49.87 8.35 -27.73
CA VAL C 95 -51.08 8.28 -28.53
C VAL C 95 -52.07 9.36 -28.11
N ALA C 96 -52.38 10.25 -29.04
CA ALA C 96 -53.35 11.30 -28.79
C ALA C 96 -54.75 10.86 -29.20
N GLY C 97 -55.76 11.33 -28.46
CA GLY C 97 -57.15 11.10 -28.85
C GLY C 97 -57.70 9.80 -28.25
N THR C 98 -56.83 9.03 -27.60
CA THR C 98 -57.25 7.77 -27.01
C THR C 98 -57.00 7.77 -25.52
N THR C 99 -58.03 7.43 -24.75
CA THR C 99 -57.95 7.42 -23.30
C THR C 99 -57.44 6.07 -22.77
N PRO C 100 -56.38 6.09 -21.95
CA PRO C 100 -55.83 4.88 -21.39
C PRO C 100 -56.78 4.30 -20.33
N VAL C 101 -56.69 2.98 -20.13
CA VAL C 101 -57.52 2.30 -19.15
C VAL C 101 -56.82 2.22 -17.80
N PRO C 102 -57.45 2.75 -16.74
CA PRO C 102 -56.89 2.72 -15.42
C PRO C 102 -56.90 1.31 -14.85
N PHE C 103 -55.98 1.04 -13.93
CA PHE C 103 -55.94 -0.25 -13.26
C PHE C 103 -57.01 -0.35 -12.19
N ALA C 104 -57.58 -1.53 -12.04
CA ALA C 104 -58.54 -1.78 -10.97
C ALA C 104 -57.86 -1.62 -9.61
N THR C 105 -58.58 -1.04 -8.66
CA THR C 105 -58.02 -0.79 -7.34
C THR C 105 -58.49 -1.82 -6.33
N THR C 106 -59.34 -2.74 -6.77
CA THR C 106 -59.85 -3.79 -5.91
C THR C 106 -59.65 -5.16 -6.55
N ALA C 107 -59.61 -6.19 -5.71
CA ALA C 107 -59.41 -7.54 -6.18
C ALA C 107 -60.63 -8.07 -6.92
N PRO C 108 -60.41 -8.92 -7.93
CA PRO C 108 -61.47 -9.68 -8.55
C PRO C 108 -61.99 -10.76 -7.61
N ALA C 109 -63.21 -11.22 -7.87
CA ALA C 109 -63.82 -12.23 -7.02
C ALA C 109 -64.68 -13.20 -7.83
N PRO C 110 -64.88 -14.42 -7.34
CA PRO C 110 -65.70 -15.39 -8.00
C PRO C 110 -67.09 -14.86 -8.27
N GLY C 111 -67.60 -15.14 -9.46
CA GLY C 111 -68.93 -14.71 -9.85
C GLY C 111 -68.90 -13.38 -10.60
N GLU C 112 -67.75 -12.70 -10.57
CA GLU C 112 -67.61 -11.43 -11.25
C GLU C 112 -67.53 -11.61 -12.76
N GLU C 113 -68.21 -10.73 -13.49
CA GLU C 113 -68.21 -10.79 -14.95
C GLU C 113 -67.20 -9.81 -15.54
N LEU C 114 -66.30 -10.32 -16.37
CA LEU C 114 -65.30 -9.50 -17.03
C LEU C 114 -65.56 -9.45 -18.54
N THR C 115 -65.27 -8.30 -19.13
CA THR C 115 -65.40 -8.12 -20.57
C THR C 115 -64.09 -8.36 -21.29
N VAL C 116 -64.10 -9.29 -22.22
CA VAL C 116 -62.89 -9.64 -22.96
C VAL C 116 -62.94 -9.07 -24.36
N VAL C 117 -61.97 -8.23 -24.69
CA VAL C 117 -61.92 -7.64 -26.04
C VAL C 117 -60.51 -7.73 -26.63
N GLY C 118 -60.44 -8.02 -27.93
CA GLY C 118 -59.15 -8.10 -28.61
C GLY C 118 -59.31 -8.31 -30.12
N PHE C 119 -58.18 -8.52 -30.80
CA PHE C 119 -58.16 -8.65 -32.25
C PHE C 119 -57.81 -10.07 -32.70
N GLY C 120 -58.00 -11.04 -31.81
CA GLY C 120 -57.68 -12.42 -32.14
C GLY C 120 -58.74 -13.03 -33.03
N ARG C 121 -58.51 -14.28 -33.44
CA ARG C 121 -59.42 -14.95 -34.36
C ARG C 121 -60.77 -15.18 -33.70
N THR C 122 -61.82 -15.21 -34.52
CA THR C 122 -63.17 -15.41 -34.03
C THR C 122 -63.64 -16.82 -34.34
N LYS C 123 -64.91 -17.08 -34.10
CA LYS C 123 -65.49 -18.38 -34.40
C LYS C 123 -65.44 -18.67 -35.89
N GLU C 124 -65.59 -17.63 -36.71
CA GLU C 124 -65.65 -17.80 -38.15
C GLU C 124 -64.45 -17.17 -38.88
N GLU C 125 -63.87 -16.13 -38.29
CA GLU C 125 -62.84 -15.34 -38.97
C GLU C 125 -61.45 -15.62 -38.46
N TRP C 126 -60.57 -16.05 -39.36
CA TRP C 126 -59.18 -16.31 -39.02
C TRP C 126 -58.47 -15.04 -38.56
N ALA C 127 -58.72 -13.94 -39.26
CA ALA C 127 -58.04 -12.68 -38.98
C ALA C 127 -58.98 -11.48 -39.18
N PRO C 128 -59.82 -11.19 -38.18
CA PRO C 128 -60.87 -10.22 -38.31
C PRO C 128 -60.32 -8.81 -38.48
N LEU C 129 -61.07 -7.95 -39.16
CA LEU C 129 -60.64 -6.57 -39.40
C LEU C 129 -61.11 -5.63 -38.30
N THR C 130 -61.90 -6.16 -37.37
CA THR C 130 -62.43 -5.35 -36.28
C THR C 130 -62.26 -6.04 -34.94
N ARG C 131 -62.62 -5.34 -33.87
CA ARG C 131 -62.56 -5.90 -32.52
C ARG C 131 -63.73 -6.82 -32.25
N HIS C 132 -63.46 -7.92 -31.56
CA HIS C 132 -64.51 -8.83 -31.11
C HIS C 132 -64.39 -9.07 -29.62
N THR C 133 -65.52 -9.39 -28.98
CA THR C 133 -65.53 -9.51 -27.52
C THR C 133 -66.12 -10.82 -27.03
N ALA C 134 -65.97 -11.07 -25.72
CA ALA C 134 -66.51 -12.26 -25.07
C ALA C 134 -66.83 -11.98 -23.60
N ALA C 135 -67.77 -12.72 -23.04
CA ALA C 135 -68.15 -12.54 -21.64
C ALA C 135 -67.60 -13.65 -20.76
N PHE C 136 -66.68 -13.31 -19.86
CA PHE C 136 -66.06 -14.29 -18.97
C PHE C 136 -66.51 -14.09 -17.52
N THR C 137 -66.54 -15.18 -16.77
CA THR C 137 -66.86 -15.14 -15.35
C THR C 137 -65.71 -15.69 -14.51
N VAL C 138 -65.38 -14.99 -13.44
CA VAL C 138 -64.29 -15.42 -12.56
C VAL C 138 -64.72 -16.62 -11.72
N GLN C 139 -63.90 -17.66 -11.71
CA GLN C 139 -64.19 -18.85 -10.93
C GLN C 139 -63.41 -18.83 -9.62
N SER C 140 -62.16 -18.40 -9.69
CA SER C 140 -61.34 -18.25 -8.50
C SER C 140 -60.17 -17.30 -8.76
N VAL C 141 -59.60 -16.77 -7.69
CA VAL C 141 -58.42 -15.92 -7.80
C VAL C 141 -57.34 -16.38 -6.84
N SER C 142 -56.13 -16.60 -7.35
CA SER C 142 -55.01 -17.02 -6.52
C SER C 142 -53.68 -16.65 -7.15
N GLY C 143 -52.66 -16.52 -6.31
CA GLY C 143 -51.32 -16.26 -6.80
C GLY C 143 -51.28 -14.98 -7.62
N THR C 144 -50.74 -15.08 -8.84
CA THR C 144 -50.64 -13.95 -9.72
C THR C 144 -51.58 -14.07 -10.92
N THR C 145 -52.48 -15.07 -10.86
CA THR C 145 -53.35 -15.36 -12.00
C THR C 145 -54.82 -15.50 -11.57
N LEU C 146 -55.70 -15.50 -12.57
CA LEU C 146 -57.13 -15.75 -12.35
C LEU C 146 -57.56 -17.03 -13.03
N ALA C 147 -58.48 -17.75 -12.40
CA ALA C 147 -59.16 -18.86 -13.05
C ALA C 147 -60.45 -18.39 -13.67
N LEU C 148 -60.48 -18.33 -15.00
CA LEU C 148 -61.62 -17.78 -15.70
C LEU C 148 -62.34 -18.83 -16.52
N ASP C 149 -63.64 -18.65 -16.70
CA ASP C 149 -64.40 -19.46 -17.63
C ASP C 149 -65.40 -18.59 -18.37
N GLY C 150 -66.12 -19.18 -19.30
CA GLY C 150 -67.11 -18.44 -20.07
C GLY C 150 -68.39 -18.24 -19.29
N ARG C 151 -69.04 -17.10 -19.49
CA ARG C 151 -70.39 -16.89 -18.98
C ARG C 151 -71.34 -17.84 -19.67
N THR C 152 -71.08 -18.08 -20.95
CA THR C 152 -71.83 -19.03 -21.74
C THR C 152 -70.87 -19.95 -22.48
N ASP C 153 -71.40 -20.94 -23.17
CA ASP C 153 -70.57 -21.87 -23.93
C ASP C 153 -70.45 -21.43 -25.38
N ASP C 154 -70.95 -20.24 -25.68
CA ASP C 154 -71.01 -19.76 -27.06
C ASP C 154 -69.71 -19.08 -27.50
N ASP C 155 -69.08 -18.34 -26.59
CA ASP C 155 -67.87 -17.60 -26.95
C ASP C 155 -66.63 -18.19 -26.26
N ALA C 156 -65.46 -17.65 -26.61
CA ALA C 156 -64.20 -18.13 -26.07
C ALA C 156 -63.08 -17.14 -26.33
N ILE C 157 -61.98 -17.31 -25.61
CA ILE C 157 -60.74 -16.59 -25.92
C ILE C 157 -59.89 -17.42 -26.88
N CYS C 158 -59.54 -16.82 -28.03
CA CYS C 158 -58.91 -17.56 -29.13
C CYS C 158 -57.49 -17.07 -29.38
N ALA C 159 -56.70 -17.90 -30.06
CA ALA C 159 -55.32 -17.54 -30.39
C ALA C 159 -55.26 -16.23 -31.16
N GLY C 160 -54.28 -15.41 -30.82
CA GLY C 160 -54.11 -14.11 -31.44
C GLY C 160 -54.76 -13.02 -30.60
N ASP C 161 -55.57 -13.43 -29.63
CA ASP C 161 -56.25 -12.49 -28.74
C ASP C 161 -55.46 -12.31 -27.45
N ALA C 162 -54.33 -13.00 -27.35
CA ALA C 162 -53.52 -12.94 -26.15
C ALA C 162 -53.02 -11.53 -25.95
N GLY C 163 -53.04 -11.08 -24.70
CA GLY C 163 -52.60 -9.74 -24.36
C GLY C 163 -53.76 -8.77 -24.34
N GLY C 164 -54.91 -9.20 -24.86
CA GLY C 164 -56.09 -8.35 -24.88
C GLY C 164 -56.58 -8.11 -23.45
N PRO C 165 -57.11 -6.92 -23.19
CA PRO C 165 -57.56 -6.56 -21.87
C PRO C 165 -58.81 -7.31 -21.46
N LEU C 166 -58.91 -7.57 -20.16
CA LEU C 166 -60.15 -8.00 -19.54
C LEU C 166 -60.65 -6.91 -18.64
N LEU C 167 -61.77 -6.30 -19.02
CA LEU C 167 -62.22 -5.08 -18.39
C LEU C 167 -63.37 -5.33 -17.43
N ARG C 168 -63.44 -4.52 -16.39
CA ARG C 168 -64.58 -4.51 -15.49
C ARG C 168 -65.31 -3.18 -15.59
N GLN C 169 -66.62 -3.24 -15.83
CA GLN C 169 -67.40 -2.03 -16.00
C GLN C 169 -67.74 -1.40 -14.66
N LYS C 170 -67.49 -0.09 -14.54
CA LYS C 170 -67.80 0.63 -13.32
C LYS C 170 -68.14 2.09 -13.60
N ASP C 171 -69.29 2.54 -13.13
CA ASP C 171 -69.69 3.95 -13.23
C ASP C 171 -69.65 4.45 -14.68
N GLY C 172 -70.01 3.58 -15.62
CA GLY C 172 -70.08 3.97 -17.02
C GLY C 172 -68.74 3.80 -17.74
N GLY C 173 -67.70 3.49 -16.96
CA GLY C 173 -66.35 3.32 -17.52
C GLY C 173 -65.86 1.90 -17.33
N PHE C 174 -64.57 1.70 -17.57
CA PHE C 174 -63.97 0.38 -17.43
C PHE C 174 -62.65 0.43 -16.68
N GLU C 175 -62.35 -0.64 -15.95
CA GLU C 175 -61.07 -0.81 -15.29
C GLU C 175 -60.36 -2.05 -15.79
N LEU C 176 -59.03 -2.01 -15.82
CA LEU C 176 -58.25 -3.15 -16.30
C LEU C 176 -57.96 -4.14 -15.19
N VAL C 177 -58.40 -5.39 -15.39
CA VAL C 177 -58.26 -6.43 -14.37
C VAL C 177 -57.18 -7.44 -14.75
N ALA C 178 -57.17 -7.86 -16.02
CA ALA C 178 -56.26 -8.90 -16.47
C ALA C 178 -56.04 -8.82 -17.98
N LEU C 179 -54.97 -9.46 -18.45
CA LEU C 179 -54.77 -9.64 -19.89
C LEU C 179 -54.95 -11.10 -20.27
N ALA C 180 -55.51 -11.35 -21.44
CA ALA C 180 -55.69 -12.72 -21.92
C ALA C 180 -54.33 -13.40 -22.12
N SER C 181 -54.26 -14.69 -21.77
CA SER C 181 -53.02 -15.44 -21.91
C SER C 181 -53.24 -16.78 -22.60
N GLN C 182 -53.67 -17.78 -21.84
CA GLN C 182 -53.78 -19.15 -22.36
C GLN C 182 -55.17 -19.74 -22.11
N SER C 183 -55.60 -20.60 -23.04
CA SER C 183 -56.89 -21.27 -22.93
C SER C 183 -56.95 -22.51 -23.81
N TRP C 184 -58.00 -23.30 -23.64
CA TRP C 184 -58.24 -24.45 -24.50
C TRP C 184 -58.74 -24.01 -25.88
N GLN C 185 -59.32 -22.80 -25.93
CA GLN C 185 -59.80 -22.22 -27.18
C GLN C 185 -60.85 -23.09 -27.87
N GLY C 186 -61.72 -23.70 -27.09
CA GLY C 186 -62.79 -24.50 -27.67
C GLY C 186 -63.77 -23.63 -28.42
N GLY C 187 -64.22 -24.11 -29.58
CA GLY C 187 -65.20 -23.38 -30.38
C GLY C 187 -64.56 -22.29 -31.27
N CYS C 188 -63.22 -22.16 -31.20
CA CYS C 188 -62.49 -21.14 -31.98
C CYS C 188 -62.20 -21.63 -33.39
N TRP C 189 -62.08 -20.70 -34.33
CA TRP C 189 -61.72 -21.02 -35.70
C TRP C 189 -60.33 -21.63 -35.77
N GLY C 190 -60.21 -22.71 -36.53
CA GLY C 190 -58.92 -23.36 -36.74
C GLY C 190 -58.61 -24.37 -35.63
N THR C 191 -59.53 -24.49 -34.66
CA THR C 191 -59.34 -25.39 -33.54
C THR C 191 -60.27 -26.59 -33.66
N ASP C 192 -59.72 -27.78 -33.40
CA ASP C 192 -60.49 -29.00 -33.48
C ASP C 192 -61.82 -28.87 -32.72
N PRO C 193 -62.95 -29.10 -33.41
CA PRO C 193 -64.27 -29.00 -32.80
C PRO C 193 -64.42 -29.94 -31.61
N ALA C 194 -63.55 -30.94 -31.52
CA ALA C 194 -63.59 -31.89 -30.43
C ALA C 194 -63.38 -31.19 -29.09
N GLU C 195 -62.69 -30.04 -29.12
CA GLU C 195 -62.46 -29.26 -27.92
C GLU C 195 -63.54 -28.22 -27.73
N THR C 196 -64.31 -28.36 -26.65
CA THR C 196 -65.45 -27.48 -26.41
C THR C 196 -65.25 -26.62 -25.18
N ARG C 197 -64.12 -26.80 -24.50
CA ARG C 197 -63.84 -26.05 -23.28
C ARG C 197 -63.33 -24.65 -23.59
N ASN C 198 -63.82 -23.67 -22.84
CA ASN C 198 -63.35 -22.30 -22.98
C ASN C 198 -62.74 -21.79 -21.68
N ASP C 199 -62.30 -22.72 -20.83
CA ASP C 199 -61.58 -22.39 -19.60
C ASP C 199 -60.27 -21.68 -19.93
N ALA C 200 -59.96 -20.64 -19.15
CA ALA C 200 -58.80 -19.80 -19.46
C ALA C 200 -58.07 -19.34 -18.20
N VAL C 201 -56.78 -19.06 -18.34
CA VAL C 201 -55.97 -18.53 -17.25
C VAL C 201 -55.30 -17.23 -17.67
N SER C 202 -55.37 -16.22 -16.79
CA SER C 202 -54.78 -14.92 -17.09
C SER C 202 -54.04 -14.36 -15.87
N PRO C 203 -52.98 -13.57 -16.11
CA PRO C 203 -52.32 -12.84 -15.05
C PRO C 203 -53.21 -11.74 -14.48
N ARG C 204 -53.13 -11.55 -13.18
CA ARG C 204 -53.88 -10.49 -12.52
C ARG C 204 -53.10 -9.19 -12.53
N LEU C 205 -53.76 -8.10 -12.90
CA LEU C 205 -53.12 -6.79 -12.97
C LEU C 205 -53.62 -5.87 -11.85
N ASP C 206 -54.34 -6.43 -10.89
CA ASP C 206 -54.88 -5.65 -9.78
C ASP C 206 -53.89 -5.59 -8.62
N ASN C 207 -52.95 -6.52 -8.60
CA ASN C 207 -52.02 -6.65 -7.49
C ASN C 207 -50.64 -6.14 -7.87
N ILE C 208 -50.59 -5.27 -8.86
CA ILE C 208 -49.33 -4.67 -9.29
C ILE C 208 -49.44 -3.16 -9.31
N ALA C 209 -48.30 -2.49 -9.25
CA ALA C 209 -48.26 -1.05 -9.37
C ALA C 209 -48.63 -0.63 -10.79
N GLY C 210 -49.31 0.48 -10.90
CA GLY C 210 -49.67 1.01 -12.21
C GLY C 210 -50.01 2.48 -12.12
N GLY C 211 -50.22 3.11 -13.25
CA GLY C 211 -50.40 4.54 -13.28
C GLY C 211 -49.07 5.22 -13.00
N ASN C 212 -49.12 6.42 -12.45
CA ASN C 212 -47.91 7.15 -12.14
C ASN C 212 -47.91 7.68 -10.71
N THR C 213 -48.79 7.16 -9.87
CA THR C 213 -48.91 7.69 -8.51
C THR C 213 -48.89 6.59 -7.45
N LEU C 214 -48.38 6.94 -6.27
CA LEU C 214 -48.52 6.12 -5.09
C LEU C 214 -49.33 6.84 -4.02
N THR C 215 -50.42 6.24 -3.60
CA THR C 215 -51.21 6.78 -2.49
C THR C 215 -50.55 6.40 -1.17
N PRO C 216 -50.92 7.07 -0.08
CA PRO C 216 -50.48 6.69 1.24
C PRO C 216 -50.86 5.24 1.52
N GLY C 217 -49.90 4.47 2.01
CA GLY C 217 -50.13 3.07 2.31
C GLY C 217 -49.82 2.16 1.12
N ALA C 218 -49.53 2.78 -0.02
CA ALA C 218 -49.23 2.03 -1.23
C ALA C 218 -47.90 1.33 -1.12
N VAL C 219 -47.82 0.13 -1.67
CA VAL C 219 -46.58 -0.64 -1.66
C VAL C 219 -46.14 -1.02 -3.06
N LEU C 220 -44.89 -0.69 -3.40
CA LEU C 220 -44.32 -1.04 -4.69
C LEU C 220 -43.41 -2.26 -4.56
N ARG C 221 -43.86 -3.38 -5.11
CA ARG C 221 -43.14 -4.64 -4.97
C ARG C 221 -41.98 -4.72 -5.93
N ALA C 222 -41.04 -5.61 -5.64
CA ALA C 222 -39.89 -5.82 -6.51
C ALA C 222 -40.34 -6.35 -7.85
N GLU C 223 -39.58 -6.02 -8.90
CA GLU C 223 -39.96 -6.38 -10.26
C GLU C 223 -41.29 -5.73 -10.63
N ASP C 224 -41.44 -4.47 -10.23
CA ASP C 224 -42.64 -3.69 -10.51
C ASP C 224 -42.27 -2.23 -10.79
N SER C 225 -43.18 -1.49 -11.45
CA SER C 225 -42.84 -0.13 -11.86
C SER C 225 -44.04 0.77 -12.10
N LEU C 226 -43.81 2.08 -12.02
CA LEU C 226 -44.72 3.10 -12.52
C LEU C 226 -44.14 3.74 -13.77
N VAL C 227 -45.00 4.23 -14.66
CA VAL C 227 -44.53 4.74 -15.94
C VAL C 227 -45.09 6.11 -16.29
N SER C 228 -44.27 6.91 -16.98
CA SER C 228 -44.71 8.18 -17.54
C SER C 228 -44.00 8.44 -18.87
N ASN C 229 -44.39 9.50 -19.56
CA ASN C 229 -43.93 9.71 -20.92
C ASN C 229 -42.40 9.76 -21.05
N ALA C 230 -41.74 10.34 -20.06
CA ALA C 230 -40.30 10.58 -20.17
C ALA C 230 -39.50 9.91 -19.06
N ALA C 231 -40.10 8.94 -18.39
CA ALA C 231 -39.39 8.25 -17.30
C ALA C 231 -40.08 6.96 -16.90
N ARG C 232 -39.32 6.07 -16.27
CA ARG C 232 -39.89 4.91 -15.61
C ARG C 232 -39.30 4.72 -14.21
N LEU C 233 -40.18 4.46 -13.25
CA LEU C 233 -39.76 4.19 -11.87
C LEU C 233 -39.96 2.74 -11.53
N THR C 234 -38.87 2.04 -11.27
CA THR C 234 -38.96 0.60 -11.04
C THR C 234 -38.16 0.16 -9.83
N LEU C 235 -38.66 -0.85 -9.15
CA LEU C 235 -37.91 -1.50 -8.10
C LEU C 235 -37.37 -2.83 -8.59
N ARG C 236 -36.05 -2.95 -8.62
CA ARG C 236 -35.40 -4.12 -9.18
C ARG C 236 -35.46 -5.29 -8.20
N ALA C 237 -35.27 -6.49 -8.72
CA ALA C 237 -35.30 -7.71 -7.91
C ALA C 237 -34.21 -7.67 -6.85
N ASP C 238 -33.15 -6.91 -7.10
CA ASP C 238 -32.02 -6.84 -6.20
C ASP C 238 -32.24 -5.81 -5.10
N GLY C 239 -33.43 -5.20 -5.07
CA GLY C 239 -33.82 -4.30 -3.99
C GLY C 239 -33.48 -2.84 -4.29
N ASP C 240 -32.81 -2.60 -5.41
CA ASP C 240 -32.42 -1.24 -5.77
C ASP C 240 -33.55 -0.51 -6.49
N LEU C 241 -34.04 0.57 -5.86
CA LEU C 241 -35.09 1.39 -6.46
C LEU C 241 -34.47 2.42 -7.38
N VAL C 242 -34.83 2.38 -8.66
CA VAL C 242 -34.19 3.23 -9.65
C VAL C 242 -35.18 3.95 -10.54
N VAL C 243 -34.73 5.04 -11.15
CA VAL C 243 -35.46 5.69 -12.22
C VAL C 243 -34.62 5.74 -13.49
N VAL C 244 -35.21 5.30 -14.59
CA VAL C 244 -34.50 5.25 -15.85
C VAL C 244 -35.16 6.13 -16.90
N SER C 245 -34.37 6.56 -17.88
CA SER C 245 -34.84 7.43 -18.94
C SER C 245 -35.21 6.64 -20.18
N ASN C 246 -35.68 7.33 -21.20
CA ASN C 246 -36.04 6.69 -22.46
C ASN C 246 -34.79 6.22 -23.21
N ALA C 247 -33.62 6.65 -22.74
CA ALA C 247 -32.36 6.22 -23.34
C ALA C 247 -31.92 4.87 -22.78
N GLY C 248 -32.64 4.39 -21.76
CA GLY C 248 -32.34 3.11 -21.14
C GLY C 248 -31.33 3.26 -20.00
N LYS C 249 -30.87 4.47 -19.77
CA LYS C 249 -29.88 4.73 -18.72
C LYS C 249 -30.54 5.09 -17.40
N THR C 250 -29.85 4.81 -16.30
CA THR C 250 -30.36 5.12 -14.98
C THR C 250 -29.99 6.54 -14.56
N LEU C 251 -30.99 7.33 -14.18
CA LEU C 251 -30.76 8.71 -13.79
C LEU C 251 -30.59 8.85 -12.28
N TRP C 252 -31.25 7.98 -11.54
CA TRP C 252 -31.23 8.05 -10.09
C TRP C 252 -31.47 6.70 -9.46
N SER C 253 -30.83 6.46 -8.33
CA SER C 253 -31.02 5.24 -7.59
C SER C 253 -30.82 5.44 -6.10
N THR C 254 -31.41 4.57 -5.31
CA THR C 254 -31.20 4.61 -3.87
C THR C 254 -29.91 3.88 -3.49
N GLY C 255 -29.48 2.97 -4.35
CA GLY C 255 -28.24 2.25 -4.14
C GLY C 255 -28.44 1.05 -3.23
N THR C 256 -29.70 0.76 -2.92
CA THR C 256 -30.03 -0.34 -2.01
C THR C 256 -30.01 -1.67 -2.74
N ALA C 257 -28.88 -1.97 -3.39
CA ALA C 257 -28.72 -3.20 -4.14
C ALA C 257 -28.19 -4.32 -3.25
N GLY C 258 -28.66 -5.54 -3.51
CA GLY C 258 -28.20 -6.71 -2.78
C GLY C 258 -29.16 -7.07 -1.66
N HIS C 259 -30.05 -6.14 -1.34
CA HIS C 259 -31.07 -6.38 -0.34
C HIS C 259 -32.28 -7.05 -0.96
N LEU C 260 -32.12 -8.31 -1.35
CA LEU C 260 -33.16 -9.02 -2.06
C LEU C 260 -34.40 -9.19 -1.19
N GLY C 261 -35.56 -8.94 -1.77
CA GLY C 261 -36.82 -9.00 -1.03
C GLY C 261 -37.21 -7.64 -0.49
N ALA C 262 -36.33 -6.64 -0.67
CA ALA C 262 -36.62 -5.28 -0.23
C ALA C 262 -37.81 -4.71 -0.99
N THR C 263 -38.57 -3.87 -0.32
CA THR C 263 -39.78 -3.30 -0.89
C THR C 263 -39.81 -1.78 -0.73
N ALA C 264 -40.39 -1.08 -1.70
CA ALA C 264 -40.54 0.36 -1.60
C ALA C 264 -41.98 0.71 -1.27
N ARG C 265 -42.17 1.63 -0.34
CA ARG C 265 -43.52 2.00 0.08
C ARG C 265 -43.66 3.48 0.32
N PHE C 266 -44.89 3.98 0.18
CA PHE C 266 -45.20 5.36 0.51
C PHE C 266 -46.06 5.39 1.78
N THR C 267 -45.50 5.93 2.84
CA THR C 267 -46.10 5.81 4.16
C THR C 267 -47.21 6.83 4.39
N ASP C 268 -47.97 6.64 5.45
CA ASP C 268 -49.04 7.56 5.79
C ASP C 268 -48.48 8.88 6.29
N SER C 269 -47.22 8.88 6.69
CA SER C 269 -46.54 10.09 7.13
C SER C 269 -46.21 11.00 5.95
N GLY C 270 -46.32 10.46 4.74
CA GLY C 270 -46.12 11.24 3.53
C GLY C 270 -44.73 11.07 2.93
N ASN C 271 -43.90 10.23 3.54
CA ASN C 271 -42.56 10.02 3.02
C ASN C 271 -42.49 8.79 2.12
N LEU C 272 -41.46 8.72 1.31
CA LEU C 272 -41.20 7.56 0.47
C LEU C 272 -39.95 6.86 0.95
N THR C 273 -40.08 5.58 1.28
CA THR C 273 -38.97 4.85 1.87
C THR C 273 -38.76 3.51 1.21
N VAL C 274 -37.58 2.94 1.41
CA VAL C 274 -37.29 1.57 1.02
C VAL C 274 -36.99 0.74 2.25
N VAL C 275 -37.71 -0.35 2.40
CA VAL C 275 -37.60 -1.20 3.58
C VAL C 275 -37.03 -2.56 3.22
N ASP C 276 -36.35 -3.19 4.16
CA ASP C 276 -35.70 -4.47 3.91
C ASP C 276 -36.72 -5.59 3.91
N ALA C 277 -36.25 -6.81 3.68
CA ALA C 277 -37.11 -7.97 3.55
C ALA C 277 -37.87 -8.24 4.85
N ASP C 278 -37.35 -7.74 5.98
CA ASP C 278 -37.96 -7.99 7.27
C ASP C 278 -39.16 -7.08 7.52
N GLY C 279 -39.34 -6.09 6.64
CA GLY C 279 -40.48 -5.20 6.72
C GLY C 279 -40.33 -4.18 7.85
N THR C 280 -39.14 -4.14 8.45
CA THR C 280 -38.90 -3.28 9.61
C THR C 280 -37.76 -2.29 9.35
N THR C 281 -36.68 -2.79 8.78
CA THR C 281 -35.47 -1.98 8.64
C THR C 281 -35.53 -1.09 7.40
N VAL C 282 -35.29 0.20 7.59
CA VAL C 282 -35.28 1.15 6.48
C VAL C 282 -33.89 1.26 5.86
N LEU C 283 -33.84 1.13 4.55
CA LEU C 283 -32.58 1.18 3.81
C LEU C 283 -32.37 2.55 3.19
N TRP C 284 -33.47 3.23 2.87
CA TRP C 284 -33.41 4.55 2.28
C TRP C 284 -34.70 5.31 2.55
N GLU C 285 -34.60 6.62 2.73
CA GLU C 285 -35.78 7.45 2.91
C GLU C 285 -35.60 8.83 2.29
N SER C 286 -36.72 9.41 1.82
CA SER C 286 -36.72 10.80 1.38
C SER C 286 -36.73 11.74 2.58
N ALA C 287 -37.09 11.21 3.74
CA ALA C 287 -37.11 11.96 4.98
C ALA C 287 -37.98 13.21 4.88
N THR C 288 -39.16 13.06 4.27
CA THR C 288 -40.11 14.17 4.18
C THR C 288 -41.27 13.97 5.12
N THR C 289 -42.04 15.04 5.34
CA THR C 289 -43.29 14.95 6.08
C THR C 289 -44.42 15.57 5.28
N ALA C 290 -45.46 14.78 5.01
CA ALA C 290 -46.59 15.28 4.26
C ALA C 290 -47.79 14.32 4.29
N PRO C 291 -48.47 14.25 5.44
CA PRO C 291 -49.64 13.41 5.58
C PRO C 291 -50.70 13.82 4.58
N GLY C 292 -51.34 12.84 3.97
CA GLY C 292 -52.40 13.10 3.01
C GLY C 292 -51.82 13.42 1.62
N GLY C 293 -50.50 13.33 1.50
CA GLY C 293 -49.82 13.65 0.25
C GLY C 293 -49.73 12.42 -0.64
N SER C 294 -48.95 12.54 -1.72
CA SER C 294 -48.78 11.46 -2.68
C SER C 294 -47.46 11.57 -3.41
N ALA C 295 -46.98 10.45 -3.94
CA ALA C 295 -45.79 10.45 -4.77
C ALA C 295 -46.17 10.23 -6.23
N VAL C 296 -45.80 11.18 -7.08
CA VAL C 296 -46.20 11.12 -8.48
C VAL C 296 -45.01 11.18 -9.41
N LEU C 297 -44.99 10.28 -10.39
CA LEU C 297 -44.01 10.33 -11.45
C LEU C 297 -44.58 11.11 -12.62
N GLN C 298 -43.97 12.23 -12.92
CA GLN C 298 -44.53 13.17 -13.88
C GLN C 298 -44.13 12.82 -15.30
N ASP C 299 -44.89 13.32 -16.26
CA ASP C 299 -44.56 13.15 -17.66
C ASP C 299 -43.40 14.03 -18.05
N ARG C 300 -43.25 15.13 -17.32
CA ARG C 300 -42.15 16.04 -17.54
C ARG C 300 -40.82 15.34 -17.39
N GLY C 301 -40.76 14.38 -16.46
CA GLY C 301 -39.56 13.55 -16.32
C GLY C 301 -39.41 12.97 -14.92
N ASP C 302 -39.36 13.84 -13.92
CA ASP C 302 -38.85 13.43 -12.62
C ASP C 302 -39.93 12.90 -11.68
N LEU C 303 -39.48 12.40 -10.52
CA LEU C 303 -40.36 11.91 -9.48
C LEU C 303 -40.44 12.90 -8.35
N VAL C 304 -41.65 13.36 -8.05
CA VAL C 304 -41.83 14.38 -7.02
C VAL C 304 -42.85 13.93 -5.98
N VAL C 305 -42.52 14.18 -4.72
CA VAL C 305 -43.44 13.91 -3.63
C VAL C 305 -44.17 15.18 -3.23
N ARG C 306 -45.49 15.13 -3.24
CA ARG C 306 -46.32 16.30 -3.01
C ARG C 306 -47.17 16.12 -1.77
N ASP C 307 -47.44 17.23 -1.08
CA ASP C 307 -48.26 17.18 0.11
C ASP C 307 -49.74 17.34 -0.22
N ALA C 308 -50.58 17.38 0.81
CA ALA C 308 -52.02 17.39 0.64
C ALA C 308 -52.50 18.68 -0.04
N GLN C 309 -51.65 19.70 -0.01
CA GLN C 309 -51.99 20.99 -0.58
C GLN C 309 -51.51 21.12 -2.02
N GLY C 310 -50.85 20.07 -2.50
CA GLY C 310 -50.36 20.04 -3.87
C GLY C 310 -48.99 20.68 -4.00
N ALA C 311 -48.35 20.97 -2.87
CA ALA C 311 -47.03 21.58 -2.89
C ALA C 311 -45.94 20.51 -2.85
N SER C 312 -44.93 20.66 -3.69
CA SER C 312 -43.81 19.73 -3.71
C SER C 312 -43.00 19.80 -2.42
N GLN C 313 -42.60 18.65 -1.91
CA GLN C 313 -41.75 18.59 -0.73
C GLN C 313 -40.36 18.07 -1.07
N TRP C 314 -40.30 17.19 -2.07
CA TRP C 314 -39.03 16.55 -2.45
C TRP C 314 -39.09 16.05 -3.89
N ALA C 315 -37.97 16.14 -4.58
CA ALA C 315 -37.89 15.62 -5.94
C ALA C 315 -36.54 14.97 -6.20
N ALA C 316 -36.56 13.88 -6.97
CA ALA C 316 -35.33 13.14 -7.30
C ALA C 316 -34.47 13.91 -8.29
N GLY C 317 -35.11 14.76 -9.10
CA GLY C 317 -34.39 15.56 -10.07
C GLY C 317 -34.03 14.77 -11.34
N THR C 318 -34.72 13.64 -11.53
CA THR C 318 -34.45 12.79 -12.68
C THR C 318 -35.10 13.33 -13.93
N GLU C 319 -34.53 14.38 -14.47
CA GLU C 319 -35.06 15.01 -15.67
C GLU C 319 -33.94 15.35 -16.63
N VAL C 320 -34.29 15.46 -17.90
CA VAL C 320 -33.35 15.95 -18.89
C VAL C 320 -33.78 17.30 -19.42
N ARG C 321 -32.95 18.30 -19.20
CA ARG C 321 -33.30 19.66 -19.55
C ARG C 321 -33.32 19.85 -21.06
N HIS C 322 -34.32 20.59 -21.56
CA HIS C 322 -34.47 20.84 -22.99
C HIS C 322 -34.13 19.62 -23.84
N ASP C 323 -34.75 18.49 -23.52
CA ASP C 323 -34.74 17.33 -24.40
C ASP C 323 -35.87 17.45 -25.41
N TYR C 324 -35.54 17.79 -26.65
CA TYR C 324 -36.55 18.23 -27.61
C TYR C 324 -37.28 17.07 -28.28
N ASN C 325 -36.62 15.93 -28.44
CA ASN C 325 -37.24 14.79 -29.10
C ASN C 325 -37.71 13.73 -28.09
N GLY C 326 -37.28 13.88 -26.84
CA GLY C 326 -37.72 12.99 -25.77
C GLY C 326 -36.99 11.65 -25.81
N ASP C 327 -35.77 11.64 -26.37
CA ASP C 327 -35.01 10.40 -26.49
C ASP C 327 -34.12 10.14 -25.26
N GLY C 328 -34.19 11.03 -24.28
CA GLY C 328 -33.50 10.83 -23.02
C GLY C 328 -32.16 11.58 -22.95
N ARG C 329 -31.88 12.40 -23.96
CA ARG C 329 -30.68 13.22 -23.97
C ARG C 329 -30.99 14.67 -24.29
N SER C 330 -30.33 15.58 -23.59
CA SER C 330 -30.54 17.01 -23.80
C SER C 330 -30.08 17.45 -25.18
N ASP C 331 -30.79 18.41 -25.75
CA ASP C 331 -30.47 18.97 -27.05
C ASP C 331 -30.30 20.47 -26.95
N MET C 332 -30.00 21.11 -28.06
CA MET C 332 -30.00 22.56 -28.09
C MET C 332 -30.44 23.10 -29.43
N ALA C 333 -31.01 24.29 -29.44
CA ALA C 333 -31.56 24.87 -30.65
C ALA C 333 -31.30 26.36 -30.69
N ALA C 334 -31.32 26.93 -31.90
CA ALA C 334 -31.02 28.34 -32.07
C ALA C 334 -31.92 29.00 -33.09
N TRP C 335 -32.15 30.28 -32.91
CA TRP C 335 -32.88 31.09 -33.87
C TRP C 335 -31.92 31.81 -34.80
N TYR C 336 -31.94 31.43 -36.07
CA TYR C 336 -30.95 31.91 -37.02
C TYR C 336 -31.54 32.99 -37.91
N ASN C 337 -30.97 34.19 -37.84
CA ASN C 337 -31.43 35.30 -38.65
C ASN C 337 -30.57 35.44 -39.90
N TYR C 338 -31.20 35.23 -41.05
CA TYR C 338 -30.49 35.33 -42.32
C TYR C 338 -30.39 36.77 -42.75
N THR C 339 -29.37 37.08 -43.54
CA THR C 339 -29.13 38.45 -43.96
C THR C 339 -30.17 38.94 -44.95
N ASP C 340 -30.94 38.01 -45.50
CA ASP C 340 -31.99 38.35 -46.46
C ASP C 340 -33.32 38.63 -45.76
N GLY C 341 -33.32 38.60 -44.43
CA GLY C 341 -34.47 39.02 -43.63
C GLY C 341 -35.32 37.84 -43.13
N ARG C 342 -35.11 36.66 -43.71
CA ARG C 342 -35.85 35.47 -43.29
C ARG C 342 -35.14 34.79 -42.13
N ASP C 343 -35.86 33.92 -41.42
CA ASP C 343 -35.29 33.24 -40.25
C ASP C 343 -35.85 31.82 -40.07
N ALA C 344 -35.14 31.01 -39.29
CA ALA C 344 -35.54 29.62 -39.02
C ALA C 344 -34.93 29.12 -37.72
N ILE C 345 -35.50 28.05 -37.17
CA ILE C 345 -34.98 27.46 -35.94
C ILE C 345 -34.24 26.15 -36.21
N HIS C 346 -32.99 26.08 -35.76
CA HIS C 346 -32.13 24.92 -36.01
C HIS C 346 -31.91 24.12 -34.73
N THR C 347 -32.01 22.80 -34.83
CA THR C 347 -31.88 21.94 -33.65
C THR C 347 -30.69 20.99 -33.76
N PHE C 348 -29.86 20.99 -32.72
CA PHE C 348 -28.72 20.09 -32.63
C PHE C 348 -28.99 18.99 -31.62
N LEU C 349 -29.22 17.77 -32.10
CA LEU C 349 -29.58 16.67 -31.21
C LEU C 349 -28.35 16.08 -30.52
N GLY C 350 -28.51 15.68 -29.26
CA GLY C 350 -27.43 15.06 -28.52
C GLY C 350 -27.21 13.62 -28.97
N GLY C 351 -25.94 13.22 -29.03
CA GLY C 351 -25.59 11.85 -29.42
C GLY C 351 -25.34 10.99 -28.19
N THR C 352 -25.01 9.72 -28.42
CA THR C 352 -24.82 8.78 -27.33
C THR C 352 -23.49 8.99 -26.62
N ASP C 353 -22.58 9.71 -27.28
CA ASP C 353 -21.27 9.98 -26.70
C ASP C 353 -21.21 11.38 -26.11
N GLY C 354 -22.35 12.05 -26.07
CA GLY C 354 -22.44 13.39 -25.48
C GLY C 354 -22.16 14.50 -26.50
N THR C 355 -21.85 14.12 -27.72
CA THR C 355 -21.57 15.12 -28.76
C THR C 355 -22.86 15.61 -29.39
N LEU C 356 -22.75 16.68 -30.15
CA LEU C 356 -23.92 17.27 -30.80
C LEU C 356 -23.85 17.09 -32.31
N THR C 357 -24.92 16.54 -32.87
CA THR C 357 -24.98 16.20 -34.27
C THR C 357 -25.30 17.41 -35.13
N LYS C 358 -25.18 17.25 -36.44
CA LYS C 358 -25.48 18.33 -37.37
C LYS C 358 -26.91 18.79 -37.21
N PRO C 359 -27.15 20.10 -37.30
CA PRO C 359 -28.45 20.67 -37.06
C PRO C 359 -29.43 20.34 -38.16
N LEU C 360 -30.69 20.24 -37.79
CA LEU C 360 -31.77 20.24 -38.75
C LEU C 360 -32.62 21.47 -38.56
N LYS C 361 -33.24 21.97 -39.62
CA LYS C 361 -34.03 23.17 -39.53
C LYS C 361 -35.51 22.86 -39.52
N SER C 362 -36.27 23.72 -38.87
CA SER C 362 -37.73 23.66 -38.92
C SER C 362 -38.32 25.05 -38.77
N TYR C 363 -39.58 25.19 -39.12
CA TYR C 363 -40.24 26.49 -39.05
C TYR C 363 -39.46 27.56 -39.81
N ASP C 364 -39.13 27.26 -41.05
CA ASP C 364 -38.46 28.22 -41.92
C ASP C 364 -39.50 29.15 -42.58
N VAL C 365 -39.42 30.45 -42.26
CA VAL C 365 -40.43 31.40 -42.71
C VAL C 365 -39.84 32.48 -43.60
N ALA C 366 -40.71 33.13 -44.37
CA ALA C 366 -40.31 34.15 -45.33
C ALA C 366 -39.92 35.45 -44.65
N ASP C 367 -39.14 36.26 -45.36
CA ASP C 367 -38.81 37.60 -44.89
C ASP C 367 -40.04 38.45 -44.68
N GLY C 368 -40.06 39.17 -43.58
CA GLY C 368 -41.16 40.10 -43.29
C GLY C 368 -42.16 39.50 -42.30
N VAL C 369 -42.03 38.22 -42.02
CA VAL C 369 -42.93 37.56 -41.08
C VAL C 369 -42.59 37.95 -39.64
N TRP C 370 -41.29 37.99 -39.32
CA TRP C 370 -40.84 38.43 -37.99
C TRP C 370 -39.96 39.67 -38.08
N ASP C 371 -40.22 40.63 -37.20
CA ASP C 371 -39.37 41.81 -37.06
C ASP C 371 -38.36 41.58 -35.94
N THR C 372 -37.25 40.93 -36.25
CA THR C 372 -36.36 40.39 -35.24
C THR C 372 -35.37 41.43 -34.73
N ARG C 373 -35.88 42.46 -34.05
CA ARG C 373 -35.02 43.51 -33.50
C ARG C 373 -35.01 43.51 -31.97
N ALA C 374 -36.10 43.07 -31.36
CA ALA C 374 -36.25 43.18 -29.90
C ALA C 374 -36.97 41.97 -29.33
N MET C 375 -36.27 40.85 -29.28
CA MET C 375 -36.89 39.61 -28.82
C MET C 375 -35.92 38.81 -27.95
N LYS C 376 -36.47 38.05 -27.02
CA LYS C 376 -35.67 37.23 -26.11
C LYS C 376 -36.13 35.77 -26.17
N TYR C 377 -35.18 34.85 -26.10
CA TYR C 377 -35.48 33.45 -26.36
C TYR C 377 -35.44 32.61 -25.08
N LEU C 378 -36.45 31.76 -24.92
CA LEU C 378 -36.55 30.88 -23.76
C LEU C 378 -36.75 29.44 -24.18
N THR C 379 -36.28 28.50 -23.36
CA THR C 379 -36.57 27.09 -23.58
C THR C 379 -37.22 26.47 -22.36
N GLY C 380 -37.75 25.26 -22.53
CA GLY C 380 -38.36 24.53 -21.43
C GLY C 380 -39.60 23.77 -21.89
N ASP C 381 -40.10 22.87 -21.05
CA ASP C 381 -41.28 22.09 -21.36
C ASP C 381 -42.53 22.79 -20.87
N PHE C 382 -43.22 23.48 -21.76
CA PHE C 382 -44.29 24.39 -21.36
C PHE C 382 -45.66 23.73 -21.49
N ASN C 383 -45.67 22.45 -21.84
CA ASN C 383 -46.92 21.75 -22.05
C ASN C 383 -47.05 20.53 -21.14
N GLY C 384 -45.93 20.10 -20.55
CA GLY C 384 -45.93 18.88 -19.76
C GLY C 384 -45.94 17.66 -20.66
N ASP C 385 -45.31 17.79 -21.84
CA ASP C 385 -45.31 16.73 -22.83
C ASP C 385 -44.34 15.61 -22.48
N GLY C 386 -43.23 15.97 -21.85
CA GLY C 386 -42.13 15.03 -21.68
C GLY C 386 -41.02 15.33 -22.67
N ARG C 387 -41.27 16.30 -23.53
CA ARG C 387 -40.27 16.81 -24.46
C ARG C 387 -40.25 18.33 -24.45
N GLY C 388 -39.08 18.90 -24.64
CA GLY C 388 -38.88 20.32 -24.46
C GLY C 388 -39.58 21.15 -25.53
N ASP C 389 -39.98 22.34 -25.16
CA ASP C 389 -40.57 23.30 -26.08
C ASP C 389 -39.71 24.55 -26.10
N THR C 390 -40.13 25.53 -26.89
CA THR C 390 -39.43 26.80 -26.92
C THR C 390 -40.41 27.95 -26.82
N ALA C 391 -39.91 29.13 -26.48
CA ALA C 391 -40.75 30.30 -26.40
C ALA C 391 -39.97 31.55 -26.74
N VAL C 392 -40.67 32.55 -27.24
CA VAL C 392 -40.05 33.82 -27.57
C VAL C 392 -40.82 34.99 -26.98
N LEU C 393 -40.14 35.83 -26.23
CA LEU C 393 -40.75 37.04 -25.70
C LEU C 393 -40.35 38.22 -26.57
N LYS C 394 -41.32 38.83 -27.21
CA LYS C 394 -41.01 39.87 -28.19
C LYS C 394 -41.77 41.15 -27.96
N GLY C 395 -41.08 42.27 -28.16
CA GLY C 395 -41.72 43.58 -28.15
C GLY C 395 -42.14 43.97 -29.56
N TYR C 396 -43.11 44.87 -29.65
CA TYR C 396 -43.59 45.36 -30.94
C TYR C 396 -43.48 46.86 -31.04
N SER C 397 -43.53 47.38 -32.27
CA SER C 397 -43.30 48.79 -32.51
C SER C 397 -44.35 49.67 -31.86
N ASP C 398 -45.49 49.07 -31.49
CA ASP C 398 -46.54 49.81 -30.81
C ASP C 398 -46.38 49.74 -29.31
N THR C 399 -45.25 49.18 -28.86
CA THR C 399 -44.91 49.07 -27.44
C THR C 399 -45.69 47.94 -26.75
N SER C 400 -46.49 47.21 -27.52
CA SER C 400 -47.17 46.03 -26.99
C SER C 400 -46.20 44.87 -26.87
N VAL C 401 -46.60 43.84 -26.12
CA VAL C 401 -45.77 42.66 -25.94
C VAL C 401 -46.54 41.37 -26.16
N LYS C 402 -45.89 40.40 -26.78
CA LYS C 402 -46.48 39.06 -26.92
C LYS C 402 -45.47 37.99 -26.57
N LEU C 403 -45.95 36.89 -26.00
CA LEU C 403 -45.11 35.76 -25.69
C LEU C 403 -45.50 34.56 -26.55
N TRP C 404 -44.61 34.15 -27.44
CA TRP C 404 -44.87 33.07 -28.38
C TRP C 404 -44.35 31.74 -27.86
N VAL C 405 -45.10 30.67 -28.11
CA VAL C 405 -44.65 29.33 -27.73
C VAL C 405 -44.73 28.37 -28.91
N ALA C 406 -43.68 27.57 -29.07
CA ALA C 406 -43.64 26.56 -30.12
C ALA C 406 -43.35 25.19 -29.53
N LEU C 407 -44.23 24.24 -29.78
CA LEU C 407 -44.11 22.92 -29.18
C LEU C 407 -43.07 22.09 -29.89
N GLY C 408 -42.37 21.26 -29.12
CA GLY C 408 -41.37 20.35 -29.68
C GLY C 408 -42.03 19.21 -30.44
N ARG C 409 -41.38 18.76 -31.49
CA ARG C 409 -41.86 17.63 -32.29
C ARG C 409 -41.06 16.38 -31.99
N ALA C 410 -41.64 15.23 -32.26
CA ALA C 410 -40.98 13.96 -32.01
C ALA C 410 -39.73 13.80 -32.88
N ASP C 411 -39.70 14.54 -33.99
CA ASP C 411 -38.60 14.43 -34.94
C ASP C 411 -37.45 15.37 -34.61
N GLY C 412 -37.58 16.10 -33.50
CA GLY C 412 -36.52 17.00 -33.04
C GLY C 412 -36.74 18.44 -33.50
N GLY C 413 -37.72 18.64 -34.37
CA GLY C 413 -38.03 19.97 -34.88
C GLY C 413 -39.09 20.65 -34.03
N PHE C 414 -39.57 21.80 -34.49
CA PHE C 414 -40.59 22.54 -33.77
C PHE C 414 -41.75 22.90 -34.67
N ASP C 415 -42.93 23.04 -34.08
CA ASP C 415 -44.11 23.49 -34.81
C ASP C 415 -44.14 25.00 -34.86
N ALA C 416 -45.16 25.55 -35.51
CA ALA C 416 -45.32 27.00 -35.59
C ALA C 416 -45.55 27.58 -34.19
N PRO C 417 -44.92 28.71 -33.88
CA PRO C 417 -45.19 29.44 -32.68
C PRO C 417 -46.62 29.95 -32.65
N TYR C 418 -47.22 29.95 -31.47
CA TYR C 418 -48.52 30.55 -31.25
C TYR C 418 -48.47 31.46 -30.04
N THR C 419 -49.35 32.44 -29.98
CA THR C 419 -49.36 33.35 -28.86
C THR C 419 -49.88 32.66 -27.61
N ALA C 420 -49.07 32.67 -26.56
CA ALA C 420 -49.47 32.07 -25.29
C ALA C 420 -49.93 33.13 -24.32
N TRP C 421 -49.43 34.34 -24.51
CA TRP C 421 -49.83 35.48 -23.71
C TRP C 421 -49.56 36.79 -24.44
N SER C 422 -50.36 37.80 -24.17
CA SER C 422 -50.15 39.12 -24.77
C SER C 422 -50.70 40.22 -23.88
N THR C 423 -50.15 41.42 -24.05
CA THR C 423 -50.64 42.59 -23.33
C THR C 423 -50.69 43.83 -24.24
N PRO C 424 -51.68 44.69 -24.00
CA PRO C 424 -51.73 45.99 -24.65
C PRO C 424 -50.53 46.85 -24.30
N ALA C 425 -50.17 47.74 -25.20
CA ALA C 425 -49.05 48.64 -25.00
C ALA C 425 -49.26 49.49 -23.75
N GLY C 426 -48.18 49.74 -23.03
CA GLY C 426 -48.23 50.53 -21.81
C GLY C 426 -48.19 49.65 -20.56
N GLY C 427 -48.31 48.34 -20.77
CA GLY C 427 -48.23 47.38 -19.68
C GLY C 427 -46.78 46.99 -19.39
N PHE C 428 -46.26 46.08 -20.18
CA PHE C 428 -44.88 45.64 -20.05
C PHE C 428 -44.03 46.15 -21.19
N HIS C 429 -42.74 46.34 -20.94
CA HIS C 429 -41.82 46.81 -21.97
C HIS C 429 -40.66 45.85 -22.14
N ILE C 430 -40.31 45.56 -23.37
CA ILE C 430 -39.30 44.55 -23.68
C ILE C 430 -37.92 44.93 -23.16
N SER C 431 -37.68 46.23 -23.01
CA SER C 431 -36.39 46.71 -22.57
C SER C 431 -36.15 46.49 -21.08
N TYR C 432 -37.23 46.23 -20.34
CA TYR C 432 -37.14 46.10 -18.89
C TYR C 432 -37.24 44.67 -18.43
N MET C 433 -37.90 43.84 -19.23
CA MET C 433 -38.12 42.45 -18.86
C MET C 433 -36.85 41.62 -19.02
N THR C 434 -36.63 40.71 -18.07
CA THR C 434 -35.52 39.78 -18.13
C THR C 434 -35.97 38.36 -17.78
N PRO C 435 -36.59 37.68 -18.75
CA PRO C 435 -37.32 36.47 -18.49
C PRO C 435 -36.42 35.30 -18.15
N HIS C 436 -36.93 34.38 -17.33
CA HIS C 436 -36.26 33.13 -17.01
C HIS C 436 -37.21 31.98 -17.15
N ALA C 437 -36.74 30.87 -17.70
CA ALA C 437 -37.58 29.70 -17.84
C ALA C 437 -37.27 28.67 -16.76
N GLY C 438 -38.27 27.90 -16.39
CA GLY C 438 -38.10 26.82 -15.42
C GLY C 438 -39.43 26.51 -14.76
N ASP C 439 -39.47 25.46 -13.98
CA ASP C 439 -40.71 25.10 -13.27
C ASP C 439 -40.74 25.72 -11.89
N PHE C 440 -41.29 26.93 -11.80
CA PHE C 440 -41.28 27.67 -10.54
C PHE C 440 -42.47 27.29 -9.67
N ASN C 441 -43.57 26.88 -10.30
CA ASN C 441 -44.77 26.51 -9.58
C ASN C 441 -44.70 25.10 -9.02
N GLY C 442 -43.96 24.23 -9.70
CA GLY C 442 -43.82 22.83 -9.28
C GLY C 442 -45.03 22.02 -9.70
N ASP C 443 -45.73 22.46 -10.74
CA ASP C 443 -46.95 21.81 -11.20
C ASP C 443 -46.68 20.81 -12.32
N GLY C 444 -45.42 20.63 -12.68
CA GLY C 444 -45.05 19.65 -13.70
C GLY C 444 -44.97 20.27 -15.08
N ARG C 445 -45.10 21.59 -15.16
CA ARG C 445 -44.95 22.30 -16.41
C ARG C 445 -44.06 23.52 -16.22
N ASP C 446 -43.16 23.75 -17.16
CA ASP C 446 -42.28 24.90 -17.07
C ASP C 446 -43.07 26.17 -17.22
N ASP C 447 -42.58 27.22 -16.60
CA ASP C 447 -43.21 28.52 -16.67
C ASP C 447 -42.17 29.63 -16.69
N VAL C 448 -42.62 30.87 -16.76
CA VAL C 448 -41.70 31.98 -16.99
C VAL C 448 -41.71 33.00 -15.87
N ALA C 449 -40.53 33.34 -15.37
CA ALA C 449 -40.38 34.39 -14.36
C ALA C 449 -39.63 35.56 -14.95
N VAL C 450 -40.03 36.77 -14.57
CA VAL C 450 -39.41 37.96 -15.12
C VAL C 450 -38.86 38.87 -14.05
N TRP C 451 -37.58 39.23 -14.19
CA TRP C 451 -36.98 40.23 -13.32
C TRP C 451 -37.14 41.60 -13.94
N TYR C 452 -38.19 42.30 -13.54
CA TYR C 452 -38.57 43.54 -14.21
C TYR C 452 -37.95 44.74 -13.54
N ALA C 453 -37.12 45.47 -14.27
CA ALA C 453 -36.49 46.67 -13.76
C ALA C 453 -37.27 47.91 -14.18
N TYR C 454 -37.79 48.64 -13.22
CA TYR C 454 -38.61 49.80 -13.50
C TYR C 454 -37.76 51.03 -13.73
N ALA C 455 -38.29 51.97 -14.49
CA ALA C 455 -37.57 53.20 -14.82
C ALA C 455 -37.26 54.01 -13.56
N ASP C 456 -38.07 53.84 -12.53
CA ASP C 456 -37.91 54.61 -11.29
C ASP C 456 -36.95 53.94 -10.33
N GLY C 457 -36.33 52.83 -10.77
CA GLY C 457 -35.29 52.18 -9.98
C GLY C 457 -35.81 50.99 -9.17
N SER C 458 -37.12 50.85 -9.08
CA SER C 458 -37.71 49.74 -8.31
C SER C 458 -37.64 48.44 -9.09
N THR C 459 -37.78 47.32 -8.38
CA THR C 459 -37.74 46.00 -9.02
C THR C 459 -38.86 45.10 -8.52
N LYS C 460 -39.44 44.32 -9.44
CA LYS C 460 -40.40 43.28 -9.06
C LYS C 460 -40.17 42.00 -9.85
N LEU C 461 -40.38 40.87 -9.19
CA LEU C 461 -40.39 39.58 -9.88
C LEU C 461 -41.79 39.15 -10.25
N TRP C 462 -42.03 38.96 -11.55
CA TRP C 462 -43.34 38.53 -12.04
C TRP C 462 -43.30 37.08 -12.47
N THR C 463 -44.38 36.36 -12.23
CA THR C 463 -44.44 34.95 -12.64
C THR C 463 -45.62 34.68 -13.56
N PHE C 464 -45.34 34.03 -14.68
CA PHE C 464 -46.37 33.60 -15.62
C PHE C 464 -46.53 32.09 -15.56
N THR C 465 -47.53 31.62 -14.83
CA THR C 465 -47.70 30.18 -14.68
C THR C 465 -48.31 29.57 -15.92
N SER C 466 -48.13 28.27 -16.09
CA SER C 466 -48.59 27.58 -17.29
C SER C 466 -49.89 26.85 -17.06
N THR C 467 -50.73 26.81 -18.08
CA THR C 467 -51.96 26.05 -18.04
C THR C 467 -51.82 24.77 -18.84
N ASP C 468 -52.82 23.91 -18.77
CA ASP C 468 -52.77 22.63 -19.47
C ASP C 468 -53.13 22.81 -20.94
N ARG C 469 -53.38 24.05 -21.35
CA ARG C 469 -53.64 24.36 -22.74
C ARG C 469 -52.36 24.78 -23.45
N GLY C 470 -51.26 24.88 -22.69
CA GLY C 470 -49.98 25.33 -23.23
C GLY C 470 -49.87 26.84 -23.19
N THR C 471 -50.91 27.50 -22.68
CA THR C 471 -50.94 28.95 -22.59
C THR C 471 -50.47 29.43 -21.22
N PHE C 472 -50.25 30.73 -21.10
CA PHE C 472 -49.81 31.29 -19.83
C PHE C 472 -50.89 32.11 -19.18
N ASN C 473 -50.90 32.13 -17.85
CA ASN C 473 -51.84 32.95 -17.10
C ASN C 473 -51.34 34.37 -16.99
N ALA C 474 -52.14 35.23 -16.40
CA ALA C 474 -51.71 36.60 -16.15
C ALA C 474 -50.55 36.60 -15.15
N PRO C 475 -49.59 37.49 -15.34
CA PRO C 475 -48.48 37.61 -14.45
C PRO C 475 -48.90 38.16 -13.11
N PHE C 476 -48.26 37.69 -12.05
CA PHE C 476 -48.43 38.29 -10.73
C PHE C 476 -47.08 38.52 -10.08
N SER C 477 -46.99 39.56 -9.28
CA SER C 477 -45.75 39.88 -8.60
C SER C 477 -45.63 39.18 -7.27
N SER C 478 -44.42 39.05 -6.77
CA SER C 478 -44.20 38.52 -5.43
C SER C 478 -43.13 39.33 -4.71
N TRP C 479 -41.88 38.92 -4.85
CA TRP C 479 -40.77 39.65 -4.25
C TRP C 479 -40.54 40.96 -4.97
N SER C 480 -40.22 41.99 -4.20
CA SER C 480 -39.94 43.30 -4.76
C SER C 480 -38.90 44.05 -3.94
N ALA C 481 -38.34 45.09 -4.52
CA ALA C 481 -37.36 45.91 -3.83
C ALA C 481 -37.55 47.38 -4.14
N PRO C 482 -37.27 48.25 -3.16
CA PRO C 482 -37.33 49.68 -3.35
C PRO C 482 -36.20 50.17 -4.22
N SER C 483 -36.39 51.33 -4.82
CA SER C 483 -35.35 51.93 -5.64
C SER C 483 -34.14 52.28 -4.80
N GLY C 484 -32.97 52.09 -5.38
CA GLY C 484 -31.72 52.41 -4.69
C GLY C 484 -31.12 51.17 -4.03
N SER C 485 -31.85 50.06 -4.08
CA SER C 485 -31.37 48.82 -3.51
C SER C 485 -30.70 47.95 -4.56
N TRP C 486 -31.48 47.10 -5.22
CA TRP C 486 -30.93 46.24 -6.27
C TRP C 486 -30.77 46.99 -7.56
N LEU C 487 -29.57 46.95 -8.14
CA LEU C 487 -29.31 47.60 -9.41
C LEU C 487 -29.27 46.58 -10.53
N ARG C 488 -30.09 46.79 -11.55
CA ARG C 488 -30.23 45.82 -12.63
C ARG C 488 -28.91 45.59 -13.35
N SER C 489 -28.08 46.62 -13.43
CA SER C 489 -26.85 46.55 -14.18
C SER C 489 -25.80 45.65 -13.50
N ARG C 490 -26.05 45.32 -12.24
CA ARG C 490 -25.09 44.53 -11.47
C ARG C 490 -25.59 43.11 -11.23
N VAL C 491 -26.67 42.73 -11.91
CA VAL C 491 -27.30 41.44 -11.70
C VAL C 491 -27.01 40.45 -12.82
N LYS C 492 -26.32 39.36 -12.48
CA LYS C 492 -26.19 38.21 -13.39
C LYS C 492 -26.93 37.01 -12.82
N SER C 493 -28.03 36.64 -13.47
CA SER C 493 -28.94 35.67 -12.89
C SER C 493 -28.89 34.31 -13.57
N VAL C 494 -29.06 33.27 -12.78
CA VAL C 494 -29.28 31.92 -13.28
C VAL C 494 -30.45 31.28 -12.56
N VAL C 495 -30.99 30.20 -13.10
CA VAL C 495 -32.08 29.50 -12.42
C VAL C 495 -31.83 28.01 -12.33
N GLY C 496 -32.49 27.37 -11.37
CA GLY C 496 -32.41 25.94 -11.18
C GLY C 496 -33.00 25.55 -9.83
N ASP C 497 -33.06 24.27 -9.55
CA ASP C 497 -33.57 23.79 -8.26
C ASP C 497 -32.43 23.53 -7.30
N PHE C 498 -32.10 24.51 -6.47
CA PHE C 498 -30.85 24.50 -5.73
C PHE C 498 -30.94 23.79 -4.38
N ASP C 499 -32.15 23.47 -3.94
CA ASP C 499 -32.33 22.76 -2.68
C ASP C 499 -33.13 21.47 -2.84
N GLY C 500 -33.51 21.15 -4.06
CA GLY C 500 -34.12 19.85 -4.37
C GLY C 500 -35.54 19.71 -3.82
N ASP C 501 -36.25 20.84 -3.70
CA ASP C 501 -37.59 20.82 -3.15
C ASP C 501 -38.65 20.63 -4.23
N GLY C 502 -38.21 20.47 -5.47
CA GLY C 502 -39.13 20.18 -6.57
C GLY C 502 -39.59 21.44 -7.29
N ARG C 503 -39.07 22.60 -6.88
CA ARG C 503 -39.38 23.86 -7.54
C ARG C 503 -38.12 24.60 -7.93
N ASP C 504 -38.06 25.03 -9.18
CA ASP C 504 -36.95 25.83 -9.66
C ASP C 504 -36.99 27.20 -9.04
N ASP C 505 -35.83 27.83 -8.88
CA ASP C 505 -35.78 29.16 -8.31
C ASP C 505 -34.61 29.95 -8.85
N LEU C 506 -34.48 31.20 -8.40
CA LEU C 506 -33.49 32.11 -8.95
C LEU C 506 -32.27 32.21 -8.07
N SER C 507 -31.14 32.51 -8.67
CA SER C 507 -29.99 32.95 -7.91
C SER C 507 -29.27 34.07 -8.65
N VAL C 508 -28.71 34.99 -7.89
CA VAL C 508 -28.09 36.17 -8.47
C VAL C 508 -26.66 36.34 -8.04
N PHE C 509 -25.79 36.51 -9.01
CA PHE C 509 -24.40 36.85 -8.74
C PHE C 509 -24.22 38.36 -8.81
N TYR C 510 -24.25 39.00 -7.65
CA TYR C 510 -24.32 40.44 -7.59
C TYR C 510 -22.93 41.07 -7.50
N GLY C 511 -22.70 42.13 -8.26
CA GLY C 511 -21.43 42.85 -8.21
C GLY C 511 -21.39 43.83 -7.04
N GLN C 512 -20.66 43.47 -6.00
CA GLN C 512 -20.71 44.20 -4.73
C GLN C 512 -19.75 45.37 -4.70
N GLY C 513 -20.04 46.42 -5.48
CA GLY C 513 -19.34 47.69 -5.34
C GLY C 513 -17.90 47.64 -5.85
N ASP C 514 -17.09 46.79 -5.21
CA ASP C 514 -15.68 46.66 -5.55
C ASP C 514 -15.47 45.53 -6.53
N ASP C 515 -16.55 45.11 -7.17
CA ASP C 515 -16.53 44.04 -8.15
C ASP C 515 -16.20 42.69 -7.52
N THR C 516 -16.56 42.53 -6.26
CA THR C 516 -16.56 41.21 -5.65
C THR C 516 -17.89 40.53 -5.91
N VAL C 517 -17.96 39.23 -5.67
CA VAL C 517 -19.15 38.47 -6.05
C VAL C 517 -19.89 37.95 -4.83
N LYS C 518 -21.17 38.27 -4.76
CA LYS C 518 -22.04 37.73 -3.72
C LYS C 518 -23.27 37.07 -4.32
N THR C 519 -23.47 35.80 -4.01
CA THR C 519 -24.52 35.02 -4.63
C THR C 519 -25.75 34.90 -3.73
N TYR C 520 -26.88 35.35 -4.24
CA TYR C 520 -28.15 35.25 -3.53
C TYR C 520 -29.01 34.18 -4.16
N VAL C 521 -29.84 33.54 -3.35
CA VAL C 521 -30.83 32.61 -3.87
C VAL C 521 -32.23 33.02 -3.46
N PHE C 522 -33.18 32.87 -4.37
CA PHE C 522 -34.56 33.30 -4.15
C PHE C 522 -35.52 32.11 -4.24
N PRO C 523 -35.68 31.36 -3.16
CA PRO C 523 -36.45 30.14 -3.17
C PRO C 523 -37.86 30.39 -3.68
N ALA C 524 -38.40 29.43 -4.40
CA ALA C 524 -39.73 29.57 -4.97
C ALA C 524 -40.81 29.20 -3.97
N ALA C 525 -41.83 30.03 -3.87
CA ALA C 525 -42.97 29.75 -3.03
C ALA C 525 -43.84 28.66 -3.66
N PRO C 526 -44.64 27.97 -2.85
CA PRO C 526 -45.57 26.98 -3.34
C PRO C 526 -46.55 27.55 -4.37
N ASP C 527 -46.74 28.88 -4.35
CA ASP C 527 -47.69 29.51 -5.25
C ASP C 527 -47.01 30.00 -6.53
N GLY C 528 -45.72 29.71 -6.67
CA GLY C 528 -44.98 30.07 -7.87
C GLY C 528 -44.22 31.37 -7.73
N GLY C 529 -44.49 32.10 -6.65
CA GLY C 529 -43.81 33.37 -6.40
C GLY C 529 -42.44 33.13 -5.78
N PHE C 530 -41.76 34.20 -5.39
CA PHE C 530 -40.43 34.08 -4.82
C PHE C 530 -40.36 34.70 -3.43
N THR C 531 -39.49 34.14 -2.59
CA THR C 531 -39.35 34.60 -1.21
C THR C 531 -38.11 35.46 -1.04
N THR C 532 -37.95 36.01 0.16
CA THR C 532 -36.80 36.85 0.49
C THR C 532 -35.49 36.08 0.24
N PRO C 533 -34.54 36.69 -0.49
CA PRO C 533 -33.31 36.06 -0.84
C PRO C 533 -32.37 35.89 0.34
N ALA C 534 -31.45 34.94 0.21
CA ALA C 534 -30.39 34.76 1.20
C ALA C 534 -29.08 34.43 0.50
N VAL C 535 -27.97 34.78 1.12
CA VAL C 535 -26.65 34.57 0.52
C VAL C 535 -26.17 33.14 0.70
N TRP C 536 -25.82 32.49 -0.41
CA TRP C 536 -25.35 31.11 -0.37
C TRP C 536 -23.85 31.01 -0.59
N TRP C 537 -23.27 32.05 -1.17
CA TRP C 537 -21.84 32.04 -1.49
C TRP C 537 -21.32 33.43 -1.73
N GLN C 538 -20.11 33.71 -1.28
CA GLN C 538 -19.46 34.97 -1.57
C GLN C 538 -17.95 34.81 -1.63
N SER C 539 -17.32 35.57 -2.50
CA SER C 539 -15.87 35.57 -2.59
C SER C 539 -15.33 36.90 -3.10
N ALA C 540 -14.21 37.32 -2.54
CA ALA C 540 -13.55 38.54 -2.97
C ALA C 540 -12.29 38.23 -3.78
N SER C 541 -12.10 36.95 -4.09
CA SER C 541 -10.89 36.50 -4.77
C SER C 541 -11.04 36.58 -6.29
N LEU C 542 -12.26 36.85 -6.76
CA LEU C 542 -12.54 36.86 -8.19
C LEU C 542 -13.31 38.11 -8.60
N ASP C 543 -12.98 38.63 -9.78
CA ASP C 543 -13.57 39.86 -10.30
C ASP C 543 -14.93 39.61 -10.97
N TRP C 544 -15.96 40.26 -10.44
CA TRP C 544 -17.32 40.07 -10.92
C TRP C 544 -17.45 40.31 -12.42
N ASN C 545 -16.66 41.22 -12.95
CA ASN C 545 -16.76 41.61 -14.35
C ASN C 545 -16.26 40.51 -15.27
N ARG C 546 -15.60 39.51 -14.69
CA ARG C 546 -15.01 38.44 -15.48
C ARG C 546 -15.71 37.10 -15.23
N THR C 547 -16.83 37.14 -14.50
CA THR C 547 -17.56 35.91 -14.17
C THR C 547 -18.82 35.75 -15.02
N THR C 548 -19.01 34.54 -15.55
CA THR C 548 -20.25 34.19 -16.24
C THR C 548 -20.84 32.90 -15.65
N PRO C 549 -21.79 33.04 -14.71
CA PRO C 549 -22.30 31.92 -13.97
C PRO C 549 -23.19 31.02 -14.82
N HIS C 550 -23.18 29.73 -14.50
CA HIS C 550 -24.09 28.77 -15.12
C HIS C 550 -24.64 27.81 -14.07
N ALA C 551 -25.86 27.31 -14.28
CA ALA C 551 -26.51 26.44 -13.30
C ALA C 551 -26.83 25.07 -13.86
N GLY C 552 -26.73 24.05 -13.01
CA GLY C 552 -27.10 22.68 -13.38
C GLY C 552 -26.65 21.71 -12.28
N ASP C 553 -27.09 20.46 -12.39
CA ASP C 553 -26.69 19.43 -11.43
C ASP C 553 -25.48 18.68 -11.90
N PHE C 554 -24.31 19.07 -11.41
CA PHE C 554 -23.06 18.63 -12.01
C PHE C 554 -22.43 17.45 -11.28
N ASN C 555 -23.17 16.86 -10.35
CA ASN C 555 -22.69 15.64 -9.69
C ASN C 555 -23.81 14.62 -9.45
N GLY C 556 -25.00 14.91 -9.96
CA GLY C 556 -26.10 13.95 -9.91
C GLY C 556 -26.71 13.84 -8.52
N ASP C 557 -26.69 14.94 -7.77
CA ASP C 557 -27.21 14.96 -6.40
C ASP C 557 -28.73 14.95 -6.37
N GLY C 558 -29.35 15.47 -7.42
CA GLY C 558 -30.79 15.68 -7.44
C GLY C 558 -31.12 17.13 -7.13
N ARG C 559 -30.10 17.88 -6.73
CA ARG C 559 -30.25 19.31 -6.48
C ARG C 559 -29.19 20.08 -7.26
N ASP C 560 -29.63 21.13 -7.93
CA ASP C 560 -28.77 21.87 -8.84
C ASP C 560 -27.73 22.68 -8.10
N ASP C 561 -26.65 22.99 -8.80
CA ASP C 561 -25.60 23.85 -8.28
C ASP C 561 -25.01 24.68 -9.41
N THR C 562 -24.01 25.49 -9.11
CA THR C 562 -23.53 26.44 -10.11
C THR C 562 -22.05 26.35 -10.35
N LEU C 563 -21.63 26.75 -11.53
CA LEU C 563 -20.23 26.96 -11.83
C LEU C 563 -20.02 28.34 -12.42
N VAL C 564 -18.83 28.87 -12.26
CA VAL C 564 -18.50 30.16 -12.82
C VAL C 564 -17.38 30.06 -13.82
N TRP C 565 -17.65 30.48 -15.06
CA TRP C 565 -16.61 30.56 -16.07
C TRP C 565 -15.86 31.87 -15.89
N TYR C 566 -14.55 31.79 -15.71
CA TYR C 566 -13.78 32.97 -15.39
C TYR C 566 -12.76 33.29 -16.47
N ASP C 567 -12.78 34.53 -16.94
CA ASP C 567 -11.85 34.99 -17.96
C ASP C 567 -10.68 35.74 -17.33
N TYR C 568 -9.53 35.09 -17.26
CA TYR C 568 -8.37 35.65 -16.55
C TYR C 568 -7.68 36.73 -17.39
N PRO C 569 -6.99 37.67 -16.72
CA PRO C 569 -6.17 38.65 -17.39
C PRO C 569 -5.05 38.00 -18.20
N ASP C 570 -4.74 36.74 -17.88
CA ASP C 570 -3.63 36.04 -18.51
C ASP C 570 -4.00 35.52 -19.89
N GLY C 571 -5.27 35.62 -20.25
CA GLY C 571 -5.74 35.14 -21.54
C GLY C 571 -6.28 33.72 -21.45
N SER C 572 -6.09 33.11 -20.29
CA SER C 572 -6.62 31.77 -20.04
C SER C 572 -7.96 31.86 -19.33
N ASP C 573 -8.67 30.76 -19.27
CA ASP C 573 -9.90 30.73 -18.52
C ASP C 573 -10.11 29.38 -17.83
N LYS C 574 -11.04 29.37 -16.89
CA LYS C 574 -11.31 28.18 -16.10
C LYS C 574 -12.76 28.17 -15.66
N THR C 575 -13.25 27.00 -15.25
CA THR C 575 -14.54 26.93 -14.59
C THR C 575 -14.40 26.45 -13.17
N SER C 576 -14.99 27.18 -12.25
CA SER C 576 -15.01 26.79 -10.87
C SER C 576 -16.40 26.32 -10.47
N THR C 577 -16.47 25.11 -9.91
CA THR C 577 -17.77 24.53 -9.56
C THR C 577 -18.01 24.58 -8.07
N MET C 578 -19.18 25.10 -7.69
CA MET C 578 -19.57 25.14 -6.29
C MET C 578 -20.79 24.27 -6.07
N LEU C 579 -20.57 23.10 -5.49
CA LEU C 579 -21.65 22.13 -5.33
C LEU C 579 -22.57 22.51 -4.20
N SER C 580 -23.87 22.25 -4.37
CA SER C 580 -24.84 22.56 -3.35
C SER C 580 -24.82 21.54 -2.25
N GLU C 581 -24.87 22.01 -1.00
CA GLU C 581 -24.89 21.13 0.15
C GLU C 581 -25.62 21.75 1.32
N ARG C 582 -26.08 20.92 2.24
CA ARG C 582 -26.71 21.40 3.46
C ARG C 582 -25.89 21.01 4.67
N VAL C 583 -25.41 22.00 5.40
CA VAL C 583 -24.58 21.74 6.57
C VAL C 583 -25.17 22.40 7.81
N SER C 584 -25.38 21.60 8.85
CA SER C 584 -25.98 22.09 10.08
C SER C 584 -27.34 22.72 9.83
N GLY C 585 -28.07 22.19 8.86
CA GLY C 585 -29.41 22.64 8.56
C GLY C 585 -29.42 23.86 7.64
N LYS C 586 -28.23 24.37 7.32
CA LYS C 586 -28.11 25.58 6.50
C LYS C 586 -27.74 25.24 5.06
N ASP C 587 -28.55 25.73 4.12
CA ASP C 587 -28.27 25.54 2.71
C ASP C 587 -27.25 26.56 2.21
N ARG C 588 -26.23 26.08 1.53
CA ARG C 588 -25.23 26.96 0.92
C ARG C 588 -24.47 26.23 -0.18
N PHE C 589 -23.71 26.98 -0.96
CA PHE C 589 -22.81 26.37 -1.93
C PHE C 589 -21.47 26.08 -1.28
N GLY C 590 -20.86 24.96 -1.64
CA GLY C 590 -19.61 24.53 -1.04
C GLY C 590 -18.43 25.27 -1.63
N SER C 591 -17.23 24.92 -1.19
CA SER C 591 -16.02 25.57 -1.65
C SER C 591 -15.83 25.36 -3.14
N ALA C 592 -15.39 26.39 -3.83
CA ALA C 592 -15.17 26.32 -5.26
C ALA C 592 -13.92 25.53 -5.58
N LYS C 593 -13.99 24.73 -6.64
CA LYS C 593 -12.81 24.04 -7.16
C LYS C 593 -12.76 24.14 -8.66
N VAL C 594 -11.56 24.13 -9.22
CA VAL C 594 -11.41 24.20 -10.67
C VAL C 594 -11.68 22.84 -11.31
N THR C 595 -12.65 22.82 -12.21
CA THR C 595 -13.05 21.58 -12.85
C THR C 595 -12.66 21.57 -14.33
N LEU C 596 -12.45 22.77 -14.87
CA LEU C 596 -12.01 22.90 -16.26
C LEU C 596 -10.99 24.02 -16.39
N SER C 597 -9.97 23.80 -17.21
CA SER C 597 -9.02 24.86 -17.51
C SER C 597 -8.47 24.73 -18.92
N SER C 598 -8.04 25.85 -19.48
CA SER C 598 -7.44 25.86 -20.81
C SER C 598 -6.17 26.70 -20.83
N PRO C 599 -5.29 26.47 -21.82
CA PRO C 599 -4.14 27.31 -22.06
C PRO C 599 -4.57 28.73 -22.41
N PRO C 600 -3.69 29.72 -22.19
CA PRO C 600 -3.93 31.06 -22.60
C PRO C 600 -4.15 31.14 -24.10
N GLY C 601 -5.17 31.88 -24.52
CA GLY C 601 -5.42 32.12 -25.92
C GLY C 601 -6.14 30.96 -26.60
N ASN C 602 -6.46 29.92 -25.83
CA ASN C 602 -7.09 28.73 -26.40
C ASN C 602 -8.57 28.98 -26.65
N LEU C 603 -9.21 29.73 -25.77
CA LEU C 603 -10.61 30.09 -25.92
C LEU C 603 -10.85 31.55 -25.58
N ASP C 604 -11.70 32.20 -26.36
CA ASP C 604 -12.12 33.56 -26.08
C ASP C 604 -13.57 33.59 -25.63
N VAL C 605 -13.79 34.00 -24.39
CA VAL C 605 -15.10 33.89 -23.74
C VAL C 605 -16.17 34.74 -24.44
N THR C 606 -15.73 35.73 -25.20
CA THR C 606 -16.66 36.64 -25.89
C THR C 606 -16.96 36.18 -27.30
N ARG C 607 -16.34 35.07 -27.72
CA ARG C 607 -16.52 34.57 -29.07
C ARG C 607 -17.26 33.23 -29.09
N MET C 608 -17.86 32.86 -27.96
CA MET C 608 -18.57 31.59 -27.89
C MET C 608 -19.86 31.69 -27.09
N GLN C 609 -20.84 30.88 -27.49
CA GLN C 609 -22.13 30.82 -26.80
C GLN C 609 -22.25 29.54 -25.97
N PHE C 610 -22.74 29.68 -24.75
CA PHE C 610 -22.81 28.56 -23.81
C PHE C 610 -24.22 28.06 -23.62
N LEU C 611 -24.35 26.74 -23.45
CA LEU C 611 -25.61 26.15 -23.03
C LEU C 611 -25.37 24.86 -22.25
N THR C 612 -26.02 24.72 -21.09
CA THR C 612 -25.85 23.53 -20.26
C THR C 612 -26.96 22.52 -20.46
N GLY C 613 -26.75 21.30 -20.00
CA GLY C 613 -27.76 20.24 -20.09
C GLY C 613 -27.12 18.87 -19.92
N ASP C 614 -27.92 17.83 -19.93
CA ASP C 614 -27.41 16.46 -19.82
C ASP C 614 -27.33 15.82 -21.19
N TYR C 615 -26.16 15.94 -21.84
CA TYR C 615 -26.06 15.62 -23.25
C TYR C 615 -25.92 14.13 -23.54
N ASP C 616 -25.32 13.39 -22.62
CA ASP C 616 -25.16 11.95 -22.82
C ASP C 616 -26.16 11.13 -22.01
N GLY C 617 -26.98 11.83 -21.21
CA GLY C 617 -28.10 11.19 -20.51
C GLY C 617 -27.64 10.31 -19.35
N ASP C 618 -26.50 10.65 -18.75
CA ASP C 618 -25.96 9.83 -17.65
C ASP C 618 -26.43 10.31 -16.28
N GLY C 619 -27.29 11.34 -16.27
CA GLY C 619 -27.88 11.82 -15.02
C GLY C 619 -27.13 13.02 -14.44
N ARG C 620 -25.97 13.33 -15.02
CA ARG C 620 -25.19 14.48 -14.56
C ARG C 620 -25.11 15.55 -15.62
N ASP C 621 -25.45 16.77 -15.25
CA ASP C 621 -25.45 17.88 -16.19
C ASP C 621 -24.03 18.24 -16.62
N ASP C 622 -23.91 18.71 -17.84
CA ASP C 622 -22.65 19.14 -18.40
C ASP C 622 -22.88 20.30 -19.35
N LEU C 623 -21.81 20.81 -19.94
CA LEU C 623 -21.95 22.01 -20.75
C LEU C 623 -21.33 21.86 -22.13
N ALA C 624 -21.92 22.54 -23.10
CA ALA C 624 -21.42 22.53 -24.46
C ALA C 624 -21.47 23.93 -25.03
N THR C 625 -20.59 24.20 -25.98
CA THR C 625 -20.51 25.53 -26.56
C THR C 625 -20.43 25.51 -28.07
N LEU C 626 -20.79 26.62 -28.68
CA LEU C 626 -20.49 26.89 -30.08
C LEU C 626 -19.52 28.06 -30.16
N ASN C 627 -18.26 27.78 -30.47
CA ASN C 627 -17.25 28.83 -30.43
C ASN C 627 -16.86 29.29 -31.82
N HIS C 628 -16.61 30.59 -31.93
CA HIS C 628 -16.21 31.20 -33.19
C HIS C 628 -14.69 31.29 -33.27
N GLN C 629 -14.12 30.55 -34.20
CA GLN C 629 -12.67 30.43 -34.31
C GLN C 629 -12.08 31.58 -35.09
N ALA C 630 -10.77 31.75 -34.99
CA ALA C 630 -10.09 32.88 -35.62
C ALA C 630 -10.31 32.90 -37.12
N ASP C 631 -10.47 31.72 -37.72
CA ASP C 631 -10.63 31.62 -39.17
C ASP C 631 -12.11 31.67 -39.58
N GLY C 632 -12.98 31.92 -38.62
CA GLY C 632 -14.41 32.10 -38.89
C GLY C 632 -15.20 30.80 -38.72
N THR C 633 -14.50 29.70 -38.50
CA THR C 633 -15.15 28.40 -38.34
C THR C 633 -15.89 28.33 -37.01
N VAL C 634 -17.06 27.71 -37.02
CA VAL C 634 -17.80 27.47 -35.79
C VAL C 634 -17.78 25.99 -35.43
N LYS C 635 -17.41 25.70 -34.20
CA LYS C 635 -17.23 24.32 -33.76
C LYS C 635 -17.92 24.05 -32.44
N MET C 636 -18.58 22.89 -32.34
CA MET C 636 -19.22 22.49 -31.10
C MET C 636 -18.28 21.69 -30.22
N TRP C 637 -18.25 22.02 -28.93
CA TRP C 637 -17.51 21.23 -27.95
C TRP C 637 -18.39 20.86 -26.78
N THR C 638 -18.24 19.65 -26.27
CA THR C 638 -18.94 19.25 -25.06
C THR C 638 -18.00 18.71 -24.00
N TRP C 639 -18.13 19.23 -22.79
CA TRP C 639 -17.36 18.73 -21.66
C TRP C 639 -18.26 17.99 -20.68
N THR C 640 -18.18 16.67 -20.68
CA THR C 640 -19.06 15.86 -19.83
C THR C 640 -18.60 15.91 -18.38
N ALA C 641 -19.49 15.55 -17.47
CA ALA C 641 -19.20 15.65 -16.04
C ALA C 641 -18.90 14.31 -15.41
N ARG C 642 -17.80 14.25 -14.68
CA ARG C 642 -17.43 13.06 -13.92
C ARG C 642 -18.21 13.01 -12.60
N PRO C 643 -18.24 11.84 -11.94
CA PRO C 643 -19.00 11.68 -10.72
C PRO C 643 -18.61 12.68 -9.62
N ASP C 644 -17.39 13.21 -9.70
CA ASP C 644 -16.89 14.15 -8.70
C ASP C 644 -17.01 15.60 -9.17
N ALA C 645 -17.78 15.80 -10.24
CA ALA C 645 -18.04 17.14 -10.78
C ALA C 645 -16.81 17.72 -11.50
N MET C 646 -15.78 16.89 -11.69
CA MET C 646 -14.70 17.24 -12.58
C MET C 646 -15.14 17.05 -14.01
N PHE C 647 -14.67 17.90 -14.91
CA PHE C 647 -15.04 17.77 -16.30
C PHE C 647 -14.04 16.94 -17.07
N ASN C 648 -14.52 16.26 -18.09
CA ASN C 648 -13.65 15.53 -18.99
C ASN C 648 -13.12 16.46 -20.07
N GLY C 649 -12.28 15.95 -20.94
CA GLY C 649 -11.80 16.73 -22.06
C GLY C 649 -12.93 17.00 -23.02
N GLY C 650 -12.84 18.10 -23.76
CA GLY C 650 -13.88 18.48 -24.69
C GLY C 650 -13.95 17.49 -25.84
N ILE C 651 -15.16 17.15 -26.25
CA ILE C 651 -15.34 16.27 -27.39
C ILE C 651 -15.93 17.04 -28.56
N ALA C 652 -15.22 17.03 -29.68
CA ALA C 652 -15.66 17.77 -30.85
C ALA C 652 -16.92 17.19 -31.45
N GLY C 653 -17.82 18.06 -31.89
CA GLY C 653 -19.05 17.64 -32.56
C GLY C 653 -19.15 18.26 -33.95
N TRP C 654 -20.35 18.71 -34.30
CA TRP C 654 -20.59 19.35 -35.59
C TRP C 654 -19.82 20.65 -35.74
N SER C 655 -19.36 20.92 -36.95
CA SER C 655 -18.69 22.18 -37.26
C SER C 655 -19.00 22.63 -38.68
N ALA C 656 -18.80 23.92 -38.93
CA ALA C 656 -19.06 24.47 -40.26
C ALA C 656 -18.25 25.74 -40.49
N PRO C 657 -17.96 26.06 -41.76
CA PRO C 657 -17.39 27.33 -42.12
C PRO C 657 -18.40 28.46 -42.00
N ALA C 658 -17.89 29.69 -41.92
CA ALA C 658 -18.75 30.88 -41.77
C ALA C 658 -19.68 31.05 -42.96
N SER C 659 -19.32 30.43 -44.08
CA SER C 659 -20.12 30.53 -45.29
C SER C 659 -21.46 29.82 -45.13
N SER C 660 -21.55 28.95 -44.12
CA SER C 660 -22.77 28.22 -43.85
C SER C 660 -23.47 28.75 -42.60
N TRP C 661 -22.76 28.78 -41.49
CA TRP C 661 -23.32 29.25 -40.22
C TRP C 661 -22.58 30.48 -39.73
N VAL C 662 -23.28 31.60 -39.67
CA VAL C 662 -22.69 32.84 -39.19
C VAL C 662 -22.91 32.98 -37.69
N PHE C 663 -21.81 33.05 -36.95
CA PHE C 663 -21.86 33.02 -35.49
C PHE C 663 -22.69 34.16 -34.91
N GLY C 664 -22.44 35.37 -35.40
CA GLY C 664 -23.01 36.56 -34.80
C GLY C 664 -24.45 36.79 -35.23
N SER C 665 -24.97 35.89 -36.06
CA SER C 665 -26.32 36.04 -36.58
C SER C 665 -27.28 35.02 -35.99
N ALA C 666 -26.82 34.23 -35.02
CA ALA C 666 -27.66 33.21 -34.42
C ALA C 666 -27.66 33.30 -32.90
N GLN C 667 -28.82 33.08 -32.30
CA GLN C 667 -28.96 33.07 -30.84
C GLN C 667 -29.57 31.77 -30.36
N PHE C 668 -28.99 31.19 -29.33
CA PHE C 668 -29.46 29.91 -28.81
C PHE C 668 -30.59 30.10 -27.82
N PHE C 669 -31.49 29.13 -27.78
CA PHE C 669 -32.57 29.12 -26.81
C PHE C 669 -32.04 28.67 -25.46
N THR C 670 -32.19 29.52 -24.46
CA THR C 670 -31.59 29.27 -23.17
C THR C 670 -32.62 29.29 -22.06
N THR C 671 -32.17 29.01 -20.85
CA THR C 671 -33.05 28.98 -19.70
C THR C 671 -32.89 30.27 -18.89
N TYR C 672 -31.78 30.96 -19.12
CA TYR C 672 -31.49 32.23 -18.47
C TYR C 672 -30.58 33.09 -19.35
N PRO C 673 -30.78 34.41 -19.34
CA PRO C 673 -30.14 35.28 -20.28
C PRO C 673 -28.63 35.28 -20.14
N LYS C 674 -27.93 35.43 -21.28
CA LYS C 674 -26.47 35.50 -21.31
C LYS C 674 -25.83 34.27 -20.65
N PRO D 4 4.82 -59.93 81.68
CA PRO D 4 4.03 -58.75 81.44
C PRO D 4 3.76 -58.54 79.95
N ALA D 5 2.59 -58.00 79.64
CA ALA D 5 2.20 -57.74 78.26
C ALA D 5 2.93 -56.53 77.70
N VAL D 6 3.14 -56.53 76.39
CA VAL D 6 3.75 -55.40 75.70
C VAL D 6 2.71 -54.38 75.27
N THR D 7 2.97 -53.11 75.52
CA THR D 7 2.06 -52.04 75.13
C THR D 7 1.86 -52.01 73.62
N GLU D 8 0.60 -51.86 73.20
CA GLU D 8 0.26 -51.88 71.79
C GLU D 8 1.09 -50.85 71.02
N GLY D 9 1.64 -51.29 69.89
CA GLY D 9 2.49 -50.44 69.07
C GLY D 9 3.97 -50.69 69.34
N GLY D 10 4.25 -51.33 70.48
CA GLY D 10 5.62 -51.66 70.83
C GLY D 10 6.08 -52.94 70.15
N HIS D 11 7.37 -53.01 69.83
CA HIS D 11 7.95 -54.20 69.25
C HIS D 11 7.12 -54.70 68.07
N ALA D 12 6.74 -53.79 67.18
CA ALA D 12 5.97 -54.13 65.99
C ALA D 12 6.76 -55.06 65.08
N SER D 13 8.08 -55.02 65.23
CA SER D 13 8.98 -55.82 64.42
C SER D 13 8.94 -57.29 64.83
N THR D 14 8.34 -57.57 65.99
CA THR D 14 8.24 -58.94 66.47
C THR D 14 7.06 -59.64 65.84
N ALA D 15 7.31 -60.78 65.21
CA ALA D 15 6.30 -61.48 64.44
C ALA D 15 5.92 -62.80 65.08
N ARG D 16 4.67 -63.20 64.89
CA ARG D 16 4.22 -64.54 65.22
C ARG D 16 4.19 -65.40 63.97
N LEU D 17 4.66 -66.64 64.08
CA LEU D 17 4.64 -67.54 62.95
C LEU D 17 3.72 -68.72 63.18
N ARG D 18 2.99 -69.09 62.14
CA ARG D 18 2.09 -70.24 62.18
C ARG D 18 2.50 -71.26 61.14
N ILE D 19 2.94 -72.44 61.60
CA ILE D 19 3.48 -73.44 60.69
C ILE D 19 2.47 -74.55 60.45
N GLY D 20 2.11 -74.74 59.19
CA GLY D 20 1.15 -75.76 58.80
C GLY D 20 -0.23 -75.42 59.27
N ASP D 21 -1.08 -76.43 59.41
CA ASP D 21 -2.43 -76.21 59.91
C ASP D 21 -2.43 -76.17 61.43
N ASP D 22 -1.90 -75.07 61.97
CA ASP D 22 -1.75 -74.92 63.41
C ASP D 22 -1.01 -76.12 64.01
N GLN D 23 0.06 -76.55 63.34
CA GLN D 23 0.81 -77.71 63.79
C GLN D 23 1.93 -77.33 64.74
N ARG D 24 2.56 -76.18 64.48
CA ARG D 24 3.63 -75.68 65.33
C ARG D 24 3.52 -74.17 65.53
N ALA D 25 3.97 -73.70 66.69
CA ALA D 25 4.05 -72.28 66.96
C ALA D 25 5.51 -71.84 67.03
N CYS D 26 5.80 -70.66 66.45
CA CYS D 26 7.15 -70.12 66.44
C CYS D 26 7.13 -68.59 66.40
N SER D 27 8.20 -67.96 66.85
CA SER D 27 8.31 -66.51 66.82
C SER D 27 9.49 -66.07 65.96
N GLY D 28 9.51 -64.79 65.61
CA GLY D 28 10.60 -64.26 64.80
C GLY D 28 10.61 -62.74 64.82
N VAL D 29 11.61 -62.16 64.16
CA VAL D 29 11.77 -60.71 64.12
C VAL D 29 12.00 -60.22 62.71
N LEU D 30 11.47 -59.04 62.39
CA LEU D 30 11.71 -58.44 61.09
C LEU D 30 13.13 -57.89 61.01
N VAL D 31 13.88 -58.37 60.02
CA VAL D 31 15.27 -57.96 59.83
C VAL D 31 15.40 -57.05 58.63
N ALA D 32 14.60 -57.34 57.62
CA ALA D 32 14.58 -56.53 56.41
C ALA D 32 13.16 -56.51 55.88
N ALA D 33 12.87 -55.60 54.98
CA ALA D 33 11.50 -55.40 54.55
C ALA D 33 10.85 -56.71 54.14
N GLN D 34 11.63 -57.59 53.51
CA GLN D 34 11.08 -58.83 52.98
C GLN D 34 11.70 -60.07 53.63
N TRP D 35 12.33 -59.91 54.81
CA TRP D 35 12.96 -61.04 55.49
C TRP D 35 12.66 -61.08 57.00
N LEU D 36 12.39 -62.29 57.50
CA LEU D 36 12.27 -62.52 58.94
C LEU D 36 13.37 -63.43 59.45
N ALA D 37 13.80 -63.21 60.69
CA ALA D 37 14.73 -64.12 61.35
C ALA D 37 14.02 -64.93 62.41
N THR D 38 14.09 -66.26 62.31
CA THR D 38 13.39 -67.14 63.22
C THR D 38 14.31 -68.24 63.73
N ALA D 39 13.84 -68.99 64.72
CA ALA D 39 14.57 -70.17 65.18
C ALA D 39 14.54 -71.24 64.12
N ALA D 40 15.64 -71.97 64.00
CA ALA D 40 15.71 -73.06 63.03
C ALA D 40 15.07 -74.32 63.59
N SER D 41 15.06 -74.43 64.90
CA SER D 41 14.56 -75.62 65.58
C SER D 41 13.05 -75.87 65.34
N CYS D 42 12.31 -74.79 65.03
CA CYS D 42 10.86 -74.91 64.81
C CYS D 42 10.53 -75.29 63.37
N PHE D 43 11.54 -75.25 62.50
CA PHE D 43 11.36 -75.64 61.11
C PHE D 43 12.07 -76.96 60.81
N ALA D 44 12.63 -77.57 61.84
CA ALA D 44 13.34 -78.84 61.70
C ALA D 44 12.35 -79.98 61.57
N ASP D 45 12.74 -81.03 60.86
CA ASP D 45 11.86 -82.19 60.71
C ASP D 45 11.51 -82.75 62.09
N ASP D 46 12.50 -82.81 62.97
CA ASP D 46 12.29 -83.19 64.35
C ASP D 46 12.26 -81.96 65.23
N LEU D 47 11.09 -81.63 65.75
CA LEU D 47 10.92 -80.37 66.45
C LEU D 47 11.89 -80.25 67.62
N GLY D 48 12.62 -79.14 67.66
CA GLY D 48 13.51 -78.84 68.76
C GLY D 48 14.98 -79.22 68.48
N ALA D 49 15.20 -80.01 67.43
CA ALA D 49 16.56 -80.45 67.11
C ALA D 49 16.69 -80.91 65.65
N GLY D 50 17.91 -80.93 65.16
CA GLY D 50 18.20 -81.52 63.85
C GLY D 50 18.21 -80.46 62.74
N PRO D 51 18.52 -80.90 61.53
CA PRO D 51 18.72 -80.01 60.41
C PRO D 51 17.40 -79.44 59.89
N VAL D 52 17.49 -78.33 59.19
CA VAL D 52 16.34 -77.74 58.51
C VAL D 52 16.53 -77.78 57.00
N ALA D 53 15.52 -78.23 56.29
CA ALA D 53 15.60 -78.31 54.84
C ALA D 53 15.73 -76.92 54.23
N ALA D 54 16.57 -76.79 53.22
CA ALA D 54 16.72 -75.54 52.49
C ALA D 54 15.60 -75.40 51.46
N GLY D 55 15.27 -74.15 51.13
CA GLY D 55 14.24 -73.89 50.13
C GLY D 55 12.89 -73.77 50.80
N LYS D 56 11.83 -74.15 50.09
CA LYS D 56 10.48 -74.02 50.60
C LYS D 56 10.33 -74.85 51.88
N PRO D 57 9.55 -74.34 52.84
CA PRO D 57 9.32 -75.03 54.08
C PRO D 57 8.50 -76.29 53.87
N GLN D 58 8.62 -77.24 54.80
CA GLN D 58 7.91 -78.51 54.69
C GLN D 58 6.41 -78.33 54.89
N TRP D 59 6.04 -77.22 55.51
CA TRP D 59 4.64 -76.91 55.74
C TRP D 59 4.34 -75.47 55.35
N ARG D 60 3.15 -75.23 54.82
CA ARG D 60 2.75 -73.87 54.52
C ARG D 60 2.84 -73.04 55.78
N THR D 61 3.53 -71.92 55.70
CA THR D 61 3.80 -71.12 56.87
C THR D 61 3.55 -69.64 56.60
N THR D 62 2.92 -68.98 57.57
CA THR D 62 2.68 -67.55 57.47
C THR D 62 3.15 -66.84 58.73
N ALA D 63 3.22 -65.52 58.68
CA ALA D 63 3.64 -64.73 59.82
C ALA D 63 2.77 -63.49 59.99
N VAL D 64 2.55 -63.10 61.23
CA VAL D 64 1.77 -61.91 61.52
C VAL D 64 2.57 -60.92 62.37
N LEU D 65 2.58 -59.67 61.93
CA LEU D 65 3.37 -58.64 62.60
C LEU D 65 2.77 -57.25 62.43
N GLY D 66 3.42 -56.25 63.01
CA GLY D 66 2.92 -54.88 62.98
C GLY D 66 2.44 -54.45 64.36
N PRO D 67 2.14 -53.16 64.53
CA PRO D 67 1.88 -52.59 65.83
C PRO D 67 0.67 -53.22 66.52
N ALA D 68 -0.25 -53.74 65.71
CA ALA D 68 -1.42 -54.41 66.24
C ALA D 68 -1.57 -55.80 65.64
N ALA D 69 -0.47 -56.35 65.14
CA ALA D 69 -0.47 -57.66 64.51
C ALA D 69 -1.56 -57.74 63.46
N GLY D 70 -1.67 -56.71 62.64
CA GLY D 70 -2.72 -56.63 61.63
C GLY D 70 -2.22 -56.98 60.23
N THR D 71 -0.94 -57.29 60.11
CA THR D 71 -0.35 -57.61 58.82
C THR D 71 0.03 -59.08 58.74
N THR D 72 -0.47 -59.77 57.71
CA THR D 72 -0.16 -61.18 57.52
C THR D 72 0.59 -61.40 56.21
N VAL D 73 1.72 -62.09 56.30
CA VAL D 73 2.53 -62.40 55.13
C VAL D 73 2.92 -63.86 55.08
N GLU D 74 3.18 -64.37 53.88
CA GLU D 74 3.59 -65.76 53.71
C GLU D 74 5.10 -65.87 53.56
N VAL D 75 5.68 -66.89 54.20
CA VAL D 75 7.11 -67.17 54.04
C VAL D 75 7.32 -68.18 52.93
N VAL D 76 8.22 -67.88 52.01
CA VAL D 76 8.38 -68.68 50.81
C VAL D 76 9.63 -69.57 50.86
N GLU D 77 10.73 -68.99 51.29
CA GLU D 77 12.02 -69.69 51.21
C GLU D 77 12.80 -69.60 52.51
N LEU D 78 13.39 -70.73 52.91
CA LEU D 78 14.25 -70.75 54.08
C LEU D 78 15.71 -70.96 53.69
N VAL D 79 16.61 -70.25 54.35
CA VAL D 79 18.04 -70.49 54.23
C VAL D 79 18.68 -70.62 55.61
N PRO D 80 18.67 -71.84 56.17
CA PRO D 80 19.11 -72.08 57.53
C PRO D 80 20.62 -71.99 57.66
N ARG D 81 21.07 -71.63 58.86
CA ARG D 81 22.49 -71.66 59.19
C ARG D 81 22.84 -72.90 60.01
N THR D 82 24.08 -73.36 59.90
CA THR D 82 24.46 -74.67 60.43
C THR D 82 25.10 -74.63 61.81
N ASP D 83 25.67 -73.47 62.19
CA ASP D 83 26.35 -73.35 63.48
C ASP D 83 25.50 -72.61 64.51
N ARG D 84 24.24 -72.36 64.16
CA ARG D 84 23.33 -71.62 65.03
C ARG D 84 21.91 -72.12 64.88
N ASP D 85 21.09 -71.90 65.91
CA ASP D 85 19.66 -72.10 65.77
C ASP D 85 19.04 -70.87 65.13
N LEU D 86 19.38 -70.65 63.87
CA LEU D 86 18.97 -69.45 63.16
C LEU D 86 18.67 -69.75 61.69
N VAL D 87 17.50 -69.33 61.25
CA VAL D 87 17.13 -69.44 59.85
C VAL D 87 16.53 -68.14 59.34
N LEU D 88 16.94 -67.72 58.15
CA LEU D 88 16.35 -66.53 57.54
C LEU D 88 15.26 -66.92 56.56
N ALA D 89 14.08 -66.35 56.75
CA ALA D 89 12.92 -66.68 55.92
C ALA D 89 12.57 -65.53 55.00
N ARG D 90 12.53 -65.82 53.70
CA ARG D 90 12.14 -64.82 52.72
C ARG D 90 10.63 -64.76 52.59
N LEU D 91 10.11 -63.56 52.61
CA LEU D 91 8.66 -63.35 52.50
C LEU D 91 8.23 -63.21 51.06
N ALA D 92 6.98 -63.57 50.79
CA ALA D 92 6.40 -63.40 49.46
C ALA D 92 6.33 -61.93 49.09
N SER D 93 6.15 -61.07 50.09
CA SER D 93 6.06 -59.63 49.87
C SER D 93 6.68 -58.88 51.04
N PRO D 94 7.22 -57.68 50.78
CA PRO D 94 7.78 -56.85 51.81
C PRO D 94 6.71 -56.31 52.75
N VAL D 95 7.08 -56.06 53.99
CA VAL D 95 6.17 -55.51 54.98
C VAL D 95 6.28 -54.00 55.06
N ALA D 96 5.20 -53.31 54.75
CA ALA D 96 5.17 -51.86 54.83
C ALA D 96 4.67 -51.41 56.19
N GLY D 97 5.19 -50.28 56.67
CA GLY D 97 4.70 -49.67 57.89
C GLY D 97 5.39 -50.20 59.14
N THR D 98 6.26 -51.19 58.96
CA THR D 98 6.99 -51.78 60.07
C THR D 98 8.49 -51.64 59.87
N THR D 99 9.16 -51.11 60.88
CA THR D 99 10.60 -50.88 60.82
C THR D 99 11.39 -52.11 61.28
N PRO D 100 12.31 -52.61 60.44
CA PRO D 100 13.13 -53.74 60.78
C PRO D 100 14.12 -53.40 61.87
N VAL D 101 14.54 -54.42 62.63
CA VAL D 101 15.50 -54.22 63.70
C VAL D 101 16.94 -54.45 63.21
N PRO D 102 17.81 -53.45 63.36
CA PRO D 102 19.19 -53.56 62.94
C PRO D 102 19.95 -54.52 63.84
N PHE D 103 21.01 -55.11 63.29
CA PHE D 103 21.87 -55.99 64.08
C PHE D 103 22.81 -55.19 64.96
N ALA D 104 23.06 -55.70 66.16
CA ALA D 104 24.04 -55.09 67.04
C ALA D 104 25.42 -55.13 66.41
N THR D 105 26.18 -54.06 66.59
CA THR D 105 27.51 -53.95 65.99
C THR D 105 28.60 -54.25 67.01
N THR D 106 28.19 -54.51 68.25
CA THR D 106 29.15 -54.81 69.31
C THR D 106 28.77 -56.10 70.03
N ALA D 107 29.74 -56.75 70.65
CA ALA D 107 29.51 -57.99 71.34
C ALA D 107 28.72 -57.77 72.62
N PRO D 108 27.90 -58.75 73.01
CA PRO D 108 27.28 -58.78 74.30
C PRO D 108 28.30 -59.10 75.38
N ALA D 109 27.97 -58.74 76.62
CA ALA D 109 28.89 -58.97 77.73
C ALA D 109 28.13 -59.32 79.00
N PRO D 110 28.79 -60.03 79.93
CA PRO D 110 28.19 -60.39 81.19
C PRO D 110 27.67 -59.17 81.93
N GLY D 111 26.48 -59.30 82.50
CA GLY D 111 25.87 -58.22 83.26
C GLY D 111 24.94 -57.38 82.40
N GLU D 112 25.00 -57.57 81.09
CA GLU D 112 24.15 -56.84 80.17
C GLU D 112 22.71 -57.31 80.23
N GLU D 113 21.78 -56.36 80.21
CA GLU D 113 20.36 -56.69 80.25
C GLU D 113 19.75 -56.69 78.85
N LEU D 114 19.12 -57.80 78.49
CA LEU D 114 18.46 -57.93 77.20
C LEU D 114 16.95 -58.02 77.36
N THR D 115 16.22 -57.45 76.41
CA THR D 115 14.77 -57.51 76.42
C THR D 115 14.26 -58.65 75.55
N VAL D 116 13.49 -59.52 76.15
CA VAL D 116 12.97 -60.69 75.44
C VAL D 116 11.49 -60.50 75.13
N VAL D 117 11.15 -60.53 73.85
CA VAL D 117 9.75 -60.38 73.44
C VAL D 117 9.36 -61.43 72.41
N GLY D 118 8.13 -61.96 72.54
CA GLY D 118 7.63 -62.94 71.60
C GLY D 118 6.17 -63.30 71.86
N PHE D 119 5.67 -64.30 71.12
CA PHE D 119 4.26 -64.69 71.20
C PHE D 119 4.08 -66.08 71.82
N GLY D 120 5.08 -66.52 72.58
CA GLY D 120 5.01 -67.83 73.20
C GLY D 120 4.11 -67.81 74.41
N ARG D 121 3.93 -68.97 75.03
CA ARG D 121 3.02 -69.10 76.16
C ARG D 121 3.53 -68.31 77.35
N THR D 122 2.61 -67.84 78.18
CA THR D 122 2.96 -67.06 79.35
C THR D 122 2.81 -67.90 80.61
N LYS D 123 2.95 -67.26 81.75
CA LYS D 123 2.78 -67.94 83.03
C LYS D 123 1.36 -68.49 83.18
N GLU D 124 0.38 -67.76 82.65
CA GLU D 124 -1.02 -68.12 82.80
C GLU D 124 -1.68 -68.54 81.49
N GLU D 125 -1.19 -68.00 80.37
CA GLU D 125 -1.86 -68.16 79.08
C GLU D 125 -1.14 -69.15 78.18
N TRP D 126 -1.86 -70.20 77.78
CA TRP D 126 -1.33 -71.19 76.86
C TRP D 126 -0.98 -70.58 75.51
N ALA D 127 -1.86 -69.72 75.01
CA ALA D 127 -1.70 -69.13 73.68
C ALA D 127 -2.19 -67.68 73.65
N PRO D 128 -1.35 -66.74 74.11
CA PRO D 128 -1.77 -65.38 74.32
C PRO D 128 -2.09 -64.69 72.99
N LEU D 129 -2.97 -63.70 73.03
CA LEU D 129 -3.36 -62.97 71.82
C LEU D 129 -2.49 -61.74 71.59
N THR D 130 -1.58 -61.48 72.53
CA THR D 130 -0.71 -60.32 72.42
C THR D 130 0.74 -60.68 72.72
N ARG D 131 1.63 -59.72 72.55
CA ARG D 131 3.05 -59.93 72.85
C ARG D 131 3.32 -59.84 74.35
N HIS D 132 4.20 -60.71 74.83
CA HIS D 132 4.65 -60.66 76.22
C HIS D 132 6.16 -60.62 76.28
N THR D 133 6.71 -60.04 77.34
CA THR D 133 8.15 -59.84 77.41
C THR D 133 8.77 -60.38 78.71
N ALA D 134 10.10 -60.40 78.74
CA ALA D 134 10.86 -60.84 79.92
C ALA D 134 12.22 -60.14 79.98
N ALA D 135 12.77 -60.01 81.17
CA ALA D 135 14.08 -59.36 81.35
C ALA D 135 15.18 -60.38 81.63
N PHE D 136 16.10 -60.52 80.68
CA PHE D 136 17.21 -61.47 80.81
C PHE D 136 18.54 -60.76 81.03
N THR D 137 19.45 -61.42 81.74
CA THR D 137 20.80 -60.91 81.96
C THR D 137 21.84 -61.88 81.42
N VAL D 138 22.82 -61.34 80.71
CA VAL D 138 23.88 -62.18 80.13
C VAL D 138 24.84 -62.66 81.22
N GLN D 139 25.10 -63.96 81.24
CA GLN D 139 26.02 -64.53 82.22
C GLN D 139 27.40 -64.74 81.61
N SER D 140 27.41 -65.20 80.36
CA SER D 140 28.66 -65.36 79.62
C SER D 140 28.39 -65.42 78.13
N VAL D 141 29.43 -65.17 77.33
CA VAL D 141 29.33 -65.28 75.88
C VAL D 141 30.47 -66.12 75.33
N SER D 142 30.14 -67.13 74.55
CA SER D 142 31.16 -67.98 73.94
C SER D 142 30.66 -68.65 72.68
N GLY D 143 31.59 -69.01 71.80
CA GLY D 143 31.22 -69.75 70.59
C GLY D 143 30.22 -68.97 69.76
N THR D 144 29.11 -69.61 69.42
CA THR D 144 28.08 -68.99 68.62
C THR D 144 26.82 -68.74 69.44
N THR D 145 26.91 -68.92 70.76
CA THR D 145 25.74 -68.81 71.63
C THR D 145 26.00 -67.93 72.85
N LEU D 146 24.93 -67.57 73.54
CA LEU D 146 25.01 -66.84 74.80
C LEU D 146 24.49 -67.68 75.95
N ALA D 147 25.09 -67.52 77.12
CA ALA D 147 24.55 -68.07 78.34
C ALA D 147 23.71 -67.03 79.05
N LEU D 148 22.40 -67.23 79.04
CA LEU D 148 21.48 -66.23 79.58
C LEU D 148 20.75 -66.76 80.80
N ASP D 149 20.40 -65.84 81.69
CA ASP D 149 19.52 -66.17 82.80
C ASP D 149 18.54 -65.02 83.02
N GLY D 150 17.63 -65.21 83.97
CA GLY D 150 16.65 -64.19 84.26
C GLY D 150 17.23 -63.08 85.12
N ARG D 151 16.77 -61.85 84.91
CA ARG D 151 17.08 -60.76 85.81
C ARG D 151 16.44 -61.02 87.16
N THR D 152 15.26 -61.61 87.12
CA THR D 152 14.53 -62.03 88.30
C THR D 152 14.05 -63.47 88.14
N ASP D 153 13.47 -64.02 89.18
CA ASP D 153 12.97 -65.39 89.13
C ASP D 153 11.49 -65.42 88.77
N ASP D 154 10.95 -64.26 88.39
CA ASP D 154 9.53 -64.12 88.15
C ASP D 154 9.14 -64.49 86.72
N ASP D 155 9.99 -64.16 85.76
CA ASP D 155 9.68 -64.42 84.35
C ASP D 155 10.59 -65.49 83.76
N ALA D 156 10.30 -65.88 82.51
CA ALA D 156 11.06 -66.92 81.84
C ALA D 156 10.79 -66.92 80.35
N ILE D 157 11.66 -67.60 79.60
CA ILE D 157 11.39 -67.87 78.19
C ILE D 157 10.67 -69.23 78.06
N CYS D 158 9.49 -69.21 77.42
CA CYS D 158 8.61 -70.38 77.40
C CYS D 158 8.45 -70.94 75.98
N ALA D 159 8.01 -72.19 75.90
CA ALA D 159 7.80 -72.84 74.61
C ALA D 159 6.86 -72.04 73.74
N GLY D 160 7.18 -71.96 72.46
CA GLY D 160 6.38 -71.19 71.50
C GLY D 160 6.96 -69.79 71.31
N ASP D 161 7.88 -69.42 72.20
CA ASP D 161 8.53 -68.11 72.13
C ASP D 161 9.85 -68.21 71.40
N ALA D 162 10.20 -69.41 70.97
CA ALA D 162 11.46 -69.64 70.29
C ALA D 162 11.52 -68.85 69.00
N GLY D 163 12.66 -68.25 68.73
CA GLY D 163 12.83 -67.44 67.54
C GLY D 163 12.57 -65.97 67.83
N GLY D 164 11.98 -65.69 68.98
CA GLY D 164 11.70 -64.31 69.36
C GLY D 164 13.00 -63.55 69.58
N PRO D 165 13.01 -62.26 69.24
CA PRO D 165 14.19 -61.45 69.36
C PRO D 165 14.57 -61.16 70.80
N LEU D 166 15.86 -61.05 71.04
CA LEU D 166 16.39 -60.49 72.27
C LEU D 166 17.05 -59.16 71.96
N LEU D 167 16.45 -58.08 72.44
CA LEU D 167 16.83 -56.75 72.02
C LEU D 167 17.67 -56.04 73.06
N ARG D 168 18.55 -55.18 72.59
CA ARG D 168 19.29 -54.29 73.47
C ARG D 168 18.91 -52.85 73.19
N GLN D 169 18.53 -52.13 74.24
CA GLN D 169 18.07 -50.76 74.08
C GLN D 169 19.25 -49.80 73.94
N LYS D 170 19.19 -48.95 72.92
CA LYS D 170 20.25 -47.96 72.70
C LYS D 170 19.70 -46.70 72.03
N ASP D 171 19.96 -45.55 72.64
CA ASP D 171 19.59 -44.25 72.07
C ASP D 171 18.11 -44.19 71.72
N GLY D 172 17.27 -44.80 72.56
CA GLY D 172 15.83 -44.74 72.37
C GLY D 172 15.32 -45.85 71.44
N GLY D 173 16.25 -46.57 70.83
CA GLY D 173 15.90 -47.63 69.90
C GLY D 173 16.36 -48.98 70.41
N PHE D 174 16.30 -49.99 69.55
CA PHE D 174 16.72 -51.34 69.92
C PHE D 174 17.60 -51.99 68.86
N GLU D 175 18.52 -52.82 69.30
CA GLU D 175 19.35 -53.63 68.40
C GLU D 175 19.13 -55.11 68.65
N LEU D 176 19.25 -55.91 67.60
CA LEU D 176 19.05 -57.35 67.71
C LEU D 176 20.33 -58.06 68.12
N VAL D 177 20.27 -58.78 69.24
CA VAL D 177 21.44 -59.46 69.78
C VAL D 177 21.36 -60.97 69.59
N ALA D 178 20.19 -61.53 69.86
CA ALA D 178 20.01 -62.98 69.80
C ALA D 178 18.54 -63.35 69.60
N LEU D 179 18.30 -64.59 69.17
CA LEU D 179 16.95 -65.14 69.14
C LEU D 179 16.78 -66.21 70.20
N ALA D 180 15.60 -66.28 70.80
CA ALA D 180 15.32 -67.30 71.81
C ALA D 180 15.40 -68.69 71.19
N SER D 181 15.95 -69.65 71.95
CA SER D 181 16.06 -71.02 71.46
C SER D 181 15.57 -72.04 72.48
N GLN D 182 16.42 -72.38 73.45
CA GLN D 182 16.11 -73.45 74.40
C GLN D 182 16.27 -72.99 75.85
N SER D 183 15.45 -73.55 76.73
CA SER D 183 15.50 -73.24 78.15
C SER D 183 14.82 -74.31 78.98
N TRP D 184 14.99 -74.23 80.30
CA TRP D 184 14.29 -75.12 81.22
C TRP D 184 12.81 -74.74 81.33
N GLN D 185 12.51 -73.48 81.02
CA GLN D 185 11.13 -72.99 81.03
C GLN D 185 10.46 -73.13 82.39
N GLY D 186 11.21 -72.89 83.45
CA GLY D 186 10.65 -72.95 84.79
C GLY D 186 9.66 -71.82 85.00
N GLY D 187 8.53 -72.14 85.65
CA GLY D 187 7.52 -71.14 85.95
C GLY D 187 6.55 -70.88 84.78
N CYS D 188 6.76 -71.59 83.66
CA CYS D 188 5.93 -71.43 82.46
C CYS D 188 4.66 -72.26 82.54
N TRP D 189 3.61 -71.81 81.85
CA TRP D 189 2.37 -72.55 81.80
C TRP D 189 2.55 -73.88 81.11
N GLY D 190 1.98 -74.93 81.69
CA GLY D 190 2.04 -76.26 81.11
C GLY D 190 3.32 -77.00 81.50
N THR D 191 4.17 -76.33 82.28
CA THR D 191 5.44 -76.92 82.71
C THR D 191 5.39 -77.28 84.18
N ASP D 192 5.90 -78.46 84.51
CA ASP D 192 5.91 -78.93 85.88
C ASP D 192 6.48 -77.85 86.83
N PRO D 193 5.70 -77.46 87.85
CA PRO D 193 6.12 -76.45 88.80
C PRO D 193 7.43 -76.83 89.50
N ALA D 194 7.76 -78.11 89.46
CA ALA D 194 8.98 -78.60 90.09
C ALA D 194 10.20 -77.94 89.49
N GLU D 195 10.08 -77.50 88.22
CA GLU D 195 11.17 -76.82 87.54
C GLU D 195 11.07 -75.31 87.73
N THR D 196 12.04 -74.74 88.41
CA THR D 196 12.02 -73.31 88.73
C THR D 196 13.12 -72.54 88.01
N ARG D 197 13.94 -73.25 87.25
CA ARG D 197 15.06 -72.62 86.55
C ARG D 197 14.59 -71.93 85.28
N ASN D 198 15.13 -70.74 85.03
CA ASN D 198 14.84 -70.02 83.80
C ASN D 198 16.12 -69.75 83.01
N ASP D 199 17.14 -70.57 83.25
CA ASP D 199 18.38 -70.52 82.48
C ASP D 199 18.10 -70.85 81.01
N ALA D 200 18.74 -70.12 80.11
CA ALA D 200 18.45 -70.26 78.69
C ALA D 200 19.71 -70.12 77.83
N VAL D 201 19.67 -70.74 76.65
CA VAL D 201 20.76 -70.62 75.68
C VAL D 201 20.23 -70.13 74.34
N SER D 202 20.92 -69.15 73.76
CA SER D 202 20.51 -68.59 72.47
C SER D 202 21.70 -68.39 71.55
N PRO D 203 21.48 -68.49 70.22
CA PRO D 203 22.49 -68.14 69.25
C PRO D 203 22.77 -66.65 69.24
N ARG D 204 24.02 -66.29 69.05
CA ARG D 204 24.42 -64.89 68.96
C ARG D 204 24.30 -64.40 67.52
N LEU D 205 23.69 -63.23 67.36
CA LEU D 205 23.50 -62.65 66.03
C LEU D 205 24.38 -61.42 65.83
N ASP D 206 25.33 -61.21 66.74
CA ASP D 206 26.24 -60.06 66.65
C ASP D 206 27.49 -60.41 65.85
N ASN D 207 27.76 -61.69 65.71
CA ASN D 207 28.97 -62.15 65.05
C ASN D 207 28.69 -62.70 63.68
N ILE D 208 27.60 -62.26 63.08
CA ILE D 208 27.23 -62.68 61.74
C ILE D 208 26.98 -61.46 60.87
N ALA D 209 27.07 -61.66 59.55
CA ALA D 209 26.73 -60.61 58.61
C ALA D 209 25.24 -60.34 58.64
N GLY D 210 24.86 -59.10 58.47
CA GLY D 210 23.46 -58.73 58.41
C GLY D 210 23.29 -57.38 57.75
N GLY D 211 22.04 -56.99 57.52
CA GLY D 211 21.77 -55.80 56.74
C GLY D 211 22.11 -56.05 55.29
N ASN D 212 22.45 -55.00 54.57
CA ASN D 212 22.79 -55.15 53.17
C ASN D 212 24.11 -54.46 52.82
N THR D 213 24.92 -54.14 53.84
CA THR D 213 26.15 -53.41 53.59
C THR D 213 27.36 -54.05 54.26
N LEU D 214 28.53 -53.86 53.64
CA LEU D 214 29.80 -54.17 54.26
C LEU D 214 30.63 -52.91 54.42
N THR D 215 31.01 -52.60 55.65
CA THR D 215 31.91 -51.49 55.91
C THR D 215 33.35 -51.93 55.64
N PRO D 216 34.27 -50.98 55.50
CA PRO D 216 35.68 -51.28 55.40
C PRO D 216 36.13 -52.09 56.61
N GLY D 217 36.84 -53.18 56.35
CA GLY D 217 37.34 -54.04 57.41
C GLY D 217 36.34 -55.15 57.75
N ALA D 218 35.15 -55.08 57.14
CA ALA D 218 34.11 -56.08 57.39
C ALA D 218 34.50 -57.42 56.79
N VAL D 219 34.14 -58.49 57.49
CA VAL D 219 34.43 -59.83 57.03
C VAL D 219 33.16 -60.67 56.93
N LEU D 220 32.94 -61.26 55.76
CA LEU D 220 31.79 -62.13 55.53
C LEU D 220 32.21 -63.60 55.60
N ARG D 221 31.80 -64.28 56.67
CA ARG D 221 32.21 -65.65 56.91
C ARG D 221 31.42 -66.63 56.06
N ALA D 222 31.96 -67.83 55.90
CA ALA D 222 31.27 -68.87 55.14
C ALA D 222 29.99 -69.25 55.83
N GLU D 223 29.00 -69.68 55.04
CA GLU D 223 27.68 -69.98 55.56
C GLU D 223 27.05 -68.74 56.18
N ASP D 224 27.23 -67.60 55.51
CA ASP D 224 26.68 -66.32 55.94
C ASP D 224 26.23 -65.50 54.74
N SER D 225 25.38 -64.50 54.97
CA SER D 225 24.79 -63.77 53.85
C SER D 225 24.28 -62.38 54.22
N LEU D 226 24.18 -61.52 53.20
CA LEU D 226 23.42 -60.27 53.26
C LEU D 226 22.17 -60.39 52.41
N VAL D 227 21.11 -59.66 52.78
CA VAL D 227 19.84 -59.82 52.09
C VAL D 227 19.22 -58.50 51.66
N SER D 228 18.52 -58.53 50.53
CA SER D 228 17.73 -57.40 50.06
C SER D 228 16.47 -57.91 49.35
N ASN D 229 15.57 -56.99 48.99
CA ASN D 229 14.26 -57.39 48.50
C ASN D 229 14.31 -58.32 47.29
N ALA D 230 15.28 -58.11 46.41
CA ALA D 230 15.30 -58.83 45.14
C ALA D 230 16.59 -59.63 44.94
N ALA D 231 17.33 -59.87 46.01
CA ALA D 231 18.58 -60.60 45.90
C ALA D 231 19.09 -61.09 47.24
N ARG D 232 19.94 -62.11 47.21
CA ARG D 232 20.70 -62.50 48.39
C ARG D 232 22.17 -62.74 48.05
N LEU D 233 23.05 -62.21 48.89
CA LEU D 233 24.49 -62.40 48.73
C LEU D 233 25.02 -63.31 49.80
N THR D 234 25.52 -64.46 49.39
CA THR D 234 25.95 -65.46 50.37
C THR D 234 27.29 -66.05 50.03
N LEU D 235 28.06 -66.38 51.06
CA LEU D 235 29.29 -67.14 50.88
C LEU D 235 29.08 -68.58 51.31
N ARG D 236 29.23 -69.49 50.36
CA ARG D 236 28.95 -70.89 50.60
C ARG D 236 30.07 -71.55 51.37
N ALA D 237 29.75 -72.68 52.00
CA ALA D 237 30.73 -73.43 52.78
C ALA D 237 31.90 -73.87 51.91
N ASP D 238 31.66 -73.99 50.62
CA ASP D 238 32.68 -74.47 49.69
C ASP D 238 33.58 -73.34 49.20
N GLY D 239 33.37 -72.14 49.74
CA GLY D 239 34.24 -71.00 49.47
C GLY D 239 33.76 -70.16 48.28
N ASP D 240 32.71 -70.61 47.62
CA ASP D 240 32.19 -69.89 46.45
C ASP D 240 31.24 -68.77 46.87
N LEU D 241 31.63 -67.54 46.57
CA LEU D 241 30.79 -66.38 46.86
C LEU D 241 29.80 -66.15 45.73
N VAL D 242 28.51 -66.21 46.05
CA VAL D 242 27.49 -66.16 45.01
C VAL D 242 26.38 -65.17 45.33
N VAL D 243 25.67 -64.74 44.29
CA VAL D 243 24.44 -64.00 44.44
C VAL D 243 23.29 -64.73 43.78
N VAL D 244 22.20 -64.91 44.52
CA VAL D 244 21.05 -65.64 44.01
C VAL D 244 19.81 -64.77 43.96
N SER D 245 18.88 -65.13 43.08
CA SER D 245 17.65 -64.38 42.91
C SER D 245 16.51 -64.99 43.69
N ASN D 246 15.35 -64.37 43.62
CA ASN D 246 14.18 -64.88 44.31
C ASN D 246 13.66 -66.16 43.65
N ALA D 247 14.18 -66.47 42.47
CA ALA D 247 13.82 -67.69 41.77
C ALA D 247 14.64 -68.88 42.28
N GLY D 248 15.61 -68.60 43.13
CA GLY D 248 16.46 -69.64 43.71
C GLY D 248 17.67 -69.93 42.83
N LYS D 249 17.77 -69.25 41.70
CA LYS D 249 18.88 -69.46 40.77
C LYS D 249 20.03 -68.53 41.05
N THR D 250 21.24 -68.95 40.69
CA THR D 250 22.43 -68.14 40.87
C THR D 250 22.67 -67.21 39.69
N LEU D 251 22.80 -65.92 39.96
CA LEU D 251 23.00 -64.93 38.91
C LEU D 251 24.47 -64.64 38.68
N TRP D 252 25.25 -64.75 39.74
CA TRP D 252 26.67 -64.42 39.67
C TRP D 252 27.47 -65.18 40.70
N SER D 253 28.69 -65.54 40.36
CA SER D 253 29.58 -66.20 41.29
C SER D 253 31.03 -65.88 41.00
N THR D 254 31.88 -66.02 42.00
CA THR D 254 33.31 -65.84 41.81
C THR D 254 33.94 -67.12 41.26
N GLY D 255 33.29 -68.25 41.52
CA GLY D 255 33.76 -69.52 41.00
C GLY D 255 34.82 -70.13 41.90
N THR D 256 35.01 -69.51 43.07
CA THR D 256 36.02 -69.96 44.02
C THR D 256 35.51 -71.13 44.84
N ALA D 257 35.07 -72.18 44.17
CA ALA D 257 34.54 -73.36 44.82
C ALA D 257 35.64 -74.37 45.11
N GLY D 258 35.52 -75.05 46.25
CA GLY D 258 36.48 -76.08 46.63
C GLY D 258 37.51 -75.54 47.61
N HIS D 259 37.57 -74.22 47.71
CA HIS D 259 38.47 -73.57 48.64
C HIS D 259 37.81 -73.45 50.01
N LEU D 260 37.65 -74.57 50.68
CA LEU D 260 36.94 -74.61 51.94
C LEU D 260 37.67 -73.80 52.99
N GLY D 261 36.92 -73.00 53.74
CA GLY D 261 37.51 -72.12 54.74
C GLY D 261 37.77 -70.73 54.19
N ALA D 262 37.55 -70.56 52.88
CA ALA D 262 37.75 -69.27 52.24
C ALA D 262 36.77 -68.25 52.80
N THR D 263 37.21 -67.00 52.86
CA THR D 263 36.41 -65.93 53.43
C THR D 263 36.33 -64.73 52.50
N ALA D 264 35.20 -64.03 52.51
CA ALA D 264 35.06 -62.82 51.71
C ALA D 264 35.15 -61.60 52.60
N ARG D 265 35.90 -60.59 52.16
CA ARG D 265 36.10 -59.40 52.97
C ARG D 265 36.09 -58.13 52.14
N PHE D 266 35.73 -57.02 52.78
CA PHE D 266 35.81 -55.72 52.15
C PHE D 266 36.93 -54.91 52.79
N THR D 267 37.96 -54.64 52.01
CA THR D 267 39.21 -54.10 52.55
C THR D 267 39.13 -52.60 52.76
N ASP D 268 40.11 -52.06 53.46
CA ASP D 268 40.18 -50.63 53.70
C ASP D 268 40.54 -49.87 52.44
N SER D 269 41.06 -50.59 51.45
CA SER D 269 41.40 -50.00 50.17
C SER D 269 40.15 -49.75 49.33
N GLY D 270 39.03 -50.33 49.78
CA GLY D 270 37.74 -50.09 49.13
C GLY D 270 37.35 -51.21 48.17
N ASN D 271 38.18 -52.23 48.05
CA ASN D 271 37.85 -53.33 47.15
C ASN D 271 37.18 -54.48 47.88
N LEU D 272 36.51 -55.34 47.12
CA LEU D 272 35.91 -56.53 47.66
C LEU D 272 36.64 -57.75 47.14
N THR D 273 37.14 -58.59 48.03
CA THR D 273 37.96 -59.71 47.64
C THR D 273 37.54 -60.99 48.33
N VAL D 274 37.97 -62.11 47.77
CA VAL D 274 37.84 -63.41 48.42
C VAL D 274 39.20 -63.98 48.71
N VAL D 275 39.43 -64.34 49.96
CA VAL D 275 40.74 -64.82 50.40
C VAL D 275 40.65 -66.27 50.82
N ASP D 276 41.75 -66.99 50.69
CA ASP D 276 41.79 -68.41 51.00
C ASP D 276 41.84 -68.63 52.50
N ALA D 277 41.86 -69.89 52.90
CA ALA D 277 41.81 -70.26 54.31
C ALA D 277 43.03 -69.74 55.06
N ASP D 278 44.11 -69.47 54.33
CA ASP D 278 45.35 -69.03 54.96
C ASP D 278 45.32 -67.54 55.31
N GLY D 279 44.28 -66.85 54.82
CA GLY D 279 44.09 -65.45 55.15
C GLY D 279 45.05 -64.55 54.38
N THR D 280 45.77 -65.14 53.44
CA THR D 280 46.81 -64.42 52.70
C THR D 280 46.54 -64.42 51.20
N THR D 281 46.18 -65.58 50.66
CA THR D 281 46.07 -65.75 49.22
C THR D 281 44.72 -65.27 48.71
N VAL D 282 44.73 -64.41 47.70
CA VAL D 282 43.49 -63.91 47.11
C VAL D 282 43.04 -64.80 45.97
N LEU D 283 41.77 -65.20 46.00
CA LEU D 283 41.20 -66.08 45.01
C LEU D 283 40.41 -65.30 43.98
N TRP D 284 39.86 -64.16 44.40
CA TRP D 284 39.07 -63.31 43.53
C TRP D 284 39.07 -61.88 44.04
N GLU D 285 39.06 -60.91 43.13
CA GLU D 285 38.96 -59.51 43.52
C GLU D 285 38.17 -58.70 42.51
N SER D 286 37.49 -57.66 43.00
CA SER D 286 36.83 -56.68 42.14
C SER D 286 37.86 -55.73 41.54
N ALA D 287 39.03 -55.68 42.16
CA ALA D 287 40.15 -54.85 41.69
C ALA D 287 39.74 -53.39 41.58
N THR D 288 39.03 -52.89 42.59
CA THR D 288 38.64 -51.48 42.61
C THR D 288 39.47 -50.72 43.64
N THR D 289 39.42 -49.40 43.56
CA THR D 289 40.02 -48.54 44.58
C THR D 289 39.01 -47.52 45.06
N ALA D 290 38.74 -47.53 46.37
CA ALA D 290 37.78 -46.59 46.94
C ALA D 290 37.83 -46.57 48.46
N PRO D 291 38.88 -45.98 49.04
CA PRO D 291 39.00 -45.86 50.46
C PRO D 291 37.83 -45.08 51.04
N GLY D 292 37.31 -45.55 52.15
CA GLY D 292 36.18 -44.89 52.82
C GLY D 292 34.86 -45.26 52.17
N GLY D 293 34.91 -46.18 51.21
CA GLY D 293 33.72 -46.60 50.49
C GLY D 293 33.03 -47.77 51.19
N SER D 294 32.06 -48.37 50.52
CA SER D 294 31.31 -49.48 51.08
C SER D 294 30.73 -50.36 49.99
N ALA D 295 30.44 -51.62 50.33
CA ALA D 295 29.76 -52.52 49.41
C ALA D 295 28.33 -52.73 49.83
N VAL D 296 27.39 -52.41 48.97
CA VAL D 296 25.98 -52.48 49.32
C VAL D 296 25.19 -53.35 48.36
N LEU D 297 24.38 -54.24 48.91
CA LEU D 297 23.45 -55.02 48.14
C LEU D 297 22.11 -54.30 48.08
N GLN D 298 21.72 -53.89 46.90
CA GLN D 298 20.57 -53.02 46.75
C GLN D 298 19.28 -53.81 46.66
N ASP D 299 18.17 -53.14 46.94
CA ASP D 299 16.85 -53.75 46.81
C ASP D 299 16.48 -53.87 45.35
N ARG D 300 17.05 -52.99 44.53
CA ARG D 300 16.82 -53.03 43.11
C ARG D 300 17.24 -54.36 42.52
N GLY D 301 18.30 -54.94 43.07
CA GLY D 301 18.70 -56.29 42.68
C GLY D 301 20.19 -56.55 42.91
N ASP D 302 21.05 -55.72 42.32
CA ASP D 302 22.44 -56.10 42.18
C ASP D 302 23.32 -55.65 43.35
N LEU D 303 24.58 -56.08 43.31
CA LEU D 303 25.58 -55.71 44.29
C LEU D 303 26.53 -54.67 43.72
N VAL D 304 26.61 -53.52 44.37
CA VAL D 304 27.43 -52.44 43.87
C VAL D 304 28.40 -51.93 44.93
N VAL D 305 29.64 -51.71 44.52
CA VAL D 305 30.64 -51.13 45.40
C VAL D 305 30.74 -49.63 45.15
N ARG D 306 30.57 -48.86 46.22
CA ARG D 306 30.53 -47.41 46.11
C ARG D 306 31.67 -46.77 46.88
N ASP D 307 32.14 -45.63 46.38
CA ASP D 307 33.22 -44.92 47.04
C ASP D 307 32.69 -43.95 48.09
N ALA D 308 33.60 -43.20 48.71
CA ALA D 308 33.25 -42.33 49.82
C ALA D 308 32.33 -41.19 49.37
N GLN D 309 32.31 -40.93 48.06
CA GLN D 309 31.51 -39.85 47.51
C GLN D 309 30.13 -40.33 47.08
N GLY D 310 29.90 -41.63 47.23
CA GLY D 310 28.62 -42.22 46.88
C GLY D 310 28.56 -42.62 45.41
N ALA D 311 29.69 -42.57 44.73
CA ALA D 311 29.75 -42.93 43.32
C ALA D 311 30.09 -44.41 43.16
N SER D 312 29.36 -45.09 42.28
CA SER D 312 29.62 -46.50 42.01
C SER D 312 30.97 -46.69 41.33
N GLN D 313 31.69 -47.72 41.74
CA GLN D 313 32.97 -48.06 41.11
C GLN D 313 32.88 -49.39 40.36
N TRP D 314 32.04 -50.28 40.88
CA TRP D 314 31.91 -51.63 40.31
C TRP D 314 30.57 -52.25 40.67
N ALA D 315 30.01 -53.02 39.75
CA ALA D 315 28.77 -53.73 40.03
C ALA D 315 28.78 -55.12 39.39
N ALA D 316 28.19 -56.08 40.10
CA ALA D 316 28.14 -57.46 39.62
C ALA D 316 27.14 -57.61 38.47
N GLY D 317 26.15 -56.73 38.42
CA GLY D 317 25.15 -56.76 37.36
C GLY D 317 24.08 -57.82 37.60
N THR D 318 23.98 -58.29 38.85
CA THR D 318 23.01 -59.33 39.19
C THR D 318 21.63 -58.76 39.35
N GLU D 319 21.01 -58.42 38.25
CA GLU D 319 19.67 -57.85 38.26
C GLU D 319 18.81 -58.47 37.19
N VAL D 320 17.50 -58.42 37.39
CA VAL D 320 16.57 -58.83 36.36
C VAL D 320 15.79 -57.64 35.84
N ARG D 321 15.96 -57.35 34.56
CA ARG D 321 15.36 -56.16 33.96
C ARG D 321 13.84 -56.31 33.87
N HIS D 322 13.12 -55.22 34.18
CA HIS D 322 11.65 -55.22 34.15
C HIS D 322 11.06 -56.53 34.65
N ASP D 323 11.47 -56.93 35.85
CA ASP D 323 10.78 -57.98 36.58
C ASP D 323 9.64 -57.40 37.40
N TYR D 324 8.41 -57.58 36.92
CA TYR D 324 7.28 -56.81 37.43
C TYR D 324 6.70 -57.37 38.73
N ASN D 325 6.81 -58.67 38.94
CA ASN D 325 6.27 -59.28 40.15
C ASN D 325 7.36 -59.60 41.17
N GLY D 326 8.62 -59.49 40.74
CA GLY D 326 9.75 -59.71 41.64
C GLY D 326 10.00 -61.18 41.93
N ASP D 327 9.60 -62.05 41.00
CA ASP D 327 9.76 -63.49 41.19
C ASP D 327 11.12 -64.00 40.66
N GLY D 328 11.93 -63.09 40.15
CA GLY D 328 13.29 -63.43 39.73
C GLY D 328 13.40 -63.67 38.22
N ARG D 329 12.32 -63.42 37.49
CA ARG D 329 12.33 -63.55 36.04
C ARG D 329 11.75 -62.32 35.36
N SER D 330 12.37 -61.90 34.26
CA SER D 330 11.92 -60.73 33.53
C SER D 330 10.55 -60.95 32.91
N ASP D 331 9.76 -59.89 32.85
CA ASP D 331 8.44 -59.93 32.25
C ASP D 331 8.33 -58.86 31.18
N MET D 332 7.18 -58.78 30.53
CA MET D 332 6.94 -57.69 29.61
C MET D 332 5.48 -57.27 29.63
N ALA D 333 5.23 -56.00 29.31
CA ALA D 333 3.88 -55.46 29.38
C ALA D 333 3.63 -54.50 28.24
N ALA D 334 2.37 -54.30 27.89
CA ALA D 334 2.01 -53.44 26.77
C ALA D 334 0.80 -52.58 27.06
N TRP D 335 0.75 -51.43 26.42
CA TRP D 335 -0.39 -50.55 26.48
C TRP D 335 -1.30 -50.78 25.29
N TYR D 336 -2.49 -51.31 25.54
CA TYR D 336 -3.38 -51.74 24.47
C TYR D 336 -4.49 -50.73 24.25
N ASN D 337 -4.53 -50.16 23.06
CA ASN D 337 -5.56 -49.19 22.71
C ASN D 337 -6.70 -49.86 21.97
N TYR D 338 -7.88 -49.86 22.59
CA TYR D 338 -9.04 -50.47 21.98
C TYR D 338 -9.68 -49.52 20.99
N THR D 339 -10.39 -50.07 20.01
CA THR D 339 -10.98 -49.26 18.95
C THR D 339 -12.15 -48.45 19.46
N ASP D 340 -12.63 -48.77 20.66
CA ASP D 340 -13.76 -48.05 21.25
C ASP D 340 -13.27 -46.87 22.10
N GLY D 341 -11.96 -46.64 22.11
CA GLY D 341 -11.38 -45.45 22.74
C GLY D 341 -10.81 -45.73 24.13
N ARG D 342 -11.17 -46.85 24.73
CA ARG D 342 -10.66 -47.22 26.05
C ARG D 342 -9.34 -47.95 25.93
N ASP D 343 -8.59 -48.03 27.02
CA ASP D 343 -7.28 -48.68 27.01
C ASP D 343 -6.95 -49.36 28.34
N ALA D 344 -5.97 -50.27 28.30
CA ALA D 344 -5.54 -51.00 29.49
C ALA D 344 -4.12 -51.52 29.33
N ILE D 345 -3.48 -51.87 30.44
CA ILE D 345 -2.12 -52.41 30.41
C ILE D 345 -2.10 -53.92 30.66
N HIS D 346 -1.49 -54.66 29.74
CA HIS D 346 -1.46 -56.11 29.81
C HIS D 346 -0.06 -56.62 30.13
N THR D 347 0.05 -57.57 31.05
CA THR D 347 1.35 -58.07 31.49
C THR D 347 1.54 -59.55 31.17
N PHE D 348 2.65 -59.88 30.52
CA PHE D 348 3.01 -61.24 30.21
C PHE D 348 4.13 -61.71 31.12
N LEU D 349 3.83 -62.59 32.06
CA LEU D 349 4.83 -63.02 33.03
C LEU D 349 5.75 -64.10 32.45
N GLY D 350 7.02 -64.06 32.83
CA GLY D 350 7.98 -65.06 32.38
C GLY D 350 7.77 -66.38 33.12
N GLY D 351 7.93 -67.49 32.39
CA GLY D 351 7.80 -68.81 32.99
C GLY D 351 9.17 -69.38 33.33
N THR D 352 9.18 -70.60 33.87
CA THR D 352 10.42 -71.21 34.32
C THR D 352 11.24 -71.74 33.15
N ASP D 353 10.60 -71.89 32.00
CA ASP D 353 11.28 -72.39 30.82
C ASP D 353 11.65 -71.25 29.88
N GLY D 354 11.44 -70.02 30.34
CA GLY D 354 11.81 -68.83 29.55
C GLY D 354 10.68 -68.37 28.65
N THR D 355 9.57 -69.09 28.64
CA THR D 355 8.43 -68.70 27.81
C THR D 355 7.59 -67.65 28.49
N LEU D 356 6.68 -67.05 27.74
CA LEU D 356 5.82 -66.01 28.27
C LEU D 356 4.38 -66.48 28.34
N THR D 357 3.78 -66.34 29.52
CA THR D 357 2.44 -66.85 29.78
C THR D 357 1.38 -65.89 29.27
N LYS D 358 0.13 -66.34 29.28
CA LYS D 358 -0.98 -65.52 28.83
C LYS D 358 -1.06 -64.24 29.66
N PRO D 359 -1.37 -63.12 29.01
CA PRO D 359 -1.39 -61.83 29.65
C PRO D 359 -2.53 -61.69 30.62
N LEU D 360 -2.31 -60.91 31.66
CA LEU D 360 -3.38 -60.43 32.51
C LEU D 360 -3.48 -58.93 32.39
N LYS D 361 -4.68 -58.38 32.55
CA LYS D 361 -4.87 -56.95 32.41
C LYS D 361 -5.00 -56.27 33.75
N SER D 362 -4.59 -55.01 33.79
CA SER D 362 -4.80 -54.17 34.96
C SER D 362 -4.93 -52.72 34.53
N TYR D 363 -5.45 -51.89 35.42
CA TYR D 363 -5.65 -50.48 35.11
C TYR D 363 -6.46 -50.31 33.82
N ASP D 364 -7.61 -50.97 33.77
CA ASP D 364 -8.53 -50.83 32.65
C ASP D 364 -9.42 -49.62 32.86
N VAL D 365 -9.31 -48.62 31.98
CA VAL D 365 -10.02 -47.35 32.18
C VAL D 365 -10.99 -47.07 31.03
N ALA D 366 -11.95 -46.18 31.30
CA ALA D 366 -13.00 -45.86 30.35
C ALA D 366 -12.50 -44.97 29.22
N ASP D 367 -13.22 -44.97 28.11
CA ASP D 367 -12.93 -44.09 27.00
C ASP D 367 -12.99 -42.63 27.42
N GLY D 368 -12.02 -41.84 26.97
CA GLY D 368 -12.02 -40.41 27.23
C GLY D 368 -11.08 -40.05 28.38
N VAL D 369 -10.59 -41.05 29.09
CA VAL D 369 -9.66 -40.81 30.19
C VAL D 369 -8.27 -40.44 29.67
N TRP D 370 -7.82 -41.15 28.64
CA TRP D 370 -6.53 -40.84 28.02
C TRP D 370 -6.70 -40.46 26.55
N ASP D 371 -6.02 -39.40 26.14
CA ASP D 371 -5.94 -39.02 24.74
C ASP D 371 -4.69 -39.59 24.09
N THR D 372 -4.78 -40.84 23.65
CA THR D 372 -3.59 -41.60 23.30
C THR D 372 -3.13 -41.32 21.86
N ARG D 373 -2.68 -40.10 21.61
CA ARG D 373 -2.20 -39.72 20.28
C ARG D 373 -0.70 -39.43 20.26
N ALA D 374 -0.16 -38.97 21.37
CA ALA D 374 1.22 -38.51 21.42
C ALA D 374 1.89 -38.87 22.74
N MET D 375 2.20 -40.14 22.91
CA MET D 375 2.76 -40.61 24.17
C MET D 375 3.85 -41.65 23.92
N LYS D 376 4.82 -41.70 24.83
CA LYS D 376 5.94 -42.65 24.73
C LYS D 376 6.04 -43.48 26.00
N TYR D 377 6.37 -44.76 25.84
CA TYR D 377 6.30 -45.68 26.95
C TYR D 377 7.68 -46.09 27.46
N LEU D 378 7.85 -46.08 28.78
CA LEU D 378 9.11 -46.46 29.41
C LEU D 378 8.90 -47.51 30.48
N THR D 379 9.90 -48.36 30.70
CA THR D 379 9.86 -49.29 31.83
C THR D 379 11.08 -49.12 32.71
N GLY D 380 11.03 -49.74 33.89
CA GLY D 380 12.16 -49.70 34.82
C GLY D 380 11.67 -49.60 36.26
N ASP D 381 12.57 -49.81 37.21
CA ASP D 381 12.25 -49.72 38.63
C ASP D 381 12.47 -48.32 39.15
N PHE D 382 11.41 -47.54 39.25
CA PHE D 382 11.53 -46.11 39.51
C PHE D 382 11.33 -45.79 40.97
N ASN D 383 11.19 -46.82 41.80
CA ASN D 383 10.95 -46.61 43.22
C ASN D 383 12.01 -47.28 44.08
N GLY D 384 12.79 -48.18 43.48
CA GLY D 384 13.75 -48.96 44.25
C GLY D 384 13.05 -50.06 45.03
N ASP D 385 11.96 -50.57 44.47
CA ASP D 385 11.14 -51.58 45.14
C ASP D 385 11.78 -52.96 45.10
N GLY D 386 12.47 -53.25 44.02
CA GLY D 386 12.93 -54.61 43.75
C GLY D 386 12.03 -55.27 42.70
N ARG D 387 11.00 -54.54 42.29
CA ARG D 387 10.14 -54.97 41.20
C ARG D 387 9.92 -53.82 40.23
N GLY D 388 9.79 -54.15 38.95
CA GLY D 388 9.77 -53.15 37.90
C GLY D 388 8.51 -52.31 37.92
N ASP D 389 8.64 -51.08 37.47
CA ASP D 389 7.52 -50.17 37.32
C ASP D 389 7.41 -49.76 35.88
N THR D 390 6.43 -48.91 35.58
CA THR D 390 6.29 -48.38 34.23
C THR D 390 6.09 -46.88 34.27
N ALA D 391 6.30 -46.23 33.13
CA ALA D 391 6.11 -44.80 33.04
C ALA D 391 5.68 -44.41 31.65
N VAL D 392 4.94 -43.31 31.55
CA VAL D 392 4.50 -42.80 30.27
C VAL D 392 4.80 -41.31 30.13
N LEU D 393 5.49 -40.95 29.07
CA LEU D 393 5.75 -39.56 28.77
C LEU D 393 4.77 -39.07 27.72
N LYS D 394 3.92 -38.14 28.08
CA LYS D 394 2.84 -37.73 27.20
C LYS D 394 2.79 -36.24 26.97
N GLY D 395 2.50 -35.85 25.72
CA GLY D 395 2.23 -34.46 25.40
C GLY D 395 0.73 -34.18 25.47
N TYR D 396 0.39 -32.92 25.65
CA TYR D 396 -1.00 -32.51 25.74
C TYR D 396 -1.32 -31.45 24.69
N SER D 397 -2.60 -31.26 24.41
CA SER D 397 -3.05 -30.38 23.34
C SER D 397 -2.65 -28.93 23.60
N ASP D 398 -2.35 -28.61 24.85
CA ASP D 398 -1.93 -27.27 25.20
C ASP D 398 -0.42 -27.12 25.11
N THR D 399 0.24 -28.17 24.59
CA THR D 399 1.70 -28.18 24.39
C THR D 399 2.46 -28.41 25.71
N SER D 400 1.72 -28.62 26.79
CA SER D 400 2.33 -29.00 28.06
C SER D 400 2.75 -30.45 28.04
N VAL D 401 3.59 -30.84 29.00
CA VAL D 401 4.05 -32.22 29.11
C VAL D 401 3.94 -32.76 30.52
N LYS D 402 3.56 -34.02 30.64
CA LYS D 402 3.56 -34.70 31.94
C LYS D 402 4.19 -36.07 31.82
N LEU D 403 4.86 -36.49 32.89
CA LEU D 403 5.43 -37.82 32.96
C LEU D 403 4.73 -38.65 34.03
N TRP D 404 4.04 -39.69 33.59
CA TRP D 404 3.24 -40.53 34.49
C TRP D 404 4.02 -41.76 34.92
N VAL D 405 3.84 -42.16 36.17
CA VAL D 405 4.48 -43.38 36.68
C VAL D 405 3.47 -44.29 37.35
N ALA D 406 3.55 -45.58 37.05
CA ALA D 406 2.68 -46.58 37.65
C ALA D 406 3.51 -47.68 38.29
N LEU D 407 3.31 -47.89 39.59
CA LEU D 407 4.12 -48.85 40.33
C LEU D 407 3.68 -50.27 40.05
N GLY D 408 4.63 -51.19 40.03
CA GLY D 408 4.34 -52.61 39.83
C GLY D 408 3.70 -53.21 41.07
N ARG D 409 2.81 -54.16 40.85
CA ARG D 409 2.15 -54.88 41.93
C ARG D 409 2.72 -56.27 42.10
N ALA D 410 2.58 -56.83 43.29
CA ALA D 410 3.09 -58.17 43.58
C ALA D 410 2.41 -59.22 42.72
N ASP D 411 1.21 -58.90 42.23
CA ASP D 411 0.43 -59.85 41.45
C ASP D 411 0.75 -59.78 39.96
N GLY D 412 1.71 -58.94 39.60
CA GLY D 412 2.14 -58.82 38.21
C GLY D 412 1.45 -57.68 37.48
N GLY D 413 0.45 -57.09 38.10
CA GLY D 413 -0.29 -55.99 37.51
C GLY D 413 0.31 -54.65 37.89
N PHE D 414 -0.38 -53.57 37.54
CA PHE D 414 0.09 -52.23 37.85
C PHE D 414 -0.99 -51.41 38.53
N ASP D 415 -0.57 -50.46 39.37
CA ASP D 415 -1.49 -49.53 39.99
C ASP D 415 -1.78 -48.36 39.05
N ALA D 416 -2.63 -47.44 39.50
CA ALA D 416 -2.95 -46.27 38.71
C ALA D 416 -1.70 -45.41 38.52
N PRO D 417 -1.49 -44.88 37.31
CA PRO D 417 -0.46 -43.92 37.05
C PRO D 417 -0.68 -42.64 37.84
N TYR D 418 0.41 -42.04 38.29
CA TYR D 418 0.37 -40.73 38.92
C TYR D 418 1.43 -39.84 38.30
N THR D 419 1.23 -38.54 38.36
CA THR D 419 2.19 -37.62 37.78
C THR D 419 3.45 -37.57 38.62
N ALA D 420 4.59 -37.86 37.99
CA ALA D 420 5.87 -37.83 38.67
C ALA D 420 6.61 -36.54 38.36
N TRP D 421 6.29 -35.98 37.20
CA TRP D 421 6.86 -34.71 36.77
C TRP D 421 5.97 -34.03 35.75
N SER D 422 5.99 -32.70 35.73
CA SER D 422 5.22 -31.95 34.74
C SER D 422 5.85 -30.60 34.45
N THR D 423 5.56 -30.07 33.28
CA THR D 423 6.04 -28.73 32.90
C THR D 423 4.95 -27.94 32.17
N PRO D 424 4.92 -26.62 32.39
CA PRO D 424 4.09 -25.73 31.61
C PRO D 424 4.45 -25.76 30.14
N ALA D 425 3.46 -25.48 29.30
CA ALA D 425 3.67 -25.45 27.86
C ALA D 425 4.73 -24.44 27.48
N GLY D 426 5.53 -24.78 26.47
CA GLY D 426 6.60 -23.90 26.02
C GLY D 426 7.95 -24.36 26.54
N GLY D 427 7.94 -25.32 27.45
CA GLY D 427 9.18 -25.88 27.99
C GLY D 427 9.69 -27.02 27.11
N PHE D 428 9.11 -28.20 27.29
CA PHE D 428 9.48 -29.36 26.50
C PHE D 428 8.38 -29.72 25.52
N HIS D 429 8.75 -30.33 24.41
CA HIS D 429 7.78 -30.74 23.41
C HIS D 429 7.91 -32.22 23.10
N ILE D 430 6.77 -32.90 23.03
CA ILE D 430 6.76 -34.36 22.89
C ILE D 430 7.37 -34.83 21.58
N SER D 431 7.35 -33.96 20.58
CA SER D 431 7.86 -34.32 19.26
C SER D 431 9.39 -34.34 19.22
N TYR D 432 10.02 -33.72 20.20
CA TYR D 432 11.48 -33.59 20.20
C TYR D 432 12.13 -34.53 21.20
N MET D 433 11.40 -34.90 22.24
CA MET D 433 11.95 -35.74 23.28
C MET D 433 12.07 -37.19 22.83
N THR D 434 13.16 -37.84 23.23
CA THR D 434 13.38 -39.25 22.95
C THR D 434 13.88 -39.97 24.21
N PRO D 435 12.97 -40.30 25.11
CA PRO D 435 13.32 -40.71 26.45
C PRO D 435 13.95 -42.10 26.49
N HIS D 436 14.83 -42.31 27.46
CA HIS D 436 15.42 -43.61 27.73
C HIS D 436 15.35 -43.92 29.21
N ALA D 437 15.04 -45.16 29.53
CA ALA D 437 14.98 -45.56 30.93
C ALA D 437 16.23 -46.32 31.33
N GLY D 438 16.59 -46.21 32.60
CA GLY D 438 17.73 -46.95 33.15
C GLY D 438 18.26 -46.24 34.37
N ASP D 439 19.19 -46.85 35.06
CA ASP D 439 19.78 -46.21 36.24
C ASP D 439 21.04 -45.46 35.86
N PHE D 440 20.89 -44.17 35.53
CA PHE D 440 22.00 -43.38 35.04
C PHE D 440 22.77 -42.75 36.20
N ASN D 441 22.08 -42.51 37.31
CA ASN D 441 22.70 -41.90 38.48
C ASN D 441 23.48 -42.91 39.31
N GLY D 442 23.03 -44.16 39.29
CA GLY D 442 23.67 -45.23 40.07
C GLY D 442 23.24 -45.17 41.53
N ASP D 443 22.07 -44.60 41.78
CA ASP D 443 21.57 -44.43 43.14
C ASP D 443 20.66 -45.57 43.58
N GLY D 444 20.48 -46.57 42.72
CA GLY D 444 19.68 -47.74 43.06
C GLY D 444 18.24 -47.59 42.60
N ARG D 445 17.94 -46.52 41.87
CA ARG D 445 16.62 -46.32 41.31
C ARG D 445 16.73 -45.91 39.85
N ASP D 446 15.88 -46.47 39.01
CA ASP D 446 15.90 -46.13 37.60
C ASP D 446 15.46 -44.71 37.40
N ASP D 447 15.97 -44.09 36.37
CA ASP D 447 15.63 -42.72 36.03
C ASP D 447 15.56 -42.53 34.52
N VAL D 448 15.25 -41.33 34.08
CA VAL D 448 14.96 -41.10 32.66
C VAL D 448 15.91 -40.10 32.03
N ALA D 449 16.48 -40.48 30.90
CA ALA D 449 17.33 -39.58 30.13
C ALA D 449 16.66 -39.27 28.80
N VAL D 450 16.80 -38.03 28.33
CA VAL D 450 16.14 -37.62 27.10
C VAL D 450 17.13 -37.07 26.09
N TRP D 451 17.08 -37.61 24.89
CA TRP D 451 17.86 -37.06 23.77
C TRP D 451 17.03 -36.04 23.04
N TYR D 452 17.17 -34.77 23.40
CA TYR D 452 16.29 -33.73 22.92
C TYR D 452 16.83 -33.07 21.68
N ALA D 453 16.10 -33.18 20.58
CA ALA D 453 16.49 -32.56 19.33
C ALA D 453 15.79 -31.22 19.15
N TYR D 454 16.57 -30.15 19.09
CA TYR D 454 16.01 -28.81 18.99
C TYR D 454 15.71 -28.46 17.55
N ALA D 455 14.74 -27.56 17.37
CA ALA D 455 14.33 -27.14 16.03
C ALA D 455 15.47 -26.48 15.28
N ASP D 456 16.42 -25.89 16.01
CA ASP D 456 17.52 -25.17 15.40
C ASP D 456 18.69 -26.10 15.06
N GLY D 457 18.51 -27.39 15.29
CA GLY D 457 19.49 -28.39 14.90
C GLY D 457 20.42 -28.81 16.05
N SER D 458 20.38 -28.07 17.15
CA SER D 458 21.22 -28.40 18.31
C SER D 458 20.66 -29.59 19.08
N THR D 459 21.51 -30.21 19.89
CA THR D 459 21.10 -31.36 20.69
C THR D 459 21.59 -31.25 22.13
N LYS D 460 20.74 -31.67 23.07
CA LYS D 460 21.15 -31.79 24.48
C LYS D 460 20.60 -33.06 25.12
N LEU D 461 21.40 -33.65 26.00
CA LEU D 461 20.92 -34.76 26.82
C LEU D 461 20.46 -34.29 28.18
N TRP D 462 19.19 -34.53 28.49
CA TRP D 462 18.61 -34.15 29.77
C TRP D 462 18.42 -35.35 30.66
N THR D 463 18.63 -35.19 31.95
CA THR D 463 18.44 -36.30 32.89
C THR D 463 17.44 -35.94 33.99
N PHE D 464 16.47 -36.83 34.18
CA PHE D 464 15.49 -36.70 35.26
C PHE D 464 15.76 -37.74 36.33
N THR D 465 16.43 -37.34 37.40
CA THR D 465 16.79 -38.29 38.44
C THR D 465 15.59 -38.62 39.30
N SER D 466 15.64 -39.75 39.99
CA SER D 466 14.51 -40.21 40.79
C SER D 466 14.70 -39.92 42.26
N THR D 467 13.60 -39.63 42.94
CA THR D 467 13.60 -39.43 44.37
C THR D 467 13.04 -40.64 45.08
N ASP D 468 13.12 -40.67 46.40
CA ASP D 468 12.64 -41.81 47.16
C ASP D 468 11.13 -41.73 47.34
N ARG D 469 10.51 -40.71 46.75
CA ARG D 469 9.06 -40.59 46.76
C ARG D 469 8.45 -41.21 45.51
N GLY D 470 9.31 -41.66 44.60
CA GLY D 470 8.87 -42.22 43.32
C GLY D 470 8.70 -41.13 42.27
N THR D 471 8.97 -39.89 42.66
CA THR D 471 8.82 -38.75 41.76
C THR D 471 10.15 -38.42 41.10
N PHE D 472 10.09 -37.54 40.10
CA PHE D 472 11.31 -37.14 39.39
C PHE D 472 11.69 -35.72 39.73
N ASN D 473 12.99 -35.44 39.70
CA ASN D 473 13.48 -34.09 39.91
C ASN D 473 13.43 -33.30 38.62
N ALA D 474 13.78 -32.03 38.69
CA ALA D 474 13.87 -31.22 37.50
C ALA D 474 14.99 -31.74 36.61
N PRO D 475 14.78 -31.69 35.29
CA PRO D 475 15.78 -32.13 34.35
C PRO D 475 16.96 -31.18 34.32
N PHE D 476 18.14 -31.73 34.11
CA PHE D 476 19.32 -30.91 33.86
C PHE D 476 20.08 -31.45 32.67
N SER D 477 20.72 -30.56 31.93
CA SER D 477 21.48 -30.96 30.77
C SER D 477 22.92 -31.30 31.13
N SER D 478 23.57 -32.05 30.25
CA SER D 478 24.99 -32.33 30.41
C SER D 478 25.70 -32.24 29.07
N TRP D 479 25.78 -33.36 28.37
CA TRP D 479 26.38 -33.38 27.05
C TRP D 479 25.51 -32.66 26.03
N SER D 480 26.14 -31.93 25.13
CA SER D 480 25.42 -31.22 24.09
C SER D 480 26.23 -31.14 22.82
N ALA D 481 25.57 -30.81 21.72
CA ALA D 481 26.26 -30.66 20.44
C ALA D 481 25.70 -29.48 19.66
N PRO D 482 26.55 -28.81 18.88
CA PRO D 482 26.14 -27.73 18.03
C PRO D 482 25.35 -28.22 16.84
N SER D 483 24.56 -27.34 16.26
CA SER D 483 23.79 -27.69 15.08
C SER D 483 24.70 -28.01 13.92
N GLY D 484 24.31 -29.01 13.13
CA GLY D 484 25.08 -29.40 11.97
C GLY D 484 25.99 -30.58 12.29
N SER D 485 26.03 -30.98 13.55
CA SER D 485 26.84 -32.11 13.96
C SER D 485 26.01 -33.39 13.99
N TRP D 486 25.41 -33.68 15.13
CA TRP D 486 24.58 -34.88 15.26
C TRP D 486 23.20 -34.66 14.67
N LEU D 487 22.80 -35.54 13.77
CA LEU D 487 21.48 -35.47 13.16
C LEU D 487 20.54 -36.48 13.77
N ARG D 488 19.42 -36.01 14.29
CA ARG D 488 18.50 -36.87 15.01
C ARG D 488 17.97 -38.01 14.14
N SER D 489 17.84 -37.76 12.85
CA SER D 489 17.26 -38.73 11.94
C SER D 489 18.19 -39.92 11.70
N ARG D 490 19.45 -39.78 12.09
CA ARG D 490 20.45 -40.82 11.84
C ARG D 490 20.84 -41.54 13.12
N VAL D 491 20.10 -41.28 14.21
CA VAL D 491 20.42 -41.84 15.51
C VAL D 491 19.51 -42.99 15.92
N LYS D 492 20.10 -44.18 16.08
CA LYS D 492 19.40 -45.31 16.70
C LYS D 492 20.05 -45.65 18.03
N SER D 493 19.34 -45.37 19.12
CA SER D 493 19.95 -45.42 20.45
C SER D 493 19.50 -46.62 21.26
N VAL D 494 20.42 -47.15 22.06
CA VAL D 494 20.10 -48.14 23.08
C VAL D 494 20.77 -47.75 24.39
N VAL D 495 20.33 -48.35 25.49
CA VAL D 495 20.98 -48.07 26.77
C VAL D 495 21.32 -49.34 27.53
N GLY D 496 22.29 -49.23 28.42
CA GLY D 496 22.70 -50.33 29.28
C GLY D 496 24.01 -49.99 29.97
N ASP D 497 24.48 -50.87 30.84
CA ASP D 497 25.76 -50.67 31.52
C ASP D 497 26.89 -51.38 30.80
N PHE D 498 27.59 -50.67 29.92
CA PHE D 498 28.45 -51.33 28.95
C PHE D 498 29.88 -51.54 29.46
N ASP D 499 30.21 -50.95 30.61
CA ASP D 499 31.54 -51.13 31.17
C ASP D 499 31.50 -51.64 32.62
N GLY D 500 30.29 -51.89 33.13
CA GLY D 500 30.12 -52.56 34.42
C GLY D 500 30.51 -51.67 35.60
N ASP D 501 30.36 -50.35 35.43
CA ASP D 501 30.75 -49.42 36.50
C ASP D 501 29.58 -49.12 37.44
N GLY D 502 28.45 -49.76 37.20
CA GLY D 502 27.30 -49.62 38.10
C GLY D 502 26.35 -48.51 37.66
N ARG D 503 26.64 -47.89 36.52
CA ARG D 503 25.76 -46.86 35.97
C ARG D 503 25.41 -47.17 34.53
N ASP D 504 24.13 -47.11 34.21
CA ASP D 504 23.67 -47.29 32.85
C ASP D 504 24.06 -46.11 32.01
N ASP D 505 24.26 -46.32 30.72
CA ASP D 505 24.63 -45.23 29.84
C ASP D 505 24.10 -45.46 28.42
N LEU D 506 24.37 -44.50 27.54
CA LEU D 506 23.81 -44.54 26.20
C LEU D 506 24.81 -45.04 25.19
N SER D 507 24.31 -45.63 24.12
CA SER D 507 25.12 -45.87 22.95
C SER D 507 24.32 -45.60 21.69
N VAL D 508 24.98 -45.11 20.67
CA VAL D 508 24.31 -44.72 19.45
C VAL D 508 24.87 -45.39 18.23
N PHE D 509 24.00 -46.00 17.45
CA PHE D 509 24.38 -46.54 16.16
C PHE D 509 24.11 -45.52 15.07
N TYR D 510 25.13 -44.80 14.68
CA TYR D 510 24.96 -43.63 13.81
C TYR D 510 25.13 -44.01 12.35
N GLY D 511 24.25 -43.49 11.50
CA GLY D 511 24.35 -43.74 10.06
C GLY D 511 25.34 -42.79 9.40
N GLN D 512 26.50 -43.31 9.06
CA GLN D 512 27.63 -42.47 8.63
C GLN D 512 27.59 -42.18 7.14
N GLY D 513 26.64 -41.35 6.71
CA GLY D 513 26.67 -40.78 5.35
C GLY D 513 26.35 -41.82 4.28
N ASP D 514 27.19 -42.85 4.19
CA ASP D 514 27.05 -43.90 3.19
C ASP D 514 26.28 -45.08 3.75
N ASP D 515 25.59 -44.85 4.85
CA ASP D 515 24.80 -45.86 5.51
C ASP D 515 25.67 -46.97 6.11
N THR D 516 26.89 -46.62 6.48
CA THR D 516 27.69 -47.51 7.31
C THR D 516 27.37 -47.24 8.78
N VAL D 517 27.80 -48.14 9.65
CA VAL D 517 27.40 -48.05 11.05
C VAL D 517 28.59 -47.74 11.96
N LYS D 518 28.45 -46.68 12.75
CA LYS D 518 29.46 -46.36 13.76
C LYS D 518 28.82 -46.22 15.12
N THR D 519 29.30 -47.00 16.09
CA THR D 519 28.69 -47.06 17.39
C THR D 519 29.43 -46.21 18.41
N TYR D 520 28.73 -45.26 19.00
CA TYR D 520 29.29 -44.41 20.05
C TYR D 520 28.74 -44.82 21.40
N VAL D 521 29.53 -44.62 22.43
CA VAL D 521 29.04 -44.82 23.79
C VAL D 521 29.22 -43.56 24.62
N PHE D 522 28.23 -43.26 25.46
CA PHE D 522 28.20 -42.03 26.26
C PHE D 522 28.18 -42.36 27.75
N PRO D 523 29.35 -42.61 28.34
CA PRO D 523 29.43 -43.06 29.71
C PRO D 523 28.73 -42.10 30.64
N ALA D 524 28.09 -42.63 31.68
CA ALA D 524 27.35 -41.81 32.61
C ALA D 524 28.26 -41.23 33.69
N ALA D 525 28.11 -39.95 33.95
CA ALA D 525 28.84 -39.28 35.01
C ALA D 525 28.29 -39.70 36.37
N PRO D 526 29.10 -39.56 37.42
CA PRO D 526 28.65 -39.83 38.76
C PRO D 526 27.43 -38.99 39.17
N ASP D 527 27.24 -37.86 38.49
CA ASP D 527 26.13 -36.97 38.82
C ASP D 527 24.89 -37.27 37.99
N GLY D 528 24.95 -38.32 37.18
CA GLY D 528 23.80 -38.74 36.38
C GLY D 528 23.84 -38.19 34.96
N GLY D 529 24.75 -37.26 34.70
CA GLY D 529 24.88 -36.68 33.38
C GLY D 529 25.70 -37.58 32.47
N PHE D 530 25.99 -37.12 31.26
CA PHE D 530 26.73 -37.92 30.30
C PHE D 530 28.00 -37.23 29.85
N THR D 531 29.01 -38.03 29.53
CA THR D 531 30.31 -37.50 29.13
C THR D 531 30.51 -37.58 27.62
N THR D 532 31.61 -37.03 27.14
CA THR D 532 31.94 -37.04 25.73
C THR D 532 31.98 -38.49 25.19
N PRO D 533 31.28 -38.75 24.08
CA PRO D 533 31.17 -40.08 23.52
C PRO D 533 32.48 -40.55 22.89
N ALA D 534 32.61 -41.87 22.78
CA ALA D 534 33.73 -42.47 22.07
C ALA D 534 33.25 -43.67 21.27
N VAL D 535 33.95 -43.97 20.19
CA VAL D 535 33.54 -45.07 19.30
C VAL D 535 34.00 -46.41 19.84
N TRP D 536 33.05 -47.34 19.98
CA TRP D 536 33.36 -48.68 20.49
C TRP D 536 33.34 -49.72 19.38
N TRP D 537 32.69 -49.41 18.28
CA TRP D 537 32.54 -50.37 17.19
C TRP D 537 32.15 -49.69 15.90
N GLN D 538 32.70 -50.14 14.79
CA GLN D 538 32.30 -49.64 13.49
C GLN D 538 32.44 -50.71 12.42
N SER D 539 31.54 -50.70 11.45
CA SER D 539 31.63 -51.62 10.32
C SER D 539 31.00 -51.04 9.08
N ALA D 540 31.62 -51.30 7.94
CA ALA D 540 31.08 -50.88 6.65
C ALA D 540 30.49 -52.05 5.88
N SER D 541 30.41 -53.20 6.55
CA SER D 541 29.95 -54.43 5.91
C SER D 541 28.43 -54.57 5.98
N LEU D 542 27.79 -53.70 6.75
CA LEU D 542 26.35 -53.80 6.96
C LEU D 542 25.66 -52.45 6.77
N ASP D 543 24.46 -52.50 6.19
CA ASP D 543 23.69 -51.29 5.88
C ASP D 543 22.91 -50.77 7.08
N TRP D 544 23.20 -49.53 7.46
CA TRP D 544 22.60 -48.92 8.65
C TRP D 544 21.08 -48.96 8.61
N ASN D 545 20.52 -48.86 7.41
CA ASN D 545 19.07 -48.77 7.26
C ASN D 545 18.39 -50.10 7.57
N ARG D 546 19.19 -51.16 7.69
CA ARG D 546 18.66 -52.49 7.91
C ARG D 546 19.02 -53.02 9.30
N THR D 547 19.59 -52.15 10.14
CA THR D 547 20.02 -52.56 11.48
C THR D 547 19.06 -52.07 12.56
N THR D 548 18.70 -52.98 13.47
CA THR D 548 17.94 -52.61 14.66
C THR D 548 18.64 -53.10 15.93
N PRO D 549 19.42 -52.22 16.56
CA PRO D 549 20.27 -52.61 17.67
C PRO D 549 19.47 -52.90 18.93
N HIS D 550 19.98 -53.83 19.75
CA HIS D 550 19.40 -54.12 21.06
C HIS D 550 20.52 -54.29 22.09
N ALA D 551 20.24 -53.96 23.35
CA ALA D 551 21.26 -54.03 24.38
C ALA D 551 20.88 -54.98 25.52
N GLY D 552 21.89 -55.65 26.08
CA GLY D 552 21.69 -56.52 27.24
C GLY D 552 22.96 -57.33 27.50
N ASP D 553 23.00 -58.03 28.62
CA ASP D 553 24.15 -58.87 28.97
C ASP D 553 23.95 -60.28 28.50
N PHE D 554 24.51 -60.61 27.34
CA PHE D 554 24.14 -61.84 26.66
C PHE D 554 25.11 -62.99 26.92
N ASN D 555 26.03 -62.79 27.86
CA ASN D 555 26.91 -63.89 28.26
C ASN D 555 27.17 -63.92 29.77
N GLY D 556 26.49 -63.06 30.51
CA GLY D 556 26.55 -63.09 31.97
C GLY D 556 27.87 -62.52 32.50
N ASP D 557 28.43 -61.56 31.79
CA ASP D 557 29.71 -60.96 32.18
C ASP D 557 29.56 -60.01 33.35
N GLY D 558 28.36 -59.44 33.51
CA GLY D 558 28.15 -58.39 34.50
C GLY D 558 28.18 -57.03 33.83
N ARG D 559 28.58 -57.00 32.57
CA ARG D 559 28.59 -55.78 31.78
C ARG D 559 27.84 -56.00 30.47
N ASP D 560 26.97 -55.07 30.14
CA ASP D 560 26.06 -55.21 29.02
C ASP D 560 26.78 -55.11 27.70
N ASP D 561 26.18 -55.67 26.66
CA ASP D 561 26.69 -55.58 25.31
C ASP D 561 25.53 -55.53 24.34
N THR D 562 25.82 -55.48 23.04
CA THR D 562 24.75 -55.25 22.07
C THR D 562 24.71 -56.28 20.99
N LEU D 563 23.53 -56.47 20.42
CA LEU D 563 23.37 -57.25 19.20
C LEU D 563 22.62 -56.44 18.17
N VAL D 564 22.83 -56.75 16.90
CA VAL D 564 22.12 -56.08 15.84
C VAL D 564 21.29 -57.05 15.04
N TRP D 565 19.97 -56.81 15.00
CA TRP D 565 19.09 -57.59 14.13
C TRP D 565 19.16 -57.02 12.73
N TYR D 566 19.51 -57.86 11.77
CA TYR D 566 19.73 -57.39 10.41
C TYR D 566 18.75 -57.99 9.43
N ASP D 567 18.10 -57.12 8.66
CA ASP D 567 17.14 -57.55 7.66
C ASP D 567 17.78 -57.58 6.28
N TYR D 568 18.09 -58.78 5.79
CA TYR D 568 18.83 -58.94 4.54
C TYR D 568 17.92 -58.71 3.32
N PRO D 569 18.52 -58.30 2.19
CA PRO D 569 17.80 -58.19 0.94
C PRO D 569 17.26 -59.54 0.48
N ASP D 570 17.80 -60.62 1.03
CA ASP D 570 17.43 -61.97 0.63
C ASP D 570 16.11 -62.41 1.25
N GLY D 571 15.58 -61.61 2.18
CA GLY D 571 14.33 -61.93 2.85
C GLY D 571 14.58 -62.66 4.16
N SER D 572 15.82 -63.02 4.40
CA SER D 572 16.22 -63.65 5.65
C SER D 572 16.73 -62.61 6.63
N ASP D 573 16.88 -62.99 7.87
CA ASP D 573 17.47 -62.10 8.85
C ASP D 573 18.32 -62.85 9.86
N LYS D 574 19.14 -62.11 10.59
CA LYS D 574 20.07 -62.70 11.55
C LYS D 574 20.33 -61.71 12.68
N THR D 575 20.85 -62.22 13.78
CA THR D 575 21.35 -61.34 14.83
C THR D 575 22.83 -61.52 15.01
N SER D 576 23.55 -60.41 15.01
CA SER D 576 24.98 -60.42 15.26
C SER D 576 25.27 -59.85 16.64
N THR D 577 25.99 -60.60 17.45
CA THR D 577 26.26 -60.18 18.82
C THR D 577 27.70 -59.69 18.97
N MET D 578 27.85 -58.50 19.54
CA MET D 578 29.16 -57.95 19.82
C MET D 578 29.38 -57.81 21.30
N LEU D 579 30.14 -58.73 21.88
CA LEU D 579 30.32 -58.76 23.32
C LEU D 579 31.26 -57.68 23.80
N SER D 580 30.97 -57.11 24.96
CA SER D 580 31.81 -56.05 25.52
C SER D 580 33.06 -56.64 26.14
N GLU D 581 34.19 -56.00 25.88
CA GLU D 581 35.46 -56.44 26.45
C GLU D 581 36.42 -55.28 26.61
N ARG D 582 37.40 -55.45 27.49
CA ARG D 582 38.45 -54.45 27.66
C ARG D 582 39.79 -55.03 27.27
N VAL D 583 40.41 -54.43 26.27
CA VAL D 583 41.70 -54.91 25.79
C VAL D 583 42.74 -53.80 25.83
N SER D 584 43.86 -54.08 26.49
CA SER D 584 44.93 -53.09 26.64
C SER D 584 44.42 -51.82 27.29
N GLY D 585 43.46 -51.96 28.20
CA GLY D 585 42.93 -50.84 28.95
C GLY D 585 41.84 -50.09 28.19
N LYS D 586 41.58 -50.50 26.94
CA LYS D 586 40.62 -49.82 26.10
C LYS D 586 39.31 -50.59 26.03
N ASP D 587 38.21 -49.90 26.34
CA ASP D 587 36.88 -50.50 26.25
C ASP D 587 36.37 -50.45 24.83
N ARG D 588 35.88 -51.58 24.34
CA ARG D 588 35.27 -51.65 23.02
C ARG D 588 34.41 -52.89 22.89
N PHE D 589 33.62 -52.95 21.84
CA PHE D 589 32.86 -54.16 21.53
C PHE D 589 33.71 -55.08 20.67
N GLY D 590 33.60 -56.38 20.92
CA GLY D 590 34.42 -57.36 20.21
C GLY D 590 33.86 -57.65 18.83
N SER D 591 34.49 -58.57 18.13
CA SER D 591 34.08 -58.92 16.78
C SER D 591 32.67 -59.50 16.77
N ALA D 592 31.90 -59.12 15.78
CA ALA D 592 30.53 -59.59 15.66
C ALA D 592 30.48 -61.03 15.19
N LYS D 593 29.57 -61.80 15.75
CA LYS D 593 29.30 -63.16 15.29
C LYS D 593 27.81 -63.41 15.19
N VAL D 594 27.40 -64.28 14.26
CA VAL D 594 25.99 -64.60 14.11
C VAL D 594 25.54 -65.58 15.17
N THR D 595 24.56 -65.17 15.95
CA THR D 595 24.06 -65.99 17.05
C THR D 595 22.67 -66.52 16.76
N LEU D 596 21.97 -65.85 15.84
CA LEU D 596 20.64 -66.30 15.42
C LEU D 596 20.47 -66.10 13.93
N SER D 597 19.82 -67.06 13.28
CA SER D 597 19.48 -66.91 11.87
C SER D 597 18.18 -67.62 11.54
N SER D 598 17.50 -67.15 10.50
CA SER D 598 16.27 -67.78 10.04
C SER D 598 16.27 -67.93 8.51
N PRO D 599 15.44 -68.85 7.98
CA PRO D 599 15.23 -68.96 6.57
C PRO D 599 14.61 -67.69 6.00
N PRO D 600 14.78 -67.45 4.70
CA PRO D 600 14.14 -66.36 4.03
C PRO D 600 12.62 -66.46 4.15
N GLY D 601 11.99 -65.34 4.48
CA GLY D 601 10.53 -65.28 4.53
C GLY D 601 9.97 -65.84 5.82
N ASN D 602 10.84 -66.29 6.72
CA ASN D 602 10.39 -66.90 7.96
C ASN D 602 9.93 -65.85 8.97
N LEU D 603 10.60 -64.71 8.97
CA LEU D 603 10.23 -63.60 9.84
C LEU D 603 10.30 -62.27 9.09
N ASP D 604 9.34 -61.40 9.35
CA ASP D 604 9.35 -60.05 8.81
C ASP D 604 9.63 -59.03 9.92
N VAL D 605 10.76 -58.35 9.81
CA VAL D 605 11.24 -57.49 10.90
C VAL D 605 10.29 -56.33 11.18
N THR D 606 9.45 -55.99 10.21
CA THR D 606 8.54 -54.85 10.38
C THR D 606 7.17 -55.29 10.89
N ARG D 607 7.01 -56.59 11.12
CA ARG D 607 5.74 -57.14 11.60
C ARG D 607 5.83 -57.69 13.01
N MET D 608 6.93 -57.39 13.69
CA MET D 608 7.11 -57.90 15.05
C MET D 608 7.72 -56.86 15.99
N GLN D 609 7.34 -56.94 17.26
CA GLN D 609 7.87 -56.06 18.28
C GLN D 609 8.86 -56.79 19.19
N PHE D 610 9.98 -56.14 19.49
CA PHE D 610 11.07 -56.77 20.24
C PHE D 610 11.16 -56.23 21.65
N LEU D 611 11.52 -57.11 22.58
CA LEU D 611 11.86 -56.70 23.94
C LEU D 611 12.86 -57.68 24.56
N THR D 612 13.94 -57.16 25.14
CA THR D 612 14.96 -58.00 25.75
C THR D 612 14.78 -58.11 27.26
N GLY D 613 15.44 -59.09 27.87
CA GLY D 613 15.41 -59.27 29.31
C GLY D 613 15.86 -60.68 29.68
N ASP D 614 15.91 -60.98 30.97
CA ASP D 614 16.29 -62.30 31.43
C ASP D 614 15.06 -63.12 31.78
N TYR D 615 14.54 -63.88 30.81
CA TYR D 615 13.22 -64.46 30.95
C TYR D 615 13.19 -65.73 31.77
N ASP D 616 14.28 -66.49 31.77
CA ASP D 616 14.31 -67.72 32.56
C ASP D 616 15.12 -67.55 33.85
N GLY D 617 15.69 -66.37 34.04
CA GLY D 617 16.34 -66.02 35.30
C GLY D 617 17.67 -66.74 35.51
N ASP D 618 18.34 -67.08 34.41
CA ASP D 618 19.60 -67.81 34.50
C ASP D 618 20.82 -66.89 34.56
N GLY D 619 20.58 -65.58 34.57
CA GLY D 619 21.65 -64.61 34.71
C GLY D 619 22.12 -64.05 33.37
N ARG D 620 21.66 -64.64 32.28
CA ARG D 620 22.02 -64.17 30.95
C ARG D 620 20.82 -63.61 30.21
N ASP D 621 20.96 -62.40 29.70
CA ASP D 621 19.87 -61.75 29.00
C ASP D 621 19.57 -62.44 27.69
N ASP D 622 18.31 -62.39 27.30
CA ASP D 622 17.85 -62.95 26.05
C ASP D 622 16.71 -62.12 25.50
N LEU D 623 16.17 -62.51 24.35
CA LEU D 623 15.18 -61.67 23.70
C LEU D 623 13.94 -62.44 23.33
N ALA D 624 12.80 -61.75 23.36
CA ALA D 624 11.53 -62.34 22.98
C ALA D 624 10.74 -61.35 22.14
N THR D 625 9.87 -61.88 21.29
CA THR D 625 9.11 -61.03 20.38
C THR D 625 7.65 -61.39 20.35
N LEU D 626 6.84 -60.44 19.93
CA LEU D 626 5.46 -60.70 19.52
C LEU D 626 5.31 -60.43 18.03
N ASN D 627 5.20 -61.48 17.24
CA ASN D 627 5.20 -61.31 15.79
C ASN D 627 3.82 -61.47 15.20
N HIS D 628 3.53 -60.66 14.18
CA HIS D 628 2.26 -60.69 13.50
C HIS D 628 2.34 -61.58 12.27
N GLN D 629 1.62 -62.68 12.29
CA GLN D 629 1.71 -63.69 11.25
C GLN D 629 0.83 -63.34 10.06
N ALA D 630 1.06 -64.01 8.95
CA ALA D 630 0.35 -63.69 7.71
C ALA D 630 -1.15 -63.84 7.87
N ASP D 631 -1.58 -64.75 8.74
CA ASP D 631 -3.00 -65.00 8.94
C ASP D 631 -3.59 -64.13 10.06
N GLY D 632 -2.79 -63.21 10.56
CA GLY D 632 -3.26 -62.25 11.55
C GLY D 632 -2.99 -62.70 12.98
N THR D 633 -2.53 -63.93 13.15
CA THR D 633 -2.24 -64.48 14.47
C THR D 633 -1.01 -63.82 15.08
N VAL D 634 -1.07 -63.55 16.38
CA VAL D 634 0.08 -63.04 17.11
C VAL D 634 0.68 -64.10 18.02
N LYS D 635 1.98 -64.31 17.91
CA LYS D 635 2.63 -65.39 18.64
C LYS D 635 3.89 -64.91 19.35
N MET D 636 4.08 -65.36 20.58
CA MET D 636 5.28 -65.03 21.33
C MET D 636 6.38 -66.05 21.11
N TRP D 637 7.60 -65.56 20.88
CA TRP D 637 8.77 -66.43 20.79
C TRP D 637 9.87 -65.93 21.70
N THR D 638 10.58 -66.85 22.34
CA THR D 638 11.74 -66.48 23.14
C THR D 638 12.97 -67.27 22.74
N TRP D 639 14.07 -66.55 22.51
CA TRP D 639 15.36 -67.19 22.22
C TRP D 639 16.31 -67.00 23.39
N THR D 640 16.53 -68.06 24.16
CA THR D 640 17.38 -67.96 25.34
C THR D 640 18.84 -67.92 24.95
N ALA D 641 19.69 -67.46 25.87
CA ALA D 641 21.11 -67.28 25.57
C ALA D 641 21.96 -68.38 26.18
N ARG D 642 22.83 -68.96 25.37
CA ARG D 642 23.80 -69.94 25.83
C ARG D 642 25.01 -69.23 26.47
N PRO D 643 25.83 -69.97 27.22
CA PRO D 643 26.97 -69.39 27.92
C PRO D 643 27.93 -68.66 26.97
N ASP D 644 27.91 -69.03 25.69
CA ASP D 644 28.82 -68.43 24.71
C ASP D 644 28.12 -67.35 23.89
N ALA D 645 26.95 -66.92 24.35
CA ALA D 645 26.17 -65.86 23.71
C ALA D 645 25.53 -66.31 22.41
N MET D 646 25.61 -67.61 22.13
CA MET D 646 24.79 -68.20 21.07
C MET D 646 23.37 -68.35 21.53
N PHE D 647 22.41 -68.17 20.64
CA PHE D 647 21.02 -68.31 21.02
C PHE D 647 20.52 -69.71 20.77
N ASN D 648 19.57 -70.13 21.58
CA ASN D 648 18.90 -71.40 21.37
C ASN D 648 17.77 -71.23 20.37
N GLY D 649 17.09 -72.32 20.06
CA GLY D 649 15.93 -72.25 19.18
C GLY D 649 14.81 -71.52 19.89
N GLY D 650 13.93 -70.89 19.12
CA GLY D 650 12.83 -70.13 19.71
C GLY D 650 11.85 -71.06 20.39
N ILE D 651 11.35 -70.65 21.54
CA ILE D 651 10.34 -71.43 22.24
C ILE D 651 9.01 -70.71 22.23
N ALA D 652 8.00 -71.37 21.69
CA ALA D 652 6.68 -70.77 21.55
C ALA D 652 6.03 -70.55 22.90
N GLY D 653 5.36 -69.41 23.05
CA GLY D 653 4.62 -69.10 24.27
C GLY D 653 3.14 -68.84 23.97
N TRP D 654 2.59 -67.82 24.60
CA TRP D 654 1.19 -67.43 24.40
C TRP D 654 0.95 -66.95 22.98
N SER D 655 -0.23 -67.27 22.45
CA SER D 655 -0.64 -66.79 21.14
C SER D 655 -2.14 -66.53 21.10
N ALA D 656 -2.57 -65.73 20.14
CA ALA D 656 -3.98 -65.41 19.99
C ALA D 656 -4.31 -64.99 18.56
N PRO D 657 -5.56 -65.17 18.15
CA PRO D 657 -6.06 -64.64 16.90
C PRO D 657 -6.23 -63.12 16.96
N ALA D 658 -6.28 -62.49 15.80
CA ALA D 658 -6.40 -61.04 15.70
C ALA D 658 -7.72 -60.56 16.32
N SER D 659 -8.68 -61.46 16.44
CA SER D 659 -9.97 -61.13 16.99
C SER D 659 -9.87 -60.81 18.49
N SER D 660 -8.76 -61.21 19.10
CA SER D 660 -8.53 -60.96 20.51
C SER D 660 -7.47 -59.87 20.71
N TRP D 661 -6.29 -60.09 20.14
CA TRP D 661 -5.20 -59.13 20.26
C TRP D 661 -4.80 -58.56 18.91
N VAL D 662 -5.02 -57.26 18.74
CA VAL D 662 -4.66 -56.59 17.50
C VAL D 662 -3.23 -56.06 17.57
N PHE D 663 -2.39 -56.54 16.69
CA PHE D 663 -0.96 -56.25 16.73
C PHE D 663 -0.68 -54.76 16.65
N GLY D 664 -1.30 -54.09 15.69
CA GLY D 664 -0.97 -52.72 15.37
C GLY D 664 -1.59 -51.73 16.35
N SER D 665 -2.33 -52.25 17.32
CA SER D 665 -3.03 -51.40 18.28
C SER D 665 -2.41 -51.46 19.67
N ALA D 666 -1.28 -52.16 19.80
CA ALA D 666 -0.64 -52.29 21.10
C ALA D 666 0.84 -51.94 21.04
N GLN D 667 1.32 -51.24 22.07
CA GLN D 667 2.74 -50.89 22.18
C GLN D 667 3.33 -51.41 23.47
N PHE D 668 4.51 -52.01 23.38
CA PHE D 668 5.15 -52.57 24.56
C PHE D 668 5.97 -51.55 25.30
N PHE D 669 6.04 -51.72 26.62
CA PHE D 669 6.87 -50.87 27.44
C PHE D 669 8.32 -51.28 27.32
N THR D 670 9.15 -50.34 26.90
CA THR D 670 10.53 -50.65 26.58
C THR D 670 11.50 -49.78 27.37
N THR D 671 12.78 -50.04 27.19
CA THR D 671 13.81 -49.28 27.87
C THR D 671 14.42 -48.25 26.94
N TYR D 672 14.22 -48.46 25.64
CA TYR D 672 14.70 -47.54 24.61
C TYR D 672 13.81 -47.63 23.37
N PRO D 673 13.60 -46.50 22.70
CA PRO D 673 12.61 -46.42 21.65
C PRO D 673 12.93 -47.33 20.47
N LYS D 674 11.89 -47.88 19.85
CA LYS D 674 12.01 -48.73 18.67
C LYS D 674 12.92 -49.93 18.95
N PRO E 4 38.75 78.21 -25.63
CA PRO E 4 38.30 79.57 -25.82
C PRO E 4 36.90 79.78 -25.27
N ALA E 5 36.65 80.98 -24.75
CA ALA E 5 35.35 81.33 -24.19
C ALA E 5 34.32 81.57 -25.29
N VAL E 6 33.06 81.31 -24.97
CA VAL E 6 31.96 81.56 -25.89
C VAL E 6 31.44 82.99 -25.73
N THR E 7 31.23 83.67 -26.85
CA THR E 7 30.70 85.03 -26.84
C THR E 7 29.33 85.08 -26.19
N GLU E 8 29.11 86.06 -25.32
CA GLU E 8 27.85 86.18 -24.60
C GLU E 8 26.67 86.21 -25.56
N GLY E 9 25.65 85.42 -25.24
CA GLY E 9 24.47 85.31 -26.08
C GLY E 9 24.54 84.08 -26.97
N GLY E 10 25.74 83.52 -27.13
CA GLY E 10 25.93 82.33 -27.93
C GLY E 10 25.60 81.08 -27.13
N HIS E 11 25.09 80.06 -27.83
CA HIS E 11 24.81 78.78 -27.20
C HIS E 11 24.01 78.95 -25.91
N ALA E 12 22.97 79.77 -25.97
CA ALA E 12 22.11 80.01 -24.82
C ALA E 12 21.40 78.73 -24.40
N SER E 13 21.28 77.80 -25.34
CA SER E 13 20.62 76.53 -25.12
C SER E 13 21.46 75.60 -24.25
N THR E 14 22.73 75.94 -24.07
CA THR E 14 23.63 75.13 -23.27
C THR E 14 23.46 75.48 -21.79
N ALA E 15 23.18 74.47 -20.99
CA ALA E 15 22.86 74.68 -19.59
C ALA E 15 23.93 74.11 -18.66
N ARG E 16 24.10 74.73 -17.51
CA ARG E 16 24.91 74.18 -16.44
C ARG E 16 24.02 73.52 -15.41
N LEU E 17 24.41 72.35 -14.93
CA LEU E 17 23.63 71.66 -13.92
C LEU E 17 24.38 71.55 -12.61
N ARG E 18 23.65 71.75 -11.51
CA ARG E 18 24.21 71.63 -10.18
C ARG E 18 23.48 70.56 -9.39
N ILE E 19 24.19 69.48 -9.07
CA ILE E 19 23.56 68.34 -8.42
C ILE E 19 23.86 68.30 -6.94
N GLY E 20 22.80 68.34 -6.13
CA GLY E 20 22.92 68.31 -4.68
C GLY E 20 23.51 69.60 -4.16
N ASP E 21 24.11 69.55 -2.99
CA ASP E 21 24.75 70.72 -2.41
C ASP E 21 26.15 70.88 -2.98
N ASP E 22 26.23 71.28 -4.24
CA ASP E 22 27.49 71.38 -4.95
C ASP E 22 28.29 70.07 -4.84
N GLN E 23 27.60 68.95 -5.03
CA GLN E 23 28.25 67.64 -4.89
C GLN E 23 28.82 67.17 -6.22
N ARG E 24 28.11 67.47 -7.30
CA ARG E 24 28.55 67.09 -8.65
C ARG E 24 28.29 68.20 -9.65
N ALA E 25 29.15 68.30 -10.66
CA ALA E 25 28.95 69.21 -11.76
C ALA E 25 28.60 68.45 -13.04
N CYS E 26 27.66 68.99 -13.81
CA CYS E 26 27.23 68.37 -15.07
C CYS E 26 26.74 69.42 -16.05
N SER E 27 26.76 69.09 -17.34
CA SER E 27 26.27 69.99 -18.37
C SER E 27 25.11 69.35 -19.14
N GLY E 28 24.38 70.17 -19.88
CA GLY E 28 23.27 69.68 -20.68
C GLY E 28 22.82 70.69 -21.71
N VAL E 29 21.86 70.30 -22.52
CA VAL E 29 21.34 71.17 -23.57
C VAL E 29 19.82 71.20 -23.57
N LEU E 30 19.26 72.36 -23.89
CA LEU E 30 17.82 72.50 -24.00
C LEU E 30 17.31 71.83 -25.28
N VAL E 31 16.41 70.87 -25.11
CA VAL E 31 15.85 70.11 -26.22
C VAL E 31 14.42 70.54 -26.50
N ALA E 32 13.71 70.84 -25.44
CA ALA E 32 12.34 71.30 -25.54
C ALA E 32 12.09 72.31 -24.44
N ALA E 33 11.02 73.06 -24.54
CA ALA E 33 10.81 74.17 -23.62
C ALA E 33 10.94 73.72 -22.18
N GLN E 34 10.49 72.50 -21.89
CA GLN E 34 10.48 72.02 -20.51
C GLN E 34 11.35 70.78 -20.32
N TRP E 35 12.29 70.53 -21.25
CA TRP E 35 13.16 69.36 -21.14
C TRP E 35 14.64 69.68 -21.43
N LEU E 36 15.53 69.10 -20.63
CA LEU E 36 16.97 69.15 -20.89
C LEU E 36 17.53 67.76 -21.19
N ALA E 37 18.53 67.70 -22.05
CA ALA E 37 19.26 66.46 -22.28
C ALA E 37 20.64 66.52 -21.64
N THR E 38 20.93 65.56 -20.77
CA THR E 38 22.18 65.55 -20.03
C THR E 38 22.84 64.17 -20.08
N ALA E 39 24.07 64.09 -19.62
CA ALA E 39 24.74 62.80 -19.46
C ALA E 39 24.07 62.01 -18.36
N ALA E 40 23.99 60.70 -18.55
CA ALA E 40 23.41 59.83 -17.54
C ALA E 40 24.43 59.51 -16.46
N SER E 41 25.70 59.54 -16.84
CA SER E 41 26.79 59.16 -15.94
C SER E 41 26.91 60.06 -14.70
N CYS E 42 26.42 61.31 -14.83
CA CYS E 42 26.52 62.28 -13.73
C CYS E 42 25.35 62.15 -12.75
N PHE E 43 24.34 61.36 -13.14
CA PHE E 43 23.20 61.11 -12.28
C PHE E 43 23.20 59.68 -11.75
N ALA E 44 24.25 58.94 -12.08
CA ALA E 44 24.38 57.55 -11.64
C ALA E 44 24.79 57.50 -10.17
N ASP E 45 24.38 56.44 -9.48
CA ASP E 45 24.76 56.29 -8.09
C ASP E 45 26.28 56.27 -7.96
N ASP E 46 26.93 55.58 -8.87
CA ASP E 46 28.38 55.59 -8.97
C ASP E 46 28.84 56.52 -10.08
N LEU E 47 29.43 57.64 -9.70
CA LEU E 47 29.72 58.68 -10.68
C LEU E 47 30.60 58.13 -11.80
N GLY E 48 30.16 58.36 -13.04
CA GLY E 48 30.94 57.99 -14.21
C GLY E 48 30.53 56.65 -14.82
N ALA E 49 29.75 55.86 -14.08
CA ALA E 49 29.34 54.54 -14.56
C ALA E 49 28.11 54.03 -13.83
N GLY E 50 27.42 53.07 -14.45
CA GLY E 50 26.33 52.36 -13.79
C GLY E 50 24.97 52.97 -14.12
N PRO E 51 23.91 52.34 -13.62
CA PRO E 51 22.56 52.72 -13.95
C PRO E 51 22.14 54.02 -13.28
N VAL E 52 21.12 54.65 -13.84
CA VAL E 52 20.52 55.84 -13.24
C VAL E 52 19.09 55.54 -12.83
N ALA E 53 18.74 55.92 -11.60
CA ALA E 53 17.40 55.70 -11.09
C ALA E 53 16.38 56.49 -11.89
N ALA E 54 15.24 55.87 -12.17
CA ALA E 54 14.14 56.56 -12.86
C ALA E 54 13.35 57.39 -11.88
N GLY E 55 12.70 58.44 -12.38
CA GLY E 55 11.89 59.30 -11.52
C GLY E 55 12.72 60.42 -10.94
N LYS E 56 12.36 60.88 -9.75
CA LYS E 56 13.04 61.99 -9.13
C LYS E 56 14.52 61.65 -8.91
N PRO E 57 15.40 62.64 -9.08
CA PRO E 57 16.82 62.45 -8.90
C PRO E 57 17.15 62.17 -7.44
N GLN E 58 18.29 61.52 -7.21
CA GLN E 58 18.71 61.17 -5.86
C GLN E 58 19.11 62.41 -5.07
N TRP E 59 19.42 63.48 -5.78
CA TRP E 59 19.80 64.74 -5.15
C TRP E 59 19.03 65.89 -5.77
N ARG E 60 18.68 66.89 -4.97
CA ARG E 60 18.05 68.07 -5.51
C ARG E 60 18.95 68.67 -6.56
N THR E 61 18.41 68.92 -7.74
CA THR E 61 19.20 69.36 -8.85
C THR E 61 18.55 70.52 -9.58
N THR E 62 19.35 71.50 -9.95
CA THR E 62 18.87 72.64 -10.72
C THR E 62 19.75 72.88 -11.93
N ALA E 63 19.28 73.72 -12.84
CA ALA E 63 20.02 74.04 -14.05
C ALA E 63 19.96 75.53 -14.37
N VAL E 64 21.04 76.06 -14.92
CA VAL E 64 21.09 77.46 -15.31
C VAL E 64 21.43 77.62 -16.78
N LEU E 65 20.64 78.42 -17.48
CA LEU E 65 20.80 78.59 -18.92
C LEU E 65 20.31 79.95 -19.39
N GLY E 66 20.43 80.21 -20.70
CA GLY E 66 20.08 81.49 -21.27
C GLY E 66 21.32 82.24 -21.72
N PRO E 67 21.13 83.34 -22.44
CA PRO E 67 22.21 84.03 -23.11
C PRO E 67 23.26 84.54 -22.13
N ALA E 68 22.83 84.80 -20.90
CA ALA E 68 23.75 85.26 -19.85
C ALA E 68 23.66 84.37 -18.63
N ALA E 69 23.16 83.15 -18.82
CA ALA E 69 22.98 82.21 -17.71
C ALA E 69 22.21 82.87 -16.57
N GLY E 70 21.14 83.59 -16.91
CA GLY E 70 20.37 84.32 -15.92
C GLY E 70 19.08 83.61 -15.52
N THR E 71 18.83 82.44 -16.12
CA THR E 71 17.62 81.70 -15.84
C THR E 71 17.92 80.42 -15.08
N THR E 72 17.27 80.23 -13.94
CA THR E 72 17.47 79.04 -13.13
C THR E 72 16.18 78.23 -13.03
N VAL E 73 16.27 76.94 -13.33
CA VAL E 73 15.12 76.06 -13.25
C VAL E 73 15.46 74.77 -12.51
N GLU E 74 14.45 74.14 -11.93
CA GLU E 74 14.64 72.88 -11.21
C GLU E 74 14.28 71.69 -12.07
N VAL E 75 15.07 70.63 -11.99
CA VAL E 75 14.75 69.39 -12.69
C VAL E 75 13.99 68.45 -11.76
N VAL E 76 12.88 67.92 -12.23
CA VAL E 76 11.97 67.16 -11.38
C VAL E 76 12.07 65.66 -11.63
N GLU E 77 12.09 65.27 -12.89
CA GLU E 77 12.00 63.85 -13.24
C GLU E 77 13.04 63.44 -14.27
N LEU E 78 13.66 62.28 -14.05
CA LEU E 78 14.60 61.73 -15.00
C LEU E 78 14.04 60.49 -15.69
N VAL E 79 14.27 60.38 -16.98
CA VAL E 79 13.98 59.14 -17.72
C VAL E 79 15.19 58.70 -18.53
N PRO E 80 16.09 57.93 -17.91
CA PRO E 80 17.36 57.56 -18.51
C PRO E 80 17.18 56.52 -19.61
N ARG E 81 18.11 56.53 -20.57
CA ARG E 81 18.17 55.50 -21.59
C ARG E 81 19.26 54.48 -21.27
N THR E 82 19.07 53.25 -21.74
CA THR E 82 19.90 52.13 -21.28
C THR E 82 21.06 51.80 -22.24
N ASP E 83 20.96 52.20 -23.50
CA ASP E 83 22.00 51.88 -24.48
C ASP E 83 22.89 53.10 -24.78
N ARG E 84 22.71 54.15 -24.00
CA ARG E 84 23.45 55.39 -24.20
C ARG E 84 23.73 56.08 -22.88
N ASP E 85 24.77 56.91 -22.84
CA ASP E 85 24.96 57.81 -21.72
C ASP E 85 24.10 59.05 -21.91
N LEU E 86 22.79 58.85 -21.84
CA LEU E 86 21.82 59.90 -22.12
C LEU E 86 20.61 59.79 -21.22
N VAL E 87 20.27 60.90 -20.58
CA VAL E 87 19.06 60.98 -19.78
C VAL E 87 18.31 62.26 -20.09
N LEU E 88 16.99 62.15 -20.21
CA LEU E 88 16.15 63.33 -20.41
C LEU E 88 15.55 63.78 -19.09
N ALA E 89 15.78 65.05 -18.76
CA ALA E 89 15.31 65.61 -17.50
C ALA E 89 14.16 66.57 -17.71
N ARG E 90 13.03 66.29 -17.04
CA ARG E 90 11.88 67.18 -17.11
C ARG E 90 12.02 68.31 -16.12
N LEU E 91 11.77 69.52 -16.58
CA LEU E 91 11.86 70.70 -15.73
C LEU E 91 10.54 70.99 -15.03
N ALA E 92 10.63 71.64 -13.88
CA ALA E 92 9.44 72.07 -13.15
C ALA E 92 8.65 73.10 -13.97
N SER E 93 9.35 73.89 -14.77
CA SER E 93 8.72 74.91 -15.59
C SER E 93 9.48 75.06 -16.92
N PRO E 94 8.76 75.45 -17.98
CA PRO E 94 9.36 75.69 -19.26
C PRO E 94 10.27 76.92 -19.24
N VAL E 95 11.29 76.91 -20.09
CA VAL E 95 12.21 78.03 -20.19
C VAL E 95 11.80 78.97 -21.31
N ALA E 96 11.49 80.21 -20.96
CA ALA E 96 11.12 81.21 -21.94
C ALA E 96 12.34 82.01 -22.37
N GLY E 97 12.35 82.42 -23.64
CA GLY E 97 13.40 83.30 -24.15
C GLY E 97 14.59 82.53 -24.70
N THR E 98 14.57 81.21 -24.53
CA THR E 98 15.67 80.37 -25.00
C THR E 98 15.17 79.36 -26.01
N THR E 99 15.82 79.30 -27.17
CA THR E 99 15.43 78.40 -28.24
C THR E 99 16.10 77.03 -28.09
N PRO E 100 15.30 75.95 -28.08
CA PRO E 100 15.83 74.61 -27.97
C PRO E 100 16.56 74.20 -29.24
N VAL E 101 17.51 73.27 -29.09
CA VAL E 101 18.27 72.78 -30.24
C VAL E 101 17.62 71.54 -30.84
N PRO E 102 17.30 71.59 -32.14
CA PRO E 102 16.69 70.47 -32.82
C PRO E 102 17.69 69.34 -32.99
N PHE E 103 17.17 68.12 -33.11
CA PHE E 103 18.01 66.96 -33.35
C PHE E 103 18.42 66.89 -34.81
N ALA E 104 19.65 66.45 -35.06
CA ALA E 104 20.12 66.23 -36.41
C ALA E 104 19.28 65.13 -37.08
N THR E 105 18.99 65.32 -38.36
CA THR E 105 18.16 64.37 -39.08
C THR E 105 19.00 63.45 -39.96
N THR E 106 20.31 63.67 -39.96
CA THR E 106 21.23 62.86 -40.74
C THR E 106 22.36 62.32 -39.88
N ALA E 107 22.96 61.22 -40.31
CA ALA E 107 24.03 60.60 -39.57
C ALA E 107 25.32 61.44 -39.64
N PRO E 108 26.11 61.41 -38.57
CA PRO E 108 27.45 61.95 -38.60
C PRO E 108 28.38 61.08 -39.43
N ALA E 109 29.48 61.65 -39.89
CA ALA E 109 30.42 60.92 -40.72
C ALA E 109 31.86 61.34 -40.42
N PRO E 110 32.82 60.45 -40.71
CA PRO E 110 34.21 60.75 -40.51
C PRO E 110 34.63 62.01 -41.25
N GLY E 111 35.41 62.85 -40.57
CA GLY E 111 35.90 64.08 -41.17
C GLY E 111 35.01 65.27 -40.81
N GLU E 112 33.82 64.98 -40.27
CA GLU E 112 32.89 66.03 -39.89
C GLU E 112 33.36 66.76 -38.65
N GLU E 113 33.22 68.09 -38.66
CA GLU E 113 33.61 68.91 -37.52
C GLU E 113 32.42 69.24 -36.64
N LEU E 114 32.53 68.92 -35.35
CA LEU E 114 31.49 69.21 -34.38
C LEU E 114 31.94 70.27 -33.38
N THR E 115 31.01 71.11 -32.96
CA THR E 115 31.29 72.14 -31.97
C THR E 115 30.93 71.67 -30.58
N VAL E 116 31.90 71.69 -29.68
CA VAL E 116 31.70 71.23 -28.32
C VAL E 116 31.60 72.40 -27.37
N VAL E 117 30.48 72.52 -26.68
CA VAL E 117 30.30 73.62 -25.72
C VAL E 117 29.74 73.12 -24.39
N GLY E 118 30.24 73.67 -23.28
CA GLY E 118 29.75 73.28 -21.96
C GLY E 118 30.37 74.14 -20.86
N PHE E 119 30.08 73.77 -19.61
CA PHE E 119 30.53 74.54 -18.44
C PHE E 119 31.57 73.78 -17.62
N GLY E 120 32.23 72.81 -18.24
CA GLY E 120 33.23 72.03 -17.54
C GLY E 120 34.52 72.80 -17.38
N ARG E 121 35.48 72.20 -16.70
CA ARG E 121 36.75 72.87 -16.41
C ARG E 121 37.53 73.13 -17.69
N THR E 122 38.32 74.19 -17.68
CA THR E 122 39.12 74.56 -18.85
C THR E 122 40.57 74.20 -18.61
N LYS E 123 41.42 74.63 -19.53
CA LYS E 123 42.85 74.39 -19.41
C LYS E 123 43.41 75.07 -18.17
N GLU E 124 42.86 76.23 -17.82
CA GLU E 124 43.39 77.04 -16.71
C GLU E 124 42.40 77.12 -15.54
N GLU E 125 41.10 77.04 -15.84
CA GLU E 125 40.07 77.32 -14.84
C GLU E 125 39.40 76.05 -14.34
N TRP E 126 39.48 75.83 -13.03
CA TRP E 126 38.83 74.70 -12.40
C TRP E 126 37.31 74.74 -12.56
N ALA E 127 36.74 75.93 -12.39
CA ALA E 127 35.29 76.10 -12.42
C ALA E 127 34.91 77.44 -13.06
N PRO E 128 34.90 77.50 -14.40
CA PRO E 128 34.74 78.74 -15.11
C PRO E 128 33.35 79.33 -14.90
N LEU E 129 33.25 80.65 -15.00
CA LEU E 129 31.97 81.33 -14.80
C LEU E 129 31.22 81.50 -16.12
N THR E 130 31.84 81.10 -17.21
CA THR E 130 31.23 81.24 -18.54
C THR E 130 31.35 79.95 -19.34
N ARG E 131 30.74 79.94 -20.51
CA ARG E 131 30.82 78.78 -21.41
C ARG E 131 32.15 78.77 -22.16
N HIS E 132 32.70 77.58 -22.33
CA HIS E 132 33.91 77.39 -23.14
C HIS E 132 33.68 76.31 -24.18
N THR E 133 34.39 76.40 -25.30
CA THR E 133 34.13 75.48 -26.41
C THR E 133 35.40 74.78 -26.89
N ALA E 134 35.20 73.79 -27.77
CA ALA E 134 36.30 73.03 -28.39
C ALA E 134 35.89 72.51 -29.77
N ALA E 135 36.87 72.29 -30.64
CA ALA E 135 36.60 71.79 -31.99
C ALA E 135 36.97 70.31 -32.13
N PHE E 136 35.96 69.47 -32.32
CA PHE E 136 36.18 68.02 -32.45
C PHE E 136 35.92 67.55 -33.87
N THR E 137 36.63 66.50 -34.27
CA THR E 137 36.43 65.88 -35.57
C THR E 137 36.03 64.41 -35.43
N VAL E 138 35.02 63.99 -36.19
CA VAL E 138 34.56 62.61 -36.13
C VAL E 138 35.55 61.68 -36.81
N GLN E 139 35.92 60.60 -36.12
CA GLN E 139 36.85 59.63 -36.69
C GLN E 139 36.08 58.43 -37.23
N SER E 140 35.06 58.00 -36.51
CA SER E 140 34.20 56.92 -36.95
C SER E 140 32.86 56.95 -36.22
N VAL E 141 31.86 56.30 -36.80
CA VAL E 141 30.56 56.18 -36.16
C VAL E 141 30.09 54.73 -36.15
N SER E 142 29.73 54.22 -34.98
CA SER E 142 29.24 52.85 -34.88
C SER E 142 28.36 52.67 -33.65
N GLY E 143 27.48 51.67 -33.71
CA GLY E 143 26.66 51.33 -32.56
C GLY E 143 25.81 52.54 -32.15
N THR E 144 25.89 52.88 -30.87
CA THR E 144 25.14 53.99 -30.32
C THR E 144 26.05 55.16 -29.95
N THR E 145 27.33 55.06 -30.34
CA THR E 145 28.32 56.07 -29.95
C THR E 145 29.15 56.57 -31.14
N LEU E 146 29.87 57.66 -30.91
CA LEU E 146 30.80 58.20 -31.89
C LEU E 146 32.24 58.10 -31.38
N ALA E 147 33.17 57.86 -32.30
CA ALA E 147 34.58 57.98 -32.00
C ALA E 147 35.07 59.36 -32.39
N LEU E 148 35.37 60.19 -31.39
CA LEU E 148 35.72 61.58 -31.63
C LEU E 148 37.15 61.86 -31.24
N ASP E 149 37.77 62.81 -31.92
CA ASP E 149 39.06 63.32 -31.52
C ASP E 149 39.11 64.83 -31.71
N GLY E 150 40.20 65.45 -31.32
CA GLY E 150 40.34 66.88 -31.46
C GLY E 150 40.69 67.27 -32.89
N ARG E 151 40.20 68.42 -33.33
CA ARG E 151 40.65 69.01 -34.58
C ARG E 151 42.11 69.41 -34.45
N THR E 152 42.47 69.88 -33.25
CA THR E 152 43.83 70.22 -32.92
C THR E 152 44.20 69.58 -31.59
N ASP E 153 45.45 69.72 -31.20
CA ASP E 153 45.92 69.16 -29.93
C ASP E 153 45.85 70.19 -28.82
N ASP E 154 45.25 71.34 -29.11
CA ASP E 154 45.24 72.46 -28.18
C ASP E 154 44.09 72.36 -27.17
N ASP E 155 42.93 71.90 -27.63
CA ASP E 155 41.75 71.83 -26.76
C ASP E 155 41.36 70.39 -26.42
N ALA E 156 40.37 70.24 -25.55
CA ALA E 156 39.93 68.93 -25.12
C ALA E 156 38.58 69.00 -24.43
N ILE E 157 37.94 67.85 -24.27
CA ILE E 157 36.75 67.74 -23.42
C ILE E 157 37.18 67.34 -22.01
N CYS E 158 36.78 68.16 -21.03
CA CYS E 158 37.28 68.02 -19.66
C CYS E 158 36.17 67.64 -18.68
N ALA E 159 36.55 67.10 -17.53
CA ALA E 159 35.59 66.72 -16.51
C ALA E 159 34.71 67.88 -16.12
N GLY E 160 33.42 67.59 -15.94
CA GLY E 160 32.43 68.62 -15.60
C GLY E 160 31.72 69.12 -16.84
N ASP E 161 32.28 68.78 -18.01
CA ASP E 161 31.68 69.18 -19.28
C ASP E 161 30.79 68.08 -19.84
N ALA E 162 30.69 66.98 -19.11
CA ALA E 162 29.90 65.85 -19.56
C ALA E 162 28.45 66.24 -19.67
N GLY E 163 27.81 65.79 -20.72
CA GLY E 163 26.41 66.11 -20.97
C GLY E 163 26.28 67.32 -21.87
N GLY E 164 27.38 68.03 -22.08
CA GLY E 164 27.36 69.20 -22.95
C GLY E 164 27.09 68.78 -24.39
N PRO E 165 26.37 69.62 -25.14
CA PRO E 165 26.02 69.31 -26.49
C PRO E 165 27.21 69.36 -27.44
N LEU E 166 27.16 68.50 -28.45
CA LEU E 166 28.04 68.60 -29.60
C LEU E 166 27.23 68.98 -30.81
N LEU E 167 27.46 70.19 -31.30
CA LEU E 167 26.58 70.78 -32.29
C LEU E 167 27.18 70.73 -33.68
N ARG E 168 26.32 70.63 -34.68
CA ARG E 168 26.73 70.76 -36.07
C ARG E 168 26.10 71.99 -36.68
N GLN E 169 26.92 72.85 -37.28
CA GLN E 169 26.43 74.09 -37.84
C GLN E 169 25.80 73.86 -39.21
N LYS E 170 24.60 74.40 -39.38
CA LYS E 170 23.90 74.28 -40.66
C LYS E 170 22.98 75.48 -40.91
N ASP E 171 23.15 76.12 -42.06
CA ASP E 171 22.28 77.22 -42.49
C ASP E 171 22.19 78.32 -41.44
N GLY E 172 23.31 78.58 -40.78
CA GLY E 172 23.39 79.68 -39.80
C GLY E 172 22.95 79.21 -38.41
N GLY E 173 22.44 78.00 -38.31
CA GLY E 173 21.96 77.46 -37.04
C GLY E 173 22.77 76.25 -36.61
N PHE E 174 22.28 75.53 -35.61
CA PHE E 174 22.96 74.35 -35.12
C PHE E 174 22.02 73.19 -34.89
N GLU E 175 22.53 71.97 -35.09
CA GLU E 175 21.78 70.76 -34.79
C GLU E 175 22.51 69.94 -33.73
N LEU E 176 21.76 69.22 -32.92
CA LEU E 176 22.34 68.40 -31.86
C LEU E 176 22.71 67.01 -32.37
N VAL E 177 23.99 66.66 -32.24
CA VAL E 177 24.49 65.39 -32.74
C VAL E 177 24.79 64.41 -31.62
N ALA E 178 25.42 64.91 -30.55
CA ALA E 178 25.86 64.06 -29.45
C ALA E 178 26.04 64.86 -28.16
N LEU E 179 26.07 64.16 -27.03
CA LEU E 179 26.46 64.79 -25.76
C LEU E 179 27.81 64.27 -25.31
N ALA E 180 28.60 65.14 -24.70
CA ALA E 180 29.90 64.73 -24.18
C ALA E 180 29.75 63.69 -23.09
N SER E 181 30.65 62.70 -23.06
CA SER E 181 30.59 61.64 -22.06
C SER E 181 31.95 61.40 -21.41
N GLN E 182 32.80 60.62 -22.08
CA GLN E 182 34.08 60.21 -21.49
C GLN E 182 35.26 60.52 -22.40
N SER E 183 36.41 60.82 -21.79
CA SER E 183 37.63 61.10 -22.52
C SER E 183 38.86 60.94 -21.65
N TRP E 184 40.03 60.98 -22.28
CA TRP E 184 41.29 60.97 -21.54
C TRP E 184 41.55 62.31 -20.87
N GLN E 185 40.92 63.37 -21.39
CA GLN E 185 41.03 64.71 -20.83
C GLN E 185 42.46 65.21 -20.76
N GLY E 186 43.25 64.90 -21.79
CA GLY E 186 44.61 65.39 -21.84
C GLY E 186 44.64 66.89 -22.02
N GLY E 187 45.55 67.56 -21.30
CA GLY E 187 45.71 69.00 -21.41
C GLY E 187 44.71 69.78 -20.54
N CYS E 188 43.84 69.06 -19.81
CA CYS E 188 42.82 69.68 -18.95
C CYS E 188 43.38 70.06 -17.59
N TRP E 189 42.79 71.07 -16.97
CA TRP E 189 43.19 71.48 -15.63
C TRP E 189 42.93 70.38 -14.62
N GLY E 190 43.90 70.14 -13.75
CA GLY E 190 43.75 69.15 -12.69
C GLY E 190 44.11 67.74 -13.18
N THR E 191 44.48 67.64 -14.45
CA THR E 191 44.83 66.35 -15.04
C THR E 191 46.33 66.26 -15.29
N ASP E 192 46.91 65.11 -14.94
CA ASP E 192 48.33 64.90 -15.11
C ASP E 192 48.78 65.29 -16.53
N PRO E 193 49.75 66.21 -16.64
CA PRO E 193 50.25 66.66 -17.93
C PRO E 193 50.80 65.51 -18.76
N ALA E 194 51.10 64.39 -18.12
CA ALA E 194 51.61 63.22 -18.81
C ALA E 194 50.61 62.72 -19.85
N GLU E 195 49.33 63.01 -19.62
CA GLU E 195 48.28 62.61 -20.56
C GLU E 195 48.01 63.72 -21.56
N THR E 196 48.29 63.45 -22.83
CA THR E 196 48.17 64.47 -23.87
C THR E 196 47.06 64.12 -24.86
N ARG E 197 46.42 62.97 -24.67
CA ARG E 197 45.36 62.53 -25.57
C ARG E 197 44.05 63.24 -25.29
N ASN E 198 43.36 63.63 -26.35
CA ASN E 198 42.03 64.22 -26.21
C ASN E 198 40.98 63.41 -26.95
N ASP E 199 41.27 62.12 -27.16
CA ASP E 199 40.32 61.19 -27.75
C ASP E 199 39.10 61.04 -26.83
N ALA E 200 37.91 61.00 -27.43
CA ALA E 200 36.67 61.00 -26.64
C ALA E 200 35.61 60.11 -27.27
N VAL E 201 34.70 59.62 -26.42
CA VAL E 201 33.57 58.83 -26.88
C VAL E 201 32.26 59.43 -26.39
N SER E 202 31.28 59.54 -27.29
CA SER E 202 29.99 60.12 -26.96
C SER E 202 28.84 59.30 -27.56
N PRO E 203 27.68 59.29 -26.88
CA PRO E 203 26.47 58.71 -27.43
C PRO E 203 25.96 59.52 -28.61
N ARG E 204 25.45 58.82 -29.61
CA ARG E 204 24.86 59.47 -30.78
C ARG E 204 23.38 59.77 -30.53
N LEU E 205 22.98 61.00 -30.85
CA LEU E 205 21.59 61.42 -30.65
C LEU E 205 20.87 61.59 -31.99
N ASP E 206 21.48 61.11 -33.06
CA ASP E 206 20.88 61.21 -34.39
C ASP E 206 20.02 60.01 -34.71
N ASN E 207 20.22 58.92 -33.98
CA ASN E 207 19.54 57.67 -34.25
C ASN E 207 18.47 57.39 -33.21
N ILE E 208 17.98 58.44 -32.57
CA ILE E 208 16.92 58.32 -31.59
C ILE E 208 15.77 59.25 -31.93
N ALA E 209 14.60 58.95 -31.41
CA ALA E 209 13.46 59.83 -31.56
C ALA E 209 13.67 61.11 -30.77
N GLY E 210 13.19 62.21 -31.29
CA GLY E 210 13.28 63.48 -30.60
C GLY E 210 12.28 64.46 -31.15
N GLY E 211 12.17 65.62 -30.52
CA GLY E 211 11.13 66.56 -30.87
C GLY E 211 9.79 66.02 -30.42
N ASN E 212 8.73 66.42 -31.10
CA ASN E 212 7.40 65.96 -30.73
C ASN E 212 6.63 65.44 -31.94
N THR E 213 7.33 65.15 -33.03
CA THR E 213 6.65 64.71 -34.25
C THR E 213 7.26 63.45 -34.85
N LEU E 214 6.41 62.67 -35.52
CA LEU E 214 6.86 61.59 -36.38
C LEU E 214 6.46 61.83 -37.82
N THR E 215 7.45 61.87 -38.69
CA THR E 215 7.19 61.99 -40.13
C THR E 215 6.81 60.61 -40.68
N PRO E 216 6.21 60.57 -41.87
CA PRO E 216 5.97 59.33 -42.55
C PRO E 216 7.26 58.55 -42.74
N GLY E 217 7.23 57.27 -42.39
CA GLY E 217 8.39 56.41 -42.51
C GLY E 217 9.22 56.42 -41.22
N ALA E 218 8.85 57.28 -40.28
CA ALA E 218 9.58 57.39 -39.02
C ALA E 218 9.37 56.16 -38.17
N VAL E 219 10.42 55.75 -37.46
CA VAL E 219 10.35 54.59 -36.58
C VAL E 219 10.75 54.95 -35.15
N LEU E 220 9.87 54.61 -34.21
CA LEU E 220 10.13 54.84 -32.80
C LEU E 220 10.57 53.55 -32.11
N ARG E 221 11.85 53.48 -31.76
CA ARG E 221 12.43 52.26 -31.20
C ARG E 221 12.09 52.12 -29.73
N ALA E 222 12.20 50.90 -29.23
CA ALA E 222 11.94 50.64 -27.81
C ALA E 222 12.94 51.37 -26.94
N GLU E 223 12.51 51.74 -25.74
CA GLU E 223 13.33 52.55 -24.85
C GLU E 223 13.63 53.90 -25.49
N ASP E 224 12.62 54.48 -26.12
CA ASP E 224 12.73 55.78 -26.78
C ASP E 224 11.44 56.57 -26.60
N SER E 225 11.50 57.89 -26.80
CA SER E 225 10.33 58.72 -26.52
C SER E 225 10.34 60.07 -27.23
N LEU E 226 9.14 60.63 -27.39
CA LEU E 226 8.95 62.04 -27.75
C LEU E 226 8.43 62.82 -26.55
N VAL E 227 8.73 64.11 -26.48
CA VAL E 227 8.37 64.88 -25.30
C VAL E 227 7.67 66.18 -25.62
N SER E 228 6.75 66.59 -24.75
CA SER E 228 6.11 67.89 -24.82
C SER E 228 5.83 68.41 -23.40
N ASN E 229 5.36 69.65 -23.30
CA ASN E 229 5.27 70.31 -22.00
C ASN E 229 4.42 69.53 -21.00
N ALA E 230 3.35 68.91 -21.47
CA ALA E 230 2.39 68.30 -20.56
C ALA E 230 2.21 66.80 -20.80
N ALA E 231 3.16 66.19 -21.50
CA ALA E 231 3.05 64.76 -21.79
C ALA E 231 4.37 64.17 -22.27
N ARG E 232 4.50 62.86 -22.14
CA ARG E 232 5.58 62.13 -22.78
C ARG E 232 5.07 60.86 -23.46
N LEU E 233 5.53 60.65 -24.69
CA LEU E 233 5.18 59.45 -25.46
C LEU E 233 6.36 58.53 -25.57
N THR E 234 6.26 57.35 -24.98
CA THR E 234 7.39 56.45 -24.94
C THR E 234 7.01 55.03 -25.31
N LEU E 235 7.94 54.33 -25.95
CA LEU E 235 7.79 52.91 -26.18
C LEU E 235 8.67 52.12 -25.24
N ARG E 236 8.03 51.32 -24.39
CA ARG E 236 8.74 50.60 -23.35
C ARG E 236 9.46 49.39 -23.92
N ALA E 237 10.45 48.91 -23.17
CA ALA E 237 11.24 47.75 -23.59
C ALA E 237 10.36 46.53 -23.76
N ASP E 238 9.23 46.51 -23.07
CA ASP E 238 8.33 45.37 -23.10
C ASP E 238 7.35 45.44 -24.28
N GLY E 239 7.53 46.45 -25.13
CA GLY E 239 6.76 46.56 -26.37
C GLY E 239 5.48 47.38 -26.21
N ASP E 240 5.19 47.79 -24.98
CA ASP E 240 3.98 48.56 -24.71
C ASP E 240 4.19 50.05 -24.98
N LEU E 241 3.46 50.58 -25.96
CA LEU E 241 3.52 52.00 -26.29
C LEU E 241 2.58 52.78 -25.39
N VAL E 242 3.12 53.72 -24.62
CA VAL E 242 2.33 54.41 -23.62
C VAL E 242 2.52 55.92 -23.66
N VAL E 243 1.55 56.64 -23.13
CA VAL E 243 1.69 58.06 -22.86
C VAL E 243 1.49 58.35 -21.38
N VAL E 244 2.43 59.09 -20.80
CA VAL E 244 2.39 59.39 -19.39
C VAL E 244 2.31 60.88 -19.14
N SER E 245 1.76 61.25 -17.98
CA SER E 245 1.59 62.64 -17.61
C SER E 245 2.71 63.12 -16.73
N ASN E 246 2.67 64.39 -16.35
CA ASN E 246 3.68 64.96 -15.48
C ASN E 246 3.56 64.43 -14.06
N ALA E 247 2.46 63.73 -13.79
CA ALA E 247 2.24 63.11 -12.48
C ALA E 247 2.94 61.75 -12.40
N GLY E 248 3.47 61.30 -13.53
CA GLY E 248 4.17 60.02 -13.59
C GLY E 248 3.23 58.87 -13.89
N LYS E 249 1.94 59.16 -14.01
CA LYS E 249 0.94 58.13 -14.26
C LYS E 249 0.71 57.94 -15.76
N THR E 250 0.27 56.74 -16.14
CA THR E 250 -0.01 56.44 -17.53
C THR E 250 -1.44 56.79 -17.89
N LEU E 251 -1.61 57.59 -18.95
CA LEU E 251 -2.94 58.03 -19.36
C LEU E 251 -3.50 57.13 -20.45
N TRP E 252 -2.63 56.57 -21.25
CA TRP E 252 -3.05 55.75 -22.39
C TRP E 252 -1.99 54.74 -22.76
N SER E 253 -2.43 53.57 -23.20
CA SER E 253 -1.51 52.55 -23.67
C SER E 253 -2.15 51.68 -24.74
N THR E 254 -1.33 51.05 -25.54
CA THR E 254 -1.82 50.10 -26.54
C THR E 254 -2.04 48.73 -25.92
N GLY E 255 -1.35 48.47 -24.82
CA GLY E 255 -1.51 47.22 -24.09
C GLY E 255 -0.67 46.11 -24.70
N THR E 256 0.19 46.48 -25.64
CA THR E 256 1.03 45.51 -26.33
C THR E 256 2.26 45.16 -25.50
N ALA E 257 2.02 44.72 -24.27
CA ALA E 257 3.10 44.36 -23.36
C ALA E 257 3.48 42.90 -23.52
N GLY E 258 4.78 42.62 -23.38
CA GLY E 258 5.27 41.25 -23.45
C GLY E 258 5.83 40.94 -24.82
N HIS E 259 5.51 41.80 -25.79
CA HIS E 259 6.02 41.66 -27.13
C HIS E 259 7.37 42.33 -27.26
N LEU E 260 8.37 41.74 -26.64
CA LEU E 260 9.70 42.34 -26.58
C LEU E 260 10.30 42.44 -27.97
N GLY E 261 10.88 43.59 -28.28
CA GLY E 261 11.45 43.83 -29.60
C GLY E 261 10.45 44.53 -30.50
N ALA E 262 9.22 44.71 -30.02
CA ALA E 262 8.19 45.39 -30.79
C ALA E 262 8.57 46.84 -31.02
N THR E 263 8.16 47.36 -32.17
CA THR E 263 8.51 48.73 -32.56
C THR E 263 7.28 49.52 -32.99
N ALA E 264 7.27 50.81 -32.72
CA ALA E 264 6.19 51.68 -33.16
C ALA E 264 6.63 52.51 -34.34
N ARG E 265 5.77 52.60 -35.35
CA ARG E 265 6.12 53.33 -36.57
C ARG E 265 4.96 54.12 -37.12
N PHE E 266 5.27 55.20 -37.84
CA PHE E 266 4.28 55.97 -38.54
C PHE E 266 4.43 55.74 -40.04
N THR E 267 3.43 55.12 -40.64
CA THR E 267 3.54 54.61 -42.01
C THR E 267 3.28 55.69 -43.02
N ASP E 268 3.59 55.40 -44.27
CA ASP E 268 3.36 56.34 -45.37
C ASP E 268 1.89 56.49 -45.67
N SER E 269 1.09 55.53 -45.19
CA SER E 269 -0.35 55.58 -45.36
C SER E 269 -0.98 56.60 -44.41
N GLY E 270 -0.19 57.06 -43.44
CA GLY E 270 -0.63 58.11 -42.53
C GLY E 270 -1.11 57.57 -41.20
N ASN E 271 -1.06 56.25 -41.01
CA ASN E 271 -1.51 55.67 -39.75
C ASN E 271 -0.34 55.46 -38.79
N LEU E 272 -0.68 55.29 -37.52
CA LEU E 272 0.31 54.97 -36.50
C LEU E 272 0.06 53.57 -35.98
N THR E 273 1.07 52.72 -36.07
CA THR E 273 0.90 51.32 -35.72
C THR E 273 2.02 50.82 -34.83
N VAL E 274 1.76 49.70 -34.16
CA VAL E 274 2.79 48.97 -33.44
C VAL E 274 2.99 47.61 -34.06
N VAL E 275 4.23 47.31 -34.40
CA VAL E 275 4.55 46.06 -35.09
C VAL E 275 5.41 45.17 -34.21
N ASP E 276 5.30 43.86 -34.41
CA ASP E 276 6.02 42.91 -33.59
C ASP E 276 7.49 42.85 -33.99
N ALA E 277 8.25 42.01 -33.30
CA ALA E 277 9.69 41.91 -33.52
C ALA E 277 10.01 41.43 -34.93
N ASP E 278 9.05 40.76 -35.57
CA ASP E 278 9.28 40.21 -36.89
C ASP E 278 9.14 41.27 -37.98
N GLY E 279 8.68 42.45 -37.61
CA GLY E 279 8.58 43.57 -38.52
C GLY E 279 7.40 43.41 -39.49
N THR E 280 6.58 42.40 -39.25
CA THR E 280 5.48 42.08 -40.14
C THR E 280 4.13 42.15 -39.45
N THR E 281 4.06 41.58 -38.25
CA THR E 281 2.78 41.43 -37.57
C THR E 281 2.40 42.70 -36.82
N VAL E 282 1.18 43.19 -37.05
CA VAL E 282 0.70 44.39 -36.36
C VAL E 282 -0.01 44.02 -35.07
N LEU E 283 0.38 44.69 -34.00
CA LEU E 283 -0.17 44.43 -32.68
C LEU E 283 -1.23 45.45 -32.32
N TRP E 284 -1.10 46.66 -32.87
CA TRP E 284 -2.03 47.74 -32.62
C TRP E 284 -1.99 48.75 -33.75
N GLU E 285 -3.14 49.34 -34.07
CA GLU E 285 -3.19 50.39 -35.08
C GLU E 285 -4.24 51.44 -34.75
N SER E 286 -3.97 52.68 -35.16
CA SER E 286 -4.97 53.74 -35.10
C SER E 286 -6.00 53.59 -36.20
N ALA E 287 -5.65 52.81 -37.22
CA ALA E 287 -6.54 52.53 -38.34
C ALA E 287 -7.04 53.80 -39.02
N THR E 288 -6.12 54.74 -39.23
CA THR E 288 -6.45 55.98 -39.93
C THR E 288 -5.88 55.97 -41.34
N THR E 289 -6.35 56.90 -42.16
CA THR E 289 -5.77 57.13 -43.48
C THR E 289 -5.45 58.59 -43.67
N ALA E 290 -4.18 58.89 -43.94
CA ALA E 290 -3.77 60.28 -44.13
C ALA E 290 -2.35 60.38 -44.71
N PRO E 291 -2.19 60.06 -46.00
CA PRO E 291 -0.92 60.16 -46.66
C PRO E 291 -0.41 61.59 -46.60
N GLY E 292 0.88 61.75 -46.34
CA GLY E 292 1.49 63.07 -46.28
C GLY E 292 1.25 63.74 -44.92
N GLY E 293 0.61 63.00 -44.01
CA GLY E 293 0.29 63.53 -42.69
C GLY E 293 1.43 63.29 -41.71
N SER E 294 1.17 63.55 -40.44
CA SER E 294 2.17 63.39 -39.39
C SER E 294 1.52 63.13 -38.04
N ALA E 295 2.28 62.52 -37.13
CA ALA E 295 1.82 62.33 -35.76
C ALA E 295 2.55 63.28 -34.82
N VAL E 296 1.80 64.11 -34.13
CA VAL E 296 2.40 65.12 -33.27
C VAL E 296 1.92 65.03 -31.83
N LEU E 297 2.86 65.07 -30.91
CA LEU E 297 2.54 65.16 -29.49
C LEU E 297 2.51 66.62 -29.09
N GLN E 298 1.35 67.09 -28.69
CA GLN E 298 1.15 68.51 -28.46
C GLN E 298 1.55 68.91 -27.06
N ASP E 299 1.80 70.19 -26.87
CA ASP E 299 2.10 70.73 -25.55
C ASP E 299 0.85 70.81 -24.72
N ARG E 300 -0.29 70.92 -25.40
CA ARG E 300 -1.58 70.95 -24.72
C ARG E 300 -1.78 69.69 -23.90
N GLY E 301 -1.28 68.57 -24.40
CA GLY E 301 -1.30 67.33 -23.64
C GLY E 301 -1.28 66.08 -24.52
N ASP E 302 -2.23 65.97 -25.43
CA ASP E 302 -2.50 64.68 -26.04
C ASP E 302 -1.71 64.44 -27.33
N LEU E 303 -1.85 63.22 -27.86
CA LEU E 303 -1.22 62.82 -29.11
C LEU E 303 -2.24 62.78 -30.22
N VAL E 304 -2.01 63.55 -31.27
CA VAL E 304 -2.96 63.65 -32.35
C VAL E 304 -2.29 63.36 -33.70
N VAL E 305 -2.97 62.57 -34.52
CA VAL E 305 -2.52 62.31 -35.88
C VAL E 305 -3.23 63.22 -36.87
N ARG E 306 -2.44 63.95 -37.64
CA ARG E 306 -2.97 64.96 -38.54
C ARG E 306 -2.67 64.62 -39.98
N ASP E 307 -3.56 65.00 -40.88
CA ASP E 307 -3.36 64.74 -42.30
C ASP E 307 -2.59 65.88 -42.96
N ALA E 308 -2.40 65.77 -44.27
CA ALA E 308 -1.57 66.71 -45.01
C ALA E 308 -2.18 68.11 -45.02
N GLN E 309 -3.47 68.20 -44.72
CA GLN E 309 -4.17 69.47 -44.73
C GLN E 309 -4.18 70.11 -43.35
N GLY E 310 -3.59 69.42 -42.38
CA GLY E 310 -3.51 69.93 -41.02
C GLY E 310 -4.74 69.58 -40.20
N ALA E 311 -5.60 68.73 -40.75
CA ALA E 311 -6.82 68.33 -40.05
C ALA E 311 -6.59 67.06 -39.23
N SER E 312 -7.07 67.07 -37.99
CA SER E 312 -6.92 65.91 -37.12
C SER E 312 -7.75 64.73 -37.64
N GLN E 313 -7.18 63.54 -37.58
CA GLN E 313 -7.89 62.33 -37.97
C GLN E 313 -8.15 61.43 -36.76
N TRP E 314 -7.25 61.48 -35.78
CA TRP E 314 -7.35 60.62 -34.61
C TRP E 314 -6.57 61.21 -33.44
N ALA E 315 -7.10 61.02 -32.23
CA ALA E 315 -6.39 61.47 -31.03
C ALA E 315 -6.56 60.47 -29.90
N ALA E 316 -5.49 60.31 -29.11
CA ALA E 316 -5.50 59.38 -27.98
C ALA E 316 -6.35 59.91 -26.83
N GLY E 317 -6.49 61.23 -26.76
CA GLY E 317 -7.29 61.86 -25.71
C GLY E 317 -6.55 61.94 -24.38
N THR E 318 -5.22 61.80 -24.43
CA THR E 318 -4.41 61.83 -23.22
C THR E 318 -4.18 63.24 -22.74
N GLU E 319 -5.21 63.84 -22.18
CA GLU E 319 -5.12 65.20 -21.69
C GLU E 319 -5.77 65.33 -20.33
N VAL E 320 -5.37 66.33 -19.58
CA VAL E 320 -6.04 66.65 -18.33
C VAL E 320 -6.75 67.99 -18.43
N ARG E 321 -8.06 67.96 -18.29
CA ARG E 321 -8.88 69.15 -18.49
C ARG E 321 -8.65 70.15 -17.36
N HIS E 322 -8.56 71.44 -17.72
CA HIS E 322 -8.33 72.51 -16.75
C HIS E 322 -7.35 72.11 -15.66
N ASP E 323 -6.18 71.63 -16.08
CA ASP E 323 -5.05 71.48 -15.18
C ASP E 323 -4.26 72.78 -15.10
N TYR E 324 -4.42 73.52 -14.01
CA TYR E 324 -3.98 74.91 -13.95
C TYR E 324 -2.50 75.06 -13.66
N ASN E 325 -1.92 74.11 -12.93
CA ASN E 325 -0.49 74.20 -12.58
C ASN E 325 0.36 73.27 -13.44
N GLY E 326 -0.30 72.39 -14.19
CA GLY E 326 0.39 71.49 -15.10
C GLY E 326 1.07 70.32 -14.38
N ASP E 327 0.54 69.95 -13.21
CA ASP E 327 1.14 68.87 -12.43
C ASP E 327 0.56 67.50 -12.79
N GLY E 328 -0.36 67.48 -13.77
CA GLY E 328 -0.89 66.22 -14.28
C GLY E 328 -2.24 65.85 -13.66
N ARG E 329 -2.80 66.75 -12.86
CA ARG E 329 -4.12 66.53 -12.28
C ARG E 329 -5.02 67.73 -12.49
N SER E 330 -6.29 67.47 -12.80
CA SER E 330 -7.26 68.54 -13.03
C SER E 330 -7.52 69.34 -11.76
N ASP E 331 -7.76 70.63 -11.94
CA ASP E 331 -8.07 71.53 -10.84
C ASP E 331 -9.39 72.23 -11.10
N MET E 332 -9.81 73.08 -10.18
CA MET E 332 -10.96 73.92 -10.42
C MET E 332 -10.81 75.28 -9.75
N ALA E 333 -11.45 76.29 -10.31
CA ALA E 333 -11.31 77.65 -9.82
C ALA E 333 -12.62 78.38 -9.90
N ALA E 334 -12.78 79.42 -9.09
CA ALA E 334 -14.03 80.17 -9.04
C ALA E 334 -13.80 81.66 -8.92
N TRP E 335 -14.75 82.42 -9.44
CA TRP E 335 -14.75 83.86 -9.30
C TRP E 335 -15.63 84.27 -8.13
N TYR E 336 -15.02 84.80 -7.09
CA TYR E 336 -15.72 85.08 -5.84
C TYR E 336 -16.03 86.56 -5.70
N ASN E 337 -17.32 86.88 -5.65
CA ASN E 337 -17.77 88.25 -5.50
C ASN E 337 -18.04 88.58 -4.04
N TYR E 338 -17.25 89.49 -3.49
CA TYR E 338 -17.41 89.88 -2.10
C TYR E 338 -18.52 90.91 -1.97
N THR E 339 -19.14 90.97 -0.80
CA THR E 339 -20.27 91.86 -0.58
C THR E 339 -19.84 93.32 -0.53
N ASP E 340 -18.53 93.55 -0.41
CA ASP E 340 -17.99 94.90 -0.37
C ASP E 340 -17.66 95.42 -1.77
N GLY E 341 -17.96 94.62 -2.79
CA GLY E 341 -17.83 95.05 -4.18
C GLY E 341 -16.56 94.55 -4.86
N ARG E 342 -15.58 94.11 -4.07
CA ARG E 342 -14.33 93.60 -4.62
C ARG E 342 -14.46 92.11 -4.97
N ASP E 343 -13.54 91.61 -5.79
CA ASP E 343 -13.59 90.22 -6.21
C ASP E 343 -12.20 89.62 -6.43
N ALA E 344 -12.13 88.28 -6.45
CA ALA E 344 -10.88 87.57 -6.64
C ALA E 344 -11.13 86.16 -7.19
N ILE E 345 -10.08 85.54 -7.76
CA ILE E 345 -10.20 84.19 -8.29
C ILE E 345 -9.50 83.18 -7.38
N HIS E 346 -10.24 82.16 -6.96
CA HIS E 346 -9.73 81.15 -6.03
C HIS E 346 -9.53 79.81 -6.73
N THR E 347 -8.40 79.16 -6.47
CA THR E 347 -8.07 77.91 -7.14
C THR E 347 -7.94 76.74 -6.17
N PHE E 348 -8.66 75.65 -6.46
CA PHE E 348 -8.59 74.44 -5.67
C PHE E 348 -7.80 73.37 -6.42
N LEU E 349 -6.60 73.08 -5.96
CA LEU E 349 -5.74 72.14 -6.66
C LEU E 349 -6.11 70.69 -6.34
N GLY E 350 -6.01 69.82 -7.33
CA GLY E 350 -6.29 68.40 -7.14
C GLY E 350 -5.15 67.72 -6.38
N GLY E 351 -5.51 66.80 -5.49
CA GLY E 351 -4.53 66.04 -4.73
C GLY E 351 -4.28 64.69 -5.35
N THR E 352 -3.39 63.90 -4.75
CA THR E 352 -3.02 62.61 -5.30
C THR E 352 -4.09 61.56 -5.08
N ASP E 353 -5.00 61.82 -4.16
CA ASP E 353 -6.08 60.90 -3.86
C ASP E 353 -7.38 61.33 -4.54
N GLY E 354 -7.29 62.35 -5.39
CA GLY E 354 -8.45 62.82 -6.15
C GLY E 354 -9.24 63.88 -5.41
N THR E 355 -8.82 64.21 -4.19
CA THR E 355 -9.52 65.23 -3.42
C THR E 355 -9.04 66.62 -3.80
N LEU E 356 -9.78 67.62 -3.34
CA LEU E 356 -9.44 69.00 -3.66
C LEU E 356 -8.97 69.75 -2.42
N THR E 357 -7.80 70.37 -2.53
CA THR E 357 -7.16 71.03 -1.41
C THR E 357 -7.74 72.41 -1.16
N LYS E 358 -7.36 73.03 -0.05
CA LYS E 358 -7.84 74.36 0.28
C LYS E 358 -7.44 75.35 -0.80
N PRO E 359 -8.35 76.28 -1.12
CA PRO E 359 -8.14 77.22 -2.19
C PRO E 359 -7.06 78.23 -1.88
N LEU E 360 -6.37 78.68 -2.91
CA LEU E 360 -5.54 79.86 -2.81
C LEU E 360 -6.10 80.94 -3.72
N LYS E 361 -5.90 82.20 -3.35
CA LYS E 361 -6.44 83.29 -4.14
C LYS E 361 -5.37 83.96 -4.97
N SER E 362 -5.80 84.50 -6.10
CA SER E 362 -4.93 85.33 -6.93
C SER E 362 -5.75 86.37 -7.67
N TYR E 363 -5.08 87.38 -8.19
CA TYR E 363 -5.77 88.46 -8.89
C TYR E 363 -6.87 89.07 -8.02
N ASP E 364 -6.51 89.45 -6.80
CA ASP E 364 -7.44 90.13 -5.91
C ASP E 364 -7.45 91.63 -6.20
N VAL E 365 -8.60 92.15 -6.63
CA VAL E 365 -8.69 93.53 -7.09
C VAL E 365 -9.67 94.34 -6.25
N ALA E 366 -9.52 95.66 -6.30
CA ALA E 366 -10.31 96.58 -5.50
C ALA E 366 -11.73 96.72 -6.03
N ASP E 367 -12.63 97.14 -5.17
CA ASP E 367 -14.00 97.45 -5.57
C ASP E 367 -14.04 98.52 -6.65
N GLY E 368 -14.88 98.30 -7.65
CA GLY E 368 -15.08 99.29 -8.70
C GLY E 368 -14.29 98.94 -9.96
N VAL E 369 -13.40 97.96 -9.86
CA VAL E 369 -12.61 97.54 -11.01
C VAL E 369 -13.46 96.73 -12.00
N TRP E 370 -14.29 95.82 -11.46
CA TRP E 370 -15.20 95.05 -12.29
C TRP E 370 -16.66 95.31 -11.93
N ASP E 371 -17.49 95.49 -12.94
CA ASP E 371 -18.93 95.60 -12.75
C ASP E 371 -19.58 94.23 -12.97
N THR E 372 -19.60 93.41 -11.93
CA THR E 372 -19.91 92.00 -12.07
C THR E 372 -21.42 91.73 -12.07
N ARG E 373 -22.11 92.21 -13.09
CA ARG E 373 -23.56 92.01 -13.18
C ARG E 373 -23.95 91.10 -14.36
N ALA E 374 -23.13 91.11 -15.41
CA ALA E 374 -23.49 90.41 -16.65
C ALA E 374 -22.27 89.79 -17.31
N MET E 375 -21.76 88.72 -16.72
CA MET E 375 -20.55 88.09 -17.21
C MET E 375 -20.65 86.57 -17.15
N LYS E 376 -19.96 85.90 -18.06
CA LYS E 376 -19.96 84.43 -18.13
C LYS E 376 -18.55 83.89 -18.09
N TYR E 377 -18.36 82.78 -17.39
CA TYR E 377 -17.02 82.30 -17.11
C TYR E 377 -16.67 81.05 -17.92
N LEU E 378 -15.47 81.04 -18.50
CA LEU E 378 -15.00 79.91 -19.30
C LEU E 378 -13.63 79.44 -18.82
N THR E 379 -13.35 78.16 -18.99
CA THR E 379 -12.01 77.64 -18.73
C THR E 379 -11.44 76.95 -19.96
N GLY E 380 -10.15 76.66 -19.92
CA GLY E 380 -9.49 75.94 -21.01
C GLY E 380 -8.09 76.47 -21.26
N ASP E 381 -7.30 75.75 -22.04
CA ASP E 381 -5.94 76.16 -22.38
C ASP E 381 -5.94 76.99 -23.65
N PHE E 382 -5.88 78.31 -23.50
CA PHE E 382 -6.11 79.20 -24.63
C PHE E 382 -4.81 79.68 -25.22
N ASN E 383 -3.70 79.16 -24.73
CA ASN E 383 -2.38 79.59 -25.20
C ASN E 383 -1.57 78.43 -25.75
N GLY E 384 -1.99 77.20 -25.45
CA GLY E 384 -1.21 76.04 -25.83
C GLY E 384 -0.01 75.87 -24.91
N ASP E 385 -0.17 76.27 -23.65
CA ASP E 385 0.92 76.24 -22.67
C ASP E 385 1.18 74.84 -22.15
N GLY E 386 0.13 74.05 -22.04
CA GLY E 386 0.22 72.78 -21.32
C GLY E 386 -0.39 72.91 -19.94
N ARG E 387 -0.81 74.11 -19.61
CA ARG E 387 -1.55 74.37 -18.38
C ARG E 387 -2.77 75.23 -18.66
N GLY E 388 -3.84 74.99 -17.91
CA GLY E 388 -5.12 75.60 -18.19
C GLY E 388 -5.13 77.09 -17.95
N ASP E 389 -5.95 77.79 -18.70
CA ASP E 389 -6.17 79.21 -18.52
C ASP E 389 -7.63 79.46 -18.22
N THR E 390 -8.00 80.72 -18.04
CA THR E 390 -9.39 81.07 -17.83
C THR E 390 -9.78 82.23 -18.72
N ALA E 391 -11.08 82.41 -18.90
CA ALA E 391 -11.57 83.53 -19.69
C ALA E 391 -12.92 84.00 -19.18
N VAL E 392 -13.20 85.27 -19.40
CA VAL E 392 -14.48 85.84 -19.01
C VAL E 392 -15.13 86.60 -20.16
N LEU E 393 -16.36 86.26 -20.48
CA LEU E 393 -17.11 86.99 -21.48
C LEU E 393 -18.07 87.95 -20.80
N LYS E 394 -17.86 89.24 -20.99
CA LYS E 394 -18.62 90.23 -20.24
C LYS E 394 -19.29 91.25 -21.13
N GLY E 395 -20.50 91.63 -20.76
CA GLY E 395 -21.20 92.74 -21.40
C GLY E 395 -20.94 94.03 -20.63
N TYR E 396 -21.10 95.15 -21.31
CA TYR E 396 -20.90 96.45 -20.71
C TYR E 396 -22.14 97.32 -20.84
N SER E 397 -22.23 98.36 -20.01
CA SER E 397 -23.42 99.19 -19.95
C SER E 397 -23.70 99.91 -21.26
N ASP E 398 -22.68 100.00 -22.11
CA ASP E 398 -22.86 100.63 -23.41
C ASP E 398 -23.25 99.62 -24.47
N THR E 399 -23.54 98.39 -24.03
CA THR E 399 -23.98 97.29 -24.91
C THR E 399 -22.81 96.69 -25.70
N SER E 400 -21.60 97.18 -25.46
CA SER E 400 -20.41 96.58 -26.05
C SER E 400 -20.06 95.29 -25.34
N VAL E 401 -19.20 94.49 -25.97
CA VAL E 401 -18.76 93.21 -25.39
C VAL E 401 -17.24 93.06 -25.45
N LYS E 402 -16.67 92.49 -24.39
CA LYS E 402 -15.26 92.14 -24.39
C LYS E 402 -15.06 90.74 -23.85
N LEU E 403 -14.05 90.05 -24.37
CA LEU E 403 -13.69 88.74 -23.89
C LEU E 403 -12.30 88.78 -23.25
N TRP E 404 -12.26 88.55 -21.94
CA TRP E 404 -11.02 88.64 -21.17
C TRP E 404 -10.37 87.27 -21.00
N VAL E 405 -9.05 87.23 -21.06
CA VAL E 405 -8.33 85.98 -20.84
C VAL E 405 -7.23 86.16 -19.80
N ALA E 406 -7.13 85.20 -18.88
CA ALA E 406 -6.10 85.21 -17.86
C ALA E 406 -5.30 83.92 -17.89
N LEU E 407 -4.00 84.02 -18.06
CA LEU E 407 -3.16 82.85 -18.20
C LEU E 407 -2.91 82.18 -16.87
N GLY E 408 -2.81 80.86 -16.88
CA GLY E 408 -2.51 80.10 -15.67
C GLY E 408 -1.05 80.26 -15.28
N ARG E 409 -0.80 80.24 -13.97
CA ARG E 409 0.56 80.34 -13.44
C ARG E 409 1.04 78.99 -12.95
N ALA E 410 2.34 78.81 -12.89
CA ALA E 410 2.93 77.56 -12.44
C ALA E 410 2.58 77.27 -10.98
N ASP E 411 2.24 78.32 -10.24
CA ASP E 411 1.95 78.19 -8.82
C ASP E 411 0.48 77.89 -8.55
N GLY E 412 -0.29 77.72 -9.63
CA GLY E 412 -1.71 77.37 -9.51
C GLY E 412 -2.62 78.59 -9.55
N GLY E 413 -2.03 79.78 -9.51
CA GLY E 413 -2.80 81.01 -9.55
C GLY E 413 -2.95 81.51 -10.98
N PHE E 414 -3.50 82.71 -11.13
CA PHE E 414 -3.70 83.30 -12.44
C PHE E 414 -3.12 84.70 -12.52
N ASP E 415 -2.72 85.11 -13.72
CA ASP E 415 -2.26 86.46 -13.95
C ASP E 415 -3.43 87.39 -14.22
N ALA E 416 -3.15 88.67 -14.42
CA ALA E 416 -4.20 89.62 -14.73
C ALA E 416 -4.86 89.28 -16.06
N PRO E 417 -6.19 89.38 -16.13
CA PRO E 417 -6.91 89.26 -17.36
C PRO E 417 -6.53 90.36 -18.35
N TYR E 418 -6.49 89.99 -19.62
CA TYR E 418 -6.31 90.95 -20.69
C TYR E 418 -7.35 90.74 -21.76
N THR E 419 -7.65 91.78 -22.53
CA THR E 419 -8.65 91.64 -23.57
C THR E 419 -8.11 90.82 -24.72
N ALA E 420 -8.81 89.74 -25.05
CA ALA E 420 -8.42 88.88 -26.15
C ALA E 420 -9.25 89.18 -27.39
N TRP E 421 -10.44 89.70 -27.16
CA TRP E 421 -11.33 90.11 -28.24
C TRP E 421 -12.34 91.14 -27.75
N SER E 422 -12.77 92.02 -28.63
CA SER E 422 -13.78 93.01 -28.30
C SER E 422 -14.59 93.44 -29.51
N THR E 423 -15.80 93.92 -29.27
CA THR E 423 -16.63 94.44 -30.34
C THR E 423 -17.37 95.71 -29.90
N PRO E 424 -17.58 96.64 -30.84
CA PRO E 424 -18.42 97.79 -30.62
C PRO E 424 -19.85 97.39 -30.32
N ALA E 425 -20.55 98.23 -29.57
CA ALA E 425 -21.94 97.98 -29.22
C ALA E 425 -22.80 97.86 -30.46
N GLY E 426 -23.77 96.96 -30.42
CA GLY E 426 -24.66 96.74 -31.55
C GLY E 426 -24.29 95.47 -32.31
N GLY E 427 -23.12 94.91 -31.99
CA GLY E 427 -22.67 93.68 -32.61
C GLY E 427 -23.23 92.46 -31.88
N PHE E 428 -22.60 92.10 -30.77
CA PHE E 428 -23.05 90.97 -29.96
C PHE E 428 -23.65 91.46 -28.65
N HIS E 429 -24.58 90.68 -28.10
CA HIS E 429 -25.21 91.03 -26.84
C HIS E 429 -25.06 89.91 -25.83
N ILE E 430 -24.71 90.27 -24.60
CA ILE E 430 -24.38 89.29 -23.58
C ILE E 430 -25.58 88.41 -23.21
N SER E 431 -26.78 88.94 -23.43
CA SER E 431 -28.00 88.21 -23.06
C SER E 431 -28.30 87.08 -24.03
N TYR E 432 -27.68 87.12 -25.21
CA TYR E 432 -27.99 86.14 -26.25
C TYR E 432 -26.89 85.11 -26.40
N MET E 433 -25.67 85.47 -26.03
CA MET E 433 -24.54 84.59 -26.19
C MET E 433 -24.53 83.48 -25.15
N THR E 434 -24.15 82.28 -25.57
CA THR E 434 -24.02 81.14 -24.68
C THR E 434 -22.72 80.38 -24.96
N PRO E 435 -21.60 80.91 -24.45
CA PRO E 435 -20.29 80.48 -24.88
C PRO E 435 -19.94 79.08 -24.37
N HIS E 436 -19.13 78.37 -25.15
CA HIS E 436 -18.58 77.09 -24.75
C HIS E 436 -17.10 77.05 -25.01
N ALA E 437 -16.35 76.46 -24.10
CA ALA E 437 -14.91 76.35 -24.27
C ALA E 437 -14.52 74.95 -24.73
N GLY E 438 -13.45 74.87 -25.48
CA GLY E 438 -12.92 73.58 -25.93
C GLY E 438 -12.09 73.77 -27.18
N ASP E 439 -11.42 72.73 -27.63
CA ASP E 439 -10.63 72.83 -28.84
C ASP E 439 -11.43 72.39 -30.04
N PHE E 440 -12.11 73.34 -30.68
CA PHE E 440 -13.01 73.02 -31.79
C PHE E 440 -12.27 72.99 -33.11
N ASN E 441 -11.17 73.74 -33.20
CA ASN E 441 -10.39 73.79 -34.43
C ASN E 441 -9.44 72.60 -34.55
N GLY E 442 -8.99 72.09 -33.41
CA GLY E 442 -8.05 70.97 -33.38
C GLY E 442 -6.63 71.43 -33.65
N ASP E 443 -6.35 72.70 -33.35
CA ASP E 443 -5.04 73.29 -33.62
C ASP E 443 -4.12 73.22 -32.40
N GLY E 444 -4.59 72.60 -31.32
CA GLY E 444 -3.76 72.42 -30.13
C GLY E 444 -3.97 73.55 -29.12
N ARG E 445 -4.93 74.42 -29.39
CA ARG E 445 -5.28 75.48 -28.46
C ARG E 445 -6.79 75.57 -28.30
N ASP E 446 -7.25 75.73 -27.07
CA ASP E 446 -8.67 75.83 -26.82
C ASP E 446 -9.22 77.11 -27.41
N ASP E 447 -10.48 77.06 -27.81
CA ASP E 447 -11.14 78.21 -28.37
C ASP E 447 -12.60 78.27 -27.94
N VAL E 448 -13.33 79.27 -28.38
CA VAL E 448 -14.66 79.52 -27.85
C VAL E 448 -15.73 79.45 -28.93
N ALA E 449 -16.78 78.68 -28.66
CA ALA E 449 -17.93 78.61 -29.54
C ALA E 449 -19.15 79.20 -28.85
N VAL E 450 -19.98 79.90 -29.60
CA VAL E 450 -21.14 80.55 -29.02
C VAL E 450 -22.44 80.13 -29.69
N TRP E 451 -23.39 79.69 -28.88
CA TRP E 451 -24.74 79.40 -29.37
C TRP E 451 -25.59 80.65 -29.25
N TYR E 452 -25.67 81.42 -30.32
CA TYR E 452 -26.28 82.74 -30.26
C TYR E 452 -27.74 82.69 -30.64
N ALA E 453 -28.60 83.06 -29.69
CA ALA E 453 -30.03 83.09 -29.94
C ALA E 453 -30.48 84.49 -30.31
N TYR E 454 -31.01 84.64 -31.52
CA TYR E 454 -31.41 85.95 -32.01
C TYR E 454 -32.81 86.30 -31.54
N ALA E 455 -33.09 87.59 -31.44
CA ALA E 455 -34.39 88.07 -30.99
C ALA E 455 -35.50 87.62 -31.92
N ASP E 456 -35.16 87.38 -33.18
CA ASP E 456 -36.16 87.02 -34.18
C ASP E 456 -36.40 85.51 -34.21
N GLY E 457 -35.75 84.78 -33.31
CA GLY E 457 -35.99 83.36 -33.16
C GLY E 457 -34.96 82.49 -33.88
N SER E 458 -34.15 83.10 -34.73
CA SER E 458 -33.12 82.36 -35.46
C SER E 458 -31.93 82.03 -34.58
N THR E 459 -31.13 81.04 -35.00
CA THR E 459 -29.95 80.64 -34.23
C THR E 459 -28.73 80.47 -35.13
N LYS E 460 -27.57 80.89 -34.62
CA LYS E 460 -26.31 80.62 -35.31
C LYS E 460 -25.21 80.22 -34.32
N LEU E 461 -24.35 79.30 -34.75
CA LEU E 461 -23.16 78.97 -33.97
C LEU E 461 -21.94 79.74 -34.46
N TRP E 462 -21.35 80.53 -33.57
CA TRP E 462 -20.17 81.32 -33.89
C TRP E 462 -18.94 80.72 -33.27
N THR E 463 -17.81 80.77 -33.97
CA THR E 463 -16.55 80.25 -33.43
C THR E 463 -15.47 81.31 -33.39
N PHE E 464 -14.83 81.43 -32.22
CA PHE E 464 -13.69 82.32 -32.04
C PHE E 464 -12.42 81.50 -31.91
N THR E 465 -11.66 81.38 -32.98
CA THR E 465 -10.46 80.56 -32.94
C THR E 465 -9.34 81.29 -32.23
N SER E 466 -8.36 80.54 -31.75
CA SER E 466 -7.27 81.12 -30.98
C SER E 466 -6.02 81.29 -31.81
N THR E 467 -5.28 82.35 -31.51
CA THR E 467 -4.00 82.60 -32.16
C THR E 467 -2.87 82.25 -31.21
N ASP E 468 -1.65 82.28 -31.71
CA ASP E 468 -0.49 81.93 -30.90
C ASP E 468 -0.07 83.10 -30.01
N ARG E 469 -0.82 84.20 -30.08
CA ARG E 469 -0.59 85.34 -29.22
C ARG E 469 -1.46 85.26 -27.97
N GLY E 470 -2.33 84.25 -27.92
CA GLY E 470 -3.27 84.10 -26.80
C GLY E 470 -4.55 84.88 -27.05
N THR E 471 -4.62 85.54 -28.20
CA THR E 471 -5.78 86.35 -28.55
C THR E 471 -6.75 85.55 -29.41
N PHE E 472 -7.94 86.10 -29.62
CA PHE E 472 -8.94 85.42 -30.44
C PHE E 472 -9.14 86.14 -31.76
N ASN E 473 -9.48 85.37 -32.79
CA ASN E 473 -9.79 85.94 -34.08
C ASN E 473 -11.23 86.41 -34.13
N ALA E 474 -11.62 87.01 -35.25
CA ALA E 474 -13.00 87.40 -35.43
C ALA E 474 -13.88 86.16 -35.50
N PRO E 475 -15.08 86.23 -34.94
CA PRO E 475 -16.00 85.14 -34.98
C PRO E 475 -16.53 84.91 -36.38
N PHE E 476 -16.78 83.65 -36.71
CA PHE E 476 -17.47 83.33 -37.94
C PHE E 476 -18.57 82.30 -37.67
N SER E 477 -19.64 82.37 -38.44
CA SER E 477 -20.75 81.45 -38.26
C SER E 477 -20.56 80.20 -39.10
N SER E 478 -21.25 79.15 -38.73
CA SER E 478 -21.29 77.93 -39.52
C SER E 478 -22.69 77.36 -39.59
N TRP E 479 -23.02 76.49 -38.65
CA TRP E 479 -24.36 75.93 -38.56
C TRP E 479 -25.36 76.97 -38.12
N SER E 480 -26.55 76.93 -38.71
CA SER E 480 -27.61 77.85 -38.35
C SER E 480 -28.97 77.20 -38.51
N ALA E 481 -29.98 77.82 -37.90
CA ALA E 481 -31.34 77.32 -38.00
C ALA E 481 -32.34 78.46 -38.15
N PRO E 482 -33.43 78.23 -38.90
CA PRO E 482 -34.47 79.19 -39.06
C PRO E 482 -35.29 79.34 -37.79
N SER E 483 -35.96 80.47 -37.65
CA SER E 483 -36.82 80.70 -36.51
C SER E 483 -37.97 79.72 -36.48
N GLY E 484 -38.33 79.28 -35.29
CA GLY E 484 -39.43 78.34 -35.13
C GLY E 484 -38.94 76.90 -35.04
N SER E 485 -37.64 76.71 -35.25
CA SER E 485 -37.05 75.38 -35.16
C SER E 485 -36.48 75.12 -33.78
N TRP E 486 -35.22 75.47 -33.57
CA TRP E 486 -34.58 75.27 -32.28
C TRP E 486 -34.95 76.38 -31.32
N LEU E 487 -35.45 76.00 -30.14
CA LEU E 487 -35.80 76.97 -29.12
C LEU E 487 -34.74 77.02 -28.04
N ARG E 488 -34.20 78.20 -27.80
CA ARG E 488 -33.10 78.36 -26.86
C ARG E 488 -33.47 77.90 -25.46
N SER E 489 -34.72 78.06 -25.09
CA SER E 489 -35.17 77.75 -23.74
C SER E 489 -35.19 76.25 -23.47
N ARG E 490 -35.10 75.45 -24.53
CA ARG E 490 -35.19 74.00 -24.41
C ARG E 490 -33.84 73.33 -24.62
N VAL E 491 -32.78 74.13 -24.68
CA VAL E 491 -31.44 73.62 -24.98
C VAL E 491 -30.54 73.54 -23.75
N LYS E 492 -30.14 72.33 -23.40
CA LYS E 492 -29.08 72.13 -22.40
C LYS E 492 -27.85 71.53 -23.07
N SER E 493 -26.79 72.32 -23.17
CA SER E 493 -25.65 71.95 -23.99
C SER E 493 -24.43 71.53 -23.17
N VAL E 494 -23.69 70.57 -23.70
CA VAL E 494 -22.38 70.20 -23.18
C VAL E 494 -21.40 70.09 -24.34
N VAL E 495 -20.11 70.10 -24.04
CA VAL E 495 -19.11 69.93 -25.09
C VAL E 495 -18.08 68.87 -24.73
N GLY E 496 -17.44 68.32 -25.76
CA GLY E 496 -16.38 67.34 -25.59
C GLY E 496 -16.07 66.66 -26.92
N ASP E 497 -15.09 65.79 -26.94
CA ASP E 497 -14.73 65.06 -28.15
C ASP E 497 -15.39 63.69 -28.16
N PHE E 498 -16.56 63.58 -28.78
CA PHE E 498 -17.42 62.42 -28.59
C PHE E 498 -17.13 61.28 -29.56
N ASP E 499 -16.31 61.53 -30.58
CA ASP E 499 -15.95 60.48 -31.52
C ASP E 499 -14.44 60.29 -31.65
N GLY E 500 -13.68 61.04 -30.87
CA GLY E 500 -12.23 60.82 -30.76
C GLY E 500 -11.48 61.23 -32.02
N ASP E 501 -12.01 62.22 -32.75
CA ASP E 501 -11.37 62.65 -33.99
C ASP E 501 -10.38 63.79 -33.76
N GLY E 502 -10.19 64.17 -32.50
CA GLY E 502 -9.19 65.17 -32.15
C GLY E 502 -9.77 66.58 -32.11
N ARG E 503 -11.08 66.70 -32.33
CA ARG E 503 -11.75 67.99 -32.25
C ARG E 503 -12.94 67.93 -31.30
N ASP E 504 -13.02 68.88 -30.39
CA ASP E 504 -14.16 68.97 -29.50
C ASP E 504 -15.38 69.42 -30.25
N ASP E 505 -16.55 69.03 -29.80
CA ASP E 505 -17.78 69.42 -30.45
C ASP E 505 -18.93 69.54 -29.47
N LEU E 506 -20.10 69.92 -29.98
CA LEU E 506 -21.25 70.19 -29.12
C LEU E 506 -22.21 69.04 -29.08
N SER E 507 -22.93 68.92 -27.98
CA SER E 507 -24.11 68.07 -27.95
C SER E 507 -25.22 68.73 -27.17
N VAL E 508 -26.44 68.50 -27.58
CA VAL E 508 -27.58 69.16 -26.98
C VAL E 508 -28.61 68.19 -26.48
N PHE E 509 -29.01 68.35 -25.22
CA PHE E 509 -30.10 67.60 -24.67
C PHE E 509 -31.39 68.40 -24.78
N TYR E 510 -32.16 68.10 -25.80
CA TYR E 510 -33.30 68.95 -26.17
C TYR E 510 -34.58 68.45 -25.52
N GLY E 511 -35.37 69.38 -24.99
CA GLY E 511 -36.65 69.02 -24.39
C GLY E 511 -37.74 68.89 -25.45
N GLN E 512 -38.11 67.66 -25.75
CA GLN E 512 -38.97 67.37 -26.90
C GLN E 512 -40.46 67.46 -26.56
N GLY E 513 -40.93 68.68 -26.33
CA GLY E 513 -42.38 68.93 -26.25
C GLY E 513 -43.00 68.39 -24.98
N ASP E 514 -42.93 67.07 -24.82
CA ASP E 514 -43.52 66.37 -23.68
C ASP E 514 -42.49 66.18 -22.58
N ASP E 515 -41.41 66.94 -22.65
CA ASP E 515 -40.34 66.88 -21.69
C ASP E 515 -39.59 65.55 -21.73
N THR E 516 -39.58 64.92 -22.89
CA THR E 516 -38.67 63.80 -23.11
C THR E 516 -37.33 64.34 -23.59
N VAL E 517 -36.31 63.49 -23.58
CA VAL E 517 -34.96 63.95 -23.86
C VAL E 517 -34.42 63.37 -25.16
N LYS E 518 -33.98 64.24 -26.06
CA LYS E 518 -33.33 63.81 -27.28
C LYS E 518 -31.98 64.48 -27.44
N THR E 519 -30.93 63.68 -27.57
CA THR E 519 -29.57 64.20 -27.57
C THR E 519 -29.01 64.31 -28.99
N TYR E 520 -28.63 65.52 -29.36
CA TYR E 520 -28.01 65.77 -30.66
C TYR E 520 -26.54 66.00 -30.50
N VAL E 521 -25.76 65.65 -31.51
CA VAL E 521 -24.34 65.98 -31.53
C VAL E 521 -24.00 66.77 -32.78
N PHE E 522 -23.13 67.77 -32.62
CA PHE E 522 -22.75 68.68 -33.70
C PHE E 522 -21.26 68.59 -33.99
N PRO E 523 -20.83 67.62 -34.80
CA PRO E 523 -19.43 67.37 -35.02
C PRO E 523 -18.73 68.61 -35.52
N ALA E 524 -17.48 68.80 -35.12
CA ALA E 524 -16.73 69.97 -35.51
C ALA E 524 -16.08 69.78 -36.85
N ALA E 525 -16.20 70.78 -37.71
CA ALA E 525 -15.55 70.78 -39.00
C ALA E 525 -14.05 71.02 -38.83
N PRO E 526 -13.25 70.61 -39.83
CA PRO E 526 -11.83 70.86 -39.82
C PRO E 526 -11.49 72.35 -39.72
N ASP E 527 -12.44 73.21 -40.11
CA ASP E 527 -12.21 74.64 -40.10
C ASP E 527 -12.67 75.29 -38.79
N GLY E 528 -13.11 74.46 -37.85
CA GLY E 528 -13.52 74.95 -36.53
C GLY E 528 -15.03 75.18 -36.43
N GLY E 529 -15.71 75.13 -37.55
CA GLY E 529 -17.15 75.31 -37.58
C GLY E 529 -17.87 74.03 -37.19
N PHE E 530 -19.19 74.03 -37.28
CA PHE E 530 -19.98 72.87 -36.88
C PHE E 530 -20.84 72.37 -38.03
N THR E 531 -21.08 71.06 -38.05
CA THR E 531 -21.85 70.44 -39.12
C THR E 531 -23.27 70.11 -38.67
N THR E 532 -24.08 69.64 -39.60
CA THR E 532 -25.47 69.27 -39.31
C THR E 532 -25.52 68.23 -38.18
N PRO E 533 -26.35 68.47 -37.16
CA PRO E 533 -26.45 67.60 -36.02
C PRO E 533 -27.12 66.28 -36.33
N ALA E 534 -26.84 65.28 -35.50
CA ALA E 534 -27.52 63.99 -35.58
C ALA E 534 -27.81 63.47 -34.19
N VAL E 535 -28.87 62.66 -34.06
CA VAL E 535 -29.28 62.14 -32.76
C VAL E 535 -28.45 60.94 -32.34
N TRP E 536 -27.86 61.02 -31.15
CA TRP E 536 -27.02 59.94 -30.64
C TRP E 536 -27.73 59.14 -29.55
N TRP E 537 -28.74 59.75 -28.94
CA TRP E 537 -29.44 59.12 -27.81
C TRP E 537 -30.78 59.77 -27.57
N GLN E 538 -31.77 58.97 -27.25
CA GLN E 538 -33.07 59.49 -26.86
C GLN E 538 -33.76 58.58 -25.87
N SER E 539 -34.52 59.16 -24.96
CA SER E 539 -35.30 58.38 -24.00
C SER E 539 -36.53 59.13 -23.53
N ALA E 540 -37.62 58.41 -23.37
CA ALA E 540 -38.86 58.99 -22.86
C ALA E 540 -39.10 58.55 -21.42
N SER E 541 -38.12 57.90 -20.83
CA SER E 541 -38.25 57.35 -19.48
C SER E 541 -37.88 58.37 -18.41
N LEU E 542 -37.31 59.49 -18.84
CA LEU E 542 -36.81 60.50 -17.90
C LEU E 542 -37.29 61.90 -18.28
N ASP E 543 -37.59 62.70 -17.26
CA ASP E 543 -38.12 64.05 -17.45
C ASP E 543 -37.02 65.07 -17.71
N TRP E 544 -37.09 65.73 -18.86
CA TRP E 544 -36.07 66.68 -19.29
C TRP E 544 -35.82 67.77 -18.24
N ASN E 545 -36.87 68.15 -17.53
CA ASN E 545 -36.78 69.25 -16.58
C ASN E 545 -35.95 68.87 -15.36
N ARG E 546 -35.66 67.58 -15.22
CA ARG E 546 -34.95 67.09 -14.06
C ARG E 546 -33.54 66.58 -14.43
N THR E 547 -33.13 66.81 -15.67
CA THR E 547 -31.84 66.34 -16.15
C THR E 547 -30.81 67.45 -16.21
N THR E 548 -29.61 67.18 -15.70
CA THR E 548 -28.48 68.09 -15.85
C THR E 548 -27.26 67.34 -16.43
N PRO E 549 -27.07 67.41 -17.75
CA PRO E 549 -26.08 66.63 -18.43
C PRO E 549 -24.67 67.12 -18.15
N HIS E 550 -23.71 66.18 -18.14
CA HIS E 550 -22.29 66.52 -18.04
C HIS E 550 -21.47 65.66 -19.01
N ALA E 551 -20.36 66.20 -19.48
CA ALA E 551 -19.55 65.49 -20.47
C ALA E 551 -18.13 65.22 -19.97
N GLY E 552 -17.58 64.08 -20.38
CA GLY E 552 -16.20 63.72 -20.07
C GLY E 552 -15.93 62.26 -20.46
N ASP E 553 -14.68 61.86 -20.41
CA ASP E 553 -14.30 60.47 -20.73
C ASP E 553 -14.27 59.62 -19.48
N PHE E 554 -15.35 58.90 -19.22
CA PHE E 554 -15.54 58.28 -17.91
C PHE E 554 -15.11 56.82 -17.88
N ASN E 555 -14.46 56.36 -18.94
CA ASN E 555 -13.91 55.00 -18.93
C ASN E 555 -12.54 54.91 -19.61
N GLY E 556 -11.99 56.06 -19.99
CA GLY E 556 -10.63 56.11 -20.52
C GLY E 556 -10.55 55.57 -21.94
N ASP E 557 -11.61 55.75 -22.71
CA ASP E 557 -11.66 55.26 -24.09
C ASP E 557 -10.83 56.10 -25.03
N GLY E 558 -10.64 57.38 -24.69
CA GLY E 558 -10.01 58.32 -25.58
C GLY E 558 -11.06 59.16 -26.30
N ARG E 559 -12.32 58.79 -26.13
CA ARG E 559 -13.43 59.55 -26.68
C ARG E 559 -14.44 59.84 -25.58
N ASP E 560 -14.88 61.08 -25.52
CA ASP E 560 -15.72 61.55 -24.44
C ASP E 560 -17.13 60.98 -24.52
N ASP E 561 -17.80 60.95 -23.40
CA ASP E 561 -19.19 60.55 -23.32
C ASP E 561 -19.91 61.34 -22.25
N THR E 562 -21.18 61.06 -22.02
CA THR E 562 -21.96 61.92 -21.15
C THR E 562 -22.65 61.16 -20.04
N LEU E 563 -22.92 61.85 -18.94
CA LEU E 563 -23.79 61.34 -17.90
C LEU E 563 -24.86 62.36 -17.57
N VAL E 564 -25.98 61.89 -17.08
CA VAL E 564 -27.05 62.78 -16.68
C VAL E 564 -27.35 62.67 -15.21
N TRP E 565 -27.23 63.79 -14.50
CA TRP E 565 -27.64 63.83 -13.10
C TRP E 565 -29.14 64.05 -13.04
N TYR E 566 -29.84 63.15 -12.36
CA TYR E 566 -31.30 63.19 -12.36
C TYR E 566 -31.84 63.43 -10.97
N ASP E 567 -32.70 64.43 -10.85
CA ASP E 567 -33.35 64.76 -9.58
C ASP E 567 -34.74 64.16 -9.50
N TYR E 568 -34.87 63.07 -8.73
CA TYR E 568 -36.14 62.33 -8.68
C TYR E 568 -37.18 63.04 -7.82
N PRO E 569 -38.47 62.80 -8.09
CA PRO E 569 -39.55 63.28 -7.26
C PRO E 569 -39.45 62.74 -5.84
N ASP E 570 -38.71 61.66 -5.66
CA ASP E 570 -38.60 60.99 -4.37
C ASP E 570 -37.65 61.71 -3.42
N GLY E 571 -36.94 62.70 -3.94
CA GLY E 571 -35.98 63.46 -3.13
C GLY E 571 -34.57 62.89 -3.27
N SER E 572 -34.47 61.75 -3.93
CA SER E 572 -33.18 61.14 -4.21
C SER E 572 -32.68 61.55 -5.58
N ASP E 573 -31.42 61.28 -5.85
CA ASP E 573 -30.89 61.53 -7.18
C ASP E 573 -29.87 60.48 -7.58
N LYS E 574 -29.57 60.44 -8.87
CA LYS E 574 -28.66 59.45 -9.42
C LYS E 574 -27.95 60.02 -10.63
N THR E 575 -26.86 59.38 -11.03
CA THR E 575 -26.24 59.70 -12.30
C THR E 575 -26.29 58.51 -13.23
N SER E 576 -26.75 58.73 -14.44
CA SER E 576 -26.77 57.70 -15.45
C SER E 576 -25.72 57.98 -16.51
N THR E 577 -24.86 57.01 -16.76
CA THR E 577 -23.76 57.21 -17.70
C THR E 577 -24.02 56.51 -19.02
N MET E 578 -23.89 57.25 -20.12
CA MET E 578 -24.04 56.67 -21.45
C MET E 578 -22.73 56.74 -22.19
N LEU E 579 -22.05 55.60 -22.29
CA LEU E 579 -20.72 55.57 -22.88
C LEU E 579 -20.78 55.65 -24.39
N SER E 580 -19.82 56.34 -25.00
CA SER E 580 -19.77 56.50 -26.44
C SER E 580 -19.24 55.23 -27.08
N GLU E 581 -19.89 54.81 -28.16
CA GLU E 581 -19.45 53.64 -28.90
C GLU E 581 -19.83 53.73 -30.37
N ARG E 582 -19.13 52.97 -31.20
CA ARG E 582 -19.46 52.89 -32.61
C ARG E 582 -19.89 51.49 -32.98
N VAL E 583 -21.13 51.35 -33.44
CA VAL E 583 -21.66 50.05 -33.79
C VAL E 583 -22.15 50.04 -35.23
N SER E 584 -21.66 49.08 -36.01
CA SER E 584 -22.01 48.99 -37.43
C SER E 584 -21.70 50.28 -38.16
N GLY E 585 -20.64 50.96 -37.76
CA GLY E 585 -20.18 52.17 -38.43
C GLY E 585 -20.94 53.40 -37.95
N LYS E 586 -21.92 53.21 -37.08
CA LYS E 586 -22.74 54.31 -36.59
C LYS E 586 -22.34 54.75 -35.19
N ASP E 587 -22.06 56.03 -35.04
CA ASP E 587 -21.72 56.60 -33.75
C ASP E 587 -22.97 56.89 -32.94
N ARG E 588 -22.99 56.44 -31.69
CA ARG E 588 -24.09 56.73 -30.79
C ARG E 588 -23.68 56.52 -29.34
N PHE E 589 -24.50 56.97 -28.41
CA PHE E 589 -24.27 56.68 -27.01
C PHE E 589 -24.95 55.36 -26.65
N GLY E 590 -24.29 54.59 -25.79
CA GLY E 590 -24.80 53.27 -25.42
C GLY E 590 -25.89 53.37 -24.39
N SER E 591 -26.39 52.22 -23.94
CA SER E 591 -27.47 52.17 -22.97
C SER E 591 -27.04 52.82 -21.66
N ALA E 592 -27.95 53.56 -21.05
CA ALA E 592 -27.66 54.24 -19.79
C ALA E 592 -27.65 53.25 -18.64
N LYS E 593 -26.72 53.45 -17.72
CA LYS E 593 -26.69 52.69 -16.47
C LYS E 593 -26.43 53.60 -15.29
N VAL E 594 -26.96 53.23 -14.13
CA VAL E 594 -26.75 54.04 -12.93
C VAL E 594 -25.38 53.78 -12.35
N THR E 595 -24.59 54.85 -12.25
CA THR E 595 -23.22 54.75 -11.75
C THR E 595 -23.08 55.39 -10.38
N LEU E 596 -24.01 56.28 -10.05
CA LEU E 596 -24.03 56.91 -8.74
C LEU E 596 -25.45 57.05 -8.22
N SER E 597 -25.66 56.83 -6.94
CA SER E 597 -26.95 57.06 -6.32
C SER E 597 -26.81 57.49 -4.88
N SER E 598 -27.81 58.22 -4.39
CA SER E 598 -27.82 58.67 -3.00
C SER E 598 -29.20 58.44 -2.36
N PRO E 599 -29.25 58.38 -1.03
CA PRO E 599 -30.51 58.34 -0.31
C PRO E 599 -31.31 59.61 -0.57
N PRO E 600 -32.63 59.55 -0.39
CA PRO E 600 -33.48 60.70 -0.45
C PRO E 600 -33.05 61.75 0.56
N GLY E 601 -32.98 63.00 0.12
CA GLY E 601 -32.70 64.11 1.01
C GLY E 601 -31.20 64.25 1.31
N ASN E 602 -30.39 63.38 0.72
CA ASN E 602 -28.96 63.39 1.00
C ASN E 602 -28.27 64.53 0.25
N LEU E 603 -28.73 64.81 -0.96
CA LEU E 603 -28.20 65.91 -1.75
C LEU E 603 -29.32 66.69 -2.44
N ASP E 604 -29.17 68.00 -2.46
CA ASP E 604 -30.10 68.86 -3.20
C ASP E 604 -29.42 69.44 -4.44
N VAL E 605 -29.93 69.07 -5.60
CA VAL E 605 -29.27 69.38 -6.87
C VAL E 605 -29.20 70.88 -7.13
N THR E 606 -30.04 71.65 -6.46
CA THR E 606 -30.08 73.10 -6.68
C THR E 606 -29.22 73.85 -5.66
N ARG E 607 -28.57 73.09 -4.77
CA ARG E 607 -27.74 73.70 -3.73
C ARG E 607 -26.26 73.37 -3.93
N MET E 608 -25.91 72.82 -5.08
CA MET E 608 -24.52 72.46 -5.34
C MET E 608 -24.07 72.80 -6.75
N GLN E 609 -22.79 73.13 -6.89
CA GLN E 609 -22.20 73.42 -8.19
C GLN E 609 -21.31 72.27 -8.66
N PHE E 610 -21.44 71.92 -9.94
CA PHE E 610 -20.74 70.76 -10.49
C PHE E 610 -19.61 71.16 -11.40
N LEU E 611 -18.53 70.39 -11.37
CA LEU E 611 -17.45 70.52 -12.35
C LEU E 611 -16.75 69.18 -12.56
N THR E 612 -16.56 68.79 -13.82
CA THR E 612 -15.92 67.52 -14.14
C THR E 612 -14.43 67.70 -14.47
N GLY E 613 -13.70 66.61 -14.46
CA GLY E 613 -12.28 66.62 -14.82
C GLY E 613 -11.58 65.37 -14.31
N ASP E 614 -10.30 65.24 -14.59
CA ASP E 614 -9.52 64.11 -14.12
C ASP E 614 -8.73 64.48 -12.88
N TYR E 615 -9.30 64.27 -11.70
CA TYR E 615 -8.76 64.86 -10.48
C TYR E 615 -7.59 64.09 -9.90
N ASP E 616 -7.55 62.77 -10.11
CA ASP E 616 -6.44 61.98 -9.58
C ASP E 616 -5.43 61.61 -10.67
N GLY E 617 -5.73 62.01 -11.91
CA GLY E 617 -4.77 61.87 -13.00
C GLY E 617 -4.60 60.43 -13.48
N ASP E 618 -5.64 59.62 -13.31
CA ASP E 618 -5.55 58.20 -13.67
C ASP E 618 -6.01 57.94 -15.11
N GLY E 619 -6.36 59.01 -15.82
CA GLY E 619 -6.72 58.89 -17.23
C GLY E 619 -8.22 58.82 -17.46
N ARG E 620 -8.98 58.67 -16.37
CA ARG E 620 -10.44 58.61 -16.47
C ARG E 620 -11.08 59.80 -15.80
N ASP E 621 -11.96 60.48 -16.51
CA ASP E 621 -12.61 61.66 -16.00
C ASP E 621 -13.56 61.31 -14.87
N ASP E 622 -13.72 62.23 -13.95
CA ASP E 622 -14.63 62.09 -12.83
C ASP E 622 -15.19 63.44 -12.45
N LEU E 623 -16.05 63.47 -11.44
CA LEU E 623 -16.73 64.71 -11.12
C LEU E 623 -16.62 65.08 -9.65
N ALA E 624 -16.61 66.37 -9.38
CA ALA E 624 -16.55 66.88 -8.02
C ALA E 624 -17.50 68.05 -7.87
N THR E 625 -17.97 68.26 -6.66
CA THR E 625 -18.93 69.32 -6.41
C THR E 625 -18.59 70.15 -5.19
N LEU E 626 -19.14 71.35 -5.15
CA LEU E 626 -19.18 72.15 -3.93
C LEU E 626 -20.62 72.31 -3.49
N ASN E 627 -21.03 71.62 -2.44
CA ASN E 627 -22.43 71.62 -2.05
C ASN E 627 -22.69 72.47 -0.83
N HIS E 628 -23.83 73.14 -0.84
CA HIS E 628 -24.23 74.00 0.27
C HIS E 628 -25.12 73.23 1.23
N GLN E 629 -24.63 73.03 2.43
CA GLN E 629 -25.31 72.19 3.42
C GLN E 629 -26.37 72.97 4.17
N ALA E 630 -27.25 72.26 4.85
CA ALA E 630 -28.38 72.89 5.54
C ALA E 630 -27.90 73.91 6.56
N ASP E 631 -26.73 73.68 7.15
CA ASP E 631 -26.21 74.56 8.19
C ASP E 631 -25.33 75.67 7.60
N GLY E 632 -25.29 75.75 6.28
CA GLY E 632 -24.58 76.83 5.60
C GLY E 632 -23.15 76.44 5.23
N THR E 633 -22.70 75.28 5.70
CA THR E 633 -21.35 74.81 5.41
C THR E 633 -21.20 74.41 3.95
N VAL E 634 -20.05 74.73 3.37
CA VAL E 634 -19.75 74.29 2.01
C VAL E 634 -18.67 73.22 2.02
N LYS E 635 -18.94 72.12 1.34
CA LYS E 635 -18.05 70.97 1.38
C LYS E 635 -17.77 70.44 -0.02
N MET E 636 -16.51 70.09 -0.27
CA MET E 636 -16.12 69.50 -1.55
C MET E 636 -16.23 67.98 -1.51
N TRP E 637 -16.81 67.41 -2.55
CA TRP E 637 -16.83 65.95 -2.72
C TRP E 637 -16.33 65.56 -4.09
N THR E 638 -15.58 64.47 -4.16
CA THR E 638 -15.15 63.93 -5.45
C THR E 638 -15.51 62.46 -5.60
N TRP E 639 -16.14 62.13 -6.72
CA TRP E 639 -16.45 60.73 -7.02
C TRP E 639 -15.59 60.25 -8.19
N THR E 640 -14.59 59.44 -7.89
CA THR E 640 -13.66 58.99 -8.93
C THR E 640 -14.30 57.90 -9.78
N ALA E 641 -13.74 57.67 -10.97
CA ALA E 641 -14.33 56.73 -11.91
C ALA E 641 -13.57 55.42 -11.96
N ARG E 642 -14.31 54.32 -11.85
CA ARG E 642 -13.76 52.99 -11.99
C ARG E 642 -13.60 52.63 -13.48
N PRO E 643 -12.81 51.59 -13.79
CA PRO E 643 -12.55 51.21 -15.17
C PRO E 643 -13.83 50.92 -15.96
N ASP E 644 -14.91 50.57 -15.26
CA ASP E 644 -16.18 50.24 -15.91
C ASP E 644 -17.16 51.42 -15.89
N ALA E 645 -16.64 52.60 -15.57
CA ALA E 645 -17.43 53.84 -15.54
C ALA E 645 -18.39 53.89 -14.36
N MET E 646 -18.26 52.93 -13.44
CA MET E 646 -18.93 53.04 -12.16
C MET E 646 -18.18 54.03 -11.28
N PHE E 647 -18.90 54.77 -10.46
CA PHE E 647 -18.26 55.73 -9.58
C PHE E 647 -17.96 55.12 -8.23
N ASN E 648 -16.90 55.61 -7.60
CA ASN E 648 -16.59 55.22 -6.24
C ASN E 648 -17.37 56.08 -5.27
N GLY E 649 -17.21 55.82 -3.98
CA GLY E 649 -17.83 56.64 -2.97
C GLY E 649 -17.19 58.02 -2.96
N GLY E 650 -17.94 59.02 -2.54
CA GLY E 650 -17.43 60.38 -2.53
C GLY E 650 -16.33 60.53 -1.49
N ILE E 651 -15.29 61.27 -1.84
CA ILE E 651 -14.21 61.53 -0.92
C ILE E 651 -14.21 63.00 -0.50
N ALA E 652 -14.33 63.24 0.80
CA ALA E 652 -14.41 64.60 1.29
C ALA E 652 -13.09 65.34 1.10
N GLY E 653 -13.18 66.61 0.73
CA GLY E 653 -12.01 67.47 0.59
C GLY E 653 -12.11 68.69 1.49
N TRP E 654 -11.73 69.84 0.95
CA TRP E 654 -11.78 71.11 1.68
C TRP E 654 -13.21 71.50 2.01
N SER E 655 -13.39 72.10 3.19
CA SER E 655 -14.69 72.62 3.59
C SER E 655 -14.54 73.89 4.42
N ALA E 656 -15.61 74.67 4.49
CA ALA E 656 -15.59 75.90 5.26
C ALA E 656 -17.00 76.31 5.69
N PRO E 657 -17.09 77.08 6.78
CA PRO E 657 -18.34 77.69 7.18
C PRO E 657 -18.71 78.85 6.26
N ALA E 658 -19.99 79.22 6.28
CA ALA E 658 -20.50 80.29 5.43
C ALA E 658 -19.85 81.62 5.75
N SER E 659 -19.28 81.72 6.94
CA SER E 659 -18.62 82.95 7.38
C SER E 659 -17.35 83.20 6.58
N SER E 660 -16.85 82.17 5.91
CA SER E 660 -15.65 82.29 5.09
C SER E 660 -15.99 82.27 3.60
N TRP E 661 -16.68 81.20 3.17
CA TRP E 661 -17.05 81.06 1.76
C TRP E 661 -18.55 81.06 1.59
N VAL E 662 -19.08 82.08 0.92
CA VAL E 662 -20.51 82.17 0.68
C VAL E 662 -20.86 81.49 -0.65
N PHE E 663 -21.70 80.47 -0.57
CA PHE E 663 -22.00 79.63 -1.73
C PHE E 663 -22.60 80.42 -2.88
N GLY E 664 -23.58 81.25 -2.57
CA GLY E 664 -24.35 81.91 -3.60
C GLY E 664 -23.63 83.11 -4.20
N SER E 665 -22.43 83.38 -3.70
CA SER E 665 -21.68 84.55 -4.14
C SER E 665 -20.47 84.17 -4.99
N ALA E 666 -20.34 82.88 -5.31
CA ALA E 666 -19.20 82.42 -6.10
C ALA E 666 -19.63 81.57 -7.28
N GLN E 667 -18.97 81.77 -8.42
CA GLN E 667 -19.24 80.99 -9.62
C GLN E 667 -17.97 80.31 -10.12
N PHE E 668 -18.09 79.04 -10.46
CA PHE E 668 -16.93 78.27 -10.92
C PHE E 668 -16.69 78.44 -12.40
N PHE E 669 -15.43 78.37 -12.78
CA PHE E 669 -15.07 78.41 -14.19
C PHE E 669 -15.33 77.06 -14.83
N THR E 670 -16.16 77.05 -15.85
CA THR E 670 -16.60 75.81 -16.44
C THR E 670 -16.31 75.76 -17.93
N THR E 671 -16.63 74.64 -18.54
CA THR E 671 -16.41 74.44 -19.96
C THR E 671 -17.72 74.61 -20.72
N TYR E 672 -18.82 74.51 -20.01
CA TYR E 672 -20.15 74.70 -20.58
C TYR E 672 -21.13 75.18 -19.50
N PRO E 673 -22.07 76.05 -19.87
CA PRO E 673 -22.89 76.75 -18.92
C PRO E 673 -23.76 75.80 -18.11
N LYS E 674 -23.99 76.15 -16.84
CA LYS E 674 -24.86 75.37 -15.95
C LYS E 674 -24.38 73.92 -15.83
#